data_8YDY
#
_entry.id   8YDY
#
_cell.length_a   1.00
_cell.length_b   1.00
_cell.length_c   1.00
_cell.angle_alpha   90.00
_cell.angle_beta   90.00
_cell.angle_gamma   90.00
#
_symmetry.space_group_name_H-M   'P 1'
#
loop_
_entity.id
_entity.type
_entity.pdbx_description
1 polymer 'Spike glycoprotein'
2 polymer CeSPIACE
3 non-polymer 2-acetamido-2-deoxy-beta-D-glucopyranose
#
loop_
_entity_poly.entity_id
_entity_poly.type
_entity_poly.pdbx_seq_one_letter_code
_entity_poly.pdbx_strand_id
1 'polypeptide(L)'
;MGILPSPGMPALLSLVSLLSVLLMGCVAETGSQCVNLTTRTQLPPAYTNSFTRGVYYPDKVFRSSVLHSTQDLFLPFFSN
VTWFHAIHVSGTNGTKRFDNPVLPFNDGVYFASTEKSNIIRGWIFGTTLDSKTQSLLIVNNATNVVIKVCEFQFCNDPFL
GVYYHKNNKSWMESEFRVYSSANNCTFEYVSQPFLMDLEGKQGNFKNLREFVFKNIDGYFKIYSKHTPINLVRDLPQGFS
ALEPLVDLPIGINITRFQTLLALHRSYLTPGDSSSGWTAGAAAYYVGYLQPRTFLLKYNENGTITDAVDCALDPLSETKC
TLKSFTVEKGIYQTSNFRVQPTESIVRFPNITNLCPFDEVFNATRFASVYAWNRKRISNCVADYSVLYNFAPFSAFKCYG
VSPTKLNDLCFTNVYADSFVIRGNEVSQIAPGQTGNIADYNYKLPDDFTGCVIAWNSNKLDSKVGGNYNYRYRLFRKSNL
KPFERDISTEIYQAGNKPCNGVAGVNCYFPLQSYGFRPTYGVGHQPYRVVVLSFELLHAPATVCGPKKSTNLVKNKCVNF
NFNGLTGTGVLTESNKKFLPFQQFGRDIADTTDAVRDPQTLEILDITPCSFGGVSVITPGTNTSNQVAVLYQDVNCTEVP
VAIHADQLTPTWRVYSTGSNVFQTRAGCLIGAEHVNNSYECDIPIGAGICASYQTQTNSPGSASSVASQSIIAYTMSLGA
ENSVAYSNNSIAIPTNFTISVTTEILPVSMTKTSVDCTMYICGDSTECSNLLLQYGSFCTQLNRALTGIAVEQDKNTQEV
FAQVKQIYKTPPIKDFGGFNFSQILPDPSKPSKRSPIEDLLFNKVTLADAGFIKQYGDCLGDIAARDLICAQKFNGLTVL
PPLLTDEMIAQYTSALLAGTITSGWTFGAGPALQIPFPMQMAYRFNGIGVTQNVLYENQKLIANQFNSAIGKIQDSLSST
PSALGKLQDVVNQNAQALNTLVKQLSSNFGAISSVLNDILSRLDPPEAEVQIDRLITGRLQSLQTYVTQQLIRAAEIRAS
ANLAATKMSECVLGQSKRVDFCGKGYHLMSFPQSAPHGVVFLHVTYVPAQEKNFTTAPAICHDGKAHFPREGVFVSNGTH
WFVTQRNFYEPQIITTDNTFVSGNCDVVIGIVNNTVYDPLQPELDSFKEELDKYFKNHTSPDVDLGDISGINASVVNIQK
EIDRLNEVAKNLNESLIDLQELGKYEQGSGYIPEAPRDGQAYVRKDGEWVLLSTFLGRSLEVLFQGPGHHHHHHHHSAWS
HPQFEKGGGSGGGGSGGSAWSHPQFEK
;
A,B,C
2 'polypeptide(L)' DKLWILQKIYEIMVRLDEEGHGEASLMVSDLIYEFMKRD D,E,F
#
loop_
_chem_comp.id
_chem_comp.type
_chem_comp.name
_chem_comp.formula
NAG D-saccharide, beta linking 2-acetamido-2-deoxy-beta-D-glucopyranose 'C8 H15 N O6'
#
# COMPACT_ATOMS: atom_id res chain seq x y z
N ALA A 46 -10.69 8.08 56.62
CA ALA A 46 -10.98 6.70 56.15
C ALA A 46 -11.06 6.68 54.61
N TYR A 47 -11.68 5.65 54.06
CA TYR A 47 -11.84 5.57 52.58
C TYR A 47 -13.32 5.59 52.22
N THR A 48 -13.68 6.45 51.27
CA THR A 48 -15.10 6.54 50.83
C THR A 48 -15.18 6.15 49.35
N ASN A 49 -16.41 5.96 48.86
CA ASN A 49 -16.59 5.57 47.45
C ASN A 49 -16.67 6.84 46.58
N SER A 50 -15.85 6.89 45.52
CA SER A 50 -15.85 8.07 44.63
C SER A 50 -17.15 8.14 43.82
N PHE A 51 -17.84 7.01 43.65
CA PHE A 51 -19.07 6.97 42.82
C PHE A 51 -18.71 7.42 41.40
N THR A 52 -19.44 8.40 40.85
CA THR A 52 -19.21 8.81 39.44
C THR A 52 -18.64 10.24 39.40
N ARG A 53 -17.82 10.62 40.38
CA ARG A 53 -17.31 12.01 40.43
C ARG A 53 -15.85 12.07 39.98
N GLY A 54 -15.34 13.29 39.73
CA GLY A 54 -13.96 13.44 39.24
C GLY A 54 -13.89 13.63 37.73
N VAL A 55 -15.04 13.59 37.05
CA VAL A 55 -15.03 13.86 35.59
C VAL A 55 -14.97 15.37 35.35
N TYR A 56 -14.03 15.80 34.51
CA TYR A 56 -13.92 17.24 34.17
C TYR A 56 -13.93 17.35 32.65
N TYR A 57 -14.19 18.56 32.14
CA TYR A 57 -14.12 18.73 30.66
C TYR A 57 -12.67 18.52 30.21
N PRO A 58 -12.41 17.60 29.28
CA PRO A 58 -11.02 17.31 28.88
C PRO A 58 -10.35 18.50 28.19
N ASP A 59 -11.15 19.37 27.56
CA ASP A 59 -10.56 20.49 26.78
C ASP A 59 -11.61 21.59 26.59
N LYS A 60 -11.23 22.65 25.88
CA LYS A 60 -12.18 23.76 25.62
C LYS A 60 -13.00 23.43 24.36
N VAL A 61 -12.78 22.25 23.79
CA VAL A 61 -13.55 21.84 22.58
C VAL A 61 -15.02 21.68 22.95
N PHE A 62 -15.91 22.21 22.11
CA PHE A 62 -17.36 22.08 22.36
C PHE A 62 -17.92 20.92 21.52
N ARG A 63 -18.68 20.04 22.16
CA ARG A 63 -19.32 18.93 21.39
C ARG A 63 -20.80 18.88 21.76
N SER A 64 -21.66 18.67 20.77
CA SER A 64 -23.13 18.69 21.03
C SER A 64 -23.76 17.35 20.69
N SER A 65 -24.37 16.68 21.68
CA SER A 65 -25.08 15.41 21.44
C SER A 65 -24.16 14.36 20.79
N VAL A 66 -22.89 14.33 21.20
CA VAL A 66 -21.97 13.28 20.65
C VAL A 66 -21.24 12.60 21.80
N LEU A 67 -20.93 11.32 21.61
CA LEU A 67 -20.12 10.60 22.63
C LEU A 67 -18.65 10.74 22.22
N HIS A 68 -17.81 11.19 23.15
CA HIS A 68 -16.38 11.38 22.82
C HIS A 68 -15.52 10.54 23.77
N SER A 69 -14.58 9.78 23.22
CA SER A 69 -13.68 8.95 24.07
C SER A 69 -12.29 9.59 24.09
N THR A 70 -11.78 9.86 25.30
CA THR A 70 -10.43 10.46 25.41
C THR A 70 -9.66 9.80 26.56
N GLN A 71 -8.32 9.75 26.43
CA GLN A 71 -7.49 9.16 27.50
C GLN A 71 -6.75 10.31 28.20
N ASP A 72 -7.19 10.65 29.41
CA ASP A 72 -6.52 11.73 30.18
C ASP A 72 -6.34 11.26 31.62
N LEU A 73 -5.81 12.13 32.47
CA LEU A 73 -5.71 11.77 33.91
C LEU A 73 -7.11 11.98 34.51
N PHE A 74 -7.76 10.90 34.89
CA PHE A 74 -9.14 11.00 35.44
C PHE A 74 -9.23 10.23 36.75
N LEU A 75 -10.20 10.59 37.58
CA LEU A 75 -10.42 9.81 38.82
C LEU A 75 -11.26 8.59 38.46
N PRO A 76 -10.79 7.36 38.72
CA PRO A 76 -11.55 6.18 38.34
C PRO A 76 -12.92 6.13 39.02
N PHE A 77 -13.92 5.60 38.32
CA PHE A 77 -15.28 5.55 38.89
C PHE A 77 -15.36 4.58 40.06
N PHE A 78 -16.08 4.97 41.11
CA PHE A 78 -16.29 4.07 42.29
C PHE A 78 -14.95 3.70 42.96
N SER A 79 -13.94 4.53 42.76
CA SER A 79 -12.62 4.25 43.39
C SER A 79 -12.63 4.64 44.87
N ASN A 80 -11.66 4.11 45.63
CA ASN A 80 -11.55 4.52 47.05
C ASN A 80 -10.90 5.91 47.13
N VAL A 81 -11.58 6.84 47.78
CA VAL A 81 -11.05 8.23 47.92
C VAL A 81 -10.77 8.48 49.40
N THR A 82 -9.60 9.03 49.71
CA THR A 82 -9.23 9.22 51.14
C THR A 82 -9.93 10.46 51.68
N TRP A 83 -10.81 10.30 52.66
CA TRP A 83 -11.60 11.45 53.17
C TRP A 83 -11.20 11.76 54.60
N PHE A 84 -11.11 13.06 54.94
CA PHE A 84 -10.65 13.45 56.29
C PHE A 84 -11.61 14.48 56.89
N HIS A 85 -11.76 14.45 58.21
CA HIS A 85 -12.63 15.44 58.89
C HIS A 85 -11.75 16.57 59.46
N ASP A 99 -7.77 18.76 60.58
CA ASP A 99 -6.76 17.73 60.24
C ASP A 99 -6.36 17.88 58.77
N ASN A 100 -5.14 18.35 58.52
CA ASN A 100 -4.67 18.56 57.12
C ASN A 100 -3.31 17.90 56.96
N PRO A 101 -3.24 16.56 56.81
CA PRO A 101 -1.97 15.90 56.58
C PRO A 101 -1.41 16.25 55.20
N VAL A 102 -0.10 16.09 55.03
CA VAL A 102 0.54 16.40 53.72
C VAL A 102 0.46 15.14 52.83
N LEU A 103 -0.23 15.24 51.71
CA LEU A 103 -0.37 14.07 50.80
C LEU A 103 0.48 14.28 49.56
N PRO A 104 0.94 13.22 48.89
CA PRO A 104 1.66 13.40 47.63
C PRO A 104 0.71 13.88 46.52
N PHE A 105 1.28 14.48 45.48
CA PHE A 105 0.43 15.00 44.37
C PHE A 105 0.34 13.97 43.24
N ASN A 106 1.48 13.40 42.83
CA ASN A 106 1.50 12.40 41.73
C ASN A 106 0.90 13.04 40.47
N ASP A 107 0.11 12.30 39.70
CA ASP A 107 -0.41 12.83 38.42
C ASP A 107 -1.37 14.00 38.67
N GLY A 108 -2.34 13.81 39.55
CA GLY A 108 -3.35 14.85 39.78
C GLY A 108 -4.11 14.61 41.06
N VAL A 109 -4.84 15.62 41.52
CA VAL A 109 -5.65 15.43 42.76
C VAL A 109 -7.08 15.91 42.54
N TYR A 110 -8.05 15.09 42.95
CA TYR A 110 -9.47 15.53 42.91
C TYR A 110 -9.83 15.89 44.35
N PHE A 111 -10.19 17.15 44.58
CA PHE A 111 -10.46 17.59 45.97
C PHE A 111 -11.95 17.86 46.11
N ALA A 112 -12.58 17.16 47.04
CA ALA A 112 -14.03 17.39 47.30
C ALA A 112 -14.19 18.01 48.67
N SER A 113 -15.08 19.00 48.79
CA SER A 113 -15.26 19.68 50.08
C SER A 113 -16.74 19.69 50.46
N THR A 114 -17.09 19.09 51.61
CA THR A 114 -18.48 19.18 52.11
C THR A 114 -18.40 19.99 53.40
N GLU A 115 -18.91 21.23 53.37
CA GLU A 115 -18.77 22.13 54.54
C GLU A 115 -19.77 23.28 54.40
N LYS A 116 -19.98 24.05 55.47
CA LYS A 116 -20.86 25.25 55.35
C LYS A 116 -20.11 26.50 55.81
N SER A 117 -19.09 26.34 56.66
CA SER A 117 -18.37 27.53 57.20
C SER A 117 -17.05 27.76 56.45
N ASN A 118 -16.83 27.05 55.34
CA ASN A 118 -15.61 27.27 54.52
C ASN A 118 -14.34 27.05 55.35
N ILE A 119 -14.24 25.91 56.03
CA ILE A 119 -12.98 25.61 56.78
C ILE A 119 -11.84 25.49 55.76
N ILE A 120 -12.09 24.84 54.63
CA ILE A 120 -10.99 24.66 53.65
C ILE A 120 -10.85 25.99 52.89
N ARG A 121 -9.78 26.73 53.17
CA ARG A 121 -9.61 28.07 52.55
C ARG A 121 -8.59 28.01 51.40
N GLY A 122 -7.72 27.00 51.37
CA GLY A 122 -6.69 27.04 50.32
C GLY A 122 -5.95 25.73 50.17
N TRP A 123 -5.03 25.69 49.21
CA TRP A 123 -4.21 24.47 48.99
C TRP A 123 -2.75 24.90 48.78
N ILE A 124 -1.82 24.03 49.13
CA ILE A 124 -0.38 24.33 48.95
C ILE A 124 0.23 23.21 48.11
N PHE A 125 0.97 23.58 47.07
CA PHE A 125 1.60 22.56 46.19
C PHE A 125 3.10 22.82 46.15
N GLY A 126 3.90 21.76 46.03
CA GLY A 126 5.34 21.95 45.91
C GLY A 126 6.11 20.65 46.00
N THR A 127 7.44 20.74 46.02
CA THR A 127 8.28 19.52 46.14
C THR A 127 8.74 19.32 47.59
N THR A 128 9.21 20.37 48.25
CA THR A 128 9.74 20.20 49.64
C THR A 128 8.82 20.89 50.65
N LEU A 129 7.93 21.78 50.19
CA LEU A 129 6.98 22.50 51.09
C LEU A 129 7.74 23.23 52.20
N ASP A 130 8.73 24.04 51.82
CA ASP A 130 9.48 24.85 52.82
C ASP A 130 10.12 26.03 52.09
N SER A 131 10.83 26.89 52.83
CA SER A 131 11.48 28.06 52.21
C SER A 131 12.66 27.64 51.33
N LYS A 132 13.09 26.38 51.42
CA LYS A 132 14.27 25.91 50.64
C LYS A 132 13.96 25.96 49.14
N THR A 133 12.74 25.57 48.75
CA THR A 133 12.44 25.49 47.29
C THR A 133 11.23 26.34 46.92
N GLN A 134 11.11 26.68 45.64
CA GLN A 134 9.93 27.46 45.17
C GLN A 134 8.66 26.65 45.36
N SER A 135 7.58 27.29 45.81
CA SER A 135 6.33 26.54 46.12
C SER A 135 5.11 27.28 45.57
N LEU A 136 4.05 26.54 45.22
CA LEU A 136 2.79 27.16 44.72
C LEU A 136 1.82 27.25 45.90
N LEU A 137 1.14 28.38 46.03
CA LEU A 137 0.22 28.56 47.18
C LEU A 137 -1.10 29.18 46.69
N ILE A 138 -2.20 28.47 46.84
CA ILE A 138 -3.53 29.07 46.51
C ILE A 138 -4.24 29.31 47.85
N VAL A 139 -4.70 30.53 48.09
CA VAL A 139 -5.31 30.82 49.42
C VAL A 139 -6.58 31.66 49.23
N ASN A 140 -7.52 31.56 50.18
CA ASN A 140 -8.74 32.40 50.13
C ASN A 140 -8.78 33.17 51.45
N ASN A 141 -8.34 34.42 51.45
CA ASN A 141 -8.23 35.20 52.71
C ASN A 141 -9.52 35.99 52.95
N ALA A 142 -10.65 35.50 52.41
CA ALA A 142 -11.96 36.19 52.56
C ALA A 142 -12.02 37.45 51.70
N THR A 143 -11.02 37.67 50.83
CA THR A 143 -11.03 38.85 49.92
C THR A 143 -10.95 38.35 48.47
N ASN A 144 -10.02 37.44 48.20
CA ASN A 144 -9.84 36.94 46.81
C ASN A 144 -9.00 35.67 46.86
N VAL A 145 -9.03 34.88 45.78
CA VAL A 145 -8.14 33.69 45.74
C VAL A 145 -6.77 34.16 45.25
N VAL A 146 -5.73 33.85 46.02
CA VAL A 146 -4.36 34.34 45.65
C VAL A 146 -3.50 33.14 45.30
N ILE A 147 -2.94 33.15 44.08
CA ILE A 147 -2.05 32.05 43.65
C ILE A 147 -0.63 32.60 43.59
N LYS A 148 0.22 32.17 44.52
CA LYS A 148 1.60 32.74 44.55
C LYS A 148 2.61 31.62 44.36
N VAL A 149 3.48 31.75 43.37
CA VAL A 149 4.60 30.78 43.22
C VAL A 149 5.83 31.48 43.79
N CYS A 150 6.14 31.21 45.06
CA CYS A 150 7.30 31.84 45.75
C CYS A 150 7.83 30.80 46.74
N GLU A 151 9.02 31.04 47.30
CA GLU A 151 9.54 30.11 48.33
C GLU A 151 8.93 30.52 49.68
N PHE A 152 7.91 29.79 50.13
CA PHE A 152 7.28 30.14 51.43
C PHE A 152 7.73 29.16 52.50
N GLN A 153 7.99 29.68 53.71
CA GLN A 153 8.32 28.78 54.84
C GLN A 153 7.02 28.52 55.60
N PHE A 154 6.31 27.46 55.22
CA PHE A 154 5.02 27.16 55.88
C PHE A 154 5.25 26.60 57.29
N CYS A 155 4.25 26.76 58.15
CA CYS A 155 4.36 26.18 59.51
C CYS A 155 4.15 24.67 59.45
N ASN A 156 4.40 23.96 60.55
CA ASN A 156 4.14 22.50 60.58
C ASN A 156 2.64 22.27 60.40
N ASP A 157 1.81 23.21 60.87
CA ASP A 157 0.34 23.12 60.68
C ASP A 157 -0.13 24.48 60.15
N PRO A 158 0.14 24.83 58.88
CA PRO A 158 -0.21 26.15 58.37
C PRO A 158 -1.74 26.28 58.26
N PHE A 159 -2.26 27.47 58.51
CA PHE A 159 -3.75 27.58 58.54
C PHE A 159 -4.18 29.04 58.44
N LEU A 160 -5.49 29.26 58.49
CA LEU A 160 -6.01 30.65 58.56
C LEU A 160 -6.84 30.73 59.84
N GLY A 161 -6.37 31.48 60.84
CA GLY A 161 -7.09 31.53 62.12
C GLY A 161 -8.22 32.54 62.08
N VAL A 162 -9.46 32.04 62.12
CA VAL A 162 -10.63 32.95 62.08
C VAL A 162 -11.03 33.26 63.52
N TYR A 163 -11.25 34.54 63.83
CA TYR A 163 -11.55 34.95 65.22
C TYR A 163 -12.97 35.49 65.32
N TYR A 164 -13.49 35.65 66.54
CA TYR A 164 -14.82 36.28 66.72
C TYR A 164 -14.66 37.79 66.57
N TRP A 171 -18.25 36.84 62.98
CA TRP A 171 -16.85 36.35 62.99
C TRP A 171 -16.02 37.08 61.93
N MET A 172 -14.74 37.33 62.23
CA MET A 172 -13.86 38.02 61.25
C MET A 172 -12.52 37.28 61.16
N GLU A 173 -11.93 37.23 59.96
CA GLU A 173 -10.61 36.58 59.77
C GLU A 173 -9.55 37.41 60.50
N SER A 174 -8.69 36.78 61.30
CA SER A 174 -7.73 37.57 62.11
C SER A 174 -6.28 37.10 61.89
N GLU A 175 -6.06 35.79 61.78
CA GLU A 175 -4.66 35.30 61.71
C GLU A 175 -4.39 34.61 60.37
N PHE A 176 -3.22 34.86 59.78
CA PHE A 176 -2.83 34.13 58.55
C PHE A 176 -1.55 33.39 58.91
N ARG A 177 -1.63 32.07 59.11
CA ARG A 177 -0.45 31.29 59.58
C ARG A 177 -0.06 30.29 58.49
N VAL A 178 -0.08 30.73 57.23
CA VAL A 178 0.23 29.79 56.11
C VAL A 178 1.72 29.86 55.78
N TYR A 179 2.32 31.04 55.89
CA TYR A 179 3.75 31.18 55.54
C TYR A 179 4.41 32.23 56.45
N SER A 180 5.73 32.19 56.53
CA SER A 180 6.47 33.20 57.34
C SER A 180 7.33 34.10 56.44
N SER A 181 7.79 33.57 55.30
CA SER A 181 8.64 34.39 54.40
C SER A 181 8.28 34.12 52.94
N ALA A 182 8.41 35.12 52.08
CA ALA A 182 8.18 34.94 50.63
C ALA A 182 9.49 35.21 49.89
N ASN A 183 9.97 34.24 49.11
CA ASN A 183 11.30 34.41 48.46
C ASN A 183 11.20 34.23 46.94
N ASN A 184 11.78 35.15 46.17
CA ASN A 184 11.85 35.02 44.68
C ASN A 184 10.49 35.31 44.02
N CYS A 185 9.38 34.88 44.62
CA CYS A 185 8.01 35.20 44.10
C CYS A 185 7.96 35.21 42.56
N THR A 186 8.33 34.09 41.94
CA THR A 186 8.40 34.06 40.46
C THR A 186 7.01 34.32 39.86
N PHE A 187 5.95 33.85 40.52
CA PHE A 187 4.61 34.02 39.92
C PHE A 187 3.63 34.56 40.96
N GLU A 188 2.75 35.46 40.55
CA GLU A 188 1.70 35.95 41.48
C GLU A 188 0.42 36.19 40.68
N TYR A 189 -0.73 35.79 41.22
CA TYR A 189 -2.01 36.02 40.52
C TYR A 189 -3.13 36.21 41.54
N VAL A 190 -4.06 37.12 41.26
CA VAL A 190 -5.23 37.30 42.17
C VAL A 190 -6.51 37.14 41.34
N SER A 191 -7.44 36.31 41.81
CA SER A 191 -8.74 36.15 41.12
C SER A 191 -9.86 36.37 42.13
N GLN A 192 -10.94 37.04 41.72
CA GLN A 192 -12.05 37.34 42.65
C GLN A 192 -13.15 36.27 42.52
N PHE A 205 -24.78 18.47 55.18
CA PHE A 205 -24.21 19.74 54.69
C PHE A 205 -25.21 20.39 53.73
N LYS A 206 -24.85 21.55 53.17
CA LYS A 206 -25.77 22.26 52.24
C LYS A 206 -25.07 22.62 50.93
N ASN A 207 -23.75 22.45 50.85
CA ASN A 207 -23.01 22.84 49.62
C ASN A 207 -21.91 21.82 49.34
N LEU A 208 -21.54 21.66 48.08
CA LEU A 208 -20.42 20.75 47.73
C LEU A 208 -19.44 21.48 46.82
N ARG A 209 -18.15 21.44 47.18
CA ARG A 209 -17.11 22.03 46.31
C ARG A 209 -16.38 20.88 45.62
N GLU A 210 -16.21 20.96 44.31
CA GLU A 210 -15.42 19.93 43.60
C GLU A 210 -14.27 20.63 42.87
N PHE A 211 -13.05 20.14 43.06
CA PHE A 211 -11.89 20.75 42.38
C PHE A 211 -11.01 19.67 41.78
N VAL A 212 -10.41 19.95 40.64
CA VAL A 212 -9.42 19.00 40.05
C VAL A 212 -8.14 19.79 39.82
N PHE A 213 -7.06 19.37 40.47
CA PHE A 213 -5.76 20.07 40.32
C PHE A 213 -4.84 19.17 39.52
N LYS A 214 -4.31 19.68 38.41
CA LYS A 214 -3.35 18.88 37.61
C LYS A 214 -2.17 19.76 37.21
N ASN A 215 -1.02 19.14 37.00
CA ASN A 215 0.17 19.91 36.56
C ASN A 215 0.80 19.17 35.38
N ILE A 216 0.71 19.75 34.18
CA ILE A 216 1.28 19.08 32.98
C ILE A 216 2.07 20.09 32.15
N ASP A 217 3.30 19.74 31.76
CA ASP A 217 4.16 20.59 30.88
C ASP A 217 4.35 22.00 31.46
N GLY A 218 4.31 22.13 32.78
CA GLY A 218 4.55 23.43 33.42
C GLY A 218 3.27 24.25 33.56
N TYR A 219 2.14 23.74 33.06
CA TYR A 219 0.85 24.43 33.24
C TYR A 219 0.05 23.75 34.35
N PHE A 220 -0.47 24.54 35.27
CA PHE A 220 -1.25 23.97 36.40
C PHE A 220 -2.72 24.30 36.16
N LYS A 221 -3.59 23.29 36.23
CA LYS A 221 -5.01 23.52 35.88
C LYS A 221 -5.91 23.26 37.08
N ILE A 222 -6.84 24.18 37.34
CA ILE A 222 -7.83 23.99 38.43
C ILE A 222 -9.22 23.92 37.80
N TYR A 223 -9.91 22.80 37.97
CA TYR A 223 -11.30 22.67 37.46
C TYR A 223 -12.23 22.76 38.67
N SER A 224 -13.27 23.59 38.60
CA SER A 224 -14.09 23.79 39.81
C SER A 224 -15.57 23.53 39.55
N LYS A 225 -16.29 23.17 40.61
CA LYS A 225 -17.76 23.00 40.46
C LYS A 225 -18.43 23.23 41.82
N HIS A 226 -19.55 23.95 41.83
CA HIS A 226 -20.31 24.12 43.08
C HIS A 226 -21.63 23.36 42.92
N THR A 227 -21.95 22.49 43.87
CA THR A 227 -23.24 21.76 43.81
C THR A 227 -23.87 21.76 45.20
N PRO A 228 -24.96 22.49 45.45
CA PRO A 228 -25.61 22.43 46.75
C PRO A 228 -26.30 21.07 46.96
N ILE A 229 -25.88 20.35 48.00
CA ILE A 229 -26.47 19.01 48.27
C ILE A 229 -26.68 18.85 49.78
N ASN A 230 -27.79 18.20 50.15
CA ASN A 230 -28.03 17.90 51.59
C ASN A 230 -27.61 16.44 51.83
N LEU A 231 -26.48 16.24 52.52
CA LEU A 231 -26.08 14.85 52.86
C LEU A 231 -25.27 14.86 54.15
N VAL A 232 -25.41 13.81 54.96
CA VAL A 232 -24.69 13.74 56.26
C VAL A 232 -23.19 13.63 55.99
N ARG A 233 -22.79 12.76 55.07
CA ARG A 233 -21.34 12.56 54.82
C ARG A 233 -21.14 11.88 53.47
N ASP A 234 -19.90 11.88 52.97
CA ASP A 234 -19.55 11.15 51.72
C ASP A 234 -20.05 11.89 50.48
N LEU A 235 -19.50 11.53 49.32
CA LEU A 235 -19.88 12.23 48.06
C LEU A 235 -21.33 11.86 47.69
N PRO A 236 -22.09 12.77 47.07
CA PRO A 236 -23.42 12.42 46.58
C PRO A 236 -23.33 11.53 45.32
N GLN A 237 -24.36 10.73 45.06
CA GLN A 237 -24.39 9.92 43.82
C GLN A 237 -24.98 10.79 42.72
N GLY A 238 -24.23 11.83 42.30
CA GLY A 238 -24.70 12.71 41.22
C GLY A 238 -23.57 13.03 40.26
N PHE A 239 -23.84 13.02 38.96
CA PHE A 239 -22.76 13.24 37.97
C PHE A 239 -22.63 14.75 37.71
N SER A 240 -21.41 15.26 37.88
CA SER A 240 -21.17 16.69 37.58
C SER A 240 -19.83 16.83 36.85
N ALA A 241 -19.84 17.44 35.66
CA ALA A 241 -18.58 17.68 34.92
C ALA A 241 -17.93 18.96 35.46
N LEU A 242 -16.63 18.92 35.73
CA LEU A 242 -15.97 20.09 36.35
C LEU A 242 -15.45 21.03 35.25
N GLU A 243 -16.00 22.24 35.21
CA GLU A 243 -15.58 23.23 34.19
C GLU A 243 -14.22 23.81 34.59
N PRO A 244 -13.22 23.81 33.70
CA PRO A 244 -11.95 24.45 34.01
C PRO A 244 -12.16 25.90 34.46
N LEU A 245 -11.60 26.27 35.61
CA LEU A 245 -11.81 27.64 36.14
C LEU A 245 -10.49 28.43 36.19
N VAL A 246 -9.35 27.75 36.35
CA VAL A 246 -8.05 28.50 36.29
C VAL A 246 -7.02 27.69 35.49
N ASP A 247 -6.26 28.35 34.63
CA ASP A 247 -5.14 27.68 33.91
C ASP A 247 -3.93 28.60 34.01
N LEU A 248 -2.89 28.18 34.74
CA LEU A 248 -1.75 29.11 34.95
C LEU A 248 -0.44 28.45 34.51
N PRO A 249 0.44 29.16 33.77
CA PRO A 249 1.74 28.60 33.39
C PRO A 249 2.74 28.73 34.55
N ILE A 250 2.61 27.85 35.54
CA ILE A 250 3.49 27.91 36.74
C ILE A 250 4.92 27.51 36.38
N GLY A 251 5.09 26.33 35.75
CA GLY A 251 6.44 25.92 35.29
C GLY A 251 7.22 25.09 36.30
N ILE A 252 6.68 24.84 37.50
CA ILE A 252 7.49 24.09 38.51
C ILE A 252 6.81 22.77 38.84
N ASN A 253 7.61 21.75 39.14
CA ASN A 253 7.05 20.40 39.44
C ASN A 253 6.23 20.44 40.73
N ILE A 254 5.19 19.60 40.81
CA ILE A 254 4.42 19.49 42.08
C ILE A 254 4.45 18.01 42.47
N THR A 255 5.09 17.71 43.60
CA THR A 255 5.16 16.29 44.05
C THR A 255 4.44 16.13 45.39
N ARG A 256 4.18 17.23 46.09
CA ARG A 256 3.48 17.17 47.40
C ARG A 256 2.31 18.14 47.40
N PHE A 257 1.22 17.77 48.05
CA PHE A 257 0.03 18.65 48.12
C PHE A 257 -0.42 18.78 49.58
N GLN A 258 -0.71 20.01 50.01
CA GLN A 258 -1.23 20.21 51.38
C GLN A 258 -2.42 21.17 51.33
N THR A 259 -3.50 20.85 52.03
CA THR A 259 -4.68 21.74 52.05
C THR A 259 -4.57 22.75 53.20
N LEU A 260 -5.20 23.91 53.05
CA LEU A 260 -5.19 24.94 54.11
C LEU A 260 -6.57 25.00 54.78
N LEU A 261 -6.59 24.95 56.12
CA LEU A 261 -7.89 24.92 56.83
C LEU A 261 -8.10 26.20 57.64
N ALA A 262 -9.36 26.58 57.86
CA ALA A 262 -9.68 27.78 58.65
C ALA A 262 -9.88 27.34 60.10
N LEU A 263 -8.95 27.70 60.98
CA LEU A 263 -9.04 27.25 62.39
C LEU A 263 -10.00 28.15 63.15
N HIS A 264 -11.00 27.56 63.78
CA HIS A 264 -11.97 28.34 64.58
C HIS A 264 -11.43 28.50 66.00
N ARG A 265 -11.26 29.73 66.45
CA ARG A 265 -10.78 29.95 67.84
C ARG A 265 -11.83 29.47 68.83
N SER A 266 -11.39 28.91 69.96
CA SER A 266 -12.38 28.51 71.02
C SER A 266 -12.91 29.77 71.70
N GLY A 276 -5.53 27.38 71.50
CA GLY A 276 -6.55 26.31 71.51
C GLY A 276 -7.40 26.37 70.25
N TRP A 277 -7.24 25.41 69.34
CA TRP A 277 -7.97 25.48 68.05
C TRP A 277 -8.98 24.34 67.94
N THR A 278 -10.18 24.64 67.43
CA THR A 278 -11.18 23.57 67.19
C THR A 278 -11.72 23.76 65.77
N ALA A 279 -11.28 22.92 64.83
CA ALA A 279 -11.68 23.12 63.41
C ALA A 279 -13.17 22.81 63.23
N GLY A 280 -13.78 23.40 62.20
CA GLY A 280 -15.21 23.17 61.95
C GLY A 280 -15.49 21.75 61.46
N ALA A 281 -16.72 21.29 61.62
CA ALA A 281 -17.06 19.91 61.19
C ALA A 281 -17.24 19.90 59.68
N ALA A 282 -16.27 19.36 58.96
CA ALA A 282 -16.33 19.34 57.48
C ALA A 282 -15.65 18.07 56.97
N ALA A 283 -15.92 17.70 55.72
CA ALA A 283 -15.22 16.53 55.14
C ALA A 283 -14.48 16.96 53.88
N TYR A 284 -13.17 16.69 53.82
CA TYR A 284 -12.41 17.00 52.59
C TYR A 284 -11.92 15.67 52.01
N TYR A 285 -12.17 15.46 50.72
CA TYR A 285 -11.88 14.15 50.09
C TYR A 285 -10.77 14.31 49.06
N VAL A 286 -9.80 13.39 49.09
CA VAL A 286 -8.69 13.43 48.10
C VAL A 286 -8.76 12.18 47.22
N GLY A 287 -8.82 12.36 45.91
CA GLY A 287 -8.80 11.21 44.98
C GLY A 287 -7.70 11.38 43.95
N TYR A 288 -6.81 10.40 43.83
CA TYR A 288 -5.67 10.59 42.91
C TYR A 288 -6.08 10.28 41.46
N LEU A 289 -5.72 11.19 40.55
CA LEU A 289 -6.03 10.98 39.11
C LEU A 289 -5.12 9.89 38.55
N GLN A 290 -5.66 9.06 37.67
CA GLN A 290 -4.86 7.98 37.05
C GLN A 290 -5.03 8.09 35.54
N PRO A 291 -4.07 7.62 34.72
CA PRO A 291 -4.26 7.65 33.28
C PRO A 291 -5.42 6.71 32.89
N ARG A 292 -6.55 7.29 32.50
CA ARG A 292 -7.74 6.45 32.21
C ARG A 292 -8.38 6.90 30.89
N THR A 293 -9.05 5.97 30.22
CA THR A 293 -9.79 6.34 28.99
C THR A 293 -11.26 6.50 29.37
N PHE A 294 -11.84 7.65 29.03
CA PHE A 294 -13.24 7.91 29.45
C PHE A 294 -14.11 8.21 28.22
N LEU A 295 -15.32 7.63 28.19
CA LEU A 295 -16.26 7.95 27.10
C LEU A 295 -17.30 8.90 27.68
N LEU A 296 -17.30 10.16 27.24
CA LEU A 296 -18.19 11.17 27.84
C LEU A 296 -19.35 11.47 26.89
N LYS A 297 -20.57 11.49 27.42
CA LYS A 297 -21.76 11.75 26.57
C LYS A 297 -22.09 13.24 26.63
N TYR A 298 -21.93 13.93 25.50
CA TYR A 298 -22.29 15.37 25.45
C TYR A 298 -23.77 15.51 25.10
N ASN A 299 -24.40 16.58 25.58
CA ASN A 299 -25.82 16.83 25.24
C ASN A 299 -25.90 17.95 24.20
N GLU A 300 -27.11 18.34 23.82
CA GLU A 300 -27.28 19.45 22.84
C GLU A 300 -26.70 20.75 23.41
N ASN A 301 -26.78 20.95 24.72
CA ASN A 301 -26.19 22.16 25.36
C ASN A 301 -24.66 22.06 25.32
N GLY A 302 -24.12 20.84 25.36
CA GLY A 302 -22.65 20.68 25.43
C GLY A 302 -22.19 20.25 26.81
N THR A 303 -23.09 20.18 27.78
CA THR A 303 -22.71 19.68 29.13
C THR A 303 -22.49 18.15 29.06
N ILE A 304 -21.50 17.67 29.81
CA ILE A 304 -21.26 16.19 29.85
C ILE A 304 -22.28 15.60 30.80
N THR A 305 -23.34 15.01 30.25
CA THR A 305 -24.44 14.49 31.10
C THR A 305 -24.12 13.10 31.64
N ASP A 306 -23.17 12.40 31.04
CA ASP A 306 -22.88 11.02 31.50
C ASP A 306 -21.46 10.64 31.09
N ALA A 307 -20.88 9.64 31.76
CA ALA A 307 -19.52 9.20 31.39
C ALA A 307 -19.40 7.69 31.60
N VAL A 308 -18.44 7.08 30.90
CA VAL A 308 -18.18 5.62 31.09
C VAL A 308 -16.68 5.43 31.29
N ASP A 309 -16.30 4.70 32.34
CA ASP A 309 -14.86 4.42 32.59
C ASP A 309 -14.52 3.09 31.90
N CYS A 310 -13.67 3.14 30.88
CA CYS A 310 -13.41 1.91 30.08
C CYS A 310 -12.77 0.80 30.93
N ALA A 311 -11.94 1.16 31.91
CA ALA A 311 -11.23 0.11 32.68
C ALA A 311 -12.01 -0.30 33.94
N LEU A 312 -13.17 0.30 34.20
CA LEU A 312 -13.91 -0.01 35.45
C LEU A 312 -14.35 -1.47 35.44
N ASP A 313 -14.96 -1.92 34.35
CA ASP A 313 -15.49 -3.31 34.28
C ASP A 313 -15.70 -3.68 32.82
N PRO A 314 -15.85 -4.98 32.47
CA PRO A 314 -15.99 -5.36 31.07
C PRO A 314 -17.18 -4.69 30.36
N LEU A 315 -18.30 -4.48 31.06
CA LEU A 315 -19.48 -3.85 30.41
C LEU A 315 -19.12 -2.42 29.96
N SER A 316 -18.44 -1.67 30.83
CA SER A 316 -18.03 -0.30 30.44
C SER A 316 -16.98 -0.37 29.32
N GLU A 317 -16.09 -1.36 29.37
CA GLU A 317 -15.10 -1.53 28.27
C GLU A 317 -15.85 -1.82 26.96
N THR A 318 -16.91 -2.64 27.04
CA THR A 318 -17.73 -2.90 25.82
C THR A 318 -18.39 -1.61 25.34
N LYS A 319 -18.89 -0.80 26.28
CA LYS A 319 -19.53 0.48 25.89
C LYS A 319 -18.48 1.36 25.21
N CYS A 320 -17.26 1.39 25.74
CA CYS A 320 -16.18 2.17 25.11
C CYS A 320 -15.86 1.61 23.72
N THR A 321 -15.80 0.28 23.60
CA THR A 321 -15.42 -0.32 22.29
C THR A 321 -16.47 0.01 21.23
N LEU A 322 -17.75 -0.05 21.59
CA LEU A 322 -18.81 0.18 20.59
C LEU A 322 -19.04 1.70 20.42
N LYS A 323 -18.39 2.52 21.25
CA LYS A 323 -18.60 4.00 21.19
C LYS A 323 -20.08 4.30 21.43
N SER A 324 -20.74 3.50 22.27
CA SER A 324 -22.16 3.77 22.61
C SER A 324 -22.41 3.40 24.07
N PHE A 325 -23.23 4.19 24.77
CA PHE A 325 -23.56 3.90 26.19
C PHE A 325 -24.45 2.66 26.28
N THR A 326 -25.36 2.48 25.32
CA THR A 326 -26.26 1.31 25.34
C THR A 326 -25.78 0.29 24.29
N VAL A 327 -25.56 -0.95 24.72
CA VAL A 327 -25.10 -2.01 23.77
C VAL A 327 -26.24 -3.02 23.59
N GLU A 328 -26.43 -3.50 22.37
CA GLU A 328 -27.49 -4.53 22.14
C GLU A 328 -26.96 -5.92 22.49
N LYS A 329 -27.87 -6.89 22.58
CA LYS A 329 -27.44 -8.27 22.92
C LYS A 329 -26.47 -8.78 21.85
N GLY A 330 -25.36 -9.37 22.28
CA GLY A 330 -24.42 -9.93 21.31
C GLY A 330 -23.04 -10.14 21.88
N ILE A 331 -22.16 -10.76 21.11
CA ILE A 331 -20.75 -10.94 21.57
C ILE A 331 -19.95 -9.73 21.06
N TYR A 332 -19.05 -9.23 21.89
CA TYR A 332 -18.21 -8.09 21.44
C TYR A 332 -16.76 -8.33 21.86
N GLN A 333 -15.85 -8.28 20.89
CA GLN A 333 -14.40 -8.41 21.22
C GLN A 333 -13.93 -7.00 21.57
N THR A 334 -13.49 -6.80 22.81
CA THR A 334 -13.13 -5.43 23.25
C THR A 334 -11.61 -5.23 23.28
N SER A 335 -10.88 -6.14 23.93
CA SER A 335 -9.41 -6.01 24.04
C SER A 335 -8.78 -7.38 23.98
N ASN A 336 -7.47 -7.47 24.25
CA ASN A 336 -6.78 -8.77 24.22
C ASN A 336 -6.10 -9.04 25.57
N PHE A 337 -6.30 -10.24 26.11
CA PHE A 337 -5.59 -10.59 27.36
C PHE A 337 -4.32 -11.37 27.01
N ARG A 338 -3.17 -10.88 27.44
CA ARG A 338 -1.90 -11.62 27.22
C ARG A 338 -1.09 -11.58 28.51
N VAL A 339 -0.41 -12.68 28.84
CA VAL A 339 0.32 -12.72 30.15
C VAL A 339 1.68 -12.04 29.99
N GLN A 340 1.95 -11.04 30.84
CA GLN A 340 3.25 -10.33 30.77
C GLN A 340 4.35 -11.23 31.34
N PRO A 341 5.61 -11.12 30.88
CA PRO A 341 6.69 -11.92 31.45
C PRO A 341 6.85 -11.64 32.96
N THR A 342 6.94 -12.72 33.74
CA THR A 342 7.08 -12.56 35.22
C THR A 342 8.46 -11.99 35.57
N GLU A 343 9.51 -12.46 34.92
CA GLU A 343 10.87 -11.95 35.21
C GLU A 343 11.78 -12.17 34.01
N SER A 344 12.93 -11.50 34.00
CA SER A 344 13.87 -11.61 32.85
C SER A 344 15.00 -12.58 33.18
N ILE A 345 15.34 -13.47 32.24
CA ILE A 345 16.49 -14.38 32.45
C ILE A 345 17.49 -14.13 31.30
N VAL A 346 18.77 -13.99 31.65
CA VAL A 346 19.81 -13.78 30.61
C VAL A 346 20.77 -14.97 30.64
N ARG A 347 20.95 -15.62 29.49
CA ARG A 347 21.82 -16.82 29.44
C ARG A 347 23.02 -16.53 28.54
N PHE A 348 24.22 -16.82 29.03
CA PHE A 348 25.45 -16.58 28.23
C PHE A 348 26.37 -17.80 28.40
N PRO A 349 27.26 -18.15 27.46
CA PRO A 349 28.08 -19.35 27.65
C PRO A 349 28.67 -19.42 29.06
N ASN A 350 29.04 -20.62 29.50
CA ASN A 350 29.54 -20.81 30.90
C ASN A 350 30.44 -19.66 31.34
N LEU A 354 42.15 -19.03 30.36
CA LEU A 354 42.10 -17.85 31.20
C LEU A 354 43.29 -16.92 30.89
N CYS A 355 43.00 -15.61 30.94
CA CYS A 355 43.99 -14.56 30.73
C CYS A 355 45.05 -14.67 31.81
N PRO A 356 46.36 -14.59 31.46
CA PRO A 356 47.44 -14.77 32.44
C PRO A 356 47.68 -13.56 33.33
N PHE A 357 46.66 -13.17 34.10
CA PHE A 357 46.75 -12.08 35.07
C PHE A 357 47.51 -12.49 36.32
N ASP A 358 47.61 -13.81 36.57
CA ASP A 358 48.40 -14.31 37.67
C ASP A 358 49.88 -14.02 37.36
N GLU A 359 50.28 -14.27 36.11
CA GLU A 359 51.64 -14.04 35.65
C GLU A 359 52.03 -12.56 35.80
N VAL A 360 51.05 -11.66 35.82
CA VAL A 360 51.30 -10.23 35.86
C VAL A 360 51.34 -9.74 37.29
N PHE A 361 50.28 -9.96 38.04
CA PHE A 361 50.20 -9.42 39.39
C PHE A 361 51.05 -10.15 40.41
N ASN A 362 51.27 -11.43 40.21
CA ASN A 362 52.01 -12.19 41.22
C ASN A 362 53.39 -12.55 40.71
N ALA A 363 53.92 -11.79 39.76
CA ALA A 363 55.28 -11.99 39.27
C ALA A 363 56.30 -11.80 40.38
N THR A 364 57.42 -12.49 40.32
CA THR A 364 58.43 -12.35 41.36
C THR A 364 59.13 -11.03 41.23
N ARG A 365 59.63 -10.72 40.05
CA ARG A 365 60.28 -9.45 39.79
C ARG A 365 59.32 -8.45 39.15
N PHE A 366 59.47 -7.17 39.53
CA PHE A 366 58.81 -6.06 38.83
C PHE A 366 59.90 -5.13 38.31
N ALA A 367 59.56 -4.43 37.22
CA ALA A 367 60.48 -3.50 36.59
C ALA A 367 60.61 -2.20 37.39
N SER A 368 61.73 -1.51 37.17
CA SER A 368 61.85 -0.12 37.59
C SER A 368 60.89 0.73 36.77
N VAL A 369 60.40 1.79 37.39
CA VAL A 369 59.43 2.64 36.71
C VAL A 369 60.03 3.24 35.42
N TYR A 370 61.31 3.61 35.40
CA TYR A 370 61.81 4.30 34.22
C TYR A 370 61.83 3.33 33.04
N ALA A 371 61.93 2.03 33.36
CA ALA A 371 61.95 0.97 32.37
C ALA A 371 60.69 0.12 32.51
N TRP A 372 59.56 0.78 32.74
CA TRP A 372 58.31 0.11 33.00
C TRP A 372 58.04 -0.99 31.97
N ASN A 373 57.43 -2.06 32.46
CA ASN A 373 57.24 -3.26 31.69
C ASN A 373 55.82 -3.24 31.10
N ARG A 374 55.70 -3.66 29.83
CA ARG A 374 54.40 -3.81 29.17
C ARG A 374 54.14 -5.25 28.73
N LYS A 375 53.06 -5.85 29.24
CA LYS A 375 52.61 -7.18 28.84
C LYS A 375 51.35 -7.07 27.97
N ARG A 376 51.44 -7.50 26.70
CA ARG A 376 50.27 -7.60 25.82
C ARG A 376 49.44 -8.84 26.15
N ILE A 377 48.17 -8.62 26.42
CA ILE A 377 47.29 -9.73 26.70
C ILE A 377 46.28 -9.86 25.58
N SER A 378 46.13 -11.07 25.05
CA SER A 378 45.23 -11.30 23.94
C SER A 378 44.75 -12.73 23.86
N ASN A 379 43.74 -12.99 23.03
CA ASN A 379 43.28 -14.35 22.83
C ASN A 379 43.06 -15.09 24.11
N CYS A 380 42.18 -14.55 24.95
CA CYS A 380 41.91 -15.13 26.24
C CYS A 380 40.65 -14.56 26.88
N VAL A 381 40.14 -15.23 27.89
CA VAL A 381 38.97 -14.76 28.62
C VAL A 381 39.43 -14.43 30.04
N ALA A 382 38.93 -13.32 30.59
CA ALA A 382 39.37 -12.91 31.91
C ALA A 382 38.16 -12.62 32.79
N ASP A 383 38.30 -12.94 34.07
CA ASP A 383 37.27 -12.64 35.06
C ASP A 383 37.63 -11.35 35.78
N TYR A 384 37.16 -10.24 35.21
CA TYR A 384 37.41 -8.90 35.72
C TYR A 384 36.55 -8.59 36.94
N SER A 385 35.63 -9.49 37.31
CA SER A 385 34.81 -9.25 38.49
C SER A 385 35.70 -9.32 39.73
N VAL A 386 36.65 -10.24 39.68
CA VAL A 386 37.50 -10.44 40.84
C VAL A 386 38.73 -9.54 40.88
N LEU A 387 38.73 -8.48 40.11
CA LEU A 387 39.83 -7.54 40.19
C LEU A 387 40.02 -7.16 41.64
N TYR A 388 38.91 -7.02 42.36
CA TYR A 388 39.00 -6.61 43.76
C TYR A 388 39.95 -7.54 44.54
N ASN A 389 40.26 -8.72 43.98
CA ASN A 389 41.10 -9.72 44.62
C ASN A 389 42.02 -10.39 43.61
N PHE A 390 42.61 -9.59 42.74
CA PHE A 390 43.57 -10.08 41.77
C PHE A 390 44.93 -10.14 42.44
N ALA A 391 45.07 -9.38 43.50
CA ALA A 391 46.32 -9.33 44.23
C ALA A 391 45.95 -9.07 45.68
N PRO A 392 46.94 -8.89 46.56
CA PRO A 392 46.52 -8.70 47.93
C PRO A 392 46.53 -7.26 48.38
N PHE A 393 45.80 -6.93 49.44
CA PHE A 393 45.84 -5.58 49.98
C PHE A 393 45.86 -4.56 48.88
N SER A 394 45.16 -4.82 47.81
CA SER A 394 45.21 -3.92 46.68
C SER A 394 44.49 -2.63 46.89
N ALA A 395 44.63 -1.73 45.95
CA ALA A 395 43.92 -0.47 45.98
C ALA A 395 43.76 -0.27 44.52
N PHE A 396 42.54 -0.08 44.07
CA PHE A 396 42.31 -0.01 42.66
C PHE A 396 41.36 1.08 42.30
N LYS A 397 41.50 1.58 41.10
CA LYS A 397 40.53 2.55 40.62
C LYS A 397 40.42 2.45 39.11
N CYS A 398 39.21 2.36 38.61
CA CYS A 398 39.01 2.31 37.18
C CYS A 398 38.52 3.68 36.74
N TYR A 399 38.97 4.15 35.60
CA TYR A 399 38.69 5.51 35.14
C TYR A 399 37.63 5.47 34.02
N GLY A 400 37.57 4.37 33.27
CA GLY A 400 36.37 4.04 32.49
C GLY A 400 35.25 3.43 33.34
N VAL A 401 34.59 2.40 32.81
CA VAL A 401 33.42 1.81 33.47
C VAL A 401 33.89 0.81 34.52
N SER A 402 32.96 0.44 35.40
CA SER A 402 33.15 -0.47 36.53
C SER A 402 33.82 -1.76 36.06
N PRO A 403 34.58 -2.46 36.95
CA PRO A 403 35.15 -3.77 36.64
C PRO A 403 34.17 -4.86 36.19
N THR A 404 32.92 -4.78 36.65
CA THR A 404 31.87 -5.71 36.27
C THR A 404 31.57 -5.56 34.78
N LYS A 405 31.35 -4.31 34.34
CA LYS A 405 31.05 -4.00 32.95
C LYS A 405 32.18 -4.42 32.02
N LEU A 406 33.42 -4.49 32.56
CA LEU A 406 34.56 -5.03 31.83
C LEU A 406 34.30 -6.48 31.44
N ASN A 407 33.53 -7.20 32.27
CA ASN A 407 33.21 -8.61 32.05
C ASN A 407 32.30 -8.81 30.85
N ASP A 408 31.36 -7.88 30.63
CA ASP A 408 30.55 -7.90 29.42
C ASP A 408 31.42 -7.61 28.21
N LEU A 409 32.31 -6.62 28.35
CA LEU A 409 33.02 -6.03 27.24
C LEU A 409 34.06 -7.01 26.67
N CYS A 410 34.45 -6.69 25.44
CA CYS A 410 35.49 -7.43 24.78
C CYS A 410 36.38 -6.39 24.14
N PHE A 411 37.62 -6.71 23.84
CA PHE A 411 38.62 -5.81 23.31
C PHE A 411 39.63 -6.61 22.51
N THR A 412 40.23 -5.96 21.53
CA THR A 412 41.21 -6.63 20.71
C THR A 412 42.43 -6.93 21.52
N ASN A 413 42.90 -5.96 22.30
CA ASN A 413 44.05 -6.18 23.16
C ASN A 413 43.86 -5.50 24.51
N VAL A 414 44.44 -6.13 25.54
CA VAL A 414 44.62 -5.51 26.84
C VAL A 414 46.11 -5.34 27.10
N TYR A 415 46.50 -4.18 27.67
CA TYR A 415 47.87 -3.92 28.07
C TYR A 415 48.00 -3.84 29.59
N ALA A 416 49.00 -4.56 30.11
CA ALA A 416 49.35 -4.51 31.51
C ALA A 416 50.76 -3.93 31.64
N ASP A 417 50.80 -2.72 32.19
CA ASP A 417 52.04 -2.01 32.51
C ASP A 417 52.32 -2.19 34.00
N SER A 418 53.56 -2.55 34.35
CA SER A 418 53.89 -2.70 35.76
C SER A 418 55.30 -2.22 36.10
N PHE A 419 55.44 -1.79 37.37
CA PHE A 419 56.64 -1.13 37.86
C PHE A 419 56.52 -0.90 39.36
N VAL A 420 57.64 -0.43 39.97
CA VAL A 420 57.63 -0.05 41.36
C VAL A 420 57.93 1.45 41.50
N ILE A 421 57.28 2.08 42.48
CA ILE A 421 57.49 3.48 42.82
C ILE A 421 57.31 3.62 44.33
N ARG A 422 57.52 4.82 44.86
CA ARG A 422 57.16 5.13 46.22
C ARG A 422 55.63 5.21 46.38
N GLY A 423 55.18 4.84 47.58
CA GLY A 423 53.83 5.08 48.04
C GLY A 423 53.27 6.47 47.71
N ASN A 424 54.02 7.52 48.04
CA ASN A 424 53.50 8.86 47.86
C ASN A 424 53.47 9.23 46.37
N GLU A 425 53.97 8.37 45.47
CA GLU A 425 53.98 8.70 44.05
C GLU A 425 52.83 7.99 43.30
N VAL A 426 52.15 7.05 43.98
CA VAL A 426 51.08 6.28 43.33
C VAL A 426 50.00 7.23 42.81
N SER A 427 49.74 8.34 43.53
CA SER A 427 48.75 9.33 43.07
C SER A 427 49.09 9.93 41.72
N GLN A 428 50.31 9.72 41.20
CA GLN A 428 50.71 10.31 39.93
C GLN A 428 50.31 9.40 38.77
N ILE A 429 50.01 8.13 39.08
CA ILE A 429 49.58 7.19 38.06
C ILE A 429 48.07 7.33 37.90
N ALA A 430 47.67 8.49 37.37
CA ALA A 430 46.29 8.84 37.18
C ALA A 430 46.25 9.82 36.03
N PRO A 431 45.14 9.96 35.29
CA PRO A 431 45.07 10.94 34.21
C PRO A 431 45.21 12.35 34.76
N GLY A 432 45.87 13.23 34.00
CA GLY A 432 45.96 14.63 34.39
C GLY A 432 46.97 14.95 35.48
N GLN A 433 47.84 14.02 35.90
CA GLN A 433 48.78 14.32 36.99
C GLN A 433 50.10 14.87 36.45
N THR A 434 50.79 15.68 37.26
CA THR A 434 52.18 16.01 36.99
C THR A 434 53.01 15.70 38.24
N GLY A 435 54.32 15.57 38.05
CA GLY A 435 55.24 15.18 39.10
C GLY A 435 56.44 14.41 38.53
N ASN A 436 57.37 14.03 39.40
CA ASN A 436 58.60 13.43 38.91
C ASN A 436 58.25 12.18 38.11
N ILE A 437 57.29 11.39 38.58
CA ILE A 437 56.99 10.14 37.88
C ILE A 437 56.15 10.41 36.61
N ALA A 438 55.02 11.08 36.73
CA ALA A 438 54.19 11.42 35.59
C ALA A 438 55.05 12.05 34.50
N ASP A 439 55.90 13.01 34.88
CA ASP A 439 56.60 13.81 33.89
C ASP A 439 57.72 13.01 33.23
N TYR A 440 58.54 12.24 33.99
CA TYR A 440 59.78 11.68 33.43
C TYR A 440 59.86 10.15 33.39
N ASN A 441 58.84 9.44 33.83
CA ASN A 441 58.93 8.00 33.98
C ASN A 441 57.76 7.26 33.30
N TYR A 442 56.51 7.50 33.76
CA TYR A 442 55.35 6.81 33.24
C TYR A 442 54.17 7.78 33.24
N LYS A 443 53.57 7.97 32.07
CA LYS A 443 52.58 9.03 31.87
C LYS A 443 51.32 8.45 31.22
N LEU A 444 50.19 8.59 31.93
CA LEU A 444 48.86 8.25 31.43
C LEU A 444 48.27 9.44 30.69
N PRO A 445 47.46 9.22 29.65
CA PRO A 445 46.78 10.32 28.95
C PRO A 445 45.64 10.95 29.74
N ASP A 446 45.34 12.21 29.41
CA ASP A 446 44.24 12.88 30.08
C ASP A 446 42.94 12.09 29.95
N ASP A 447 42.76 11.37 28.83
CA ASP A 447 41.50 10.70 28.58
C ASP A 447 41.59 9.22 28.95
N PHE A 448 42.54 8.86 29.81
CA PHE A 448 42.67 7.46 30.20
C PHE A 448 41.35 6.90 30.72
N THR A 449 40.99 5.71 30.22
CA THR A 449 39.90 4.89 30.75
C THR A 449 40.44 3.47 30.89
N GLY A 450 41.08 3.21 32.02
CA GLY A 450 41.58 1.90 32.32
C GLY A 450 41.49 1.70 33.82
N CYS A 451 42.28 0.77 34.34
CA CYS A 451 42.37 0.62 35.78
C CYS A 451 43.82 0.74 36.24
N VAL A 452 43.97 1.34 37.43
CA VAL A 452 45.24 1.42 38.15
C VAL A 452 45.08 0.65 39.45
N ILE A 453 46.00 -0.28 39.69
CA ILE A 453 46.05 -1.08 40.91
C ILE A 453 47.42 -0.95 41.57
N ALA A 454 47.47 -0.64 42.86
CA ALA A 454 48.75 -0.55 43.53
C ALA A 454 48.67 -1.18 44.92
N TRP A 455 49.74 -1.87 45.31
CA TRP A 455 49.83 -2.42 46.65
C TRP A 455 51.25 -2.24 47.21
N ASN A 456 51.33 -2.02 48.52
CA ASN A 456 52.56 -1.96 49.29
C ASN A 456 53.37 -3.23 49.14
N SER A 457 54.64 -3.11 48.70
CA SER A 457 55.51 -4.25 48.49
C SER A 457 56.75 -4.19 49.39
N ASN A 458 56.62 -3.52 50.54
CA ASN A 458 57.73 -3.37 51.48
C ASN A 458 58.42 -4.72 51.78
N LYS A 459 57.65 -5.77 52.02
CA LYS A 459 58.24 -7.04 52.45
C LYS A 459 59.09 -7.62 51.33
N LEU A 460 58.75 -7.32 50.08
CA LEU A 460 59.41 -7.96 48.95
C LEU A 460 60.54 -7.09 48.40
N ASP A 461 60.36 -5.77 48.41
CA ASP A 461 61.19 -4.91 47.59
C ASP A 461 62.13 -4.05 48.43
N SER A 462 61.92 -4.02 49.73
CA SER A 462 62.82 -3.31 50.61
C SER A 462 63.88 -4.24 51.15
N LYS A 463 65.07 -3.73 51.37
CA LYS A 463 66.16 -4.53 51.90
C LYS A 463 66.96 -3.79 52.93
N VAL A 464 67.36 -4.48 53.98
CA VAL A 464 68.24 -3.86 54.95
C VAL A 464 69.54 -3.50 54.24
N GLY A 465 69.97 -2.25 54.41
CA GLY A 465 71.11 -1.77 53.67
C GLY A 465 70.70 -1.02 52.40
N GLY A 466 69.44 -1.20 51.98
CA GLY A 466 68.94 -0.57 50.77
C GLY A 466 68.89 -1.51 49.57
N ASN A 467 67.73 -1.55 48.94
CA ASN A 467 67.57 -2.20 47.65
C ASN A 467 67.86 -1.18 46.54
N TYR A 468 69.02 -1.33 45.90
CA TYR A 468 69.40 -0.34 44.89
C TYR A 468 68.97 -0.74 43.48
N ASN A 469 68.22 -1.83 43.32
CA ASN A 469 67.73 -2.26 42.01
C ASN A 469 66.79 -1.21 41.38
N TYR A 470 65.90 -0.63 42.18
CA TYR A 470 64.81 0.17 41.65
C TYR A 470 65.27 1.60 41.46
N ARG A 471 65.15 2.09 40.22
CA ARG A 471 65.49 3.46 39.89
C ARG A 471 64.33 4.21 39.24
N TYR A 472 64.44 5.55 39.25
CA TYR A 472 63.54 6.47 38.55
C TYR A 472 64.40 7.55 37.92
N ARG A 473 63.88 8.17 36.84
CA ARG A 473 64.53 9.28 36.15
C ARG A 473 64.24 10.59 36.88
N LEU A 474 65.28 11.38 37.14
CA LEU A 474 65.15 12.62 37.88
C LEU A 474 65.31 13.82 36.96
N PHE A 475 66.00 13.64 35.84
CA PHE A 475 66.25 14.75 34.91
C PHE A 475 65.80 14.34 33.53
N ARG A 476 65.20 15.28 32.78
CA ARG A 476 64.80 15.06 31.39
C ARG A 476 64.51 16.41 30.76
N LYS A 477 64.84 16.55 29.47
CA LYS A 477 64.75 17.81 28.74
C LYS A 477 63.30 18.15 28.36
N SER A 478 62.40 17.17 28.43
CA SER A 478 61.00 17.42 28.14
C SER A 478 60.17 16.36 28.86
N ASN A 479 58.90 16.65 29.06
CA ASN A 479 57.97 15.71 29.65
C ASN A 479 57.72 14.57 28.67
N LEU A 480 57.36 13.44 29.21
CA LEU A 480 57.05 12.29 28.41
C LEU A 480 55.67 12.38 27.85
N LYS A 481 55.50 11.87 26.64
CA LYS A 481 54.19 11.81 26.07
C LYS A 481 53.55 10.58 26.66
N PRO A 482 52.23 10.53 26.59
CA PRO A 482 51.54 9.38 27.15
C PRO A 482 52.05 8.03 26.65
N PHE A 483 52.26 7.09 27.56
CA PHE A 483 52.77 5.76 27.26
C PHE A 483 54.13 5.79 26.59
N GLU A 484 54.85 6.90 26.65
CA GLU A 484 56.27 6.90 26.29
C GLU A 484 57.12 6.22 27.37
N ARG A 485 58.21 5.59 26.93
CA ARG A 485 59.18 4.97 27.80
C ARG A 485 60.56 5.47 27.41
N ASP A 486 61.39 5.87 28.38
CA ASP A 486 62.73 6.35 28.10
C ASP A 486 63.69 5.57 28.98
N ILE A 487 64.55 4.76 28.34
CA ILE A 487 65.53 3.97 29.07
C ILE A 487 66.95 4.44 28.77
N SER A 488 67.13 5.65 28.21
CA SER A 488 68.45 6.20 27.98
C SER A 488 69.19 6.54 29.29
N THR A 489 70.53 6.54 29.24
CA THR A 489 71.31 6.86 30.43
C THR A 489 72.42 7.82 30.07
N GLU A 490 72.07 8.81 29.26
CA GLU A 490 72.99 9.85 28.89
C GLU A 490 73.12 10.80 30.08
N ILE A 491 74.33 11.30 30.26
CA ILE A 491 74.56 12.22 31.35
C ILE A 491 73.82 13.51 31.02
N TYR A 492 73.04 13.98 32.03
CA TYR A 492 72.23 15.16 31.88
C TYR A 492 73.10 16.38 32.14
N GLN A 493 73.16 17.27 31.14
CA GLN A 493 74.00 18.44 31.15
C GLN A 493 73.18 19.62 31.63
N ALA A 494 73.34 19.99 32.91
CA ALA A 494 72.48 20.98 33.53
C ALA A 494 72.98 22.36 33.24
N GLY A 495 74.30 22.50 33.04
CA GLY A 495 74.85 23.80 32.68
C GLY A 495 75.28 23.85 31.22
N ASN A 496 76.17 24.82 30.94
CA ASN A 496 76.68 25.07 29.61
C ASN A 496 77.98 24.35 29.27
N LYS A 497 78.66 23.71 30.22
CA LYS A 497 79.86 22.97 29.89
C LYS A 497 79.50 21.54 29.50
N PRO A 498 80.22 20.93 28.54
CA PRO A 498 79.95 19.55 28.14
C PRO A 498 80.34 18.55 29.23
N CYS A 499 79.75 17.38 29.21
CA CYS A 499 80.00 16.41 30.25
C CYS A 499 80.90 15.30 29.77
N ASN A 500 81.17 15.26 28.47
CA ASN A 500 82.03 14.26 27.87
C ASN A 500 81.71 12.87 28.40
N GLY A 501 80.42 12.59 28.59
CA GLY A 501 80.01 11.26 28.99
C GLY A 501 80.35 10.89 30.44
N VAL A 502 80.70 11.84 31.31
CA VAL A 502 80.99 11.49 32.70
C VAL A 502 80.23 12.42 33.66
N ALA A 503 79.69 11.82 34.74
CA ALA A 503 79.07 12.59 35.80
C ALA A 503 80.12 13.47 36.47
N GLY A 504 79.74 14.71 36.74
CA GLY A 504 80.52 15.67 37.50
C GLY A 504 79.64 16.84 37.88
N VAL A 505 80.27 17.97 38.13
CA VAL A 505 79.58 19.18 38.49
C VAL A 505 78.59 19.54 37.39
N ASN A 506 77.31 19.66 37.76
CA ASN A 506 76.28 20.10 36.82
C ASN A 506 76.16 19.14 35.64
N CYS A 507 76.58 17.89 35.84
CA CYS A 507 76.55 16.84 34.85
C CYS A 507 76.11 15.58 35.59
N TYR A 508 74.82 15.25 35.51
CA TYR A 508 74.21 14.33 36.44
C TYR A 508 73.80 13.06 35.72
N PHE A 509 74.16 11.90 36.27
CA PHE A 509 73.55 10.64 35.87
C PHE A 509 72.03 10.77 36.04
N PRO A 510 71.21 10.39 35.04
CA PRO A 510 69.82 10.85 35.00
C PRO A 510 68.87 10.02 35.84
N LEU A 511 69.30 8.80 36.20
CA LEU A 511 68.54 7.92 37.07
C LEU A 511 69.03 8.05 38.51
N GLN A 512 68.10 7.89 39.45
CA GLN A 512 68.37 7.81 40.88
C GLN A 512 67.71 6.55 41.40
N SER A 513 68.38 5.90 42.37
CA SER A 513 67.80 4.75 43.05
C SER A 513 66.92 5.21 44.20
N TYR A 514 65.84 4.46 44.44
CA TYR A 514 65.02 4.67 45.62
C TYR A 514 65.71 4.14 46.90
N GLY A 515 66.55 3.12 46.75
CA GLY A 515 67.29 2.53 47.86
C GLY A 515 66.40 2.04 49.00
N PHE A 516 65.31 1.31 48.66
CA PHE A 516 64.24 1.04 49.62
C PHE A 516 64.77 0.25 50.82
N ARG A 517 64.40 0.69 52.02
CA ARG A 517 64.74 -0.01 53.25
C ARG A 517 63.48 -0.24 54.09
N PRO A 518 63.39 -1.38 54.82
CA PRO A 518 62.19 -1.76 55.54
C PRO A 518 61.70 -0.71 56.53
N THR A 519 62.60 0.14 56.98
CA THR A 519 62.28 1.12 58.00
C THR A 519 61.77 2.45 57.49
N TYR A 520 61.62 2.58 56.19
CA TYR A 520 61.07 3.80 55.63
C TYR A 520 59.63 3.97 56.02
N GLY A 521 59.15 5.20 56.06
CA GLY A 521 57.74 5.42 56.29
C GLY A 521 56.93 4.90 55.13
N VAL A 522 55.63 4.73 55.31
CA VAL A 522 54.82 4.10 54.28
C VAL A 522 54.82 4.93 53.01
N GLY A 523 54.84 6.25 53.15
CA GLY A 523 54.91 7.16 52.01
C GLY A 523 56.13 6.88 51.13
N HIS A 524 57.24 6.44 51.77
CA HIS A 524 58.46 6.15 51.05
C HIS A 524 58.69 4.67 50.78
N GLN A 525 57.79 3.78 51.24
CA GLN A 525 57.99 2.37 50.94
C GLN A 525 57.64 2.10 49.49
N PRO A 526 58.12 0.96 48.95
CA PRO A 526 57.79 0.58 47.58
C PRO A 526 56.36 0.09 47.43
N TYR A 527 55.73 0.51 46.31
CA TYR A 527 54.46 0.00 45.86
C TYR A 527 54.62 -0.62 44.47
N ARG A 528 54.13 -1.84 44.31
CA ARG A 528 53.99 -2.42 43.00
C ARG A 528 52.71 -1.88 42.38
N VAL A 529 52.78 -1.57 41.08
CA VAL A 529 51.68 -0.93 40.36
C VAL A 529 51.44 -1.67 39.05
N VAL A 530 50.15 -1.92 38.77
CA VAL A 530 49.72 -2.48 37.50
C VAL A 530 48.66 -1.55 36.90
N VAL A 531 48.88 -1.24 35.63
CA VAL A 531 47.97 -0.40 34.88
C VAL A 531 47.41 -1.24 33.73
N LEU A 532 46.08 -1.36 33.69
CA LEU A 532 45.38 -2.04 32.61
C LEU A 532 44.73 -1.00 31.71
N SER A 533 45.14 -1.05 30.43
CA SER A 533 44.53 -0.27 29.37
C SER A 533 43.84 -1.20 28.35
N PHE A 534 42.67 -0.79 27.86
CA PHE A 534 41.83 -1.65 27.02
C PHE A 534 41.69 -1.09 25.62
N GLU A 535 42.30 -1.77 24.65
CA GLU A 535 42.33 -1.26 23.29
C GLU A 535 41.18 -1.88 22.49
N LEU A 536 40.55 -1.06 21.65
CA LEU A 536 39.50 -1.55 20.77
C LEU A 536 39.77 -1.01 19.39
N ALA A 541 37.77 -8.75 18.54
CA ALA A 541 37.99 -8.52 19.95
C ALA A 541 38.31 -9.83 20.59
N THR A 542 39.59 -10.18 20.64
CA THR A 542 39.99 -11.46 21.18
C THR A 542 40.20 -11.51 22.70
N VAL A 543 39.85 -10.44 23.41
CA VAL A 543 39.94 -10.50 24.87
C VAL A 543 38.58 -10.14 25.45
N CYS A 544 37.97 -11.08 26.16
CA CYS A 544 36.64 -10.87 26.66
C CYS A 544 36.51 -11.16 28.12
N GLY A 545 35.41 -10.70 28.70
CA GLY A 545 35.18 -10.91 30.13
C GLY A 545 34.43 -12.21 30.42
N SER A 549 24.99 -14.19 33.87
CA SER A 549 24.22 -15.45 33.73
C SER A 549 23.09 -15.47 34.77
N THR A 550 21.86 -15.67 34.33
CA THR A 550 20.71 -15.73 35.27
C THR A 550 20.25 -17.18 35.41
N ASN A 551 19.69 -17.53 36.58
CA ASN A 551 19.19 -18.91 36.78
C ASN A 551 18.06 -19.20 35.79
N LEU A 552 18.08 -20.39 35.18
CA LEU A 552 17.03 -20.77 34.21
C LEU A 552 15.70 -21.03 34.93
N VAL A 553 14.59 -20.56 34.34
CA VAL A 553 13.25 -20.87 34.92
C VAL A 553 12.44 -21.61 33.85
N LYS A 554 11.66 -22.61 34.26
CA LYS A 554 10.97 -23.46 33.25
C LYS A 554 9.44 -23.29 33.35
N ASN A 555 8.75 -23.36 32.21
CA ASN A 555 7.27 -23.31 32.18
C ASN A 555 6.77 -22.01 32.82
N LYS A 556 7.48 -20.91 32.60
CA LYS A 556 6.98 -19.60 33.10
C LYS A 556 7.16 -18.55 32.00
N CYS A 557 6.17 -17.66 31.83
CA CYS A 557 6.26 -16.64 30.77
C CYS A 557 7.38 -15.67 31.16
N VAL A 558 8.47 -15.65 30.39
CA VAL A 558 9.64 -14.81 30.78
C VAL A 558 10.22 -14.14 29.53
N ASN A 559 10.96 -13.06 29.73
CA ASN A 559 11.68 -12.42 28.60
C ASN A 559 13.11 -12.95 28.68
N PHE A 560 13.51 -13.74 27.69
CA PHE A 560 14.83 -14.42 27.77
C PHE A 560 15.85 -13.81 26.82
N ASN A 561 17.12 -13.86 27.21
CA ASN A 561 18.21 -13.36 26.34
C ASN A 561 19.24 -14.49 26.21
N PHE A 562 19.22 -15.20 25.08
CA PHE A 562 20.18 -16.32 24.89
C PHE A 562 21.27 -15.89 23.92
N ASN A 563 22.43 -15.49 24.46
CA ASN A 563 23.59 -15.12 23.61
C ASN A 563 23.18 -14.05 22.59
N GLY A 564 22.39 -13.06 23.03
CA GLY A 564 21.96 -11.98 22.12
C GLY A 564 20.62 -12.26 21.47
N LEU A 565 20.09 -13.48 21.61
CA LEU A 565 18.73 -13.74 21.07
C LEU A 565 17.73 -13.28 22.12
N THR A 566 17.03 -12.17 21.86
CA THR A 566 16.07 -11.63 22.84
C THR A 566 14.66 -12.05 22.43
N GLY A 567 13.92 -12.64 23.36
CA GLY A 567 12.56 -13.12 23.03
C GLY A 567 11.70 -13.23 24.26
N THR A 568 10.41 -13.51 24.09
CA THR A 568 9.52 -13.72 25.26
C THR A 568 8.77 -15.04 25.06
N GLY A 569 8.59 -15.80 26.13
CA GLY A 569 7.80 -17.04 26.01
C GLY A 569 7.98 -17.93 27.23
N VAL A 570 7.45 -19.15 27.16
CA VAL A 570 7.65 -20.13 28.26
C VAL A 570 8.66 -21.16 27.78
N LEU A 571 9.64 -21.49 28.62
CA LEU A 571 10.69 -22.47 28.22
C LEU A 571 10.32 -23.84 28.77
N THR A 572 10.20 -24.83 27.90
CA THR A 572 9.77 -26.18 28.36
C THR A 572 10.75 -27.23 27.83
N GLU A 573 10.69 -28.44 28.39
CA GLU A 573 11.61 -29.52 27.95
C GLU A 573 11.31 -29.88 26.50
N SER A 574 12.33 -30.28 25.75
CA SER A 574 12.13 -30.57 24.31
C SER A 574 12.65 -31.96 23.94
N ASN A 575 12.05 -32.57 22.92
CA ASN A 575 12.52 -33.90 22.45
C ASN A 575 13.28 -33.74 21.13
N LYS A 576 13.51 -32.50 20.72
CA LYS A 576 14.20 -32.27 19.41
C LYS A 576 15.68 -32.57 19.58
N LYS A 577 16.24 -33.37 18.66
CA LYS A 577 17.69 -33.67 18.72
C LYS A 577 18.44 -32.59 17.92
N PHE A 578 18.86 -31.54 18.60
CA PHE A 578 19.63 -30.49 17.90
C PHE A 578 21.01 -31.02 17.52
N LEU A 579 21.50 -30.59 16.36
CA LEU A 579 22.89 -30.97 15.99
C LEU A 579 23.82 -30.12 16.86
N PRO A 580 25.05 -30.58 17.15
CA PRO A 580 25.92 -29.87 18.11
C PRO A 580 26.19 -28.40 17.74
N PHE A 581 26.21 -28.08 16.44
CA PHE A 581 26.56 -26.70 16.02
C PHE A 581 25.33 -25.79 16.07
N GLN A 582 24.14 -26.32 16.33
CA GLN A 582 22.93 -25.46 16.26
C GLN A 582 22.67 -24.83 17.64
N GLN A 583 22.44 -23.52 17.66
CA GLN A 583 22.22 -22.81 18.94
C GLN A 583 20.72 -22.62 19.20
N PHE A 584 19.97 -22.31 18.16
CA PHE A 584 18.50 -22.11 18.34
C PHE A 584 17.75 -22.78 17.20
N GLY A 585 16.54 -23.22 17.50
CA GLY A 585 15.73 -23.95 16.49
C GLY A 585 14.68 -23.04 15.88
N ARG A 586 14.54 -23.11 14.56
CA ARG A 586 13.55 -22.24 13.87
C ARG A 586 12.43 -23.10 13.28
N ASP A 587 11.19 -22.79 13.66
CA ASP A 587 10.03 -23.50 13.07
C ASP A 587 9.65 -22.81 11.76
N ILE A 588 8.83 -23.46 10.92
CA ILE A 588 8.49 -22.94 9.57
C ILE A 588 8.01 -21.50 9.63
N ALA A 589 8.26 -20.73 8.56
CA ALA A 589 7.88 -19.30 8.50
C ALA A 589 8.72 -18.50 9.49
N ASP A 590 9.97 -18.89 9.72
CA ASP A 590 10.91 -18.08 10.55
C ASP A 590 10.36 -17.81 11.96
N THR A 591 10.10 -18.86 12.73
CA THR A 591 9.68 -18.66 14.14
C THR A 591 10.75 -19.25 15.06
N THR A 592 11.06 -18.58 16.17
CA THR A 592 12.06 -19.12 17.12
C THR A 592 11.38 -20.18 18.00
N ASP A 593 11.33 -21.42 17.50
CA ASP A 593 10.62 -22.50 18.24
C ASP A 593 11.44 -23.01 19.43
N ALA A 594 12.75 -23.14 19.30
CA ALA A 594 13.55 -23.72 20.38
C ALA A 594 14.94 -23.08 20.44
N VAL A 595 15.62 -23.22 21.59
CA VAL A 595 17.00 -22.71 21.69
C VAL A 595 17.79 -23.62 22.64
N ARG A 596 19.05 -23.89 22.34
CA ARG A 596 19.87 -24.68 23.28
C ARG A 596 20.47 -23.72 24.30
N ASP A 597 20.36 -24.06 25.58
CA ASP A 597 20.82 -23.09 26.60
C ASP A 597 22.33 -23.23 26.82
N PRO A 598 23.06 -22.14 27.10
CA PRO A 598 24.47 -22.26 27.45
C PRO A 598 24.66 -22.87 28.85
N GLN A 599 25.82 -23.49 29.10
CA GLN A 599 26.17 -24.02 30.45
C GLN A 599 25.31 -25.22 30.82
N THR A 600 24.34 -25.57 29.99
CA THR A 600 23.52 -26.78 30.25
C THR A 600 23.43 -27.59 28.96
N LEU A 601 23.44 -26.90 27.80
CA LEU A 601 23.35 -27.54 26.45
C LEU A 601 21.95 -28.13 26.22
N GLU A 602 21.07 -27.99 27.20
CA GLU A 602 19.68 -28.51 27.06
C GLU A 602 18.95 -27.69 25.99
N ILE A 603 18.09 -28.35 25.22
CA ILE A 603 17.28 -27.62 24.21
C ILE A 603 15.93 -27.28 24.83
N LEU A 604 15.63 -25.99 24.94
CA LEU A 604 14.36 -25.56 25.57
C LEU A 604 13.41 -25.08 24.48
N ASP A 605 12.17 -25.59 24.49
CA ASP A 605 11.16 -25.12 23.51
C ASP A 605 10.55 -23.81 24.01
N ILE A 606 10.48 -22.82 23.11
CA ILE A 606 9.90 -21.51 23.48
C ILE A 606 8.45 -21.48 23.00
N THR A 607 7.51 -21.70 23.91
CA THR A 607 6.10 -21.56 23.48
C THR A 607 5.66 -20.12 23.76
N PRO A 608 5.08 -19.40 22.78
CA PRO A 608 4.72 -18.01 23.00
C PRO A 608 3.75 -17.88 24.19
N CYS A 609 3.89 -16.79 24.94
CA CYS A 609 3.06 -16.61 26.16
C CYS A 609 1.57 -16.60 25.79
N SER A 610 0.73 -17.18 26.64
CA SER A 610 -0.71 -17.30 26.30
C SER A 610 -1.32 -15.93 26.01
N PHE A 611 -1.92 -15.78 24.83
CA PHE A 611 -2.60 -14.50 24.50
C PHE A 611 -3.92 -14.84 23.79
N GLY A 612 -4.93 -14.01 24.02
CA GLY A 612 -6.22 -14.22 23.34
C GLY A 612 -7.12 -13.02 23.49
N GLY A 613 -8.05 -12.81 22.54
CA GLY A 613 -9.00 -11.71 22.68
C GLY A 613 -9.96 -11.92 23.84
N VAL A 614 -10.53 -10.84 24.38
CA VAL A 614 -11.55 -11.00 25.44
C VAL A 614 -12.91 -10.59 24.86
N SER A 615 -13.83 -11.55 24.76
CA SER A 615 -15.18 -11.25 24.24
C SER A 615 -16.13 -11.02 25.41
N VAL A 616 -17.15 -10.20 25.20
CA VAL A 616 -18.09 -9.87 26.31
C VAL A 616 -19.48 -10.40 25.97
N ILE A 617 -19.97 -11.34 26.76
CA ILE A 617 -21.36 -11.84 26.56
C ILE A 617 -22.28 -10.88 27.32
N THR A 618 -23.21 -10.25 26.62
CA THR A 618 -24.17 -9.35 27.31
C THR A 618 -25.56 -9.53 26.72
N PRO A 619 -26.63 -9.58 27.53
CA PRO A 619 -27.98 -9.64 26.97
C PRO A 619 -28.44 -8.25 26.50
N GLY A 620 -27.55 -7.26 26.55
CA GLY A 620 -27.95 -5.87 26.21
C GLY A 620 -28.14 -5.06 27.47
N THR A 621 -27.59 -3.84 27.50
CA THR A 621 -27.65 -3.03 28.74
C THR A 621 -29.12 -2.76 29.10
N ASN A 622 -29.97 -2.61 28.08
CA ASN A 622 -31.40 -2.36 28.33
C ASN A 622 -32.02 -3.53 29.10
N THR A 623 -31.72 -4.76 28.69
CA THR A 623 -32.27 -5.95 29.38
C THR A 623 -31.62 -6.12 30.76
N SER A 624 -30.28 -6.12 30.81
CA SER A 624 -29.59 -6.35 32.11
C SER A 624 -28.16 -5.83 32.06
N ASN A 625 -27.61 -5.45 33.20
CA ASN A 625 -26.19 -5.01 33.23
C ASN A 625 -25.28 -6.21 33.51
N GLN A 626 -25.86 -7.39 33.71
CA GLN A 626 -25.04 -8.60 34.01
C GLN A 626 -24.17 -8.91 32.80
N VAL A 627 -22.92 -9.31 33.03
CA VAL A 627 -22.00 -9.52 31.88
C VAL A 627 -21.16 -10.77 32.09
N ALA A 628 -20.92 -11.54 31.01
CA ALA A 628 -20.01 -12.70 31.10
C ALA A 628 -18.77 -12.40 30.26
N VAL A 629 -17.65 -13.04 30.57
CA VAL A 629 -16.38 -12.74 29.85
C VAL A 629 -15.83 -14.03 29.23
N LEU A 630 -15.45 -13.97 27.95
CA LEU A 630 -14.85 -15.15 27.29
C LEU A 630 -13.42 -14.84 26.85
N TYR A 631 -12.44 -15.56 27.40
CA TYR A 631 -11.05 -15.39 26.94
C TYR A 631 -10.83 -16.36 25.79
N GLN A 632 -10.58 -15.84 24.58
CA GLN A 632 -10.50 -16.74 23.41
C GLN A 632 -9.21 -17.55 23.42
N ASP A 633 -9.32 -18.87 23.21
CA ASP A 633 -8.12 -19.76 23.13
C ASP A 633 -7.27 -19.59 24.39
N VAL A 634 -7.91 -19.47 25.55
CA VAL A 634 -7.15 -19.34 26.82
C VAL A 634 -7.60 -20.43 27.80
N ASN A 635 -6.64 -21.19 28.34
CA ASN A 635 -6.97 -22.24 29.34
C ASN A 635 -7.44 -21.55 30.62
N CYS A 636 -8.31 -22.22 31.39
CA CYS A 636 -8.87 -21.60 32.61
C CYS A 636 -7.81 -21.65 33.72
N THR A 637 -6.67 -21.03 33.44
CA THR A 637 -5.53 -21.06 34.40
C THR A 637 -4.99 -19.63 34.57
N GLU A 638 -5.60 -18.67 33.88
CA GLU A 638 -5.12 -17.26 33.97
C GLU A 638 -6.30 -16.35 34.36
N VAL A 639 -6.09 -15.48 35.34
CA VAL A 639 -7.16 -14.52 35.74
C VAL A 639 -7.07 -13.26 34.86
N ASN A 660 -18.45 -17.98 38.63
CA ASN A 660 -18.63 -19.27 37.91
C ASN A 660 -17.72 -19.31 36.68
N VAL A 661 -17.11 -20.47 36.41
CA VAL A 661 -16.16 -20.57 35.27
C VAL A 661 -16.55 -21.77 34.40
N PHE A 662 -16.17 -21.74 33.13
CA PHE A 662 -16.46 -22.89 32.24
C PHE A 662 -15.38 -22.93 31.15
N GLN A 663 -14.74 -24.08 30.98
CA GLN A 663 -13.69 -24.22 29.94
C GLN A 663 -14.31 -24.82 28.68
N THR A 664 -14.23 -24.09 27.57
CA THR A 664 -14.80 -24.57 26.29
C THR A 664 -13.70 -24.60 25.24
N ARG A 665 -13.95 -25.23 24.10
CA ARG A 665 -12.94 -25.22 23.00
C ARG A 665 -12.71 -23.77 22.55
N ALA A 666 -13.71 -22.91 22.73
CA ALA A 666 -13.57 -21.48 22.34
C ALA A 666 -12.70 -20.72 23.36
N GLY A 667 -12.51 -21.25 24.56
CA GLY A 667 -11.63 -20.61 25.55
C GLY A 667 -12.21 -20.67 26.94
N CYS A 668 -11.77 -19.76 27.82
CA CYS A 668 -12.25 -19.80 29.22
C CYS A 668 -13.36 -18.76 29.41
N LEU A 669 -14.55 -19.21 29.80
CA LEU A 669 -15.70 -18.27 29.92
C LEU A 669 -16.12 -18.17 31.39
N ILE A 670 -16.20 -16.95 31.91
CA ILE A 670 -16.59 -16.75 33.34
C ILE A 670 -17.85 -15.88 33.38
N GLY A 671 -18.63 -15.98 34.47
CA GLY A 671 -19.82 -15.13 34.63
C GLY A 671 -21.09 -15.77 34.09
N ALA A 672 -20.98 -16.91 33.40
CA ALA A 672 -22.18 -17.62 32.91
C ALA A 672 -22.16 -19.06 33.44
N GLU A 673 -23.29 -19.53 33.94
CA GLU A 673 -23.35 -20.91 34.51
C GLU A 673 -23.56 -21.92 33.39
N HIS A 674 -22.74 -22.97 33.35
CA HIS A 674 -22.94 -24.01 32.32
C HIS A 674 -24.17 -24.85 32.68
N VAL A 675 -25.07 -25.01 31.72
CA VAL A 675 -26.32 -25.80 31.97
C VAL A 675 -26.35 -26.97 30.99
N ASN A 676 -26.65 -28.17 31.49
CA ASN A 676 -26.62 -29.37 30.61
C ASN A 676 -27.70 -29.29 29.54
N ASN A 677 -28.93 -28.90 29.90
CA ASN A 677 -30.03 -28.93 28.90
C ASN A 677 -29.78 -27.88 27.82
N SER A 678 -30.23 -28.18 26.59
CA SER A 678 -29.91 -27.28 25.44
C SER A 678 -31.09 -26.38 25.07
N TYR A 679 -30.79 -25.19 24.56
CA TYR A 679 -31.84 -24.26 24.10
C TYR A 679 -31.46 -23.74 22.72
N GLU A 680 -32.37 -23.03 22.06
CA GLU A 680 -32.03 -22.41 20.76
C GLU A 680 -31.00 -21.29 21.03
N CYS A 681 -30.04 -21.12 20.13
CA CYS A 681 -28.97 -20.12 20.40
C CYS A 681 -29.53 -18.70 20.35
N ASP A 682 -29.14 -17.85 21.31
CA ASP A 682 -29.54 -16.42 21.25
C ASP A 682 -28.28 -15.55 21.19
N ILE A 683 -27.19 -16.01 21.81
CA ILE A 683 -25.91 -15.25 21.70
C ILE A 683 -24.83 -16.24 21.27
N PRO A 684 -24.02 -15.91 20.23
CA PRO A 684 -23.00 -16.85 19.77
C PRO A 684 -21.71 -16.79 20.59
N ILE A 685 -21.17 -17.96 20.93
CA ILE A 685 -19.88 -18.01 21.67
C ILE A 685 -18.86 -18.76 20.81
N GLY A 686 -19.27 -19.86 20.19
CA GLY A 686 -18.33 -20.67 19.40
C GLY A 686 -18.21 -22.08 19.96
N ALA A 687 -17.61 -22.99 19.18
CA ALA A 687 -17.44 -24.40 19.60
C ALA A 687 -18.79 -25.02 19.97
N GLY A 688 -19.86 -24.66 19.24
CA GLY A 688 -21.17 -25.28 19.48
C GLY A 688 -21.83 -24.84 20.78
N ILE A 689 -21.38 -23.74 21.37
CA ILE A 689 -21.92 -23.32 22.69
C ILE A 689 -22.54 -21.94 22.57
N CYS A 690 -23.75 -21.76 23.10
CA CYS A 690 -24.42 -20.44 23.05
C CYS A 690 -24.95 -20.08 24.44
N ALA A 691 -25.07 -18.79 24.75
CA ALA A 691 -25.48 -18.37 26.11
C ALA A 691 -26.70 -17.44 26.01
N SER A 710 -30.23 -14.61 34.97
CA SER A 710 -28.77 -14.88 34.97
C SER A 710 -28.33 -15.30 33.58
N ILE A 711 -27.02 -15.27 33.33
CA ILE A 711 -26.49 -15.72 32.01
C ILE A 711 -26.12 -17.19 32.13
N ILE A 712 -26.67 -18.01 31.23
CA ILE A 712 -26.38 -19.47 31.27
C ILE A 712 -25.77 -19.87 29.93
N ALA A 713 -24.71 -20.69 30.00
CA ALA A 713 -24.03 -21.14 28.76
C ALA A 713 -24.44 -22.58 28.46
N TYR A 714 -24.87 -22.85 27.23
CA TYR A 714 -25.37 -24.19 26.91
C TYR A 714 -24.91 -24.61 25.52
N THR A 715 -24.92 -25.93 25.26
CA THR A 715 -24.61 -26.40 23.90
C THR A 715 -25.85 -26.14 23.04
N MET A 716 -25.68 -25.63 21.83
CA MET A 716 -26.87 -25.25 21.03
C MET A 716 -27.72 -26.48 20.72
N SER A 717 -29.05 -26.30 20.66
CA SER A 717 -29.92 -27.41 20.22
C SER A 717 -30.24 -27.13 18.75
N LEU A 718 -29.78 -28.00 17.85
CA LEU A 718 -29.95 -27.72 16.41
C LEU A 718 -31.42 -27.73 16.01
N GLY A 719 -32.23 -28.57 16.65
CA GLY A 719 -33.68 -28.56 16.39
C GLY A 719 -34.38 -29.52 17.33
N ALA A 720 -35.70 -29.39 17.47
CA ALA A 720 -36.45 -30.37 18.28
C ALA A 720 -36.37 -31.73 17.57
N GLU A 721 -36.19 -32.81 18.35
CA GLU A 721 -36.14 -34.18 17.76
C GLU A 721 -37.53 -34.58 17.26
N ASN A 722 -37.62 -35.05 16.03
CA ASN A 722 -38.92 -35.50 15.48
C ASN A 722 -38.66 -36.75 14.63
N SER A 723 -38.88 -37.94 15.18
CA SER A 723 -38.73 -39.17 14.37
C SER A 723 -40.05 -39.46 13.65
N VAL A 724 -39.98 -39.61 12.33
CA VAL A 724 -41.23 -39.88 11.54
C VAL A 724 -41.51 -41.38 11.60
N ALA A 725 -42.77 -41.76 11.88
CA ALA A 725 -43.10 -43.20 12.02
C ALA A 725 -43.12 -43.87 10.65
N TYR A 726 -41.94 -44.14 10.10
CA TYR A 726 -41.85 -44.75 8.75
C TYR A 726 -42.45 -46.16 8.75
N SER A 727 -43.20 -46.48 7.69
CA SER A 727 -43.70 -47.87 7.53
C SER A 727 -43.83 -48.14 6.03
N ASN A 728 -43.62 -49.38 5.61
CA ASN A 728 -43.61 -49.70 4.16
C ASN A 728 -45.01 -49.54 3.56
N ASN A 729 -46.06 -49.52 4.38
CA ASN A 729 -47.43 -49.45 3.81
C ASN A 729 -48.19 -48.27 4.41
N SER A 730 -47.52 -47.38 5.13
CA SER A 730 -48.23 -46.26 5.79
C SER A 730 -47.90 -44.94 5.10
N ILE A 731 -48.90 -44.06 4.98
CA ILE A 731 -48.65 -42.73 4.37
C ILE A 731 -49.29 -41.66 5.26
N ALA A 732 -48.81 -40.43 5.15
CA ALA A 732 -49.47 -39.32 5.87
C ALA A 732 -50.00 -38.35 4.81
N ILE A 733 -51.31 -38.17 4.78
CA ILE A 733 -51.92 -37.24 3.79
C ILE A 733 -52.46 -36.04 4.55
N PRO A 734 -52.19 -34.80 4.12
CA PRO A 734 -52.77 -33.64 4.78
C PRO A 734 -54.26 -33.47 4.45
N THR A 735 -55.11 -33.67 5.46
CA THR A 735 -56.57 -33.50 5.26
C THR A 735 -56.90 -32.01 5.27
N ASN A 736 -55.93 -31.18 5.64
CA ASN A 736 -56.20 -29.71 5.74
C ASN A 736 -54.91 -28.95 5.45
N PHE A 737 -55.03 -27.64 5.21
CA PHE A 737 -53.83 -26.85 4.84
C PHE A 737 -53.93 -25.46 5.48
N THR A 738 -52.92 -24.63 5.21
CA THR A 738 -52.95 -23.24 5.71
C THR A 738 -52.24 -22.34 4.70
N ILE A 739 -52.57 -21.05 4.70
CA ILE A 739 -51.87 -20.11 3.79
C ILE A 739 -50.96 -19.24 4.67
N SER A 740 -49.66 -19.27 4.37
CA SER A 740 -48.69 -18.51 5.21
C SER A 740 -48.00 -17.43 4.38
N VAL A 741 -47.94 -16.22 4.91
CA VAL A 741 -47.23 -15.11 4.18
C VAL A 741 -45.93 -14.83 4.91
N THR A 742 -44.81 -14.89 4.19
CA THR A 742 -43.48 -14.68 4.81
C THR A 742 -42.76 -13.53 4.11
N THR A 743 -42.04 -12.71 4.88
CA THR A 743 -41.26 -11.62 4.23
C THR A 743 -39.84 -12.09 3.94
N GLU A 744 -39.36 -11.77 2.73
CA GLU A 744 -37.93 -12.05 2.42
C GLU A 744 -37.32 -10.70 2.11
N ILE A 745 -36.41 -10.24 2.96
CA ILE A 745 -35.87 -8.85 2.78
C ILE A 745 -34.50 -8.93 2.14
N LEU A 746 -34.35 -8.31 0.96
CA LEU A 746 -33.06 -8.41 0.22
C LEU A 746 -32.57 -7.01 -0.13
N PRO A 747 -31.33 -6.64 0.23
CA PRO A 747 -30.76 -5.35 -0.20
C PRO A 747 -30.60 -5.34 -1.72
N VAL A 748 -30.83 -4.18 -2.34
CA VAL A 748 -30.70 -4.08 -3.82
C VAL A 748 -29.63 -3.04 -4.19
N SER A 749 -29.34 -2.10 -3.30
CA SER A 749 -28.38 -1.03 -3.68
C SER A 749 -27.74 -0.41 -2.44
N MET A 750 -26.63 0.30 -2.62
CA MET A 750 -26.00 1.01 -1.48
C MET A 750 -26.04 2.51 -1.80
N THR A 751 -25.71 3.34 -0.82
CA THR A 751 -25.66 4.80 -1.07
C THR A 751 -24.62 5.08 -2.15
N LYS A 752 -24.98 5.87 -3.17
CA LYS A 752 -24.05 6.12 -4.29
C LYS A 752 -23.02 7.16 -3.84
N THR A 753 -22.09 6.74 -2.99
CA THR A 753 -21.08 7.69 -2.47
C THR A 753 -20.07 8.05 -3.58
N SER A 754 -19.49 9.24 -3.49
CA SER A 754 -18.44 9.62 -4.46
C SER A 754 -17.37 10.44 -3.74
N VAL A 755 -16.12 10.03 -3.86
CA VAL A 755 -15.01 10.79 -3.20
C VAL A 755 -14.23 11.55 -4.27
N ASP A 756 -13.65 12.69 -3.87
CA ASP A 756 -12.75 13.41 -4.79
C ASP A 756 -11.34 13.17 -4.26
N CYS A 757 -10.54 12.39 -4.99
CA CYS A 757 -9.20 12.02 -4.48
C CYS A 757 -8.37 13.28 -4.25
N THR A 758 -8.40 14.22 -5.19
CA THR A 758 -7.53 15.41 -5.06
C THR A 758 -7.89 16.19 -3.80
N MET A 759 -9.19 16.47 -3.59
CA MET A 759 -9.60 17.31 -2.43
C MET A 759 -9.41 16.52 -1.13
N TYR A 760 -9.81 15.25 -1.12
CA TYR A 760 -9.74 14.47 0.14
C TYR A 760 -8.28 14.33 0.59
N ILE A 761 -7.39 14.00 -0.35
CA ILE A 761 -5.98 13.73 0.07
C ILE A 761 -5.23 15.05 0.26
N CYS A 762 -5.36 15.96 -0.72
CA CYS A 762 -4.62 17.24 -0.65
C CYS A 762 -5.65 18.36 -0.51
N GLY A 763 -5.82 18.90 0.70
CA GLY A 763 -6.91 19.86 0.92
C GLY A 763 -6.61 21.29 0.51
N ASP A 764 -7.24 21.79 -0.56
CA ASP A 764 -7.14 23.23 -0.97
C ASP A 764 -5.70 23.75 -0.92
N SER A 765 -4.72 22.92 -1.24
CA SER A 765 -3.32 23.41 -1.29
C SER A 765 -2.69 23.00 -2.62
N THR A 766 -1.93 23.89 -3.24
CA THR A 766 -1.25 23.54 -4.50
C THR A 766 -0.03 22.66 -4.22
N GLU A 767 0.65 22.87 -3.09
CA GLU A 767 1.92 22.14 -2.83
C GLU A 767 1.69 20.63 -2.79
N CYS A 768 0.66 20.18 -2.08
CA CYS A 768 0.38 18.73 -2.03
C CYS A 768 -0.12 18.25 -3.40
N SER A 769 -0.84 19.11 -4.13
CA SER A 769 -1.35 18.73 -5.46
C SER A 769 -0.19 18.43 -6.41
N ASN A 770 0.86 19.24 -6.37
CA ASN A 770 2.01 19.02 -7.28
C ASN A 770 2.63 17.65 -6.96
N LEU A 771 2.82 17.38 -5.67
CA LEU A 771 3.42 16.07 -5.28
C LEU A 771 2.47 14.93 -5.65
N LEU A 772 1.17 15.13 -5.46
CA LEU A 772 0.18 14.05 -5.76
C LEU A 772 0.26 13.72 -7.26
N LEU A 773 0.50 14.73 -8.09
CA LEU A 773 0.56 14.50 -9.56
C LEU A 773 1.74 13.56 -9.87
N GLN A 774 2.75 13.51 -9.00
CA GLN A 774 3.91 12.59 -9.22
C GLN A 774 3.51 11.14 -8.98
N TYR A 775 2.35 10.89 -8.35
CA TYR A 775 1.94 9.50 -8.03
C TYR A 775 1.16 8.87 -9.18
N GLY A 776 0.97 9.60 -10.28
CA GLY A 776 0.31 8.97 -11.46
C GLY A 776 -1.18 9.20 -11.52
N SER A 777 -1.93 8.24 -12.07
CA SER A 777 -3.39 8.42 -12.27
C SER A 777 -4.19 7.69 -11.18
N PHE A 778 -3.64 7.61 -9.97
CA PHE A 778 -4.34 6.92 -8.87
C PHE A 778 -5.69 7.58 -8.60
N CYS A 779 -5.73 8.91 -8.58
CA CYS A 779 -6.98 9.64 -8.24
C CYS A 779 -8.03 9.47 -9.34
N THR A 780 -7.60 9.32 -10.59
CA THR A 780 -8.56 9.07 -11.70
C THR A 780 -9.06 7.63 -11.61
N GLN A 781 -8.17 6.70 -11.29
CA GLN A 781 -8.57 5.27 -11.15
C GLN A 781 -9.57 5.13 -9.99
N LEU A 782 -9.29 5.77 -8.85
CA LEU A 782 -10.18 5.60 -7.68
C LEU A 782 -11.53 6.26 -7.99
N ASN A 783 -11.51 7.44 -8.61
CA ASN A 783 -12.78 8.16 -8.89
C ASN A 783 -13.61 7.31 -9.86
N ARG A 784 -12.94 6.74 -10.86
CA ARG A 784 -13.68 5.92 -11.87
C ARG A 784 -14.24 4.66 -11.19
N ALA A 785 -13.51 4.09 -10.24
CA ALA A 785 -14.01 2.90 -9.54
C ALA A 785 -15.29 3.25 -8.76
N LEU A 786 -15.26 4.38 -8.04
CA LEU A 786 -16.47 4.79 -7.28
C LEU A 786 -17.61 5.13 -8.26
N THR A 787 -17.28 5.75 -9.38
CA THR A 787 -18.33 6.05 -10.39
C THR A 787 -18.92 4.73 -10.89
N GLY A 788 -18.06 3.73 -11.11
CA GLY A 788 -18.55 2.43 -11.58
C GLY A 788 -19.49 1.77 -10.57
N ILE A 789 -19.14 1.84 -9.29
CA ILE A 789 -20.03 1.24 -8.26
C ILE A 789 -21.35 2.02 -8.22
N ALA A 790 -21.30 3.34 -8.38
CA ALA A 790 -22.55 4.15 -8.31
C ALA A 790 -23.45 3.76 -9.50
N VAL A 791 -22.85 3.65 -10.68
CA VAL A 791 -23.64 3.27 -11.89
C VAL A 791 -24.18 1.85 -11.69
N GLU A 792 -23.36 0.99 -11.08
CA GLU A 792 -23.80 -0.41 -10.84
C GLU A 792 -24.98 -0.42 -9.87
N GLN A 793 -24.97 0.48 -8.88
CA GLN A 793 -26.12 0.55 -7.94
C GLN A 793 -27.38 0.96 -8.70
N ASP A 794 -27.27 1.95 -9.58
CA ASP A 794 -28.45 2.37 -10.39
C ASP A 794 -28.91 1.18 -11.23
N LYS A 795 -27.97 0.49 -11.86
CA LYS A 795 -28.32 -0.67 -12.73
C LYS A 795 -28.98 -1.76 -11.88
N ASN A 796 -28.49 -1.96 -10.67
CA ASN A 796 -29.06 -3.00 -9.77
C ASN A 796 -30.51 -2.66 -9.47
N THR A 797 -30.77 -1.41 -9.09
CA THR A 797 -32.15 -1.03 -8.72
C THR A 797 -33.05 -1.17 -9.96
N GLN A 798 -32.55 -0.72 -11.11
CA GLN A 798 -33.35 -0.78 -12.35
C GLN A 798 -33.64 -2.25 -12.68
N GLU A 799 -32.64 -3.12 -12.53
CA GLU A 799 -32.81 -4.54 -12.88
C GLU A 799 -33.84 -5.19 -11.94
N VAL A 800 -33.73 -4.90 -10.64
CA VAL A 800 -34.65 -5.59 -9.69
C VAL A 800 -36.07 -5.07 -9.85
N PHE A 801 -36.26 -3.76 -9.91
CA PHE A 801 -37.64 -3.21 -9.89
C PHE A 801 -38.23 -3.03 -11.28
N ALA A 802 -37.46 -2.54 -12.26
CA ALA A 802 -38.06 -2.25 -13.58
C ALA A 802 -38.10 -3.52 -14.43
N GLN A 803 -38.91 -4.50 -14.01
CA GLN A 803 -39.05 -5.74 -14.81
C GLN A 803 -40.35 -5.68 -15.62
N VAL A 804 -41.08 -4.57 -15.54
CA VAL A 804 -42.40 -4.48 -16.23
C VAL A 804 -42.34 -3.42 -17.33
N LYS A 805 -42.73 -3.78 -18.55
CA LYS A 805 -42.74 -2.81 -19.67
C LYS A 805 -43.83 -1.76 -19.43
N GLN A 806 -44.92 -2.16 -18.76
CA GLN A 806 -46.05 -1.22 -18.58
C GLN A 806 -46.32 -1.01 -17.09
N ILE A 807 -46.98 0.11 -16.75
CA ILE A 807 -47.35 0.35 -15.33
C ILE A 807 -48.78 -0.14 -15.14
N TYR A 808 -48.96 -1.21 -14.36
CA TYR A 808 -50.32 -1.80 -14.21
C TYR A 808 -51.04 -1.14 -13.03
N LYS A 809 -52.33 -0.87 -13.19
CA LYS A 809 -53.09 -0.17 -12.13
C LYS A 809 -54.16 -1.08 -11.55
N THR A 810 -54.22 -1.16 -10.22
CA THR A 810 -55.25 -2.01 -9.56
C THR A 810 -56.64 -1.42 -9.85
N PRO A 811 -57.69 -2.25 -9.99
CA PRO A 811 -59.04 -1.72 -10.18
C PRO A 811 -59.48 -0.92 -8.94
N PRO A 812 -60.29 0.13 -9.12
CA PRO A 812 -60.77 0.92 -7.99
C PRO A 812 -61.63 0.08 -7.03
N ILE A 813 -62.29 -0.96 -7.54
CA ILE A 813 -63.13 -1.83 -6.68
C ILE A 813 -62.30 -3.06 -6.31
N LYS A 814 -62.14 -3.32 -5.01
CA LYS A 814 -61.30 -4.46 -4.57
C LYS A 814 -62.17 -5.72 -4.47
N ASP A 815 -62.76 -6.13 -5.59
CA ASP A 815 -63.56 -7.38 -5.62
C ASP A 815 -62.64 -8.54 -6.00
N PHE A 816 -61.92 -9.09 -5.02
CA PHE A 816 -60.94 -10.16 -5.33
C PHE A 816 -61.44 -11.50 -4.78
N GLY A 817 -62.76 -11.69 -4.72
CA GLY A 817 -63.33 -12.96 -4.22
C GLY A 817 -63.02 -13.16 -2.74
N GLY A 818 -62.98 -12.08 -1.95
CA GLY A 818 -62.77 -12.21 -0.50
C GLY A 818 -61.33 -11.99 -0.09
N PHE A 819 -60.39 -12.05 -1.03
CA PHE A 819 -58.98 -11.76 -0.68
C PHE A 819 -58.82 -10.26 -0.41
N ASN A 820 -58.07 -9.92 0.64
CA ASN A 820 -57.89 -8.49 1.02
C ASN A 820 -56.42 -8.10 0.79
N PHE A 821 -56.18 -7.05 0.02
CA PHE A 821 -54.80 -6.62 -0.27
C PHE A 821 -54.58 -5.20 0.26
N SER A 822 -55.40 -4.75 1.21
CA SER A 822 -55.30 -3.35 1.70
C SER A 822 -53.91 -3.11 2.30
N GLN A 823 -53.34 -4.12 2.94
CA GLN A 823 -52.03 -3.95 3.63
C GLN A 823 -50.89 -3.85 2.60
N ILE A 824 -51.12 -4.32 1.37
CA ILE A 824 -49.99 -4.32 0.39
C ILE A 824 -50.30 -3.38 -0.79
N LEU A 825 -51.58 -3.11 -1.06
CA LEU A 825 -51.90 -2.12 -2.13
C LEU A 825 -51.59 -0.71 -1.62
N PRO A 826 -51.10 0.19 -2.49
CA PRO A 826 -50.75 1.55 -2.06
C PRO A 826 -51.96 2.29 -1.46
N ASP A 827 -51.72 3.10 -0.43
CA ASP A 827 -52.83 3.81 0.24
C ASP A 827 -52.95 5.23 -0.31
N PRO A 828 -54.07 5.60 -0.96
CA PRO A 828 -54.24 6.95 -1.47
C PRO A 828 -54.18 8.04 -0.39
N SER A 829 -54.69 7.75 0.82
CA SER A 829 -54.74 8.78 1.88
C SER A 829 -53.32 9.25 2.24
N LYS A 830 -52.37 8.32 2.30
CA LYS A 830 -50.97 8.68 2.62
C LYS A 830 -50.44 9.62 1.53
N PRO A 831 -49.50 10.56 1.79
CA PRO A 831 -49.09 11.56 0.81
C PRO A 831 -48.00 10.91 -0.05
N SER A 832 -47.65 9.67 0.24
CA SER A 832 -46.71 8.91 -0.63
C SER A 832 -47.46 7.64 -1.02
N LYS A 833 -47.54 7.33 -2.32
CA LYS A 833 -48.39 6.19 -2.75
C LYS A 833 -47.73 4.90 -2.26
N ARG A 834 -47.78 4.67 -0.95
CA ARG A 834 -47.12 3.49 -0.35
C ARG A 834 -48.16 2.72 0.46
N SER A 835 -48.05 1.39 0.47
CA SER A 835 -48.98 0.58 1.28
C SER A 835 -48.62 0.72 2.76
N PRO A 836 -49.53 0.37 3.69
CA PRO A 836 -49.18 0.40 5.11
C PRO A 836 -47.92 -0.43 5.40
N ILE A 837 -47.77 -1.59 4.75
CA ILE A 837 -46.60 -2.48 5.07
C ILE A 837 -45.30 -1.77 4.68
N GLU A 838 -45.22 -1.22 3.46
CA GLU A 838 -43.94 -0.60 3.03
C GLU A 838 -43.75 0.73 3.79
N ASP A 839 -44.85 1.40 4.13
CA ASP A 839 -44.73 2.64 4.94
C ASP A 839 -44.14 2.26 6.31
N LEU A 840 -44.61 1.15 6.88
CA LEU A 840 -44.06 0.69 8.18
C LEU A 840 -42.58 0.33 7.99
N LEU A 841 -42.24 -0.30 6.87
CA LEU A 841 -40.83 -0.70 6.64
C LEU A 841 -39.96 0.56 6.58
N PHE A 842 -40.43 1.58 5.87
CA PHE A 842 -39.67 2.85 5.79
C PHE A 842 -39.53 3.45 7.18
N ASN A 843 -40.60 3.41 7.97
CA ASN A 843 -40.58 4.03 9.32
C ASN A 843 -39.64 3.26 10.26
N LYS A 844 -39.53 1.93 10.08
CA LYS A 844 -38.68 1.11 10.98
C LYS A 844 -37.20 1.37 10.74
N VAL A 845 -36.76 1.42 9.48
CA VAL A 845 -35.31 1.58 9.20
C VAL A 845 -34.94 3.05 9.34
N THR A 846 -33.88 3.35 10.11
CA THR A 846 -33.50 4.77 10.35
C THR A 846 -32.05 5.00 9.93
N LEU A 847 -31.79 6.11 9.24
CA LEU A 847 -30.42 6.41 8.77
C LEU A 847 -29.72 7.32 9.77
N GLN A 872 -25.67 14.52 5.44
CA GLN A 872 -24.34 14.84 6.02
C GLN A 872 -23.42 15.39 4.93
N LYS A 873 -22.67 16.44 5.24
CA LYS A 873 -21.76 17.06 4.23
C LYS A 873 -20.31 16.94 4.74
N PHE A 874 -19.43 16.40 3.90
CA PHE A 874 -18.01 16.20 4.31
C PHE A 874 -17.11 16.96 3.33
N ASN A 875 -15.80 16.78 3.48
CA ASN A 875 -14.84 17.42 2.54
C ASN A 875 -14.37 16.38 1.53
N GLY A 876 -14.66 16.59 0.26
CA GLY A 876 -14.28 15.62 -0.79
C GLY A 876 -15.27 14.48 -0.92
N LEU A 877 -16.31 14.44 -0.07
CA LEU A 877 -17.25 13.29 -0.08
C LEU A 877 -18.66 13.77 -0.42
N THR A 878 -19.32 13.10 -1.36
CA THR A 878 -20.71 13.47 -1.73
C THR A 878 -21.54 12.20 -1.89
N VAL A 879 -22.86 12.32 -1.80
CA VAL A 879 -23.74 11.14 -2.04
C VAL A 879 -24.68 11.46 -3.21
N LEU A 880 -24.38 10.90 -4.37
CA LEU A 880 -25.27 11.13 -5.54
C LEU A 880 -26.63 10.51 -5.25
N PRO A 881 -27.75 11.21 -5.53
CA PRO A 881 -29.08 10.65 -5.28
C PRO A 881 -29.32 9.45 -6.20
N PRO A 882 -30.17 8.49 -5.81
CA PRO A 882 -30.48 7.35 -6.67
C PRO A 882 -31.20 7.82 -7.94
N LEU A 883 -30.95 7.12 -9.04
CA LEU A 883 -31.60 7.49 -10.33
C LEU A 883 -33.12 7.33 -10.18
N LEU A 884 -33.55 6.28 -9.48
CA LEU A 884 -35.01 6.07 -9.25
C LEU A 884 -35.36 6.54 -7.84
N THR A 885 -36.33 7.46 -7.73
CA THR A 885 -36.75 7.96 -6.40
C THR A 885 -37.51 6.87 -5.65
N ASP A 886 -37.65 7.05 -4.33
CA ASP A 886 -38.40 6.06 -3.51
C ASP A 886 -39.85 6.02 -4.00
N GLU A 887 -40.41 7.19 -4.32
CA GLU A 887 -41.81 7.22 -4.83
C GLU A 887 -41.89 6.42 -6.12
N MET A 888 -40.91 6.62 -7.01
CA MET A 888 -40.93 5.90 -8.31
C MET A 888 -40.70 4.39 -8.08
N ILE A 889 -39.83 4.03 -7.15
CA ILE A 889 -39.62 2.60 -6.84
C ILE A 889 -40.91 2.02 -6.25
N ALA A 890 -41.58 2.79 -5.38
CA ALA A 890 -42.85 2.31 -4.80
C ALA A 890 -43.90 2.17 -5.91
N GLN A 891 -43.89 3.09 -6.87
CA GLN A 891 -44.83 2.99 -8.02
C GLN A 891 -44.53 1.72 -8.81
N TYR A 892 -43.25 1.40 -8.99
CA TYR A 892 -42.89 0.15 -9.70
C TYR A 892 -43.42 -1.04 -8.90
N THR A 893 -43.23 -1.03 -7.59
CA THR A 893 -43.68 -2.17 -6.76
C THR A 893 -45.21 -2.29 -6.84
N SER A 894 -45.89 -1.15 -6.81
CA SER A 894 -47.37 -1.15 -6.90
C SER A 894 -47.80 -1.72 -8.25
N ALA A 895 -47.10 -1.34 -9.33
CA ALA A 895 -47.45 -1.84 -10.67
C ALA A 895 -47.26 -3.35 -10.73
N LEU A 896 -46.14 -3.83 -10.18
CA LEU A 896 -45.88 -5.30 -10.17
C LEU A 896 -46.98 -5.98 -9.37
N LEU A 897 -47.33 -5.39 -8.22
CA LEU A 897 -48.37 -6.00 -7.35
C LEU A 897 -49.72 -6.01 -8.08
N ALA A 898 -50.06 -4.91 -8.76
CA ALA A 898 -51.33 -4.86 -9.51
C ALA A 898 -51.29 -5.92 -10.62
N GLY A 899 -50.14 -6.04 -11.30
CA GLY A 899 -50.04 -7.00 -12.41
C GLY A 899 -50.25 -8.43 -11.92
N THR A 900 -49.59 -8.78 -10.82
CA THR A 900 -49.70 -10.17 -10.31
C THR A 900 -51.11 -10.39 -9.73
N ILE A 901 -51.70 -9.35 -9.14
CA ILE A 901 -53.07 -9.48 -8.58
C ILE A 901 -54.09 -9.65 -9.70
N THR A 902 -53.93 -8.88 -10.79
CA THR A 902 -55.00 -8.89 -11.84
C THR A 902 -54.75 -9.95 -12.91
N SER A 903 -53.56 -9.98 -13.49
CA SER A 903 -53.30 -10.88 -14.64
C SER A 903 -52.54 -12.13 -14.23
N GLY A 904 -52.37 -12.37 -12.93
CA GLY A 904 -51.56 -13.53 -12.51
C GLY A 904 -50.13 -13.40 -12.99
N TRP A 905 -49.59 -14.45 -13.61
CA TRP A 905 -48.20 -14.41 -14.07
C TRP A 905 -48.13 -14.03 -15.55
N THR A 906 -49.29 -13.80 -16.17
CA THR A 906 -49.30 -13.53 -17.64
C THR A 906 -48.60 -12.20 -17.96
N PHE A 907 -48.71 -11.21 -17.07
CA PHE A 907 -48.11 -9.89 -17.37
C PHE A 907 -46.58 -10.03 -17.49
N GLY A 908 -45.98 -10.93 -16.72
CA GLY A 908 -44.53 -11.16 -16.85
C GLY A 908 -44.18 -11.78 -18.19
N ALA A 909 -44.99 -12.73 -18.66
CA ALA A 909 -44.70 -13.40 -19.95
C ALA A 909 -44.93 -12.43 -21.11
N GLY A 910 -45.94 -11.57 -21.01
CA GLY A 910 -46.25 -10.67 -22.15
C GLY A 910 -47.44 -9.79 -21.84
N PRO A 911 -48.44 -9.70 -22.73
CA PRO A 911 -49.56 -8.81 -22.50
C PRO A 911 -50.32 -9.24 -21.23
N ALA A 912 -50.73 -8.26 -20.44
CA ALA A 912 -51.42 -8.59 -19.17
C ALA A 912 -52.84 -9.04 -19.49
N LEU A 913 -53.16 -10.29 -19.15
CA LEU A 913 -54.50 -10.83 -19.48
C LEU A 913 -55.31 -10.94 -18.18
N GLN A 914 -56.42 -10.21 -18.10
CA GLN A 914 -57.20 -10.19 -16.84
C GLN A 914 -57.70 -11.59 -16.52
N ILE A 915 -57.67 -11.95 -15.24
CA ILE A 915 -58.22 -13.26 -14.81
C ILE A 915 -58.71 -13.08 -13.38
N PRO A 916 -59.90 -13.58 -13.00
CA PRO A 916 -60.39 -13.36 -11.65
C PRO A 916 -59.39 -13.92 -10.62
N PHE A 917 -59.20 -13.20 -9.52
CA PHE A 917 -58.18 -13.62 -8.53
C PHE A 917 -58.50 -15.01 -7.97
N PRO A 918 -59.75 -15.40 -7.64
CA PRO A 918 -60.00 -16.78 -7.22
C PRO A 918 -59.58 -17.78 -8.31
N MET A 919 -59.87 -17.47 -9.58
CA MET A 919 -59.45 -18.39 -10.67
C MET A 919 -57.94 -18.43 -10.79
N GLN A 920 -57.28 -17.29 -10.62
CA GLN A 920 -55.79 -17.28 -10.64
C GLN A 920 -55.26 -18.12 -9.48
N MET A 921 -55.89 -17.99 -8.32
CA MET A 921 -55.47 -18.81 -7.14
C MET A 921 -55.70 -20.29 -7.46
N ALA A 922 -56.79 -20.61 -8.15
CA ALA A 922 -57.05 -22.01 -8.53
C ALA A 922 -55.95 -22.52 -9.47
N TYR A 923 -55.52 -21.68 -10.40
CA TYR A 923 -54.43 -22.09 -11.32
C TYR A 923 -53.15 -22.33 -10.52
N ARG A 924 -52.86 -21.46 -9.56
CA ARG A 924 -51.64 -21.63 -8.73
C ARG A 924 -51.78 -22.91 -7.89
N PHE A 925 -52.96 -23.17 -7.36
CA PHE A 925 -53.17 -24.42 -6.58
C PHE A 925 -52.94 -25.62 -7.50
N ASN A 926 -53.44 -25.56 -8.73
CA ASN A 926 -53.20 -26.65 -9.70
C ASN A 926 -51.70 -26.73 -9.95
N GLY A 927 -51.03 -25.58 -9.96
CA GLY A 927 -49.57 -25.54 -10.16
C GLY A 927 -48.79 -26.21 -9.04
N ILE A 928 -49.35 -26.18 -7.82
CA ILE A 928 -48.66 -26.84 -6.67
C ILE A 928 -49.23 -28.25 -6.48
N GLY A 929 -49.93 -28.79 -7.49
CA GLY A 929 -50.38 -30.19 -7.40
C GLY A 929 -51.66 -30.37 -6.58
N VAL A 930 -52.39 -29.28 -6.33
CA VAL A 930 -53.70 -29.42 -5.63
C VAL A 930 -54.83 -29.07 -6.61
N THR A 931 -55.83 -29.93 -6.71
CA THR A 931 -56.92 -29.70 -7.70
C THR A 931 -57.63 -28.39 -7.36
N GLN A 932 -58.08 -27.67 -8.39
CA GLN A 932 -58.68 -26.33 -8.18
C GLN A 932 -59.96 -26.42 -7.35
N ASN A 933 -60.63 -27.57 -7.34
CA ASN A 933 -61.90 -27.71 -6.59
C ASN A 933 -61.63 -27.50 -5.10
N VAL A 934 -60.41 -27.80 -4.65
CA VAL A 934 -60.09 -27.66 -3.20
C VAL A 934 -60.20 -26.18 -2.79
N LEU A 935 -59.65 -25.29 -3.61
CA LEU A 935 -59.78 -23.83 -3.30
C LEU A 935 -61.25 -23.42 -3.39
N TYR A 936 -61.95 -23.85 -4.44
CA TYR A 936 -63.34 -23.37 -4.62
C TYR A 936 -64.21 -23.85 -3.45
N GLU A 937 -64.00 -25.09 -3.01
CA GLU A 937 -64.78 -25.60 -1.85
C GLU A 937 -64.34 -24.88 -0.57
N ASN A 938 -63.15 -24.28 -0.57
CA ASN A 938 -62.63 -23.65 0.68
C ASN A 938 -62.25 -22.19 0.41
N GLN A 939 -62.93 -21.53 -0.53
CA GLN A 939 -62.51 -20.14 -0.91
C GLN A 939 -62.61 -19.20 0.30
N LYS A 940 -63.70 -19.31 1.06
CA LYS A 940 -63.87 -18.42 2.23
C LYS A 940 -62.76 -18.70 3.23
N LEU A 941 -62.47 -19.97 3.48
CA LEU A 941 -61.42 -20.32 4.48
C LEU A 941 -60.07 -19.80 4.00
N ILE A 942 -59.77 -19.96 2.71
CA ILE A 942 -58.44 -19.52 2.19
C ILE A 942 -58.35 -17.99 2.28
N ALA A 943 -59.43 -17.30 1.92
CA ALA A 943 -59.41 -15.83 1.95
C ALA A 943 -59.23 -15.35 3.39
N ASN A 944 -59.92 -15.98 4.33
CA ASN A 944 -59.80 -15.60 5.76
C ASN A 944 -58.37 -15.86 6.23
N GLN A 945 -57.80 -17.00 5.83
CA GLN A 945 -56.41 -17.33 6.24
C GLN A 945 -55.46 -16.31 5.62
N PHE A 946 -55.70 -15.95 4.35
CA PHE A 946 -54.77 -15.02 3.66
C PHE A 946 -54.81 -13.66 4.37
N ASN A 947 -56.01 -13.20 4.69
CA ASN A 947 -56.14 -11.88 5.36
C ASN A 947 -55.49 -11.94 6.74
N SER A 948 -55.70 -13.05 7.45
CA SER A 948 -55.13 -13.20 8.81
C SER A 948 -53.60 -13.17 8.72
N ALA A 949 -53.05 -13.91 7.74
CA ALA A 949 -51.58 -13.96 7.57
C ALA A 949 -51.05 -12.58 7.18
N ILE A 950 -51.78 -11.88 6.30
CA ILE A 950 -51.34 -10.53 5.85
C ILE A 950 -51.34 -9.57 7.05
N GLY A 951 -52.34 -9.68 7.93
CA GLY A 951 -52.31 -8.84 9.14
C GLY A 951 -51.16 -9.25 10.05
N LYS A 952 -50.97 -10.56 10.22
CA LYS A 952 -49.90 -11.04 11.14
C LYS A 952 -48.53 -10.60 10.63
N ILE A 953 -48.33 -10.62 9.31
CA ILE A 953 -46.97 -10.31 8.80
C ILE A 953 -46.65 -8.83 9.05
N GLN A 954 -47.64 -7.95 8.86
CA GLN A 954 -47.38 -6.53 9.20
C GLN A 954 -47.13 -6.40 10.70
N ASP A 955 -47.86 -7.16 11.50
CA ASP A 955 -47.66 -7.11 12.97
C ASP A 955 -46.23 -7.57 13.28
N SER A 956 -45.78 -8.65 12.65
CA SER A 956 -44.43 -9.19 12.92
C SER A 956 -43.36 -8.19 12.49
N LEU A 957 -43.55 -7.56 11.33
CA LEU A 957 -42.57 -6.54 10.86
C LEU A 957 -42.54 -5.37 11.84
N SER A 958 -43.71 -4.95 12.32
CA SER A 958 -43.77 -3.81 13.27
C SER A 958 -43.28 -4.20 14.66
N SER A 959 -43.38 -5.49 15.03
CA SER A 959 -43.06 -5.88 16.43
C SER A 959 -41.66 -6.48 16.57
N THR A 960 -41.10 -7.05 15.50
CA THR A 960 -39.79 -7.73 15.66
C THR A 960 -38.66 -6.85 15.12
N PRO A 961 -37.74 -6.36 15.96
CA PRO A 961 -36.60 -5.61 15.46
C PRO A 961 -35.61 -6.50 14.70
N SER A 962 -34.76 -5.91 13.85
CA SER A 962 -33.74 -6.65 13.06
C SER A 962 -34.38 -7.41 11.89
N ALA A 963 -35.69 -7.28 11.71
CA ALA A 963 -36.32 -7.90 10.51
C ALA A 963 -35.76 -7.20 9.27
N LEU A 964 -35.57 -5.88 9.35
CA LEU A 964 -34.97 -5.12 8.21
C LEU A 964 -33.48 -4.96 8.50
N GLY A 965 -32.93 -5.77 9.41
CA GLY A 965 -31.51 -5.63 9.78
C GLY A 965 -30.57 -5.82 8.60
N LYS A 966 -30.93 -6.65 7.63
CA LYS A 966 -30.09 -6.84 6.43
C LYS A 966 -29.99 -5.51 5.67
N LEU A 967 -31.11 -4.81 5.52
CA LEU A 967 -31.09 -3.48 4.86
C LEU A 967 -30.38 -2.44 5.74
N GLN A 968 -30.61 -2.51 7.05
CA GLN A 968 -29.94 -1.57 7.98
C GLN A 968 -28.44 -1.83 7.97
N ASP A 969 -28.04 -3.10 7.85
CA ASP A 969 -26.60 -3.45 7.93
C ASP A 969 -25.83 -2.78 6.79
N VAL A 970 -26.38 -2.81 5.58
CA VAL A 970 -25.60 -2.24 4.43
C VAL A 970 -25.51 -0.72 4.60
N VAL A 971 -26.59 -0.10 5.06
CA VAL A 971 -26.55 1.36 5.30
C VAL A 971 -25.52 1.66 6.39
N ASN A 972 -25.53 0.85 7.45
CA ASN A 972 -24.58 1.08 8.57
C ASN A 972 -23.14 0.86 8.06
N GLN A 973 -22.93 -0.17 7.25
CA GLN A 973 -21.56 -0.47 6.76
C GLN A 973 -21.06 0.68 5.89
N ASN A 974 -21.92 1.19 5.01
CA ASN A 974 -21.53 2.35 4.16
C ASN A 974 -21.23 3.55 5.05
N ALA A 975 -22.09 3.81 6.04
CA ALA A 975 -21.89 4.98 6.90
C ALA A 975 -20.60 4.82 7.71
N GLN A 976 -20.35 3.60 8.21
CA GLN A 976 -19.15 3.36 9.04
C GLN A 976 -17.90 3.52 8.17
N ALA A 977 -17.93 3.04 6.93
CA ALA A 977 -16.77 3.20 6.04
C ALA A 977 -16.53 4.68 5.77
N LEU A 978 -17.60 5.44 5.53
CA LEU A 978 -17.45 6.90 5.30
C LEU A 978 -16.91 7.55 6.58
N ASN A 979 -17.43 7.15 7.74
CA ASN A 979 -17.00 7.78 9.00
C ASN A 979 -15.52 7.49 9.24
N THR A 980 -15.11 6.24 9.00
CA THR A 980 -13.68 5.88 9.19
C THR A 980 -12.83 6.66 8.20
N LEU A 981 -13.30 6.80 6.97
CA LEU A 981 -12.48 7.52 5.95
C LEU A 981 -12.30 8.98 6.38
N VAL A 982 -13.37 9.60 6.89
CA VAL A 982 -13.24 11.00 7.39
C VAL A 982 -12.32 10.99 8.63
N LYS A 983 -12.46 9.99 9.48
CA LYS A 983 -11.62 9.91 10.71
C LYS A 983 -10.16 9.76 10.32
N GLN A 984 -9.89 9.07 9.20
CA GLN A 984 -8.47 8.85 8.81
C GLN A 984 -7.84 10.17 8.37
N LEU A 985 -8.65 11.20 8.09
CA LEU A 985 -8.05 12.52 7.78
C LEU A 985 -7.29 13.05 9.01
N SER A 986 -7.73 12.67 10.21
CA SER A 986 -7.08 13.18 11.45
C SER A 986 -5.93 12.25 11.86
N SER A 987 -5.64 11.21 11.07
CA SER A 987 -4.47 10.35 11.40
C SER A 987 -3.18 10.95 10.83
N ASN A 988 -2.12 10.97 11.64
CA ASN A 988 -0.84 11.56 11.21
C ASN A 988 -0.17 10.70 10.12
N PHE A 989 -0.29 9.37 10.21
CA PHE A 989 0.43 8.47 9.26
C PHE A 989 1.93 8.73 9.34
N GLY A 990 2.42 9.05 10.54
CA GLY A 990 3.87 9.30 10.72
C GLY A 990 4.26 10.74 10.45
N ALA A 991 3.33 11.57 9.98
CA ALA A 991 3.65 13.00 9.79
C ALA A 991 3.70 13.71 11.14
N ILE A 992 4.33 14.89 11.17
CA ILE A 992 4.44 15.66 12.44
C ILE A 992 3.03 16.05 12.91
N SER A 993 2.15 16.42 11.97
CA SER A 993 0.77 16.75 12.36
C SER A 993 -0.21 16.26 11.30
N SER A 994 -1.42 15.90 11.71
CA SER A 994 -2.44 15.42 10.75
C SER A 994 -2.92 16.57 9.84
N VAL A 995 -3.13 17.77 10.40
CA VAL A 995 -3.69 18.86 9.56
C VAL A 995 -2.60 19.34 8.59
N LEU A 996 -2.94 19.43 7.31
CA LEU A 996 -1.95 19.81 6.27
C LEU A 996 -1.48 21.25 6.46
N ASN A 997 -2.39 22.15 6.85
CA ASN A 997 -2.03 23.58 6.94
C ASN A 997 -0.91 23.78 7.98
N ASP A 998 -1.01 23.11 9.13
CA ASP A 998 -0.01 23.32 10.20
C ASP A 998 1.36 22.88 9.69
N ILE A 999 1.44 21.69 9.10
CA ILE A 999 2.77 21.16 8.67
C ILE A 999 3.31 22.03 7.53
N LEU A 1000 2.44 22.56 6.68
CA LEU A 1000 2.92 23.44 5.59
C LEU A 1000 3.39 24.78 6.18
N SER A 1001 2.65 25.33 7.14
CA SER A 1001 3.00 26.65 7.72
C SER A 1001 4.26 26.60 8.58
N ARG A 1002 4.42 25.59 9.42
CA ARG A 1002 5.57 25.60 10.37
C ARG A 1002 6.85 25.04 9.76
N LEU A 1003 6.79 24.40 8.59
CA LEU A 1003 8.04 23.79 8.06
C LEU A 1003 8.34 24.33 6.67
N ASP A 1004 9.62 24.56 6.38
CA ASP A 1004 10.02 25.04 5.03
C ASP A 1004 9.73 23.95 4.00
N PRO A 1005 9.37 24.31 2.76
CA PRO A 1005 9.02 23.31 1.75
C PRO A 1005 10.09 22.23 1.52
N PRO A 1006 11.41 22.52 1.49
CA PRO A 1006 12.39 21.44 1.30
C PRO A 1006 12.28 20.34 2.38
N GLU A 1007 11.98 20.72 3.62
CA GLU A 1007 11.78 19.68 4.68
C GLU A 1007 10.31 19.29 4.79
N ALA A 1008 9.39 20.24 4.56
CA ALA A 1008 7.95 19.94 4.71
C ALA A 1008 7.49 18.96 3.64
N GLU A 1009 8.26 18.83 2.55
CA GLU A 1009 7.83 17.94 1.44
C GLU A 1009 7.75 16.50 1.95
N VAL A 1010 8.71 16.08 2.78
CA VAL A 1010 8.70 14.65 3.24
C VAL A 1010 7.50 14.43 4.17
N GLN A 1011 7.20 15.40 5.03
CA GLN A 1011 6.01 15.25 5.92
C GLN A 1011 4.73 15.26 5.07
N ILE A 1012 4.67 16.16 4.08
CA ILE A 1012 3.47 16.23 3.21
C ILE A 1012 3.38 14.93 2.42
N ASP A 1013 4.52 14.35 2.03
CA ASP A 1013 4.51 13.07 1.30
C ASP A 1013 3.98 11.95 2.20
N ARG A 1014 4.38 11.96 3.47
CA ARG A 1014 3.88 10.93 4.42
C ARG A 1014 2.36 11.05 4.52
N LEU A 1015 1.86 12.27 4.68
CA LEU A 1015 0.38 12.46 4.74
C LEU A 1015 -0.25 12.07 3.41
N ILE A 1016 0.36 12.45 2.29
CA ILE A 1016 -0.27 12.18 0.97
C ILE A 1016 -0.34 10.66 0.76
N THR A 1017 0.75 9.95 1.05
CA THR A 1017 0.75 8.49 0.82
C THR A 1017 -0.23 7.83 1.79
N GLY A 1018 -0.29 8.31 3.02
CA GLY A 1018 -1.22 7.71 3.99
C GLY A 1018 -2.66 7.90 3.54
N ARG A 1019 -3.00 9.10 3.11
CA ARG A 1019 -4.39 9.39 2.66
C ARG A 1019 -4.70 8.62 1.37
N LEU A 1020 -3.71 8.53 0.47
CA LEU A 1020 -3.92 7.77 -0.79
C LEU A 1020 -4.18 6.30 -0.44
N GLN A 1021 -3.39 5.76 0.48
CA GLN A 1021 -3.57 4.34 0.87
C GLN A 1021 -4.94 4.18 1.53
N SER A 1022 -5.33 5.13 2.39
CA SER A 1022 -6.64 5.04 3.06
C SER A 1022 -7.77 5.09 2.03
N LEU A 1023 -7.67 6.00 1.07
CA LEU A 1023 -8.74 6.12 0.06
C LEU A 1023 -8.79 4.85 -0.79
N GLN A 1024 -7.62 4.32 -1.12
CA GLN A 1024 -7.58 3.07 -1.93
C GLN A 1024 -8.23 1.94 -1.13
N THR A 1025 -7.94 1.87 0.17
CA THR A 1025 -8.55 0.81 1.01
C THR A 1025 -10.07 1.01 1.05
N TYR A 1026 -10.51 2.26 1.20
CA TYR A 1026 -11.96 2.52 1.26
C TYR A 1026 -12.59 2.10 -0.07
N VAL A 1027 -11.93 2.43 -1.17
CA VAL A 1027 -12.50 2.11 -2.51
C VAL A 1027 -12.56 0.58 -2.66
N THR A 1028 -11.52 -0.11 -2.22
CA THR A 1028 -11.52 -1.59 -2.32
C THR A 1028 -12.64 -2.18 -1.46
N GLN A 1029 -12.82 -1.65 -0.24
CA GLN A 1029 -13.91 -2.16 0.63
C GLN A 1029 -15.26 -1.89 -0.06
N GLN A 1030 -15.40 -0.71 -0.65
CA GLN A 1030 -16.68 -0.36 -1.33
C GLN A 1030 -16.87 -1.27 -2.54
N LEU A 1031 -15.79 -1.57 -3.26
CA LEU A 1031 -15.92 -2.43 -4.47
C LEU A 1031 -16.40 -3.82 -4.04
N ILE A 1032 -15.81 -4.36 -2.97
CA ILE A 1032 -16.22 -5.71 -2.50
C ILE A 1032 -17.66 -5.63 -2.00
N ARG A 1033 -18.01 -4.59 -1.26
CA ARG A 1033 -19.37 -4.46 -0.72
C ARG A 1033 -20.36 -4.30 -1.87
N ALA A 1034 -19.97 -3.57 -2.91
CA ALA A 1034 -20.85 -3.38 -4.09
C ALA A 1034 -21.04 -4.71 -4.81
N ALA A 1035 -19.98 -5.53 -4.87
CA ALA A 1035 -20.12 -6.86 -5.49
C ALA A 1035 -21.13 -7.69 -4.70
N GLU A 1036 -21.03 -7.65 -3.37
CA GLU A 1036 -21.99 -8.40 -2.51
C GLU A 1036 -23.40 -7.85 -2.74
N ILE A 1037 -23.52 -6.52 -2.80
CA ILE A 1037 -24.86 -5.89 -2.98
C ILE A 1037 -25.39 -6.28 -4.37
N ARG A 1038 -24.50 -6.33 -5.37
CA ARG A 1038 -24.94 -6.71 -6.74
C ARG A 1038 -25.40 -8.16 -6.74
N ALA A 1039 -24.71 -9.03 -6.02
CA ALA A 1039 -25.15 -10.44 -5.95
C ALA A 1039 -26.53 -10.50 -5.29
N SER A 1040 -26.71 -9.73 -4.21
CA SER A 1040 -28.03 -9.71 -3.52
C SER A 1040 -29.09 -9.14 -4.47
N ALA A 1041 -28.73 -8.11 -5.23
CA ALA A 1041 -29.69 -7.49 -6.17
C ALA A 1041 -30.01 -8.46 -7.30
N ASN A 1042 -29.01 -9.21 -7.77
CA ASN A 1042 -29.28 -10.21 -8.83
C ASN A 1042 -30.21 -11.28 -8.27
N LEU A 1043 -29.98 -11.69 -7.03
CA LEU A 1043 -30.88 -12.69 -6.41
C LEU A 1043 -32.28 -12.10 -6.31
N ALA A 1044 -32.38 -10.83 -5.91
CA ALA A 1044 -33.71 -10.19 -5.76
C ALA A 1044 -34.40 -10.08 -7.13
N ALA A 1045 -33.63 -9.74 -8.17
CA ALA A 1045 -34.22 -9.63 -9.52
C ALA A 1045 -34.71 -11.01 -9.96
N THR A 1046 -33.91 -12.04 -9.72
CA THR A 1046 -34.32 -13.41 -10.09
C THR A 1046 -35.57 -13.80 -9.29
N LYS A 1047 -35.59 -13.44 -8.01
CA LYS A 1047 -36.76 -13.80 -7.17
C LYS A 1047 -37.99 -13.02 -7.62
N MET A 1048 -37.83 -11.78 -8.04
CA MET A 1048 -38.99 -11.02 -8.56
C MET A 1048 -39.46 -11.65 -9.87
N SER A 1049 -38.52 -12.08 -10.72
CA SER A 1049 -38.90 -12.67 -12.02
C SER A 1049 -39.56 -14.05 -11.83
N GLU A 1050 -39.08 -14.83 -10.85
CA GLU A 1050 -39.60 -16.22 -10.75
C GLU A 1050 -40.64 -16.38 -9.63
N CYS A 1051 -40.70 -15.47 -8.67
CA CYS A 1051 -41.65 -15.66 -7.54
C CYS A 1051 -42.82 -14.66 -7.67
N VAL A 1052 -42.56 -13.48 -8.22
CA VAL A 1052 -43.63 -12.45 -8.33
C VAL A 1052 -44.22 -12.50 -9.74
N LEU A 1053 -43.36 -12.47 -10.76
CA LEU A 1053 -43.85 -12.47 -12.16
C LEU A 1053 -44.33 -13.88 -12.51
N GLY A 1054 -44.06 -14.87 -11.66
CA GLY A 1054 -44.43 -16.25 -11.98
C GLY A 1054 -44.58 -17.09 -10.73
N GLN A 1055 -44.99 -18.35 -10.87
CA GLN A 1055 -45.05 -19.25 -9.70
C GLN A 1055 -43.85 -20.20 -9.78
N SER A 1056 -43.00 -20.21 -8.77
CA SER A 1056 -41.75 -21.01 -8.84
C SER A 1056 -41.90 -22.37 -8.16
N LYS A 1057 -41.48 -23.43 -8.85
CA LYS A 1057 -41.52 -24.79 -8.24
C LYS A 1057 -40.21 -25.06 -7.51
N ARG A 1058 -39.27 -24.11 -7.53
CA ARG A 1058 -38.00 -24.30 -6.77
C ARG A 1058 -38.33 -24.29 -5.28
N VAL A 1059 -37.88 -25.31 -4.55
CA VAL A 1059 -38.26 -25.41 -3.12
C VAL A 1059 -37.53 -24.38 -2.27
N ASP A 1060 -38.26 -23.62 -1.45
CA ASP A 1060 -37.66 -22.65 -0.49
C ASP A 1060 -37.02 -21.46 -1.21
N PHE A 1061 -37.11 -21.43 -2.54
CA PHE A 1061 -36.57 -20.26 -3.27
C PHE A 1061 -37.48 -19.05 -3.00
N CYS A 1062 -38.78 -19.29 -2.88
CA CYS A 1062 -39.74 -18.18 -2.62
C CYS A 1062 -40.48 -18.46 -1.31
N GLY A 1063 -39.75 -18.84 -0.27
CA GLY A 1063 -40.39 -19.02 1.06
C GLY A 1063 -40.66 -20.48 1.38
N LYS A 1064 -40.72 -20.79 2.68
CA LYS A 1064 -40.92 -22.19 3.11
C LYS A 1064 -42.32 -22.67 2.71
N GLY A 1065 -42.41 -23.90 2.19
CA GLY A 1065 -43.72 -24.44 1.79
C GLY A 1065 -43.92 -24.37 0.29
N TYR A 1066 -45.05 -24.91 -0.18
CA TYR A 1066 -45.35 -24.85 -1.63
C TYR A 1066 -45.67 -23.40 -1.98
N HIS A 1067 -44.91 -22.84 -2.92
CA HIS A 1067 -45.08 -21.40 -3.23
C HIS A 1067 -46.37 -21.15 -4.02
N LEU A 1068 -47.21 -20.24 -3.52
CA LEU A 1068 -48.43 -19.87 -4.29
C LEU A 1068 -48.15 -18.60 -5.09
N MET A 1069 -47.67 -17.56 -4.40
CA MET A 1069 -47.38 -16.29 -5.12
C MET A 1069 -46.45 -15.43 -4.25
N SER A 1070 -46.05 -14.28 -4.78
CA SER A 1070 -45.22 -13.35 -3.99
C SER A 1070 -45.69 -11.92 -4.22
N PHE A 1071 -45.59 -11.08 -3.19
CA PHE A 1071 -45.95 -9.65 -3.35
C PHE A 1071 -44.71 -8.80 -3.06
N PRO A 1072 -44.25 -7.98 -4.01
CA PRO A 1072 -43.09 -7.15 -3.77
C PRO A 1072 -43.45 -5.87 -2.99
N GLN A 1073 -42.53 -5.45 -2.11
CA GLN A 1073 -42.74 -4.18 -1.39
C GLN A 1073 -41.43 -3.38 -1.44
N SER A 1074 -41.52 -2.09 -1.70
CA SER A 1074 -40.31 -1.25 -1.73
C SER A 1074 -39.78 -1.04 -0.31
N ALA A 1075 -38.48 -0.80 -0.20
CA ALA A 1075 -37.89 -0.48 1.11
C ALA A 1075 -36.62 0.34 0.86
N PRO A 1076 -36.14 1.19 1.78
CA PRO A 1076 -34.97 2.00 1.49
C PRO A 1076 -33.77 1.11 1.11
N HIS A 1077 -33.27 1.26 -0.12
CA HIS A 1077 -32.13 0.43 -0.60
C HIS A 1077 -32.46 -1.06 -0.45
N GLY A 1078 -33.72 -1.45 -0.66
CA GLY A 1078 -34.02 -2.90 -0.58
C GLY A 1078 -35.40 -3.25 -1.07
N VAL A 1079 -35.68 -4.55 -1.20
CA VAL A 1079 -37.05 -5.00 -1.58
C VAL A 1079 -37.48 -6.06 -0.57
N VAL A 1080 -38.75 -6.00 -0.15
CA VAL A 1080 -39.27 -7.04 0.78
C VAL A 1080 -40.27 -7.90 0.00
N PHE A 1081 -40.03 -9.20 -0.04
CA PHE A 1081 -40.95 -10.10 -0.77
C PHE A 1081 -41.90 -10.76 0.22
N LEU A 1082 -43.21 -10.56 0.02
CA LEU A 1082 -44.19 -11.26 0.88
C LEU A 1082 -44.57 -12.54 0.14
N HIS A 1083 -43.96 -13.66 0.54
CA HIS A 1083 -44.22 -14.93 -0.17
C HIS A 1083 -45.47 -15.58 0.42
N VAL A 1084 -46.51 -15.74 -0.40
CA VAL A 1084 -47.73 -16.46 0.07
C VAL A 1084 -47.53 -17.93 -0.32
N THR A 1085 -47.49 -18.80 0.68
CA THR A 1085 -47.18 -20.23 0.39
C THR A 1085 -48.26 -21.14 0.98
N TYR A 1086 -48.36 -22.35 0.44
CA TYR A 1086 -49.37 -23.33 0.91
C TYR A 1086 -48.65 -24.35 1.78
N VAL A 1087 -49.13 -24.52 3.00
CA VAL A 1087 -48.43 -25.47 3.93
C VAL A 1087 -49.46 -26.48 4.43
N PRO A 1088 -49.17 -27.80 4.40
CA PRO A 1088 -50.09 -28.77 4.98
C PRO A 1088 -50.27 -28.48 6.48
N ALA A 1089 -51.52 -28.60 6.97
CA ALA A 1089 -51.79 -28.29 8.39
C ALA A 1089 -52.13 -29.54 9.19
N GLN A 1090 -53.12 -30.31 8.76
CA GLN A 1090 -53.53 -31.52 9.52
C GLN A 1090 -53.14 -32.76 8.73
N GLU A 1091 -52.40 -33.67 9.36
CA GLU A 1091 -51.90 -34.87 8.63
C GLU A 1091 -52.58 -36.11 9.20
N LYS A 1092 -52.97 -37.03 8.32
CA LYS A 1092 -53.59 -38.30 8.79
C LYS A 1092 -52.86 -39.50 8.18
N ASN A 1093 -52.71 -40.56 8.96
CA ASN A 1093 -52.06 -41.79 8.43
C ASN A 1093 -53.03 -42.53 7.51
N PHE A 1094 -52.51 -43.21 6.51
CA PHE A 1094 -53.37 -44.04 5.64
C PHE A 1094 -52.59 -45.26 5.17
N THR A 1095 -53.22 -46.43 5.24
CA THR A 1095 -52.56 -47.64 4.69
C THR A 1095 -52.45 -47.44 3.18
N THR A 1096 -51.30 -47.78 2.61
CA THR A 1096 -51.10 -47.44 1.18
C THR A 1096 -50.63 -48.64 0.36
N ALA A 1097 -51.11 -48.72 -0.88
CA ALA A 1097 -50.64 -49.79 -1.80
C ALA A 1097 -50.14 -49.09 -3.07
N PRO A 1098 -48.97 -49.47 -3.62
CA PRO A 1098 -48.50 -48.87 -4.86
C PRO A 1098 -49.48 -49.10 -6.03
N ALA A 1099 -50.14 -50.27 -6.06
CA ALA A 1099 -51.08 -50.55 -7.17
C ALA A 1099 -52.27 -51.37 -6.66
N ILE A 1100 -53.34 -51.40 -7.45
CA ILE A 1100 -54.54 -52.20 -7.07
C ILE A 1100 -54.64 -53.39 -8.01
N CYS A 1101 -54.80 -54.59 -7.44
CA CYS A 1101 -54.91 -55.81 -8.29
C CYS A 1101 -56.39 -56.07 -8.56
N HIS A 1102 -56.80 -55.90 -9.82
CA HIS A 1102 -58.22 -56.15 -10.19
C HIS A 1102 -58.24 -57.12 -11.37
N ASP A 1103 -58.88 -58.29 -11.18
CA ASP A 1103 -59.00 -59.31 -12.25
C ASP A 1103 -57.63 -59.64 -12.86
N GLY A 1104 -56.57 -59.63 -12.04
CA GLY A 1104 -55.24 -60.01 -12.52
C GLY A 1104 -54.43 -58.84 -13.08
N LYS A 1105 -55.04 -57.66 -13.17
CA LYS A 1105 -54.33 -56.50 -13.78
C LYS A 1105 -53.90 -55.55 -12.66
N ALA A 1106 -52.77 -54.86 -12.85
CA ALA A 1106 -52.27 -53.91 -11.84
C ALA A 1106 -52.66 -52.49 -12.26
N HIS A 1107 -53.34 -51.77 -11.38
CA HIS A 1107 -53.79 -50.39 -11.71
C HIS A 1107 -53.00 -49.39 -10.87
N PHE A 1108 -52.46 -48.35 -11.51
CA PHE A 1108 -51.69 -47.32 -10.78
C PHE A 1108 -52.42 -45.99 -10.91
N PRO A 1109 -52.39 -45.12 -9.88
CA PRO A 1109 -53.16 -43.89 -9.95
C PRO A 1109 -52.64 -42.97 -11.07
N ARG A 1110 -53.55 -42.42 -11.87
CA ARG A 1110 -53.12 -41.43 -12.90
C ARG A 1110 -52.55 -40.22 -12.17
N GLU A 1111 -53.22 -39.81 -11.09
CA GLU A 1111 -52.69 -38.70 -10.26
C GLU A 1111 -52.98 -39.04 -8.80
N GLY A 1112 -52.12 -38.58 -7.89
CA GLY A 1112 -52.33 -38.86 -6.46
C GLY A 1112 -51.92 -40.27 -6.07
N VAL A 1113 -52.40 -40.74 -4.91
CA VAL A 1113 -51.97 -42.08 -4.41
C VAL A 1113 -53.18 -42.86 -3.93
N PHE A 1114 -53.02 -44.19 -3.81
CA PHE A 1114 -54.10 -45.00 -3.21
C PHE A 1114 -54.01 -44.85 -1.70
N VAL A 1115 -55.17 -44.80 -1.04
CA VAL A 1115 -55.16 -44.69 0.45
C VAL A 1115 -56.15 -45.68 1.03
N SER A 1116 -55.90 -46.11 2.26
CA SER A 1116 -56.85 -47.02 2.94
C SER A 1116 -57.08 -46.48 4.35
N ASN A 1117 -58.31 -46.03 4.63
CA ASN A 1117 -58.64 -45.49 5.97
C ASN A 1117 -58.81 -46.65 6.96
N GLY A 1118 -58.85 -47.89 6.44
CA GLY A 1118 -58.94 -49.06 7.34
C GLY A 1118 -60.05 -50.00 6.94
N THR A 1119 -61.05 -49.53 6.18
CA THR A 1119 -62.11 -50.44 5.70
C THR A 1119 -62.12 -50.47 4.17
N HIS A 1120 -61.98 -49.29 3.53
CA HIS A 1120 -62.07 -49.24 2.05
C HIS A 1120 -60.84 -48.56 1.46
N TRP A 1121 -60.61 -48.79 0.18
CA TRP A 1121 -59.49 -48.10 -0.52
C TRP A 1121 -60.03 -46.93 -1.35
N PHE A 1122 -59.21 -45.90 -1.52
CA PHE A 1122 -59.64 -44.71 -2.28
C PHE A 1122 -58.46 -44.12 -3.04
N VAL A 1123 -58.73 -43.22 -3.98
CA VAL A 1123 -57.63 -42.52 -4.69
C VAL A 1123 -57.73 -41.04 -4.32
N THR A 1124 -56.63 -40.47 -3.85
CA THR A 1124 -56.68 -39.05 -3.40
C THR A 1124 -55.46 -38.30 -3.92
N GLN A 1125 -55.56 -36.97 -4.03
CA GLN A 1125 -54.36 -36.19 -4.40
C GLN A 1125 -53.40 -36.22 -3.21
N ARG A 1126 -52.10 -36.22 -3.47
CA ARG A 1126 -51.12 -36.36 -2.37
C ARG A 1126 -51.18 -35.16 -1.42
N ASN A 1127 -51.39 -33.95 -1.95
CA ASN A 1127 -51.30 -32.74 -1.08
C ASN A 1127 -52.63 -32.40 -0.40
N PHE A 1128 -53.69 -33.16 -0.67
CA PHE A 1128 -54.95 -32.88 0.07
C PHE A 1128 -55.76 -34.18 0.18
N TYR A 1129 -56.38 -34.41 1.33
CA TYR A 1129 -57.13 -35.68 1.50
C TYR A 1129 -58.54 -35.51 0.95
N GLU A 1130 -58.74 -35.93 -0.30
CA GLU A 1130 -60.10 -35.90 -0.92
C GLU A 1130 -60.31 -37.30 -1.50
N PRO A 1131 -60.71 -38.30 -0.68
CA PRO A 1131 -60.79 -39.68 -1.16
C PRO A 1131 -61.81 -39.85 -2.28
N GLN A 1132 -61.49 -40.69 -3.27
CA GLN A 1132 -62.43 -40.96 -4.39
C GLN A 1132 -62.40 -42.47 -4.69
N ILE A 1133 -63.51 -43.01 -5.17
CA ILE A 1133 -63.57 -44.47 -5.46
C ILE A 1133 -62.59 -44.80 -6.59
N ILE A 1134 -61.93 -45.96 -6.49
CA ILE A 1134 -60.99 -46.37 -7.56
C ILE A 1134 -61.80 -46.65 -8.83
N THR A 1135 -61.46 -45.94 -9.90
CA THR A 1135 -62.19 -46.11 -11.18
C THR A 1135 -61.16 -46.29 -12.30
N THR A 1136 -61.63 -46.54 -13.52
CA THR A 1136 -60.71 -46.68 -14.66
C THR A 1136 -60.31 -45.31 -15.20
N ASP A 1137 -61.00 -44.24 -14.79
CA ASP A 1137 -60.70 -42.89 -15.34
C ASP A 1137 -59.60 -42.19 -14.54
N ASN A 1138 -59.39 -42.63 -13.30
CA ASN A 1138 -58.34 -41.99 -12.45
C ASN A 1138 -57.17 -42.96 -12.23
N THR A 1139 -57.31 -44.19 -12.72
CA THR A 1139 -56.18 -45.16 -12.61
C THR A 1139 -55.90 -45.75 -13.99
N PHE A 1140 -54.62 -46.05 -14.25
CA PHE A 1140 -54.25 -46.66 -15.55
C PHE A 1140 -53.69 -48.06 -15.30
N VAL A 1141 -54.01 -49.00 -16.18
CA VAL A 1141 -53.57 -50.41 -15.97
C VAL A 1141 -52.19 -50.59 -16.61
N SER A 1142 -51.28 -51.24 -15.89
CA SER A 1142 -49.96 -51.54 -16.49
C SER A 1142 -49.50 -52.93 -16.06
N GLY A 1143 -49.19 -53.80 -17.03
CA GLY A 1143 -48.69 -55.14 -16.71
C GLY A 1143 -49.69 -55.98 -15.93
N ASN A 1144 -49.19 -56.83 -15.04
CA ASN A 1144 -50.09 -57.72 -14.25
C ASN A 1144 -49.71 -57.62 -12.77
N CYS A 1145 -50.31 -58.46 -11.93
CA CYS A 1145 -50.07 -58.33 -10.47
C CYS A 1145 -48.84 -59.13 -10.01
N ASP A 1146 -48.19 -59.89 -10.91
CA ASP A 1146 -47.07 -60.76 -10.45
C ASP A 1146 -45.71 -60.07 -10.61
N VAL A 1147 -45.71 -58.81 -11.05
CA VAL A 1147 -44.42 -58.07 -11.17
C VAL A 1147 -44.35 -56.98 -10.09
N VAL A 1148 -45.46 -56.28 -9.86
CA VAL A 1148 -45.43 -55.16 -8.88
C VAL A 1148 -45.31 -55.73 -7.46
N ILE A 1149 -44.40 -55.17 -6.67
CA ILE A 1149 -44.15 -55.73 -5.31
C ILE A 1149 -44.95 -54.97 -4.26
N GLY A 1150 -45.64 -55.70 -3.36
CA GLY A 1150 -46.33 -55.04 -2.24
C GLY A 1150 -47.70 -54.46 -2.61
N ILE A 1151 -48.43 -55.11 -3.51
CA ILE A 1151 -49.75 -54.55 -3.95
C ILE A 1151 -50.90 -55.30 -3.26
N VAL A 1152 -52.07 -54.68 -3.21
CA VAL A 1152 -53.23 -55.29 -2.52
C VAL A 1152 -54.36 -55.45 -3.52
N ASN A 1153 -55.33 -56.32 -3.20
CA ASN A 1153 -56.45 -56.57 -4.14
C ASN A 1153 -57.61 -55.63 -3.82
N ASN A 1154 -58.24 -55.11 -4.87
CA ASN A 1154 -59.43 -54.23 -4.65
C ASN A 1154 -60.27 -54.23 -5.93
N THR A 1155 -61.44 -53.62 -5.87
CA THR A 1155 -62.33 -53.56 -7.05
C THR A 1155 -62.21 -52.19 -7.73
N VAL A 1156 -61.82 -52.19 -9.01
CA VAL A 1156 -61.74 -50.93 -9.77
C VAL A 1156 -63.10 -50.73 -10.44
N TYR A 1157 -63.90 -49.79 -9.92
CA TYR A 1157 -65.26 -49.62 -10.46
C TYR A 1157 -65.17 -49.01 -11.86
N ASP A 1158 -65.63 -49.74 -12.87
CA ASP A 1158 -65.66 -49.17 -14.25
C ASP A 1158 -66.93 -48.34 -14.38
N PRO A 1159 -66.85 -47.02 -14.67
CA PRO A 1159 -68.04 -46.20 -14.79
C PRO A 1159 -68.96 -46.69 -15.92
N LEU A 1160 -68.39 -47.21 -17.00
CA LEU A 1160 -69.19 -47.69 -18.16
C LEU A 1160 -70.01 -48.92 -17.78
N GLN A 1161 -69.53 -49.75 -16.85
CA GLN A 1161 -70.22 -51.04 -16.57
C GLN A 1161 -71.67 -50.85 -16.07
N PRO A 1162 -71.99 -50.02 -15.05
CA PRO A 1162 -73.38 -49.89 -14.63
C PRO A 1162 -74.25 -49.20 -15.70
N GLU A 1163 -73.66 -48.25 -16.44
CA GLU A 1163 -74.44 -47.56 -17.49
C GLU A 1163 -74.86 -48.56 -18.57
N LEU A 1164 -73.96 -49.46 -18.98
CA LEU A 1164 -74.35 -50.50 -19.96
C LEU A 1164 -75.35 -51.46 -19.30
N ASP A 1165 -75.11 -51.80 -18.03
CA ASP A 1165 -76.00 -52.76 -17.34
C ASP A 1165 -77.35 -52.07 -17.03
N ALA B 46 -5.83 46.66 -34.84
CA ALA B 46 -7.17 46.23 -34.38
C ALA B 46 -7.05 44.84 -33.74
N TYR B 47 -8.07 44.00 -33.90
CA TYR B 47 -8.00 42.61 -33.37
C TYR B 47 -8.65 41.66 -34.37
N THR B 48 -8.31 40.38 -34.29
CA THR B 48 -8.88 39.39 -35.22
C THR B 48 -9.08 38.06 -34.51
N ASN B 49 -9.93 37.19 -35.07
CA ASN B 49 -10.16 35.86 -34.46
C ASN B 49 -9.07 34.88 -34.95
N SER B 50 -8.41 34.20 -34.02
CA SER B 50 -7.32 33.27 -34.41
C SER B 50 -7.89 31.99 -35.02
N PHE B 51 -9.15 31.66 -34.77
CA PHE B 51 -9.74 30.38 -35.26
C PHE B 51 -8.89 29.22 -34.73
N THR B 52 -8.48 28.30 -35.60
CA THR B 52 -7.72 27.10 -35.13
C THR B 52 -6.22 27.27 -35.41
N ARG B 53 -5.80 28.49 -35.75
CA ARG B 53 -4.38 28.72 -36.10
C ARG B 53 -3.53 28.87 -34.83
N GLY B 54 -2.20 28.81 -34.99
CA GLY B 54 -1.30 28.90 -33.82
C GLY B 54 -0.87 27.53 -33.32
N VAL B 55 -1.21 26.47 -34.06
CA VAL B 55 -0.78 25.11 -33.67
C VAL B 55 0.58 24.80 -34.28
N TYR B 56 1.51 24.27 -33.47
CA TYR B 56 2.83 23.86 -34.00
C TYR B 56 3.18 22.48 -33.44
N TYR B 57 4.12 21.80 -34.08
CA TYR B 57 4.56 20.50 -33.52
C TYR B 57 5.32 20.76 -32.22
N PRO B 58 4.85 20.24 -31.07
CA PRO B 58 5.51 20.54 -29.80
C PRO B 58 6.93 19.97 -29.72
N ASP B 59 7.20 18.86 -30.42
CA ASP B 59 8.52 18.21 -30.26
C ASP B 59 8.91 17.48 -31.54
N LYS B 60 10.11 16.89 -31.52
CA LYS B 60 10.63 16.17 -32.71
C LYS B 60 10.16 14.71 -32.65
N VAL B 61 9.23 14.40 -31.75
CA VAL B 61 8.68 13.01 -31.67
C VAL B 61 7.78 12.75 -32.88
N PHE B 62 7.85 11.54 -33.45
CA PHE B 62 6.94 11.19 -34.57
C PHE B 62 5.77 10.36 -34.05
N ARG B 63 4.54 10.82 -34.30
CA ARG B 63 3.35 10.08 -33.83
C ARG B 63 2.41 9.79 -35.00
N SER B 64 1.91 8.56 -35.10
CA SER B 64 1.08 8.18 -36.26
C SER B 64 -0.31 7.70 -35.84
N SER B 65 -1.36 8.30 -36.40
CA SER B 65 -2.75 7.82 -36.13
C SER B 65 -3.05 7.79 -34.63
N VAL B 66 -2.57 8.79 -33.89
CA VAL B 66 -2.76 8.76 -32.41
C VAL B 66 -3.19 10.14 -31.94
N LEU B 67 -4.13 10.18 -30.99
CA LEU B 67 -4.53 11.49 -30.39
C LEU B 67 -3.58 11.78 -29.24
N HIS B 68 -2.67 12.73 -29.43
CA HIS B 68 -1.66 13.00 -28.37
C HIS B 68 -2.07 14.24 -27.59
N SER B 69 -2.16 14.12 -26.27
CA SER B 69 -2.48 15.29 -25.43
C SER B 69 -1.20 15.81 -24.78
N THR B 70 -0.88 17.08 -25.02
CA THR B 70 0.34 17.66 -24.41
C THR B 70 0.05 19.06 -23.88
N GLN B 71 0.72 19.44 -22.79
CA GLN B 71 0.55 20.82 -22.26
C GLN B 71 1.79 21.62 -22.64
N ASP B 72 1.60 22.74 -23.33
CA ASP B 72 2.77 23.52 -23.80
C ASP B 72 2.33 24.96 -24.06
N LEU B 73 3.28 25.82 -24.44
CA LEU B 73 2.92 27.22 -24.79
C LEU B 73 2.26 27.19 -26.16
N PHE B 74 0.96 27.44 -26.20
CA PHE B 74 0.22 27.39 -27.48
C PHE B 74 -0.65 28.63 -27.62
N LEU B 75 -1.04 28.94 -28.85
CA LEU B 75 -1.98 30.07 -29.04
C LEU B 75 -3.40 29.54 -28.81
N PRO B 76 -4.17 30.11 -27.87
CA PRO B 76 -5.51 29.59 -27.58
C PRO B 76 -6.41 29.67 -28.82
N PHE B 77 -7.28 28.67 -28.98
CA PHE B 77 -8.16 28.65 -30.17
C PHE B 77 -9.18 29.79 -30.11
N PHE B 78 -9.41 30.44 -31.26
CA PHE B 78 -10.42 31.53 -31.36
C PHE B 78 -10.10 32.68 -30.41
N SER B 79 -8.81 32.85 -30.06
CA SER B 79 -8.42 34.00 -29.20
C SER B 79 -8.29 35.28 -30.02
N ASN B 80 -8.38 36.43 -29.36
CA ASN B 80 -8.18 37.71 -30.07
C ASN B 80 -6.69 37.94 -30.32
N VAL B 81 -6.31 38.12 -31.59
CA VAL B 81 -4.88 38.36 -31.94
C VAL B 81 -4.77 39.79 -32.45
N THR B 82 -3.78 40.53 -31.95
CA THR B 82 -3.65 41.96 -32.33
C THR B 82 -3.31 42.07 -33.82
N TRP B 83 -3.84 43.09 -34.50
CA TRP B 83 -3.64 43.19 -35.96
C TRP B 83 -2.97 44.53 -36.31
N PHE B 84 -1.96 44.49 -37.18
CA PHE B 84 -1.31 45.74 -37.64
C PHE B 84 -1.25 45.76 -39.16
N HIS B 85 -1.41 46.95 -39.75
CA HIS B 85 -1.38 47.09 -41.22
C HIS B 85 -0.07 47.79 -41.62
N ALA B 86 0.60 47.29 -42.65
CA ALA B 86 1.84 47.95 -43.14
C ALA B 86 1.51 49.36 -43.64
N ILE B 87 0.38 49.50 -44.33
CA ILE B 87 -0.04 50.85 -44.81
C ILE B 87 -0.65 51.60 -43.62
N ASP B 99 2.68 49.97 -39.58
CA ASP B 99 2.65 49.85 -38.10
C ASP B 99 3.79 48.94 -37.62
N ASN B 100 4.77 49.50 -36.90
CA ASN B 100 5.83 48.63 -36.32
C ASN B 100 6.13 49.07 -34.89
N PRO B 101 5.19 49.00 -33.94
CA PRO B 101 5.49 49.35 -32.57
C PRO B 101 6.32 48.25 -31.89
N VAL B 102 7.03 48.61 -30.82
CA VAL B 102 7.78 47.57 -30.06
C VAL B 102 6.77 46.85 -29.17
N LEU B 103 6.60 45.54 -29.40
CA LEU B 103 5.56 44.80 -28.64
C LEU B 103 6.23 43.93 -27.57
N PRO B 104 5.54 43.58 -26.47
CA PRO B 104 6.12 42.66 -25.50
C PRO B 104 6.27 41.24 -26.07
N PHE B 105 7.09 40.43 -25.42
CA PHE B 105 7.31 39.05 -25.88
C PHE B 105 6.65 38.05 -24.91
N ASN B 106 6.86 38.28 -23.60
CA ASN B 106 6.30 37.36 -22.56
C ASN B 106 6.85 35.95 -22.81
N ASP B 107 6.00 34.92 -22.72
CA ASP B 107 6.50 33.52 -22.83
C ASP B 107 6.78 33.13 -24.28
N GLY B 108 6.09 33.76 -25.24
CA GLY B 108 6.36 33.47 -26.66
C GLY B 108 5.41 34.24 -27.55
N VAL B 109 5.67 34.22 -28.86
CA VAL B 109 4.83 35.04 -29.76
C VAL B 109 4.43 34.25 -31.00
N TYR B 110 3.19 34.42 -31.46
CA TYR B 110 2.76 33.81 -32.73
C TYR B 110 2.61 34.97 -33.73
N PHE B 111 3.37 34.91 -34.83
CA PHE B 111 3.35 36.03 -35.79
C PHE B 111 2.80 35.54 -37.13
N ALA B 112 1.70 36.14 -37.58
CA ALA B 112 1.15 35.79 -38.91
C ALA B 112 1.44 36.95 -39.87
N SER B 113 1.75 36.65 -41.12
CA SER B 113 1.97 37.74 -42.10
C SER B 113 1.17 37.47 -43.37
N THR B 114 0.23 38.35 -43.70
CA THR B 114 -0.49 38.22 -44.99
C THR B 114 0.18 39.21 -45.95
N GLU B 115 0.88 38.70 -46.95
CA GLU B 115 1.66 39.61 -47.82
C GLU B 115 1.71 39.08 -49.26
N LYS B 116 1.99 39.98 -50.20
CA LYS B 116 2.17 39.54 -51.62
C LYS B 116 3.53 40.07 -52.12
N SER B 117 4.10 41.07 -51.46
CA SER B 117 5.36 41.68 -51.95
C SER B 117 6.40 41.81 -50.82
N ASN B 118 6.55 40.78 -49.97
CA ASN B 118 7.61 40.74 -48.93
C ASN B 118 7.79 42.08 -48.21
N ILE B 119 6.72 42.65 -47.67
CA ILE B 119 6.86 43.90 -46.86
C ILE B 119 7.53 43.60 -45.52
N ILE B 120 7.13 42.51 -44.87
CA ILE B 120 7.77 42.13 -43.58
C ILE B 120 9.09 41.41 -43.89
N ARG B 121 10.18 41.87 -43.27
CA ARG B 121 11.51 41.27 -43.62
C ARG B 121 12.10 40.51 -42.44
N GLY B 122 11.60 40.72 -41.21
CA GLY B 122 12.23 40.04 -40.07
C GLY B 122 11.78 40.60 -38.74
N TRP B 123 12.48 40.23 -37.67
CA TRP B 123 12.07 40.68 -36.32
C TRP B 123 13.32 40.91 -35.46
N ILE B 124 13.23 41.85 -34.53
CA ILE B 124 14.36 42.11 -33.59
C ILE B 124 13.86 41.81 -32.17
N PHE B 125 14.52 40.88 -31.49
CA PHE B 125 14.09 40.51 -30.12
C PHE B 125 15.16 40.99 -29.14
N GLY B 126 14.77 41.85 -28.20
CA GLY B 126 15.75 42.35 -27.23
C GLY B 126 15.10 42.57 -25.87
N THR B 127 15.86 42.37 -24.80
CA THR B 127 15.32 42.67 -23.44
C THR B 127 15.04 44.18 -23.34
N THR B 128 15.95 45.01 -23.87
CA THR B 128 15.73 46.48 -23.83
C THR B 128 15.80 47.08 -25.24
N LEU B 129 16.19 46.30 -26.24
CA LEU B 129 16.21 46.76 -27.66
C LEU B 129 17.09 48.01 -27.82
N ASP B 130 18.26 48.03 -27.17
CA ASP B 130 19.18 49.19 -27.31
C ASP B 130 20.62 48.67 -27.26
N SER B 131 21.60 49.58 -27.31
CA SER B 131 23.02 49.17 -27.34
C SER B 131 23.43 48.48 -26.03
N LYS B 132 22.74 48.76 -24.92
CA LYS B 132 23.18 48.19 -23.62
C LYS B 132 23.01 46.67 -23.59
N THR B 133 21.84 46.17 -23.95
CA THR B 133 21.61 44.71 -23.80
C THR B 133 21.94 43.96 -25.09
N GLN B 134 22.20 42.66 -24.98
CA GLN B 134 22.41 41.83 -26.20
C GLN B 134 21.05 41.60 -26.85
N SER B 135 20.98 41.76 -28.17
CA SER B 135 19.69 41.60 -28.87
C SER B 135 19.86 40.68 -30.09
N LEU B 136 18.76 40.06 -30.52
CA LEU B 136 18.82 39.10 -31.65
C LEU B 136 18.11 39.73 -32.86
N LEU B 137 18.77 39.71 -34.01
CA LEU B 137 18.20 40.31 -35.24
C LEU B 137 18.00 39.22 -36.29
N ILE B 138 16.77 39.04 -36.77
CA ILE B 138 16.55 38.11 -37.91
C ILE B 138 16.05 39.01 -39.04
N VAL B 139 16.78 39.06 -40.14
CA VAL B 139 16.36 40.00 -41.23
C VAL B 139 16.66 39.36 -42.58
N ASN B 140 15.70 39.45 -43.51
CA ASN B 140 16.00 39.00 -44.89
C ASN B 140 16.73 40.18 -45.53
N ASN B 141 18.00 40.01 -45.86
CA ASN B 141 18.80 41.17 -46.35
C ASN B 141 18.55 41.38 -47.84
N ALA B 142 17.56 40.70 -48.42
CA ALA B 142 17.18 40.79 -49.87
C ALA B 142 18.13 39.89 -50.67
N THR B 143 19.15 39.35 -50.00
CA THR B 143 20.07 38.39 -50.67
C THR B 143 20.00 37.07 -49.89
N ASN B 144 20.03 37.15 -48.56
CA ASN B 144 19.98 35.93 -47.73
C ASN B 144 19.42 36.28 -46.35
N VAL B 145 18.95 35.27 -45.62
CA VAL B 145 18.45 35.51 -44.24
C VAL B 145 19.64 35.66 -43.30
N VAL B 146 19.71 36.80 -42.62
CA VAL B 146 20.84 37.07 -41.69
C VAL B 146 20.32 37.04 -40.26
N ILE B 147 20.91 36.18 -39.43
CA ILE B 147 20.51 36.14 -37.99
C ILE B 147 21.74 36.48 -37.16
N LYS B 148 21.63 37.48 -36.30
CA LYS B 148 22.79 37.90 -35.48
C LYS B 148 22.36 38.07 -34.03
N VAL B 149 23.30 37.85 -33.09
CA VAL B 149 22.98 38.10 -31.66
C VAL B 149 24.12 38.96 -31.12
N CYS B 150 23.88 40.26 -30.99
CA CYS B 150 24.97 41.18 -30.56
C CYS B 150 24.37 42.37 -29.82
N GLU B 151 25.21 43.19 -29.21
CA GLU B 151 24.72 44.40 -28.50
C GLU B 151 24.45 45.47 -29.55
N PHE B 152 23.37 45.29 -30.32
CA PHE B 152 23.06 46.24 -31.40
C PHE B 152 22.60 47.58 -30.87
N GLN B 153 23.10 48.69 -31.45
CA GLN B 153 22.55 50.01 -31.09
C GLN B 153 21.35 50.20 -32.01
N PHE B 154 20.16 49.88 -31.52
CA PHE B 154 18.97 49.89 -32.43
C PHE B 154 18.45 51.28 -32.71
N CYS B 155 18.05 51.52 -33.96
CA CYS B 155 17.43 52.82 -34.31
C CYS B 155 16.04 52.90 -33.66
N ASN B 156 15.58 54.11 -33.35
CA ASN B 156 14.24 54.28 -32.74
C ASN B 156 13.17 53.77 -33.72
N ASP B 157 13.41 53.94 -35.03
CA ASP B 157 12.46 53.43 -36.04
C ASP B 157 13.24 52.53 -37.02
N PRO B 158 13.41 51.23 -36.70
CA PRO B 158 14.09 50.33 -37.62
C PRO B 158 13.21 49.96 -38.82
N PHE B 159 13.79 50.04 -40.02
CA PHE B 159 13.04 49.64 -41.24
C PHE B 159 14.03 49.40 -42.38
N LEU B 160 13.53 48.83 -43.48
CA LEU B 160 14.39 48.70 -44.67
C LEU B 160 13.76 49.52 -45.79
N GLY B 161 14.49 50.47 -46.35
CA GLY B 161 13.90 51.35 -47.37
C GLY B 161 14.08 50.79 -48.77
N VAL B 162 12.98 50.48 -49.44
CA VAL B 162 13.06 49.91 -50.81
C VAL B 162 12.80 51.03 -51.81
N TYR B 163 13.75 51.25 -52.73
CA TYR B 163 13.61 52.39 -53.68
C TYR B 163 13.38 51.84 -55.09
N TYR B 164 12.34 52.37 -55.75
CA TYR B 164 12.07 51.95 -57.14
C TYR B 164 12.97 52.79 -58.07
N TRP B 171 12.84 47.16 -58.78
CA TRP B 171 12.85 47.63 -57.38
C TRP B 171 14.02 46.99 -56.63
N MET B 172 14.55 47.68 -55.63
CA MET B 172 15.63 47.08 -54.81
C MET B 172 15.68 47.77 -53.44
N GLU B 173 16.32 47.12 -52.47
CA GLU B 173 16.43 47.70 -51.11
C GLU B 173 17.58 48.72 -51.13
N SER B 174 17.27 49.98 -50.85
CA SER B 174 18.30 51.05 -50.91
C SER B 174 18.77 51.44 -49.51
N GLU B 175 17.93 51.24 -48.49
CA GLU B 175 18.30 51.71 -47.13
C GLU B 175 18.26 50.55 -46.14
N PHE B 176 19.30 50.42 -45.32
CA PHE B 176 19.30 49.41 -44.23
C PHE B 176 19.44 50.18 -42.92
N ARG B 177 18.35 50.36 -42.18
CA ARG B 177 18.42 51.21 -40.96
C ARG B 177 17.81 50.50 -39.75
N VAL B 178 18.06 49.21 -39.57
CA VAL B 178 17.56 48.50 -38.37
C VAL B 178 18.43 48.87 -37.15
N TYR B 179 19.73 49.06 -37.35
CA TYR B 179 20.60 49.35 -36.19
C TYR B 179 21.68 50.36 -36.59
N SER B 180 22.33 50.93 -35.59
CA SER B 180 23.41 51.90 -35.86
C SER B 180 24.76 51.16 -35.87
N SER B 181 25.04 50.41 -34.80
CA SER B 181 26.34 49.71 -34.70
C SER B 181 26.14 48.29 -34.16
N ALA B 182 26.97 47.36 -34.62
CA ALA B 182 26.90 45.97 -34.10
C ALA B 182 28.17 45.67 -33.30
N ASN B 183 28.03 45.32 -32.03
CA ASN B 183 29.21 45.07 -31.17
C ASN B 183 28.93 43.87 -30.28
N ASN B 184 29.99 43.25 -29.74
CA ASN B 184 29.83 42.09 -28.82
C ASN B 184 29.07 40.97 -29.56
N CYS B 185 29.42 40.69 -30.80
CA CYS B 185 28.67 39.68 -31.60
C CYS B 185 29.00 38.26 -31.14
N THR B 186 27.97 37.49 -30.79
CA THR B 186 28.19 36.10 -30.32
C THR B 186 27.78 35.10 -31.41
N PHE B 187 26.56 35.22 -31.93
CA PHE B 187 26.06 34.24 -32.92
C PHE B 187 25.79 34.94 -34.25
N GLU B 188 26.21 34.32 -35.35
CA GLU B 188 25.91 34.88 -36.69
C GLU B 188 25.55 33.75 -37.64
N TYR B 189 24.51 33.94 -38.46
CA TYR B 189 24.16 32.92 -39.47
C TYR B 189 23.61 33.60 -40.72
N VAL B 190 24.24 33.35 -41.86
CA VAL B 190 23.70 33.88 -43.14
C VAL B 190 23.26 32.68 -43.98
N SER B 191 22.08 32.78 -44.59
CA SER B 191 21.59 31.67 -45.44
C SER B 191 22.25 31.75 -46.82
N GLN B 192 21.93 30.78 -47.69
CA GLN B 192 22.46 30.83 -49.07
C GLN B 192 21.89 32.05 -49.81
N PHE B 205 -4.52 38.91 -50.82
CA PHE B 205 -3.19 38.48 -50.34
C PHE B 205 -2.90 37.07 -50.86
N LYS B 206 -1.69 36.85 -51.36
CA LYS B 206 -1.39 35.53 -51.99
C LYS B 206 -0.51 34.67 -51.07
N ASN B 207 0.21 35.30 -50.14
CA ASN B 207 1.15 34.52 -49.29
C ASN B 207 0.78 34.71 -47.82
N LEU B 208 0.67 33.59 -47.08
CA LEU B 208 0.44 33.69 -45.62
C LEU B 208 1.60 32.98 -44.93
N ARG B 209 2.43 33.73 -44.21
CA ARG B 209 3.59 33.11 -43.53
C ARG B 209 3.32 33.12 -42.04
N GLU B 210 3.31 31.93 -41.42
CA GLU B 210 3.00 31.82 -39.98
C GLU B 210 4.28 31.47 -39.23
N PHE B 211 4.54 32.16 -38.13
CA PHE B 211 5.77 31.88 -37.35
C PHE B 211 5.43 31.80 -35.86
N VAL B 212 6.14 30.93 -35.15
CA VAL B 212 5.99 30.88 -33.67
C VAL B 212 7.39 31.04 -33.09
N PHE B 213 7.59 32.08 -32.31
CA PHE B 213 8.92 32.31 -31.70
C PHE B 213 8.81 31.98 -30.22
N LYS B 214 9.61 31.01 -29.76
CA LYS B 214 9.62 30.69 -28.31
C LYS B 214 11.05 30.77 -27.78
N ASN B 215 11.28 31.61 -26.78
CA ASN B 215 12.62 31.67 -26.14
C ASN B 215 12.54 30.84 -24.86
N ILE B 216 12.87 29.55 -24.97
CA ILE B 216 12.72 28.65 -23.78
C ILE B 216 14.07 28.02 -23.45
N ASP B 217 14.45 28.05 -22.17
CA ASP B 217 15.71 27.39 -21.72
C ASP B 217 16.91 27.95 -22.50
N GLY B 218 16.88 29.23 -22.85
CA GLY B 218 18.02 29.85 -23.54
C GLY B 218 18.06 29.47 -25.02
N TYR B 219 17.07 28.71 -25.48
CA TYR B 219 17.01 28.34 -26.91
C TYR B 219 15.88 29.12 -27.57
N PHE B 220 16.20 29.80 -28.68
CA PHE B 220 15.17 30.55 -29.42
C PHE B 220 14.70 29.67 -30.57
N LYS B 221 13.48 29.14 -30.45
CA LYS B 221 12.97 28.19 -31.47
C LYS B 221 11.98 28.90 -32.37
N ILE B 222 12.18 28.77 -33.69
CA ILE B 222 11.26 29.41 -34.67
C ILE B 222 10.50 28.31 -35.40
N TYR B 223 9.17 28.32 -35.31
CA TYR B 223 8.35 27.33 -36.04
C TYR B 223 7.75 28.07 -37.24
N SER B 224 8.00 27.57 -38.45
CA SER B 224 7.55 28.33 -39.64
C SER B 224 6.61 27.53 -40.53
N LYS B 225 5.63 28.22 -41.11
CA LYS B 225 4.74 27.55 -42.09
C LYS B 225 4.43 28.54 -43.21
N HIS B 226 4.36 28.05 -44.44
CA HIS B 226 4.03 28.93 -45.59
C HIS B 226 2.76 28.42 -46.26
N THR B 227 1.81 29.32 -46.52
CA THR B 227 0.51 28.87 -47.08
C THR B 227 0.10 29.76 -48.26
N PRO B 228 -0.19 29.21 -49.45
CA PRO B 228 -0.72 30.02 -50.54
C PRO B 228 -2.21 30.26 -50.29
N ILE B 229 -2.62 31.53 -50.24
CA ILE B 229 -4.04 31.84 -49.89
C ILE B 229 -4.61 32.85 -50.89
N ASN B 230 -5.93 32.96 -50.94
CA ASN B 230 -6.57 33.99 -51.80
C ASN B 230 -7.55 34.74 -50.90
N LEU B 231 -7.04 35.61 -50.04
CA LEU B 231 -7.93 36.29 -49.06
C LEU B 231 -7.52 37.76 -48.95
N VAL B 232 -8.47 38.62 -48.59
CA VAL B 232 -8.17 40.08 -48.52
C VAL B 232 -7.92 40.47 -47.06
N ARG B 233 -8.74 39.95 -46.13
CA ARG B 233 -8.61 40.47 -44.74
C ARG B 233 -8.68 39.35 -43.69
N ASP B 234 -7.94 39.50 -42.60
CA ASP B 234 -8.01 38.56 -41.44
C ASP B 234 -7.36 37.21 -41.72
N LEU B 235 -7.22 36.40 -40.68
CA LEU B 235 -6.60 35.06 -40.83
C LEU B 235 -7.56 34.15 -41.60
N PRO B 236 -7.09 33.31 -42.52
CA PRO B 236 -7.97 32.34 -43.17
C PRO B 236 -8.47 31.34 -42.13
N GLN B 237 -9.73 30.91 -42.25
CA GLN B 237 -10.29 29.95 -41.26
C GLN B 237 -9.81 28.57 -41.68
N GLY B 238 -8.69 28.11 -41.14
CA GLY B 238 -8.13 26.81 -41.56
C GLY B 238 -7.17 26.27 -40.51
N PHE B 239 -6.84 24.99 -40.61
CA PHE B 239 -5.91 24.37 -39.64
C PHE B 239 -4.59 24.04 -40.33
N SER B 240 -3.48 24.55 -39.78
CA SER B 240 -2.16 24.20 -40.34
C SER B 240 -1.16 24.10 -39.19
N ALA B 241 -0.57 22.91 -38.98
CA ALA B 241 0.46 22.77 -37.94
C ALA B 241 1.76 23.44 -38.40
N LEU B 242 2.40 24.19 -37.51
CA LEU B 242 3.64 24.91 -37.90
C LEU B 242 4.84 24.02 -37.64
N GLU B 243 5.68 23.84 -38.66
CA GLU B 243 6.86 22.94 -38.52
C GLU B 243 8.04 23.76 -38.00
N PRO B 244 8.86 23.21 -37.09
CA PRO B 244 10.03 23.92 -36.60
C PRO B 244 10.97 24.26 -37.77
N LEU B 245 11.51 25.48 -37.76
CA LEU B 245 12.45 25.89 -38.84
C LEU B 245 13.88 25.75 -38.34
N VAL B 246 14.19 26.35 -37.18
CA VAL B 246 15.59 26.31 -36.69
C VAL B 246 15.59 26.52 -35.17
N ASP B 247 16.38 25.73 -34.46
CA ASP B 247 16.53 25.96 -33.00
C ASP B 247 17.82 26.76 -32.79
N LEU B 248 17.72 27.92 -32.16
CA LEU B 248 18.92 28.79 -32.03
C LEU B 248 19.43 28.78 -30.59
N PRO B 249 20.69 28.35 -30.36
CA PRO B 249 21.26 28.38 -29.01
C PRO B 249 21.70 29.82 -28.68
N ILE B 250 20.75 30.64 -28.23
CA ILE B 250 21.07 32.08 -28.02
C ILE B 250 21.41 32.35 -26.55
N GLY B 251 20.49 32.02 -25.64
CA GLY B 251 20.76 32.18 -24.20
C GLY B 251 20.65 33.62 -23.72
N ILE B 252 19.92 34.48 -24.43
CA ILE B 252 19.72 35.87 -23.93
C ILE B 252 18.25 36.07 -23.57
N ASN B 253 17.98 36.92 -22.58
CA ASN B 253 16.58 37.21 -22.20
C ASN B 253 15.90 37.98 -23.33
N ILE B 254 14.66 37.63 -23.64
CA ILE B 254 13.89 38.41 -24.65
C ILE B 254 12.56 38.80 -24.03
N THR B 255 12.30 40.10 -23.91
CA THR B 255 10.99 40.54 -23.38
C THR B 255 10.29 41.48 -24.36
N ARG B 256 11.06 42.07 -25.28
CA ARG B 256 10.47 43.01 -26.26
C ARG B 256 10.85 42.59 -27.68
N PHE B 257 9.90 42.65 -28.60
CA PHE B 257 10.24 42.35 -30.01
C PHE B 257 9.56 43.39 -30.91
N GLN B 258 10.25 43.75 -31.99
CA GLN B 258 9.67 44.75 -32.93
C GLN B 258 9.72 44.19 -34.35
N THR B 259 8.60 44.28 -35.06
CA THR B 259 8.54 43.75 -36.45
C THR B 259 9.40 44.62 -37.37
N LEU B 260 10.18 43.98 -38.25
CA LEU B 260 10.98 44.76 -39.24
C LEU B 260 10.22 44.79 -40.56
N LEU B 261 9.95 46.00 -41.06
CA LEU B 261 9.14 46.11 -42.30
C LEU B 261 9.92 46.81 -43.40
N ALA B 262 9.56 46.53 -44.65
CA ALA B 262 10.22 47.19 -45.79
C ALA B 262 9.40 48.42 -46.19
N LEU B 263 9.87 49.60 -45.75
CA LEU B 263 9.16 50.85 -46.14
C LEU B 263 9.48 51.14 -47.60
N HIS B 264 8.46 51.35 -48.41
CA HIS B 264 8.69 51.57 -49.87
C HIS B 264 8.82 53.07 -50.13
N ARG B 265 10.03 53.52 -50.45
CA ARG B 265 10.25 54.99 -50.63
C ARG B 265 9.42 55.47 -51.83
N SER B 266 8.49 56.39 -51.57
CA SER B 266 7.61 56.91 -52.66
C SER B 266 8.40 57.81 -53.62
N GLY B 276 9.97 60.42 -48.94
CA GLY B 276 8.79 60.06 -48.11
C GLY B 276 8.67 58.55 -48.02
N TRP B 277 8.07 58.02 -46.95
CA TRP B 277 7.90 56.54 -46.90
C TRP B 277 6.44 56.15 -47.06
N THR B 278 6.15 55.24 -47.99
CA THR B 278 4.77 54.71 -48.15
C THR B 278 4.90 53.19 -48.27
N ALA B 279 4.66 52.46 -47.18
CA ALA B 279 4.90 51.00 -47.18
C ALA B 279 3.90 50.28 -48.11
N GLY B 280 4.30 49.12 -48.63
CA GLY B 280 3.41 48.35 -49.52
C GLY B 280 2.24 47.75 -48.77
N ALA B 281 1.22 47.30 -49.50
CA ALA B 281 0.01 46.78 -48.82
C ALA B 281 0.26 45.38 -48.27
N ALA B 282 0.37 45.27 -46.95
CA ALA B 282 0.54 43.94 -46.30
C ALA B 282 0.02 44.08 -44.86
N ALA B 283 -0.26 42.94 -44.22
CA ALA B 283 -0.74 42.99 -42.82
C ALA B 283 -0.01 41.94 -41.98
N TYR B 284 0.15 42.21 -40.69
CA TYR B 284 0.74 41.17 -39.82
C TYR B 284 -0.09 41.06 -38.53
N TYR B 285 -0.01 39.89 -37.90
CA TYR B 285 -0.85 39.64 -36.71
C TYR B 285 0.03 39.15 -35.57
N VAL B 286 -0.19 39.68 -34.38
CA VAL B 286 0.65 39.29 -33.22
C VAL B 286 -0.24 38.63 -32.16
N GLY B 287 0.14 37.42 -31.74
CA GLY B 287 -0.60 36.75 -30.66
C GLY B 287 0.38 36.29 -29.61
N TYR B 288 -0.06 36.17 -28.36
CA TYR B 288 0.88 35.78 -27.29
C TYR B 288 0.52 34.38 -26.81
N LEU B 289 1.52 33.49 -26.81
CA LEU B 289 1.25 32.09 -26.44
C LEU B 289 0.91 32.00 -24.95
N GLN B 290 0.08 31.03 -24.60
CA GLN B 290 -0.27 30.82 -23.17
C GLN B 290 -0.04 29.34 -22.85
N PRO B 291 0.24 28.97 -21.60
CA PRO B 291 0.39 27.56 -21.27
C PRO B 291 -0.98 26.88 -21.36
N ARG B 292 -1.16 26.04 -22.38
CA ARG B 292 -2.49 25.40 -22.58
C ARG B 292 -2.30 23.90 -22.85
N THR B 293 -3.32 23.11 -22.53
CA THR B 293 -3.27 21.67 -22.85
C THR B 293 -3.95 21.47 -24.20
N PHE B 294 -3.32 20.72 -25.09
CA PHE B 294 -3.87 20.58 -26.45
C PHE B 294 -3.95 19.10 -26.84
N LEU B 295 -5.08 18.71 -27.42
CA LEU B 295 -5.20 17.32 -27.93
C LEU B 295 -4.97 17.36 -29.44
N LEU B 296 -3.84 16.81 -29.90
CA LEU B 296 -3.49 16.93 -31.34
C LEU B 296 -3.74 15.61 -32.05
N LYS B 297 -4.41 15.67 -33.19
CA LYS B 297 -4.69 14.43 -33.98
C LYS B 297 -3.58 14.26 -35.02
N TYR B 298 -2.72 13.27 -34.81
CA TYR B 298 -1.64 12.99 -35.79
C TYR B 298 -2.15 12.01 -36.84
N ASN B 299 -1.90 12.29 -38.11
CA ASN B 299 -2.30 11.33 -39.16
C ASN B 299 -1.29 10.20 -39.24
N GLU B 300 -1.45 9.30 -40.22
CA GLU B 300 -0.50 8.16 -40.35
C GLU B 300 0.88 8.69 -40.73
N ASN B 301 0.97 9.88 -41.31
CA ASN B 301 2.28 10.42 -41.76
C ASN B 301 2.93 11.26 -40.65
N GLY B 302 2.24 11.47 -39.54
CA GLY B 302 2.79 12.28 -38.44
C GLY B 302 2.41 13.75 -38.54
N THR B 303 1.74 14.16 -39.62
CA THR B 303 1.26 15.56 -39.71
C THR B 303 0.09 15.78 -38.74
N ILE B 304 0.11 16.90 -38.03
CA ILE B 304 -1.01 17.22 -37.11
C ILE B 304 -2.16 17.74 -37.97
N THR B 305 -3.24 16.97 -38.06
CA THR B 305 -4.36 17.36 -38.95
C THR B 305 -5.45 18.12 -38.20
N ASP B 306 -5.48 18.00 -36.87
CA ASP B 306 -6.56 18.65 -36.08
C ASP B 306 -6.08 18.88 -34.65
N ALA B 307 -6.71 19.80 -33.93
CA ALA B 307 -6.34 20.02 -32.51
C ALA B 307 -7.56 20.43 -31.70
N VAL B 308 -7.55 20.13 -30.41
CA VAL B 308 -8.66 20.57 -29.51
C VAL B 308 -8.04 21.30 -28.32
N ASP B 309 -8.54 22.50 -28.03
CA ASP B 309 -8.01 23.27 -26.87
C ASP B 309 -8.84 22.88 -25.65
N CYS B 310 -8.21 22.27 -24.65
CA CYS B 310 -8.96 21.76 -23.48
C CYS B 310 -9.63 22.88 -22.68
N ALA B 311 -9.14 24.12 -22.81
CA ALA B 311 -9.69 25.24 -22.02
C ALA B 311 -10.67 26.07 -22.86
N LEU B 312 -10.95 25.69 -24.11
CA LEU B 312 -11.82 26.53 -24.97
C LEU B 312 -13.27 26.50 -24.51
N ASP B 313 -13.86 25.31 -24.37
CA ASP B 313 -15.30 25.21 -23.99
C ASP B 313 -15.55 23.85 -23.33
N PRO B 314 -16.67 23.63 -22.62
CA PRO B 314 -16.92 22.35 -21.95
C PRO B 314 -16.89 21.15 -22.91
N LEU B 315 -17.39 21.31 -24.14
CA LEU B 315 -17.31 20.21 -25.12
C LEU B 315 -15.85 19.86 -25.41
N SER B 316 -15.00 20.88 -25.57
CA SER B 316 -13.55 20.62 -25.81
C SER B 316 -12.94 19.93 -24.59
N GLU B 317 -13.35 20.34 -23.39
CA GLU B 317 -12.84 19.68 -22.16
C GLU B 317 -13.33 18.22 -22.14
N THR B 318 -14.56 17.98 -22.56
CA THR B 318 -15.07 16.59 -22.62
C THR B 318 -14.25 15.79 -23.62
N LYS B 319 -13.93 16.38 -24.76
CA LYS B 319 -13.08 15.68 -25.76
C LYS B 319 -11.71 15.38 -25.15
N CYS B 320 -11.14 16.36 -24.44
CA CYS B 320 -9.80 16.16 -23.85
C CYS B 320 -9.84 15.08 -22.78
N THR B 321 -10.86 15.07 -21.92
CA THR B 321 -10.89 14.09 -20.80
C THR B 321 -11.12 12.67 -21.36
N LEU B 322 -11.86 12.56 -22.46
CA LEU B 322 -12.08 11.23 -23.08
C LEU B 322 -10.94 10.90 -24.05
N LYS B 323 -10.07 11.89 -24.33
CA LYS B 323 -8.96 11.69 -25.30
C LYS B 323 -9.54 11.22 -26.64
N SER B 324 -10.67 11.80 -27.05
CA SER B 324 -11.25 11.46 -28.37
C SER B 324 -11.79 12.73 -29.03
N PHE B 325 -11.58 12.87 -30.34
CA PHE B 325 -12.13 14.05 -31.06
C PHE B 325 -13.66 13.95 -31.14
N THR B 326 -14.18 12.72 -31.10
CA THR B 326 -15.66 12.52 -31.16
C THR B 326 -16.13 11.90 -29.85
N VAL B 327 -17.16 12.49 -29.24
CA VAL B 327 -17.69 11.97 -27.95
C VAL B 327 -19.08 11.38 -28.20
N GLU B 328 -19.36 10.23 -27.58
CA GLU B 328 -20.68 9.59 -27.77
C GLU B 328 -21.70 10.19 -26.80
N LYS B 329 -22.97 9.81 -26.98
CA LYS B 329 -24.04 10.35 -26.10
C LYS B 329 -23.83 9.88 -24.66
N GLY B 330 -23.96 10.78 -23.70
CA GLY B 330 -23.87 10.35 -22.30
C GLY B 330 -23.34 11.45 -21.40
N ILE B 331 -23.25 11.17 -20.09
CA ILE B 331 -22.68 12.16 -19.13
C ILE B 331 -21.18 11.92 -19.01
N TYR B 332 -20.41 12.99 -18.87
CA TYR B 332 -18.94 12.83 -18.69
C TYR B 332 -18.45 13.83 -17.64
N GLN B 333 -17.80 13.32 -16.60
CA GLN B 333 -17.23 14.23 -15.58
C GLN B 333 -15.85 14.68 -16.06
N THR B 334 -15.66 15.98 -16.21
CA THR B 334 -14.38 16.48 -16.80
C THR B 334 -13.56 17.26 -15.77
N SER B 335 -14.21 17.97 -14.85
CA SER B 335 -13.44 18.82 -13.91
C SER B 335 -14.16 18.90 -12.56
N ASN B 336 -13.55 19.59 -11.59
CA ASN B 336 -14.20 19.76 -10.28
C ASN B 336 -14.37 21.25 -9.98
N PHE B 337 -15.61 21.69 -9.80
CA PHE B 337 -15.84 23.10 -9.42
C PHE B 337 -15.60 23.24 -7.91
N ARG B 338 -14.67 24.09 -7.51
CA ARG B 338 -14.42 24.31 -6.07
C ARG B 338 -14.45 25.80 -5.78
N VAL B 339 -15.29 26.24 -4.84
CA VAL B 339 -15.40 27.71 -4.60
C VAL B 339 -14.17 28.14 -3.79
N GLN B 340 -13.33 28.98 -4.38
CA GLN B 340 -12.11 29.45 -3.66
C GLN B 340 -12.53 30.47 -2.61
N PRO B 341 -11.81 30.58 -1.47
CA PRO B 341 -12.12 31.61 -0.48
C PRO B 341 -12.03 33.01 -1.09
N THR B 342 -12.97 33.88 -0.75
CA THR B 342 -13.01 35.24 -1.36
C THR B 342 -12.28 36.25 -0.48
N GLU B 343 -12.19 35.99 0.82
CA GLU B 343 -11.56 37.00 1.71
C GLU B 343 -10.85 36.30 2.87
N SER B 344 -9.74 36.87 3.35
CA SER B 344 -9.07 36.32 4.54
C SER B 344 -9.57 37.08 5.76
N ILE B 345 -10.16 36.36 6.72
CA ILE B 345 -10.73 37.03 7.92
C ILE B 345 -10.00 36.52 9.15
N VAL B 346 -9.48 37.44 9.97
CA VAL B 346 -8.76 37.04 11.21
C VAL B 346 -9.44 37.72 12.40
N ARG B 347 -9.82 36.93 13.40
CA ARG B 347 -10.46 37.51 14.61
C ARG B 347 -9.65 37.09 15.84
N PHE B 348 -9.18 38.07 16.61
CA PHE B 348 -8.48 37.73 17.87
C PHE B 348 -9.11 38.56 18.99
N PRO B 349 -9.29 38.00 20.21
CA PRO B 349 -9.95 38.72 21.28
C PRO B 349 -9.34 40.11 21.45
N ASN B 350 -10.17 41.14 21.56
CA ASN B 350 -9.65 42.52 21.67
C ASN B 350 -9.04 42.74 23.06
N LEU B 354 -1.58 40.69 30.90
CA LEU B 354 -0.52 41.47 30.29
C LEU B 354 0.86 41.03 30.80
N CYS B 355 1.83 41.04 29.88
CA CYS B 355 3.21 40.69 30.16
C CYS B 355 3.75 41.68 31.19
N PRO B 356 4.47 41.22 32.24
CA PRO B 356 4.95 42.08 33.31
C PRO B 356 6.19 42.91 32.94
N PHE B 357 6.05 43.75 31.91
CA PHE B 357 7.11 44.66 31.47
C PHE B 357 7.26 45.85 32.41
N ASP B 358 6.21 46.15 33.19
CA ASP B 358 6.27 47.19 34.20
C ASP B 358 7.26 46.74 35.29
N GLU B 359 7.15 45.47 35.69
CA GLU B 359 8.00 44.87 36.69
C GLU B 359 9.49 44.92 36.27
N VAL B 360 9.75 45.00 34.97
CA VAL B 360 11.10 44.95 34.44
C VAL B 360 11.66 46.36 34.31
N PHE B 361 10.99 47.20 33.55
CA PHE B 361 11.51 48.54 33.28
C PHE B 361 11.42 49.49 34.45
N ASN B 362 10.41 49.34 35.29
CA ASN B 362 10.23 50.30 36.38
C ASN B 362 10.59 49.69 37.71
N ALA B 363 11.44 48.66 37.71
CA ALA B 363 11.93 48.05 38.94
C ALA B 363 12.70 49.06 39.78
N THR B 364 12.69 48.92 41.09
CA THR B 364 13.41 49.85 41.93
C THR B 364 14.89 49.61 41.84
N ARG B 365 15.30 48.37 42.03
CA ARG B 365 16.71 48.01 41.92
C ARG B 365 17.02 47.42 40.54
N PHE B 366 18.21 47.73 40.02
CA PHE B 366 18.77 47.05 38.85
C PHE B 366 20.08 46.38 39.25
N ALA B 367 20.41 45.31 38.54
CA ALA B 367 21.63 44.55 38.81
C ALA B 367 22.87 45.29 38.29
N SER B 368 24.02 44.93 38.87
CA SER B 368 25.31 45.29 38.27
C SER B 368 25.47 44.54 36.97
N VAL B 369 26.16 45.15 36.03
CA VAL B 369 26.34 44.52 34.72
C VAL B 369 27.05 43.17 34.85
N TYR B 370 28.02 43.00 35.74
CA TYR B 370 28.77 41.76 35.76
C TYR B 370 27.86 40.63 36.21
N ALA B 371 26.83 40.99 36.99
CA ALA B 371 25.84 40.04 37.50
C ALA B 371 24.48 40.34 36.88
N TRP B 372 24.49 40.64 35.58
CA TRP B 372 23.30 41.05 34.87
C TRP B 372 22.14 40.09 35.15
N ASN B 373 20.95 40.68 35.23
CA ASN B 373 19.75 39.97 35.63
C ASN B 373 18.99 39.51 34.38
N ARG B 374 18.46 38.28 34.43
CA ARG B 374 17.62 37.75 33.36
C ARG B 374 16.22 37.39 33.86
N LYS B 375 15.19 38.02 33.28
CA LYS B 375 13.79 37.71 33.57
C LYS B 375 13.16 36.98 32.38
N ARG B 376 12.74 35.71 32.61
CA ARG B 376 11.99 34.95 31.62
C ARG B 376 10.53 35.41 31.58
N ILE B 377 10.07 35.77 30.39
CA ILE B 377 8.70 36.18 30.24
C ILE B 377 7.98 35.17 29.38
N SER B 378 6.83 34.71 29.85
CA SER B 378 6.08 33.69 29.14
C SER B 378 4.59 33.72 29.46
N ASN B 379 3.79 33.01 28.70
CA ASN B 379 2.38 32.89 28.99
C ASN B 379 1.74 34.23 29.27
N CYS B 380 1.82 35.11 28.28
CA CYS B 380 1.28 36.46 28.43
C CYS B 380 1.18 37.17 27.10
N VAL B 381 0.43 38.26 27.07
CA VAL B 381 0.29 39.07 25.87
C VAL B 381 0.92 40.42 26.17
N ALA B 382 1.66 40.97 25.20
CA ALA B 382 2.34 42.23 25.44
C ALA B 382 2.05 43.21 24.31
N ASP B 383 1.94 44.49 24.67
CA ASP B 383 1.76 45.54 23.69
C ASP B 383 3.10 46.17 23.37
N TYR B 384 3.76 45.60 22.35
CA TYR B 384 5.07 46.04 21.91
C TYR B 384 5.00 47.31 21.08
N SER B 385 3.79 47.80 20.77
CA SER B 385 3.66 49.05 20.02
C SER B 385 4.16 50.19 20.90
N VAL B 386 3.87 50.10 22.18
CA VAL B 386 4.23 51.19 23.07
C VAL B 386 5.63 51.08 23.66
N LEU B 387 6.47 50.26 23.06
CA LEU B 387 7.85 50.21 23.53
C LEU B 387 8.39 51.61 23.56
N TYR B 388 8.00 52.43 22.58
CA TYR B 388 8.51 53.79 22.53
C TYR B 388 8.27 54.52 23.86
N ASN B 389 7.38 53.98 24.71
CA ASN B 389 7.01 54.59 25.98
C ASN B 389 6.83 53.53 27.06
N PHE B 390 7.74 52.58 27.10
CA PHE B 390 7.74 51.54 28.12
C PHE B 390 8.44 52.09 29.33
N ALA B 391 9.24 53.10 29.13
CA ALA B 391 9.99 53.70 30.21
C ALA B 391 10.15 55.17 29.84
N PRO B 392 10.88 55.95 30.64
CA PRO B 392 10.94 57.35 30.26
C PRO B 392 12.22 57.73 29.55
N PHE B 393 12.20 58.83 28.81
CA PHE B 393 13.41 59.31 28.18
C PHE B 393 14.22 58.18 27.60
N SER B 394 13.54 57.18 27.09
CA SER B 394 14.23 56.01 26.59
C SER B 394 14.98 56.24 25.32
N ALA B 395 15.76 55.25 24.91
CA ALA B 395 16.47 55.30 23.67
C ALA B 395 16.43 53.85 23.33
N PHE B 396 15.93 53.52 22.16
CA PHE B 396 15.75 52.13 21.85
C PHE B 396 16.16 51.82 20.46
N LYS B 397 16.56 50.59 20.25
CA LYS B 397 16.86 50.16 18.89
C LYS B 397 16.59 48.67 18.78
N CYS B 398 15.83 48.28 17.75
CA CYS B 398 15.58 46.88 17.52
C CYS B 398 16.46 46.43 16.37
N TYR B 399 17.00 45.24 16.44
CA TYR B 399 17.97 44.75 15.46
C TYR B 399 17.31 43.74 14.53
N GLY B 400 16.28 43.03 15.00
CA GLY B 400 15.31 42.39 14.10
C GLY B 400 14.28 43.37 13.52
N VAL B 401 13.02 42.94 13.45
CA VAL B 401 11.98 43.73 12.81
C VAL B 401 11.45 44.77 13.79
N SER B 402 10.72 45.75 13.22
CA SER B 402 10.14 46.88 13.94
C SER B 402 9.33 46.41 15.15
N PRO B 403 9.21 47.26 16.21
CA PRO B 403 8.36 46.96 17.37
C PRO B 403 6.90 46.63 17.06
N THR B 404 6.35 47.21 15.98
CA THR B 404 4.99 46.97 15.55
C THR B 404 4.84 45.50 15.14
N LYS B 405 5.76 45.04 14.28
CA LYS B 405 5.75 43.67 13.77
C LYS B 405 5.90 42.66 14.90
N LEU B 406 6.51 43.08 16.02
CA LEU B 406 6.59 42.27 17.24
C LEU B 406 5.18 41.97 17.75
N ASN B 407 4.23 42.89 17.52
CA ASN B 407 2.86 42.76 17.97
C ASN B 407 2.12 41.65 17.23
N ASP B 408 2.41 41.48 15.93
CA ASP B 408 1.88 40.36 15.17
C ASP B 408 2.47 39.05 15.69
N LEU B 409 3.78 39.08 15.95
CA LEU B 409 4.56 37.88 16.18
C LEU B 409 4.22 37.27 17.54
N CYS B 410 4.59 35.99 17.64
CA CYS B 410 4.43 35.28 18.88
C CYS B 410 5.72 34.50 19.05
N PHE B 411 6.06 34.10 20.26
CA PHE B 411 7.31 33.45 20.61
C PHE B 411 7.08 32.59 21.84
N THR B 412 7.86 31.54 21.96
CA THR B 412 7.72 30.66 23.11
C THR B 412 8.16 31.37 24.35
N ASN B 413 9.30 32.06 24.28
CA ASN B 413 9.78 32.82 25.43
C ASN B 413 10.37 34.16 24.99
N VAL B 414 10.22 35.15 25.87
CA VAL B 414 10.94 36.40 25.77
C VAL B 414 11.87 36.52 26.97
N TYR B 415 13.11 36.99 26.73
CA TYR B 415 14.08 37.26 27.80
C TYR B 415 14.33 38.75 27.94
N ALA B 416 14.28 39.21 29.20
CA ALA B 416 14.62 40.58 29.55
C ALA B 416 15.85 40.55 30.46
N ASP B 417 16.95 41.05 29.90
CA ASP B 417 18.21 41.22 30.60
C ASP B 417 18.32 42.68 31.03
N SER B 418 18.69 42.92 32.29
CA SER B 418 18.85 44.31 32.73
C SER B 418 20.02 44.50 33.69
N PHE B 419 20.56 45.72 33.67
CA PHE B 419 21.78 46.08 34.38
C PHE B 419 22.04 47.58 34.25
N VAL B 420 23.06 48.06 34.99
CA VAL B 420 23.51 49.43 34.86
C VAL B 420 24.94 49.48 34.34
N ILE B 421 25.23 50.48 33.51
CA ILE B 421 26.57 50.75 32.99
C ILE B 421 26.71 52.27 32.86
N ARG B 422 27.89 52.73 32.43
CA ARG B 422 28.08 54.10 32.05
C ARG B 422 27.38 54.40 30.72
N GLY B 423 26.93 55.64 30.59
CA GLY B 423 26.47 56.21 29.34
C GLY B 423 27.34 55.88 28.12
N ASN B 424 28.65 56.10 28.23
CA ASN B 424 29.50 55.91 27.07
C ASN B 424 29.69 54.41 26.77
N GLU B 425 29.14 53.50 27.60
CA GLU B 425 29.30 52.08 27.35
C GLU B 425 28.06 51.48 26.71
N VAL B 426 26.95 52.24 26.64
CA VAL B 426 25.69 51.74 26.10
C VAL B 426 25.91 51.27 24.65
N SER B 427 26.77 51.95 23.89
CA SER B 427 27.07 51.57 22.52
C SER B 427 27.65 50.16 22.40
N GLN B 428 28.04 49.54 23.53
CA GLN B 428 28.66 48.22 23.49
C GLN B 428 27.58 47.14 23.56
N ILE B 429 26.38 47.53 23.98
CA ILE B 429 25.26 46.59 24.04
C ILE B 429 24.59 46.56 22.67
N ALA B 430 25.32 46.03 21.70
CA ALA B 430 24.90 45.95 20.33
C ALA B 430 25.63 44.76 19.72
N PRO B 431 25.11 44.13 18.65
CA PRO B 431 25.82 43.03 18.03
C PRO B 431 27.15 43.50 17.45
N GLY B 432 28.17 42.65 17.51
CA GLY B 432 29.44 42.96 16.88
C GLY B 432 30.32 43.95 17.64
N GLN B 433 30.02 44.32 18.89
CA GLN B 433 30.84 45.30 19.59
C GLN B 433 31.95 44.62 20.40
N THR B 434 33.06 45.34 20.61
CA THR B 434 34.04 44.93 21.61
C THR B 434 34.30 46.10 22.56
N GLY B 435 34.86 45.80 23.73
CA GLY B 435 35.08 46.77 24.78
C GLY B 435 34.99 46.14 26.16
N ASN B 436 35.23 46.93 27.21
CA ASN B 436 35.29 46.36 28.54
C ASN B 436 33.99 45.64 28.85
N ILE B 437 32.85 46.23 28.47
CA ILE B 437 31.58 45.61 28.81
C ILE B 437 31.27 44.40 27.89
N ALA B 438 31.27 44.61 26.59
CA ALA B 438 31.04 43.53 25.64
C ALA B 438 31.93 42.35 25.98
N ASP B 439 33.22 42.61 26.22
CA ASP B 439 34.17 41.52 26.35
C ASP B 439 34.02 40.80 27.68
N TYR B 440 33.84 41.51 28.83
CA TYR B 440 33.96 40.86 30.14
C TYR B 440 32.69 40.87 31.00
N ASN B 441 31.58 41.44 30.52
CA ASN B 441 30.42 41.63 31.36
C ASN B 441 29.15 41.11 30.70
N TYR B 442 28.75 41.66 29.55
CA TYR B 442 27.51 41.27 28.88
C TYR B 442 27.72 41.34 27.38
N LYS B 443 27.48 40.23 26.69
CA LYS B 443 27.86 40.07 25.30
C LYS B 443 26.66 39.57 24.49
N LEU B 444 26.27 40.38 23.49
CA LEU B 444 25.25 40.02 22.50
C LEU B 444 25.91 39.28 21.34
N PRO B 445 25.20 38.32 20.70
CA PRO B 445 25.74 37.66 19.51
C PRO B 445 25.76 38.52 18.25
N ASP B 446 26.65 38.17 17.33
CA ASP B 446 26.71 38.91 16.08
C ASP B 446 25.35 38.93 15.38
N ASP B 447 24.55 37.87 15.53
CA ASP B 447 23.31 37.76 14.78
C ASP B 447 22.12 38.18 15.66
N PHE B 448 22.37 38.96 16.71
CA PHE B 448 21.28 39.39 17.57
C PHE B 448 20.17 40.05 16.75
N THR B 449 18.93 39.63 17.04
CA THR B 449 17.71 40.30 16.58
C THR B 449 16.79 40.44 17.78
N GLY B 450 16.99 41.52 18.52
CA GLY B 450 16.15 41.83 19.64
C GLY B 450 16.07 43.33 19.76
N CYS B 451 15.72 43.81 20.95
CA CYS B 451 15.75 45.26 21.18
C CYS B 451 16.64 45.58 22.38
N VAL B 452 17.33 46.72 22.27
CA VAL B 452 18.11 47.31 23.34
C VAL B 452 17.48 48.65 23.68
N ILE B 453 17.18 48.84 24.97
CA ILE B 453 16.62 50.08 25.50
C ILE B 453 17.50 50.61 26.63
N ALA B 454 17.89 51.88 26.59
CA ALA B 454 18.68 52.43 27.67
C ALA B 454 18.21 53.83 28.01
N TRP B 455 18.22 54.16 29.30
CA TRP B 455 17.90 55.50 29.75
C TRP B 455 18.84 55.93 30.90
N ASN B 456 19.15 57.21 30.92
CA ASN B 456 19.92 57.86 31.99
C ASN B 456 19.23 57.69 33.33
N SER B 457 19.96 57.13 34.32
CA SER B 457 19.42 56.89 35.64
C SER B 457 20.18 57.67 36.72
N ASN B 458 20.78 58.80 36.34
CA ASN B 458 21.55 59.63 37.26
C ASN B 458 20.78 59.91 38.55
N LYS B 459 19.50 60.26 38.47
CA LYS B 459 18.77 60.69 39.65
C LYS B 459 18.62 59.52 40.60
N LEU B 460 18.59 58.30 40.09
CA LEU B 460 18.30 57.14 40.93
C LEU B 460 19.56 56.46 41.40
N ASP B 461 20.61 56.42 40.56
CA ASP B 461 21.70 55.49 40.78
C ASP B 461 22.99 56.21 41.17
N SER B 462 23.01 57.53 41.06
CA SER B 462 24.16 58.29 41.50
C SER B 462 23.95 58.76 42.92
N LYS B 463 25.03 58.86 43.69
CA LYS B 463 24.94 59.32 45.07
C LYS B 463 26.07 60.24 45.42
N VAL B 464 25.77 61.27 46.18
CA VAL B 464 26.83 62.13 46.67
C VAL B 464 27.76 61.28 47.54
N GLY B 465 29.04 61.38 47.27
CA GLY B 465 29.98 60.51 47.95
C GLY B 465 30.31 59.24 47.14
N GLY B 466 29.48 58.95 46.13
CA GLY B 466 29.66 57.77 45.30
C GLY B 466 28.73 56.62 45.69
N ASN B 467 28.04 56.10 44.68
CA ASN B 467 27.31 54.86 44.81
C ASN B 467 28.22 53.69 44.46
N TYR B 468 28.65 52.95 45.49
CA TYR B 468 29.60 51.88 45.25
C TYR B 468 28.92 50.53 45.00
N ASN B 469 27.58 50.48 44.92
CA ASN B 469 26.87 49.24 44.65
C ASN B 469 27.22 48.66 43.27
N TYR B 470 27.33 49.52 42.25
CA TYR B 470 27.40 49.04 40.88
C TYR B 470 28.85 48.76 40.52
N ARG B 471 29.09 47.51 40.09
CA ARG B 471 30.42 47.10 39.65
C ARG B 471 30.41 46.53 38.24
N TYR B 472 31.61 46.47 37.63
CA TYR B 472 31.86 45.82 36.35
C TYR B 472 33.18 45.06 36.49
N ARG B 473 33.35 44.02 35.67
CA ARG B 473 34.58 43.23 35.60
C ARG B 473 35.61 43.93 34.71
N LEU B 474 36.84 44.06 35.20
CA LEU B 474 37.89 44.76 34.48
C LEU B 474 38.94 43.78 33.94
N PHE B 475 39.04 42.60 34.56
CA PHE B 475 40.03 41.62 34.14
C PHE B 475 39.33 40.29 33.89
N ARG B 476 39.77 39.58 32.85
CA ARG B 476 39.26 38.24 32.55
C ARG B 476 40.21 37.56 31.56
N LYS B 477 40.38 36.25 31.70
CA LYS B 477 41.36 35.49 30.92
C LYS B 477 40.87 35.22 29.48
N SER B 478 39.58 35.42 29.23
CA SER B 478 39.05 35.25 27.89
C SER B 478 37.78 36.08 27.78
N ASN B 479 37.39 36.39 26.56
CA ASN B 479 36.15 37.10 26.30
C ASN B 479 34.97 36.21 26.61
N LEU B 480 33.86 36.82 26.93
CA LEU B 480 32.67 36.09 27.21
C LEU B 480 31.98 35.66 25.95
N LYS B 481 31.36 34.50 26.00
CA LYS B 481 30.59 34.04 24.89
C LYS B 481 29.25 34.74 25.01
N PRO B 482 28.53 34.81 23.91
CA PRO B 482 27.23 35.47 23.94
C PRO B 482 26.30 34.98 25.06
N PHE B 483 25.69 35.90 25.78
CA PHE B 483 24.79 35.61 26.89
C PHE B 483 25.47 34.82 28.00
N GLU B 484 26.79 34.77 28.03
CA GLU B 484 27.49 34.27 29.22
C GLU B 484 27.43 35.30 30.36
N ARG B 485 27.42 34.79 31.59
CA ARG B 485 27.46 35.59 32.79
C ARG B 485 28.57 35.05 33.68
N ASP B 486 29.41 35.93 34.24
CA ASP B 486 30.49 35.50 35.13
C ASP B 486 30.40 36.32 36.40
N ILE B 487 30.08 35.64 37.51
CA ILE B 487 29.98 36.31 38.80
C ILE B 487 31.10 35.85 39.75
N SER B 488 32.17 35.24 39.24
CA SER B 488 33.30 34.86 40.07
C SER B 488 34.07 36.09 40.60
N THR B 489 34.76 35.92 41.74
CA THR B 489 35.53 37.01 42.30
C THR B 489 36.90 36.52 42.73
N GLU B 490 37.49 35.70 41.87
CA GLU B 490 38.83 35.20 42.10
C GLU B 490 39.79 36.33 41.78
N ILE B 491 40.86 36.38 42.55
CA ILE B 491 41.85 37.41 42.34
C ILE B 491 42.55 37.10 41.02
N TYR B 492 42.64 38.15 40.17
CA TYR B 492 43.21 38.04 38.86
C TYR B 492 44.72 38.17 38.98
N GLN B 493 45.42 37.12 38.50
CA GLN B 493 46.85 37.01 38.62
C GLN B 493 47.49 37.52 37.33
N ALA B 494 47.98 38.76 37.35
CA ALA B 494 48.43 39.41 36.14
C ALA B 494 49.86 39.03 35.83
N GLY B 495 50.63 38.70 36.87
CA GLY B 495 52.00 38.24 36.65
C GLY B 495 52.15 36.73 36.90
N ASN B 496 53.40 36.34 37.14
CA ASN B 496 53.78 34.96 37.37
C ASN B 496 53.79 34.53 38.83
N LYS B 497 53.68 35.44 39.80
CA LYS B 497 53.64 35.03 41.19
C LYS B 497 52.20 34.74 41.59
N PRO B 498 51.97 33.74 42.48
CA PRO B 498 50.62 33.43 42.95
C PRO B 498 50.05 34.51 43.85
N CYS B 499 48.76 34.59 43.95
CA CYS B 499 48.14 35.65 44.73
C CYS B 499 47.61 35.12 46.05
N ASN B 500 47.62 33.82 46.23
CA ASN B 500 47.16 33.18 47.45
C ASN B 500 45.85 33.79 47.93
N GLY B 501 44.96 34.12 46.99
CA GLY B 501 43.64 34.61 47.35
C GLY B 501 43.62 36.03 47.92
N VAL B 502 44.69 36.83 47.77
CA VAL B 502 44.66 38.20 48.27
C VAL B 502 45.13 39.18 47.20
N ALA B 503 44.44 40.33 47.12
CA ALA B 503 44.86 41.40 46.24
C ALA B 503 46.21 41.94 46.73
N GLY B 504 47.10 42.19 45.77
CA GLY B 504 48.37 42.84 45.98
C GLY B 504 48.95 43.26 44.64
N VAL B 505 50.26 43.40 44.60
CA VAL B 505 50.97 43.77 43.40
C VAL B 505 50.67 42.76 42.31
N ASN B 506 50.16 43.22 41.18
CA ASN B 506 49.91 42.38 40.02
C ASN B 506 48.94 41.25 40.36
N CYS B 507 48.11 41.46 41.38
CA CYS B 507 47.11 40.52 41.84
C CYS B 507 45.86 41.36 42.16
N TYR B 508 44.92 41.40 41.22
CA TYR B 508 43.90 42.42 41.24
C TYR B 508 42.54 41.79 41.51
N PHE B 509 41.78 42.35 42.45
CA PHE B 509 40.36 42.06 42.55
C PHE B 509 39.71 42.37 41.20
N PRO B 510 38.88 41.47 40.65
CA PRO B 510 38.54 41.54 39.23
C PRO B 510 37.42 42.50 38.89
N LEU B 511 36.64 42.86 39.91
CA LEU B 511 35.56 43.83 39.77
C LEU B 511 36.04 45.21 40.20
N GLN B 512 35.50 46.25 39.55
CA GLN B 512 35.70 47.64 39.90
C GLN B 512 34.33 48.28 40.03
N SER B 513 34.19 49.20 40.99
CA SER B 513 32.97 49.97 41.13
C SER B 513 33.00 51.19 40.21
N TYR B 514 31.83 51.55 39.70
CA TYR B 514 31.69 52.80 38.95
C TYR B 514 31.69 54.02 39.89
N GLY B 515 31.24 53.85 41.13
CA GLY B 515 31.22 54.91 42.13
C GLY B 515 30.43 56.13 41.69
N PHE B 516 29.23 55.93 41.13
CA PHE B 516 28.52 57.00 40.40
C PHE B 516 28.21 58.17 41.33
N ARG B 517 28.50 59.39 40.86
CA ARG B 517 28.18 60.61 41.58
C ARG B 517 27.40 61.56 40.68
N PRO B 518 26.44 62.34 41.24
CA PRO B 518 25.56 63.18 40.44
C PRO B 518 26.28 64.18 39.54
N THR B 519 27.51 64.50 39.89
CA THR B 519 28.26 65.51 39.17
C THR B 519 29.10 65.00 38.01
N TYR B 520 29.03 63.71 37.73
CA TYR B 520 29.73 63.15 36.61
C TYR B 520 29.16 63.67 35.32
N GLY B 521 29.97 63.69 34.27
CA GLY B 521 29.46 64.05 32.96
C GLY B 521 28.49 62.99 32.48
N VAL B 522 27.70 63.29 31.48
CA VAL B 522 26.66 62.37 31.05
C VAL B 522 27.27 61.06 30.54
N GLY B 523 28.42 61.15 29.89
CA GLY B 523 29.13 59.98 29.41
C GLY B 523 29.45 59.02 30.53
N HIS B 524 29.69 59.55 31.75
CA HIS B 524 30.02 58.74 32.91
C HIS B 524 28.84 58.51 33.85
N GLN B 525 27.67 59.08 33.57
CA GLN B 525 26.53 58.83 34.46
C GLN B 525 26.00 57.43 34.22
N PRO B 526 25.24 56.89 35.19
CA PRO B 526 24.63 55.59 35.02
C PRO B 526 23.46 55.58 34.04
N TYR B 527 23.42 54.51 33.23
CA TYR B 527 22.28 54.19 32.38
C TYR B 527 21.72 52.82 32.76
N ARG B 528 20.41 52.76 32.98
CA ARG B 528 19.75 51.48 33.09
C ARG B 528 19.49 50.96 31.68
N VAL B 529 19.68 49.65 31.49
CA VAL B 529 19.60 49.02 30.19
C VAL B 529 18.74 47.76 30.30
N VAL B 530 17.84 47.61 29.31
CA VAL B 530 17.04 46.42 29.15
C VAL B 530 17.23 45.88 27.74
N VAL B 531 17.51 44.57 27.69
CA VAL B 531 17.69 43.89 26.44
C VAL B 531 16.59 42.83 26.33
N LEU B 532 15.80 42.92 25.26
CA LEU B 532 14.77 41.93 24.96
C LEU B 532 15.25 41.05 23.82
N SER B 533 15.30 39.75 24.10
CA SER B 533 15.57 38.71 23.12
C SER B 533 14.34 37.79 22.96
N PHE B 534 14.04 37.40 21.71
CA PHE B 534 12.81 36.68 21.41
C PHE B 534 13.10 35.28 20.90
N GLU B 535 12.76 34.28 21.73
CA GLU B 535 13.09 32.91 21.42
C GLU B 535 11.91 32.24 20.70
N LEU B 536 12.21 31.42 19.70
CA LEU B 536 11.19 30.67 19.01
C LEU B 536 11.67 29.24 18.88
N ALA B 541 3.97 28.90 21.14
CA ALA B 541 4.39 30.28 21.29
C ALA B 541 3.49 30.95 22.28
N THR B 542 3.85 30.89 23.56
CA THR B 542 3.01 31.44 24.60
C THR B 542 3.20 32.93 24.89
N VAL B 543 3.99 33.63 24.08
CA VAL B 543 4.12 35.08 24.26
C VAL B 543 3.77 35.76 22.95
N CYS B 544 2.71 36.55 22.96
CA CYS B 544 2.25 37.17 21.74
C CYS B 544 2.06 38.65 21.87
N GLY B 545 1.94 39.31 20.73
CA GLY B 545 1.75 40.76 20.72
C GLY B 545 0.27 41.17 20.79
N SER B 549 -7.16 42.98 13.70
CA SER B 549 -7.97 44.03 13.02
C SER B 549 -8.57 43.48 11.72
N THR B 550 -9.66 42.72 11.81
CA THR B 550 -10.35 42.24 10.58
C THR B 550 -11.86 42.19 10.84
N ASN B 551 -12.67 42.26 9.77
CA ASN B 551 -14.15 42.27 9.89
C ASN B 551 -14.72 40.94 9.39
N LEU B 552 -15.58 40.32 10.19
CA LEU B 552 -16.17 39.01 9.79
C LEU B 552 -17.23 39.22 8.69
N VAL B 553 -17.29 38.28 7.75
CA VAL B 553 -18.30 38.37 6.64
C VAL B 553 -19.11 37.08 6.67
N LYS B 554 -20.44 37.20 6.57
CA LYS B 554 -21.28 35.98 6.73
C LYS B 554 -21.76 35.44 5.39
N ASN B 555 -22.03 34.13 5.35
CA ASN B 555 -22.61 33.48 4.13
C ASN B 555 -21.69 33.64 2.92
N LYS B 556 -20.37 33.70 3.14
CA LYS B 556 -19.43 33.74 1.98
C LYS B 556 -18.26 32.80 2.25
N CYS B 557 -17.81 32.09 1.22
CA CYS B 557 -16.70 31.13 1.39
C CYS B 557 -15.43 31.96 1.62
N VAL B 558 -14.91 31.94 2.85
CA VAL B 558 -13.75 32.80 3.19
C VAL B 558 -12.71 31.95 3.91
N ASN B 559 -11.47 32.46 4.00
CA ASN B 559 -10.42 31.76 4.79
C ASN B 559 -10.40 32.44 6.16
N PHE B 560 -10.74 31.69 7.21
CA PHE B 560 -10.88 32.34 8.55
C PHE B 560 -9.77 31.91 9.50
N ASN B 561 -9.39 32.82 10.40
CA ASN B 561 -8.36 32.50 11.42
C ASN B 561 -8.90 32.98 12.77
N PHE B 562 -9.48 32.08 13.54
CA PHE B 562 -10.05 32.47 14.86
C PHE B 562 -9.06 32.13 15.97
N ASN B 563 -8.33 33.14 16.45
CA ASN B 563 -7.38 32.96 17.59
C ASN B 563 -6.55 31.68 17.41
N GLY B 564 -5.97 31.48 16.22
CA GLY B 564 -5.08 30.32 16.00
C GLY B 564 -5.75 29.16 15.30
N LEU B 565 -7.08 29.17 15.16
CA LEU B 565 -7.75 28.10 14.39
C LEU B 565 -7.93 28.57 12.94
N THR B 566 -7.23 27.94 12.00
CA THR B 566 -7.30 28.40 10.60
C THR B 566 -8.10 27.40 9.77
N GLY B 567 -9.00 27.91 8.93
CA GLY B 567 -9.84 27.02 8.11
C GLY B 567 -10.43 27.75 6.92
N THR B 568 -11.13 27.03 6.04
CA THR B 568 -11.81 27.67 4.89
C THR B 568 -13.27 27.22 4.86
N GLY B 569 -14.19 28.17 4.71
CA GLY B 569 -15.60 27.80 4.61
C GLY B 569 -16.49 29.02 4.75
N VAL B 570 -17.79 28.80 4.89
CA VAL B 570 -18.73 29.94 5.10
C VAL B 570 -19.06 30.05 6.58
N LEU B 571 -19.25 31.29 7.06
CA LEU B 571 -19.60 31.51 8.48
C LEU B 571 -21.07 31.93 8.57
N THR B 572 -21.84 31.25 9.41
CA THR B 572 -23.29 31.55 9.47
C THR B 572 -23.70 31.73 10.94
N GLU B 573 -24.78 32.48 11.18
CA GLU B 573 -25.28 32.59 12.58
C GLU B 573 -25.82 31.23 12.99
N SER B 574 -25.48 30.78 14.20
CA SER B 574 -25.91 29.41 14.63
C SER B 574 -26.65 29.48 15.96
N ASN B 575 -27.49 28.46 16.22
CA ASN B 575 -28.30 28.43 17.46
C ASN B 575 -27.64 27.46 18.45
N LYS B 576 -26.34 27.21 18.28
CA LYS B 576 -25.62 26.25 19.16
C LYS B 576 -25.36 26.91 20.52
N LYS B 577 -25.78 26.26 21.60
CA LYS B 577 -25.62 26.86 22.95
C LYS B 577 -24.26 26.46 23.51
N PHE B 578 -23.22 27.22 23.15
CA PHE B 578 -21.87 26.92 23.66
C PHE B 578 -21.79 27.20 25.15
N LEU B 579 -21.07 26.35 25.88
CA LEU B 579 -20.83 26.65 27.32
C LEU B 579 -19.81 27.78 27.38
N PRO B 580 -19.74 28.56 28.46
CA PRO B 580 -18.86 29.74 28.50
C PRO B 580 -17.37 29.46 28.25
N PHE B 581 -16.88 28.27 28.59
CA PHE B 581 -15.42 28.00 28.47
C PHE B 581 -15.08 27.49 27.05
N GLN B 582 -16.05 26.97 26.31
CA GLN B 582 -15.72 26.38 24.99
C GLN B 582 -15.33 27.49 24.00
N GLN B 583 -14.41 27.17 23.10
CA GLN B 583 -13.93 28.20 22.15
C GLN B 583 -14.28 27.81 20.71
N PHE B 584 -14.38 26.51 20.43
CA PHE B 584 -14.80 26.08 19.08
C PHE B 584 -15.43 24.69 19.16
N GLY B 585 -16.42 24.41 18.29
CA GLY B 585 -17.13 23.13 18.34
C GLY B 585 -16.71 22.17 17.25
N ARG B 586 -16.85 20.87 17.51
CA ARG B 586 -16.42 19.84 16.52
C ARG B 586 -17.62 18.97 16.15
N ASP B 587 -17.61 18.40 14.96
CA ASP B 587 -18.72 17.53 14.49
C ASP B 587 -18.61 16.14 15.13
N ILE B 588 -19.43 15.20 14.68
CA ILE B 588 -19.27 13.80 15.16
C ILE B 588 -17.88 13.36 14.73
N ALA B 589 -17.51 13.68 13.48
CA ALA B 589 -16.14 13.37 13.01
C ALA B 589 -15.19 14.46 13.48
N ASP B 590 -13.89 14.29 13.23
CA ASP B 590 -12.89 15.26 13.74
C ASP B 590 -12.84 16.47 12.80
N THR B 591 -13.95 17.19 12.66
CA THR B 591 -13.99 18.41 11.82
C THR B 591 -14.66 19.52 12.63
N THR B 592 -14.28 20.77 12.40
CA THR B 592 -14.82 21.88 13.22
C THR B 592 -16.16 22.35 12.64
N ASP B 593 -17.22 22.30 13.45
CA ASP B 593 -18.56 22.71 12.97
C ASP B 593 -18.88 24.15 13.42
N ALA B 594 -18.39 24.55 14.58
CA ALA B 594 -18.76 25.90 15.07
C ALA B 594 -17.55 26.51 15.77
N VAL B 595 -17.51 27.85 15.84
CA VAL B 595 -16.41 28.52 16.57
C VAL B 595 -17.01 29.63 17.44
N ARG B 596 -16.31 30.01 18.51
CA ARG B 596 -16.76 31.17 19.32
C ARG B 596 -15.99 32.37 18.78
N ASP B 597 -16.67 33.23 18.04
CA ASP B 597 -15.95 34.34 17.37
C ASP B 597 -15.41 35.33 18.39
N PRO B 598 -14.09 35.60 18.42
CA PRO B 598 -13.57 36.66 19.27
C PRO B 598 -14.03 38.04 18.77
N GLN B 599 -13.91 39.06 19.62
CA GLN B 599 -14.27 40.47 19.28
C GLN B 599 -15.78 40.67 19.38
N THR B 600 -16.55 39.59 19.50
CA THR B 600 -18.02 39.72 19.67
C THR B 600 -18.55 38.66 20.64
N LEU B 601 -17.75 37.64 20.95
CA LEU B 601 -18.18 36.53 21.83
C LEU B 601 -19.51 35.92 21.33
N GLU B 602 -19.56 35.58 20.04
CA GLU B 602 -20.79 34.94 19.49
C GLU B 602 -20.41 33.59 18.86
N ILE B 603 -21.41 32.80 18.51
CA ILE B 603 -21.12 31.45 17.93
C ILE B 603 -21.34 31.51 16.42
N LEU B 604 -20.32 31.12 15.66
CA LEU B 604 -20.45 31.10 14.17
C LEU B 604 -20.37 29.67 13.67
N ASP B 605 -21.37 29.25 12.89
CA ASP B 605 -21.33 27.89 12.29
C ASP B 605 -20.40 27.93 11.08
N ILE B 606 -19.49 26.97 11.01
CA ILE B 606 -18.56 26.89 9.84
C ILE B 606 -19.06 25.78 8.91
N THR B 607 -19.47 26.14 7.71
CA THR B 607 -19.91 25.12 6.74
C THR B 607 -18.84 25.01 5.64
N PRO B 608 -18.37 23.81 5.28
CA PRO B 608 -17.43 23.69 4.16
C PRO B 608 -18.06 24.35 2.93
N CYS B 609 -17.38 25.35 2.38
CA CYS B 609 -18.00 26.10 1.26
C CYS B 609 -18.21 25.17 0.04
N SER B 610 -19.25 25.42 -0.73
CA SER B 610 -19.67 24.49 -1.81
C SER B 610 -18.58 24.05 -2.79
N PHE B 611 -18.59 22.75 -3.13
CA PHE B 611 -17.68 22.22 -4.18
C PHE B 611 -18.43 21.06 -4.84
N GLY B 612 -18.04 20.67 -6.05
CA GLY B 612 -18.71 19.50 -6.66
C GLY B 612 -18.10 19.12 -8.00
N GLY B 613 -18.41 17.93 -8.50
CA GLY B 613 -17.93 17.52 -9.84
C GLY B 613 -18.61 18.29 -10.95
N VAL B 614 -18.00 18.35 -12.14
CA VAL B 614 -18.67 19.01 -13.29
C VAL B 614 -18.89 17.96 -14.37
N SER B 615 -20.16 17.68 -14.66
CA SER B 615 -20.48 16.69 -15.72
C SER B 615 -20.98 17.42 -16.95
N VAL B 616 -20.83 16.80 -18.12
CA VAL B 616 -21.25 17.48 -19.38
C VAL B 616 -22.27 16.60 -20.09
N ILE B 617 -23.50 17.09 -20.21
CA ILE B 617 -24.52 16.34 -20.99
C ILE B 617 -24.22 16.61 -22.47
N THR B 618 -23.94 15.55 -23.23
CA THR B 618 -23.70 15.74 -24.69
C THR B 618 -24.47 14.68 -25.46
N PRO B 619 -25.26 15.03 -26.49
CA PRO B 619 -25.95 14.03 -27.30
C PRO B 619 -24.98 13.29 -28.24
N GLY B 620 -23.75 13.78 -28.38
CA GLY B 620 -22.78 13.16 -29.30
C GLY B 620 -22.31 14.16 -30.34
N THR B 621 -21.06 14.05 -30.80
CA THR B 621 -20.51 15.04 -31.76
C THR B 621 -21.32 14.99 -33.05
N ASN B 622 -21.71 13.79 -33.48
CA ASN B 622 -22.55 13.68 -34.69
C ASN B 622 -23.89 14.39 -34.49
N THR B 623 -24.55 14.16 -33.36
CA THR B 623 -25.91 14.73 -33.14
C THR B 623 -25.86 16.25 -33.02
N SER B 624 -25.01 16.78 -32.15
CA SER B 624 -24.95 18.24 -31.94
C SER B 624 -23.67 18.62 -31.18
N ASN B 625 -23.17 19.83 -31.39
CA ASN B 625 -22.01 20.29 -30.59
C ASN B 625 -22.52 21.01 -29.35
N GLN B 626 -23.84 21.21 -29.26
CA GLN B 626 -24.43 21.92 -28.09
C GLN B 626 -24.40 20.98 -26.89
N VAL B 627 -23.89 21.46 -25.75
CA VAL B 627 -23.77 20.59 -24.55
C VAL B 627 -24.30 21.33 -23.33
N ALA B 628 -24.66 20.59 -22.28
CA ALA B 628 -25.11 21.22 -21.03
C ALA B 628 -24.13 20.88 -19.91
N VAL B 629 -24.05 21.73 -18.89
CA VAL B 629 -23.08 21.50 -17.78
C VAL B 629 -23.87 21.21 -16.50
N LEU B 630 -23.64 20.04 -15.91
CA LEU B 630 -24.29 19.71 -14.63
C LEU B 630 -23.27 19.92 -13.51
N TYR B 631 -23.51 20.89 -12.63
CA TYR B 631 -22.62 21.07 -11.45
C TYR B 631 -23.15 20.13 -10.38
N GLN B 632 -22.34 19.18 -9.91
CA GLN B 632 -22.88 18.13 -9.01
C GLN B 632 -22.98 18.52 -7.54
N ASP B 633 -24.11 18.17 -6.90
CA ASP B 633 -24.27 18.34 -5.43
C ASP B 633 -23.95 19.76 -4.98
N VAL B 634 -24.32 20.75 -5.77
CA VAL B 634 -23.99 22.16 -5.38
C VAL B 634 -25.14 23.07 -5.79
N ASN B 635 -25.45 24.07 -4.97
CA ASN B 635 -26.46 25.07 -5.38
C ASN B 635 -25.82 25.92 -6.48
N CYS B 636 -26.65 26.48 -7.36
CA CYS B 636 -26.02 27.40 -8.35
C CYS B 636 -26.67 28.78 -8.30
N THR B 637 -27.05 29.20 -7.08
CA THR B 637 -27.42 30.62 -6.90
C THR B 637 -26.06 31.31 -7.02
N GLU B 638 -24.98 30.54 -6.82
CA GLU B 638 -23.59 31.03 -7.02
C GLU B 638 -23.00 30.24 -8.21
N VAL B 639 -22.09 30.86 -8.95
CA VAL B 639 -21.54 30.20 -10.17
C VAL B 639 -20.87 28.88 -9.78
N GLY B 658 -25.32 30.32 -17.20
CA GLY B 658 -26.44 31.12 -16.66
C GLY B 658 -27.49 31.48 -17.69
N SER B 659 -27.63 30.71 -18.78
CA SER B 659 -28.70 30.95 -19.79
C SER B 659 -29.96 30.17 -19.41
N ASN B 660 -29.83 28.87 -19.18
CA ASN B 660 -31.00 28.08 -18.67
C ASN B 660 -30.53 27.31 -17.45
N VAL B 661 -31.14 27.55 -16.29
CA VAL B 661 -30.65 26.89 -15.04
C VAL B 661 -31.77 26.03 -14.47
N PHE B 662 -31.48 24.76 -14.23
CA PHE B 662 -32.49 23.86 -13.61
C PHE B 662 -31.85 23.18 -12.39
N GLN B 663 -32.43 23.40 -11.22
CA GLN B 663 -31.82 22.85 -9.97
C GLN B 663 -32.43 21.49 -9.64
N THR B 664 -31.58 20.48 -9.48
CA THR B 664 -32.06 19.12 -9.12
C THR B 664 -31.25 18.63 -7.92
N ARG B 665 -31.64 17.49 -7.35
CA ARG B 665 -30.94 16.98 -6.14
C ARG B 665 -29.48 16.64 -6.50
N ALA B 666 -29.19 16.46 -7.78
CA ALA B 666 -27.81 16.11 -8.22
C ALA B 666 -27.02 17.38 -8.56
N GLY B 667 -27.54 18.55 -8.19
CA GLY B 667 -26.85 19.81 -8.54
C GLY B 667 -27.64 20.57 -9.59
N CYS B 668 -27.01 21.47 -10.33
CA CYS B 668 -27.86 22.23 -11.29
C CYS B 668 -27.36 22.03 -12.73
N LEU B 669 -28.30 22.05 -13.68
CA LEU B 669 -27.95 21.86 -15.11
C LEU B 669 -28.03 23.22 -15.80
N ILE B 670 -26.97 23.57 -16.53
CA ILE B 670 -26.95 24.87 -17.27
C ILE B 670 -26.84 24.57 -18.77
N GLY B 671 -27.74 25.14 -19.57
CA GLY B 671 -27.72 24.92 -21.02
C GLY B 671 -28.74 23.88 -21.47
N ALA B 672 -29.43 23.23 -20.53
CA ALA B 672 -30.50 22.28 -20.90
C ALA B 672 -31.82 22.79 -20.32
N GLU B 673 -32.85 22.92 -21.16
CA GLU B 673 -34.15 23.46 -20.69
C GLU B 673 -34.95 22.34 -20.02
N HIS B 674 -35.69 22.68 -18.97
CA HIS B 674 -36.50 21.66 -18.26
C HIS B 674 -37.89 21.61 -18.87
N VAL B 675 -38.29 20.44 -19.37
CA VAL B 675 -39.67 20.27 -19.92
C VAL B 675 -40.50 19.50 -18.90
N ASN B 676 -41.82 19.65 -18.97
CA ASN B 676 -42.70 19.00 -17.97
C ASN B 676 -43.12 17.61 -18.45
N ASN B 677 -43.40 17.48 -19.74
CA ASN B 677 -43.80 16.16 -20.29
C ASN B 677 -42.62 15.18 -20.14
N SER B 678 -42.89 14.00 -19.60
CA SER B 678 -41.80 13.02 -19.34
C SER B 678 -41.42 12.23 -20.61
N TYR B 679 -40.23 11.67 -20.60
CA TYR B 679 -39.79 10.82 -21.74
C TYR B 679 -38.99 9.64 -21.20
N GLU B 680 -38.80 8.62 -22.03
CA GLU B 680 -37.92 7.50 -21.61
C GLU B 680 -36.50 8.07 -21.46
N CYS B 681 -35.78 7.67 -20.43
CA CYS B 681 -34.45 8.30 -20.16
C CYS B 681 -33.51 8.10 -21.35
N ASP B 682 -32.88 9.18 -21.81
CA ASP B 682 -31.90 9.08 -22.92
C ASP B 682 -30.50 9.26 -22.34
N ILE B 683 -30.35 10.21 -21.41
CA ILE B 683 -29.04 10.41 -20.74
C ILE B 683 -29.29 10.34 -19.24
N PRO B 684 -28.56 9.51 -18.47
CA PRO B 684 -28.76 9.46 -17.04
C PRO B 684 -28.13 10.66 -16.33
N ILE B 685 -28.95 11.42 -15.60
CA ILE B 685 -28.42 12.58 -14.83
C ILE B 685 -28.45 12.25 -13.34
N GLY B 686 -29.57 11.68 -12.87
CA GLY B 686 -29.68 11.33 -11.44
C GLY B 686 -30.87 12.01 -10.79
N ALA B 687 -31.28 11.52 -9.61
CA ALA B 687 -32.44 12.09 -8.89
C ALA B 687 -33.69 12.08 -9.79
N GLY B 688 -33.84 11.04 -10.61
CA GLY B 688 -35.05 10.92 -11.45
C GLY B 688 -35.05 11.87 -12.63
N ILE B 689 -33.91 12.50 -12.92
CA ILE B 689 -33.86 13.51 -14.02
C ILE B 689 -33.06 12.91 -15.18
N CYS B 690 -33.55 13.11 -16.41
CA CYS B 690 -32.80 12.62 -17.59
C CYS B 690 -32.79 13.67 -18.70
N ALA B 691 -31.83 13.57 -19.61
CA ALA B 691 -31.70 14.58 -20.69
C ALA B 691 -31.56 13.86 -22.03
N SER B 710 -32.17 20.38 -29.57
CA SER B 710 -31.69 21.03 -28.32
C SER B 710 -31.71 20.01 -27.18
N ILE B 711 -31.01 20.31 -26.09
CA ILE B 711 -30.95 19.37 -24.94
C ILE B 711 -32.04 19.74 -23.94
N ILE B 712 -32.93 18.80 -23.65
CA ILE B 712 -34.03 19.07 -22.70
C ILE B 712 -33.84 18.23 -21.46
N ALA B 713 -34.35 18.70 -20.32
CA ALA B 713 -34.23 17.93 -19.06
C ALA B 713 -35.65 17.59 -18.59
N TYR B 714 -35.87 16.34 -18.19
CA TYR B 714 -37.24 15.93 -17.82
C TYR B 714 -37.17 14.85 -16.74
N THR B 715 -38.28 14.65 -16.04
CA THR B 715 -38.31 13.52 -15.09
C THR B 715 -38.41 12.23 -15.91
N MET B 716 -37.76 11.17 -15.45
CA MET B 716 -37.76 9.92 -16.25
C MET B 716 -39.19 9.38 -16.36
N SER B 717 -39.52 8.76 -17.50
CA SER B 717 -40.84 8.09 -17.62
C SER B 717 -40.61 6.60 -17.39
N LEU B 718 -41.31 6.01 -16.43
CA LEU B 718 -41.05 4.59 -16.07
C LEU B 718 -41.69 3.65 -17.10
N GLY B 719 -42.51 4.18 -18.01
CA GLY B 719 -43.09 3.33 -19.05
C GLY B 719 -44.55 3.65 -19.29
N ALA B 720 -45.17 2.88 -20.19
CA ALA B 720 -46.57 3.16 -20.54
C ALA B 720 -47.47 2.66 -19.40
N GLU B 721 -48.15 3.57 -18.72
CA GLU B 721 -49.06 3.16 -17.63
C GLU B 721 -50.32 2.54 -18.25
N ASN B 722 -50.60 1.29 -17.91
CA ASN B 722 -51.82 0.63 -18.46
C ASN B 722 -52.57 -0.08 -17.32
N SER B 723 -53.89 -0.13 -17.42
CA SER B 723 -54.70 -0.86 -16.41
C SER B 723 -55.31 -2.09 -17.09
N VAL B 724 -55.09 -3.27 -16.52
CA VAL B 724 -55.68 -4.50 -17.10
C VAL B 724 -57.17 -4.54 -16.73
N ALA B 725 -58.04 -4.88 -17.68
CA ALA B 725 -59.49 -4.84 -17.40
C ALA B 725 -59.88 -6.06 -16.58
N TYR B 726 -59.67 -6.00 -15.27
CA TYR B 726 -59.93 -7.16 -14.39
C TYR B 726 -61.43 -7.35 -14.16
N SER B 727 -61.90 -8.60 -14.26
CA SER B 727 -63.32 -8.88 -13.93
C SER B 727 -63.39 -10.26 -13.27
N ASN B 728 -64.33 -10.43 -12.33
CA ASN B 728 -64.39 -11.71 -11.58
C ASN B 728 -64.86 -12.85 -12.48
N ASN B 729 -65.40 -12.54 -13.66
CA ASN B 729 -65.92 -13.61 -14.55
C ASN B 729 -65.37 -13.45 -15.96
N SER B 730 -64.27 -12.73 -16.13
CA SER B 730 -63.73 -12.50 -17.51
C SER B 730 -62.27 -12.94 -17.58
N ILE B 731 -61.92 -13.65 -18.65
CA ILE B 731 -60.51 -14.07 -18.84
C ILE B 731 -60.08 -13.72 -20.27
N ALA B 732 -58.82 -13.31 -20.45
CA ALA B 732 -58.31 -13.04 -21.82
C ALA B 732 -57.46 -14.22 -22.25
N ILE B 733 -57.79 -14.82 -23.39
CA ILE B 733 -57.04 -16.04 -23.83
C ILE B 733 -56.46 -15.78 -25.21
N PRO B 734 -55.16 -16.09 -25.45
CA PRO B 734 -54.54 -15.79 -26.74
C PRO B 734 -55.02 -16.74 -27.83
N THR B 735 -55.47 -16.19 -28.95
CA THR B 735 -55.94 -17.02 -30.09
C THR B 735 -54.77 -17.27 -31.05
N ASN B 736 -53.60 -16.72 -30.74
CA ASN B 736 -52.45 -16.85 -31.67
C ASN B 736 -51.15 -16.71 -30.87
N PHE B 737 -50.01 -16.86 -31.55
CA PHE B 737 -48.73 -16.74 -30.85
C PHE B 737 -47.64 -16.23 -31.80
N THR B 738 -46.56 -15.69 -31.22
CA THR B 738 -45.40 -15.27 -32.03
C THR B 738 -44.17 -15.98 -31.47
N ILE B 739 -43.37 -16.60 -32.33
CA ILE B 739 -42.12 -17.24 -31.85
C ILE B 739 -40.99 -16.23 -31.99
N SER B 740 -40.55 -15.69 -30.85
CA SER B 740 -39.51 -14.64 -30.90
C SER B 740 -38.14 -15.23 -30.58
N VAL B 741 -37.08 -14.54 -31.00
CA VAL B 741 -35.72 -14.99 -30.63
C VAL B 741 -35.01 -13.80 -29.99
N THR B 742 -34.45 -14.01 -28.79
CA THR B 742 -33.80 -12.88 -28.07
C THR B 742 -32.31 -13.17 -27.92
N THR B 743 -31.48 -12.15 -28.12
CA THR B 743 -30.02 -12.35 -28.01
C THR B 743 -29.57 -11.94 -26.62
N GLU B 744 -28.93 -12.86 -25.89
CA GLU B 744 -28.36 -12.48 -24.57
C GLU B 744 -26.85 -12.67 -24.65
N ILE B 745 -26.10 -11.60 -24.42
CA ILE B 745 -24.62 -11.69 -24.55
C ILE B 745 -24.02 -11.75 -23.15
N LEU B 746 -23.24 -12.80 -22.90
CA LEU B 746 -22.64 -12.96 -21.54
C LEU B 746 -21.13 -13.17 -21.69
N PRO B 747 -20.29 -12.33 -21.09
CA PRO B 747 -18.85 -12.56 -21.11
C PRO B 747 -18.50 -13.77 -20.24
N VAL B 748 -17.61 -14.62 -20.74
CA VAL B 748 -17.25 -15.86 -19.99
C VAL B 748 -15.79 -15.80 -19.54
N SER B 749 -14.98 -14.94 -20.15
CA SER B 749 -13.54 -14.93 -19.81
C SER B 749 -12.92 -13.57 -20.12
N MET B 750 -11.73 -13.32 -19.60
CA MET B 750 -11.02 -12.05 -19.89
C MET B 750 -9.62 -12.41 -20.38
N THR B 751 -8.88 -11.41 -20.86
CA THR B 751 -7.51 -11.67 -21.36
C THR B 751 -6.64 -12.23 -20.22
N LYS B 752 -5.90 -13.30 -20.50
CA LYS B 752 -5.05 -13.92 -19.45
C LYS B 752 -3.75 -13.13 -19.36
N THR B 753 -3.79 -11.96 -18.73
CA THR B 753 -2.58 -11.10 -18.67
C THR B 753 -1.66 -11.53 -17.53
N SER B 754 -0.38 -11.69 -17.83
CA SER B 754 0.61 -12.03 -16.76
C SER B 754 1.64 -10.91 -16.65
N VAL B 755 1.93 -10.48 -15.43
CA VAL B 755 2.94 -9.42 -15.22
C VAL B 755 4.00 -9.95 -14.25
N ASP B 756 5.27 -9.85 -14.64
CA ASP B 756 6.35 -10.29 -13.72
C ASP B 756 6.81 -9.11 -12.89
N CYS B 757 6.72 -9.24 -11.57
CA CYS B 757 7.09 -8.12 -10.67
C CYS B 757 8.54 -7.70 -10.89
N THR B 758 9.45 -8.67 -10.86
CA THR B 758 10.89 -8.30 -10.91
C THR B 758 11.20 -7.51 -12.18
N MET B 759 10.62 -7.89 -13.30
CA MET B 759 10.84 -7.07 -14.53
C MET B 759 10.02 -5.77 -14.47
N TYR B 760 8.78 -5.84 -13.99
CA TYR B 760 7.92 -4.63 -14.07
C TYR B 760 8.41 -3.48 -13.19
N ILE B 761 8.61 -3.72 -11.90
CA ILE B 761 8.94 -2.56 -11.01
C ILE B 761 10.45 -2.29 -11.03
N CYS B 762 11.27 -3.28 -11.38
CA CYS B 762 12.75 -3.12 -11.31
C CYS B 762 13.32 -3.50 -12.68
N GLY B 763 13.54 -2.51 -13.54
CA GLY B 763 13.93 -2.83 -14.93
C GLY B 763 15.39 -3.21 -15.14
N ASP B 764 15.67 -4.48 -15.43
CA ASP B 764 17.03 -4.94 -15.83
C ASP B 764 18.13 -4.38 -14.91
N SER B 765 17.83 -4.21 -13.62
CA SER B 765 18.88 -3.75 -12.68
C SER B 765 18.90 -4.69 -11.47
N THR B 766 20.09 -5.01 -10.97
CA THR B 766 20.21 -5.89 -9.78
C THR B 766 19.87 -5.14 -8.49
N GLU B 767 20.41 -3.94 -8.33
CA GLU B 767 20.24 -3.19 -7.05
C GLU B 767 18.77 -2.96 -6.73
N CYS B 768 17.95 -2.65 -7.73
CA CYS B 768 16.50 -2.52 -7.43
C CYS B 768 15.95 -3.89 -7.01
N SER B 769 16.46 -4.98 -7.58
CA SER B 769 16.02 -6.34 -7.15
C SER B 769 16.44 -6.61 -5.70
N ASN B 770 17.65 -6.18 -5.31
CA ASN B 770 18.06 -6.37 -3.90
C ASN B 770 17.16 -5.54 -2.98
N LEU B 771 16.84 -4.32 -3.39
CA LEU B 771 15.92 -3.50 -2.57
C LEU B 771 14.54 -4.17 -2.53
N LEU B 772 14.12 -4.77 -3.64
CA LEU B 772 12.81 -5.47 -3.70
C LEU B 772 12.82 -6.64 -2.71
N LEU B 773 13.93 -7.35 -2.61
CA LEU B 773 13.95 -8.58 -1.75
C LEU B 773 13.67 -8.20 -0.30
N GLN B 774 13.98 -6.96 0.11
CA GLN B 774 13.61 -6.53 1.49
C GLN B 774 12.08 -6.53 1.63
N TYR B 775 11.36 -6.11 0.58
CA TYR B 775 9.87 -6.12 0.62
C TYR B 775 9.39 -7.56 0.81
N GLY B 776 10.04 -8.52 0.16
CA GLY B 776 9.70 -9.93 0.44
C GLY B 776 8.79 -10.61 -0.56
N SER B 777 7.71 -11.24 -0.10
CA SER B 777 6.84 -12.07 -0.97
C SER B 777 5.69 -11.27 -1.59
N PHE B 778 5.73 -9.95 -1.52
CA PHE B 778 4.57 -9.17 -2.03
C PHE B 778 4.26 -9.52 -3.48
N CYS B 779 5.28 -9.53 -4.33
CA CYS B 779 4.96 -9.71 -5.78
C CYS B 779 4.95 -11.18 -6.19
N THR B 780 5.52 -12.07 -5.38
CA THR B 780 5.32 -13.51 -5.71
C THR B 780 3.83 -13.76 -5.40
N GLN B 781 3.32 -13.08 -4.37
CA GLN B 781 1.87 -13.17 -4.06
C GLN B 781 1.09 -12.59 -5.25
N LEU B 782 1.57 -11.47 -5.80
CA LEU B 782 0.86 -10.84 -6.95
C LEU B 782 0.91 -11.77 -8.16
N ASN B 783 2.06 -12.40 -8.41
CA ASN B 783 2.17 -13.35 -9.54
C ASN B 783 1.21 -14.52 -9.31
N ARG B 784 1.13 -15.00 -8.07
CA ARG B 784 0.22 -16.13 -7.77
C ARG B 784 -1.21 -15.69 -8.05
N ALA B 785 -1.55 -14.46 -7.66
CA ALA B 785 -2.93 -13.96 -7.87
C ALA B 785 -3.23 -13.88 -9.36
N LEU B 786 -2.28 -13.37 -10.15
CA LEU B 786 -2.49 -13.31 -11.63
C LEU B 786 -2.60 -14.73 -12.19
N THR B 787 -1.77 -15.64 -11.69
CA THR B 787 -1.83 -17.04 -12.17
C THR B 787 -3.20 -17.63 -11.84
N GLY B 788 -3.71 -17.34 -10.65
CA GLY B 788 -5.04 -17.84 -10.27
C GLY B 788 -6.11 -17.26 -11.17
N ILE B 789 -5.98 -15.98 -11.51
CA ILE B 789 -6.97 -15.34 -12.41
C ILE B 789 -6.94 -16.05 -13.77
N ALA B 790 -5.74 -16.31 -14.29
CA ALA B 790 -5.64 -16.93 -15.63
C ALA B 790 -6.24 -18.34 -15.59
N VAL B 791 -5.90 -19.10 -14.55
CA VAL B 791 -6.42 -20.49 -14.43
C VAL B 791 -7.94 -20.42 -14.29
N GLU B 792 -8.42 -19.44 -13.52
CA GLU B 792 -9.89 -19.31 -13.31
C GLU B 792 -10.57 -18.98 -14.64
N GLN B 793 -9.93 -18.14 -15.47
CA GLN B 793 -10.52 -17.81 -16.78
C GLN B 793 -10.59 -19.06 -17.66
N ASP B 794 -9.53 -19.86 -17.65
CA ASP B 794 -9.55 -21.11 -18.44
C ASP B 794 -10.67 -22.01 -17.92
N LYS B 795 -10.80 -22.11 -16.60
CA LYS B 795 -11.86 -22.97 -16.00
C LYS B 795 -13.22 -22.42 -16.38
N ASN B 796 -13.36 -21.09 -16.37
CA ASN B 796 -14.68 -20.48 -16.68
C ASN B 796 -15.08 -20.85 -18.12
N THR B 797 -14.16 -20.70 -19.06
CA THR B 797 -14.49 -21.00 -20.47
C THR B 797 -14.83 -22.48 -20.60
N GLN B 798 -14.03 -23.34 -19.96
CA GLN B 798 -14.27 -24.80 -20.08
C GLN B 798 -15.62 -25.15 -19.48
N GLU B 799 -15.93 -24.57 -18.32
CA GLU B 799 -17.22 -24.89 -17.64
C GLU B 799 -18.38 -24.42 -18.52
N VAL B 800 -18.24 -23.23 -19.10
CA VAL B 800 -19.37 -22.67 -19.90
C VAL B 800 -19.57 -23.50 -21.16
N PHE B 801 -18.49 -23.86 -21.85
CA PHE B 801 -18.66 -24.52 -23.17
C PHE B 801 -18.56 -26.05 -23.13
N ALA B 802 -17.64 -26.60 -22.33
CA ALA B 802 -17.44 -28.07 -22.37
C ALA B 802 -18.49 -28.76 -21.49
N GLN B 803 -19.76 -28.65 -21.88
CA GLN B 803 -20.84 -29.34 -21.13
C GLN B 803 -21.21 -30.65 -21.82
N VAL B 804 -20.51 -30.99 -22.91
CA VAL B 804 -20.89 -32.21 -23.69
C VAL B 804 -19.72 -33.21 -23.65
N LYS B 805 -20.00 -34.45 -23.28
CA LYS B 805 -18.94 -35.49 -23.21
C LYS B 805 -18.47 -35.84 -24.63
N GLN B 806 -19.38 -35.79 -25.60
CA GLN B 806 -19.03 -36.18 -27.00
C GLN B 806 -19.33 -35.01 -27.93
N ILE B 807 -18.62 -34.95 -29.07
CA ILE B 807 -18.88 -33.87 -30.06
C ILE B 807 -19.96 -34.36 -31.03
N TYR B 808 -21.19 -33.87 -30.85
CA TYR B 808 -22.29 -34.27 -31.74
C TYR B 808 -22.13 -33.58 -33.10
N LYS B 809 -22.48 -34.29 -34.17
CA LYS B 809 -22.29 -33.71 -35.53
C LYS B 809 -23.65 -33.55 -36.21
N THR B 810 -23.87 -32.41 -36.85
CA THR B 810 -25.19 -32.15 -37.49
C THR B 810 -25.42 -33.17 -38.61
N PRO B 811 -26.66 -33.64 -38.83
CA PRO B 811 -26.92 -34.58 -39.91
C PRO B 811 -26.60 -33.94 -41.27
N PRO B 812 -26.14 -34.73 -42.25
CA PRO B 812 -25.78 -34.17 -43.56
C PRO B 812 -26.98 -33.51 -44.24
N ILE B 813 -28.17 -34.07 -44.07
CA ILE B 813 -29.40 -33.47 -44.68
C ILE B 813 -30.05 -32.55 -43.64
N LYS B 814 -30.42 -31.34 -44.07
CA LYS B 814 -31.10 -30.39 -43.16
C LYS B 814 -32.61 -30.56 -43.29
N ASP B 815 -33.11 -31.77 -43.04
CA ASP B 815 -34.58 -32.02 -43.11
C ASP B 815 -35.16 -31.79 -41.71
N PHE B 816 -35.39 -30.52 -41.35
CA PHE B 816 -35.85 -30.23 -39.96
C PHE B 816 -37.32 -29.84 -39.95
N GLY B 817 -38.10 -30.27 -40.94
CA GLY B 817 -39.55 -29.97 -40.93
C GLY B 817 -39.82 -28.52 -41.27
N GLY B 818 -38.91 -27.87 -42.01
CA GLY B 818 -39.13 -26.48 -42.44
C GLY B 818 -38.39 -25.47 -41.59
N PHE B 819 -37.88 -25.89 -40.42
CA PHE B 819 -37.05 -24.95 -39.62
C PHE B 819 -35.69 -24.78 -40.30
N ASN B 820 -35.25 -23.53 -40.45
CA ASN B 820 -33.97 -23.27 -41.17
C ASN B 820 -32.89 -22.92 -40.15
N PHE B 821 -31.83 -23.71 -40.10
CA PHE B 821 -30.74 -23.46 -39.13
C PHE B 821 -29.44 -23.07 -39.85
N SER B 822 -29.53 -22.69 -41.12
CA SER B 822 -28.29 -22.37 -41.88
C SER B 822 -27.57 -21.20 -41.20
N GLN B 823 -28.33 -20.30 -40.57
CA GLN B 823 -27.73 -19.12 -39.89
C GLN B 823 -27.12 -19.53 -38.54
N ILE B 824 -27.46 -20.71 -38.02
CA ILE B 824 -26.96 -21.10 -36.68
C ILE B 824 -25.96 -22.25 -36.83
N LEU B 825 -26.12 -23.04 -37.89
CA LEU B 825 -25.24 -24.24 -38.04
C LEU B 825 -23.89 -23.79 -38.61
N PRO B 826 -22.79 -24.47 -38.24
CA PRO B 826 -21.47 -24.11 -38.74
C PRO B 826 -21.41 -24.20 -40.27
N ASP B 827 -20.70 -23.27 -40.90
CA ASP B 827 -20.55 -23.31 -42.37
C ASP B 827 -19.16 -23.88 -42.70
N PRO B 828 -19.05 -25.07 -43.31
CA PRO B 828 -17.74 -25.60 -43.69
C PRO B 828 -17.03 -24.72 -44.72
N SER B 829 -17.78 -24.01 -45.56
CA SER B 829 -17.18 -23.18 -46.62
C SER B 829 -16.31 -22.08 -46.00
N LYS B 830 -16.73 -21.55 -44.86
CA LYS B 830 -15.98 -20.43 -44.22
C LYS B 830 -14.93 -21.02 -43.26
N PRO B 831 -13.69 -20.50 -43.25
CA PRO B 831 -12.66 -21.06 -42.39
C PRO B 831 -13.01 -21.02 -40.90
N SER B 832 -12.54 -22.00 -40.12
CA SER B 832 -12.81 -22.10 -38.66
C SER B 832 -14.21 -22.64 -38.40
N LYS B 833 -14.95 -23.01 -39.46
CA LYS B 833 -16.30 -23.63 -39.29
C LYS B 833 -17.20 -22.74 -38.42
N ARG B 834 -17.40 -21.48 -38.82
CA ARG B 834 -18.22 -20.56 -38.00
C ARG B 834 -19.55 -20.28 -38.71
N SER B 835 -20.65 -20.31 -37.95
CA SER B 835 -21.97 -20.01 -38.54
C SER B 835 -22.03 -18.52 -38.87
N PRO B 836 -22.93 -18.07 -39.77
CA PRO B 836 -22.98 -16.65 -40.14
C PRO B 836 -23.16 -15.73 -38.92
N ILE B 837 -24.01 -16.13 -37.97
CA ILE B 837 -24.18 -15.32 -36.73
C ILE B 837 -22.88 -15.33 -35.92
N GLU B 838 -22.21 -16.48 -35.82
CA GLU B 838 -20.90 -16.51 -35.11
C GLU B 838 -19.90 -15.61 -35.86
N ASP B 839 -19.93 -15.66 -37.19
CA ASP B 839 -19.04 -14.78 -37.98
C ASP B 839 -19.37 -13.32 -37.70
N LEU B 840 -20.65 -12.98 -37.62
CA LEU B 840 -21.05 -11.58 -37.34
C LEU B 840 -20.50 -11.19 -35.97
N LEU B 841 -20.63 -12.07 -34.98
CA LEU B 841 -20.17 -11.72 -33.61
C LEU B 841 -18.66 -11.49 -33.64
N PHE B 842 -17.93 -12.38 -34.31
CA PHE B 842 -16.45 -12.26 -34.32
C PHE B 842 -16.04 -10.99 -35.08
N ASN B 843 -16.77 -10.68 -36.16
CA ASN B 843 -16.46 -9.45 -36.95
C ASN B 843 -16.82 -8.18 -36.16
N LYS B 844 -17.90 -8.20 -35.38
CA LYS B 844 -18.35 -6.96 -34.71
C LYS B 844 -17.58 -6.71 -33.40
N VAL B 845 -16.69 -7.61 -33.01
CA VAL B 845 -15.86 -7.35 -31.80
C VAL B 845 -14.49 -6.84 -32.26
N THR B 846 -14.13 -5.62 -31.87
CA THR B 846 -12.85 -5.02 -32.33
C THR B 846 -11.82 -5.07 -31.21
N LEU B 847 -10.60 -5.51 -31.52
CA LEU B 847 -9.52 -5.57 -30.50
C LEU B 847 -8.68 -4.30 -30.59
N GLN B 872 -0.29 -5.74 -28.23
CA GLN B 872 1.05 -5.08 -28.15
C GLN B 872 1.86 -5.72 -27.03
N LYS B 873 3.16 -5.88 -27.24
CA LYS B 873 4.05 -6.49 -26.20
C LYS B 873 4.82 -5.37 -25.51
N PHE B 874 4.66 -5.25 -24.19
CA PHE B 874 5.32 -4.15 -23.45
C PHE B 874 6.32 -4.71 -22.45
N ASN B 875 6.92 -3.83 -21.65
CA ASN B 875 7.94 -4.26 -20.68
C ASN B 875 7.28 -4.91 -19.46
N GLY B 876 7.57 -6.19 -19.24
CA GLY B 876 7.01 -6.87 -18.05
C GLY B 876 5.60 -7.39 -18.27
N LEU B 877 5.05 -7.28 -19.48
CA LEU B 877 3.63 -7.69 -19.70
C LEU B 877 3.57 -8.80 -20.74
N THR B 878 2.77 -9.83 -20.48
CA THR B 878 2.56 -10.89 -21.51
C THR B 878 1.09 -11.29 -21.49
N VAL B 879 0.59 -11.77 -22.62
CA VAL B 879 -0.81 -12.27 -22.66
C VAL B 879 -0.77 -13.76 -22.98
N LEU B 880 -1.05 -14.60 -21.98
CA LEU B 880 -1.06 -16.05 -22.22
C LEU B 880 -2.21 -16.38 -23.18
N PRO B 881 -1.99 -17.17 -24.23
CA PRO B 881 -3.07 -17.55 -25.13
C PRO B 881 -4.10 -18.39 -24.36
N PRO B 882 -5.40 -18.25 -24.66
CA PRO B 882 -6.41 -19.07 -24.00
C PRO B 882 -6.19 -20.56 -24.32
N LEU B 883 -6.44 -21.41 -23.33
CA LEU B 883 -6.23 -22.86 -23.53
C LEU B 883 -7.18 -23.36 -24.63
N LEU B 884 -8.43 -22.89 -24.61
CA LEU B 884 -9.39 -23.29 -25.67
C LEU B 884 -9.36 -22.23 -26.77
N THR B 885 -8.92 -22.63 -27.96
CA THR B 885 -8.91 -21.68 -29.11
C THR B 885 -10.34 -21.36 -29.54
N ASP B 886 -10.51 -20.26 -30.26
CA ASP B 886 -11.86 -19.85 -30.70
C ASP B 886 -12.44 -20.95 -31.60
N GLU B 887 -11.60 -21.55 -32.44
CA GLU B 887 -12.08 -22.61 -33.36
C GLU B 887 -12.58 -23.81 -32.55
N MET B 888 -11.85 -24.19 -31.49
CA MET B 888 -12.31 -25.31 -30.63
C MET B 888 -13.57 -24.88 -29.86
N ILE B 889 -13.64 -23.62 -29.44
CA ILE B 889 -14.89 -23.13 -28.78
C ILE B 889 -16.03 -23.17 -29.79
N ALA B 890 -15.76 -22.80 -31.04
CA ALA B 890 -16.81 -22.87 -32.08
C ALA B 890 -17.21 -24.33 -32.29
N GLN B 891 -16.23 -25.25 -32.22
CA GLN B 891 -16.56 -26.70 -32.35
C GLN B 891 -17.46 -27.12 -31.19
N TYR B 892 -17.17 -26.63 -29.98
CA TYR B 892 -18.03 -26.96 -28.82
C TYR B 892 -19.44 -26.40 -29.05
N THR B 893 -19.54 -25.17 -29.53
CA THR B 893 -20.87 -24.56 -29.78
C THR B 893 -21.59 -25.35 -30.87
N SER B 894 -20.84 -25.76 -31.91
CA SER B 894 -21.46 -26.56 -32.99
C SER B 894 -21.96 -27.89 -32.44
N ALA B 895 -21.19 -28.53 -31.56
CA ALA B 895 -21.64 -29.81 -30.97
C ALA B 895 -22.91 -29.58 -30.15
N LEU B 896 -22.95 -28.50 -29.37
CA LEU B 896 -24.15 -28.22 -28.55
C LEU B 896 -25.34 -27.97 -29.46
N LEU B 897 -25.13 -27.22 -30.55
CA LEU B 897 -26.23 -26.93 -31.50
C LEU B 897 -26.71 -28.25 -32.12
N ALA B 898 -25.77 -29.10 -32.52
CA ALA B 898 -26.17 -30.38 -33.18
C ALA B 898 -26.96 -31.23 -32.19
N GLY B 899 -26.50 -31.29 -30.94
CA GLY B 899 -27.22 -32.07 -29.93
C GLY B 899 -28.60 -31.50 -29.69
N THR B 900 -28.71 -30.17 -29.57
CA THR B 900 -30.02 -29.57 -29.26
C THR B 900 -30.99 -29.82 -30.43
N ILE B 901 -30.52 -29.63 -31.65
CA ILE B 901 -31.42 -29.79 -32.83
C ILE B 901 -31.78 -31.27 -33.00
N THR B 902 -30.81 -32.17 -32.82
CA THR B 902 -31.08 -33.59 -33.14
C THR B 902 -31.75 -34.35 -31.98
N SER B 903 -31.25 -34.20 -30.76
CA SER B 903 -31.77 -35.04 -29.64
C SER B 903 -32.56 -34.22 -28.62
N GLY B 904 -32.85 -32.95 -28.91
CA GLY B 904 -33.55 -32.12 -27.91
C GLY B 904 -32.74 -32.00 -26.63
N TRP B 905 -33.38 -32.27 -25.49
CA TRP B 905 -32.68 -32.16 -24.19
C TRP B 905 -32.12 -33.52 -23.77
N THR B 906 -32.42 -34.57 -24.53
CA THR B 906 -32.01 -35.94 -24.12
C THR B 906 -30.48 -36.07 -24.05
N PHE B 907 -29.78 -35.42 -24.98
CA PHE B 907 -28.30 -35.53 -24.98
C PHE B 907 -27.75 -34.91 -23.71
N GLY B 908 -28.42 -33.89 -23.16
CA GLY B 908 -27.97 -33.31 -21.88
C GLY B 908 -28.11 -34.31 -20.74
N ALA B 909 -29.22 -35.05 -20.71
CA ALA B 909 -29.46 -36.01 -19.61
C ALA B 909 -28.57 -37.24 -19.76
N GLY B 910 -28.17 -37.58 -20.99
CA GLY B 910 -27.37 -38.80 -21.17
C GLY B 910 -27.15 -39.11 -22.64
N PRO B 911 -27.42 -40.35 -23.09
CA PRO B 911 -27.20 -40.72 -24.48
C PRO B 911 -28.07 -39.85 -25.41
N ALA B 912 -27.52 -39.48 -26.56
CA ALA B 912 -28.27 -38.60 -27.49
C ALA B 912 -29.35 -39.44 -28.18
N LEU B 913 -30.60 -39.19 -27.83
CA LEU B 913 -31.72 -39.96 -28.43
C LEU B 913 -32.27 -39.15 -29.60
N GLN B 914 -32.08 -39.65 -30.82
CA GLN B 914 -32.51 -38.86 -32.00
C GLN B 914 -34.03 -38.67 -31.96
N ILE B 915 -34.48 -37.49 -32.35
CA ILE B 915 -35.95 -37.22 -32.39
C ILE B 915 -36.22 -36.25 -33.52
N PRO B 916 -37.30 -36.40 -34.30
CA PRO B 916 -37.62 -35.42 -35.33
C PRO B 916 -37.76 -34.04 -34.68
N PHE B 917 -37.22 -33.01 -35.34
CA PHE B 917 -37.23 -31.66 -34.73
C PHE B 917 -38.67 -31.18 -34.49
N PRO B 918 -39.65 -31.36 -35.40
CA PRO B 918 -41.02 -30.97 -35.08
C PRO B 918 -41.52 -31.68 -33.81
N MET B 919 -41.21 -32.97 -33.65
CA MET B 919 -41.65 -33.70 -32.44
C MET B 919 -40.99 -33.12 -31.19
N GLN B 920 -39.71 -32.78 -31.28
CA GLN B 920 -39.03 -32.14 -30.12
C GLN B 920 -39.70 -30.80 -29.83
N MET B 921 -40.00 -30.03 -30.88
CA MET B 921 -40.65 -28.72 -30.69
C MET B 921 -42.05 -28.94 -30.09
N ALA B 922 -42.73 -29.99 -30.51
CA ALA B 922 -44.07 -30.27 -29.97
C ALA B 922 -43.99 -30.60 -28.48
N TYR B 923 -42.98 -31.36 -28.08
CA TYR B 923 -42.83 -31.65 -26.63
C TYR B 923 -42.42 -30.39 -25.87
N ARG B 924 -41.63 -29.51 -26.49
CA ARG B 924 -41.32 -28.23 -25.81
C ARG B 924 -42.61 -27.41 -25.69
N PHE B 925 -43.46 -27.44 -26.71
CA PHE B 925 -44.76 -26.75 -26.62
C PHE B 925 -45.58 -27.37 -25.48
N ASN B 926 -45.57 -28.70 -25.39
CA ASN B 926 -46.30 -29.38 -24.29
C ASN B 926 -45.69 -28.95 -22.96
N GLY B 927 -44.37 -28.74 -22.94
CA GLY B 927 -43.67 -28.30 -21.72
C GLY B 927 -44.08 -26.90 -21.29
N ILE B 928 -44.45 -26.05 -22.26
CA ILE B 928 -44.87 -24.66 -21.92
C ILE B 928 -46.39 -24.59 -21.81
N GLY B 929 -47.07 -25.74 -21.67
CA GLY B 929 -48.53 -25.71 -21.44
C GLY B 929 -49.36 -25.55 -22.69
N VAL B 930 -48.76 -25.76 -23.87
CA VAL B 930 -49.57 -25.72 -25.13
C VAL B 930 -49.59 -27.12 -25.73
N THR B 931 -50.77 -27.62 -26.07
CA THR B 931 -50.88 -29.01 -26.57
C THR B 931 -50.05 -29.17 -27.85
N GLN B 932 -49.48 -30.35 -28.05
CA GLN B 932 -48.58 -30.58 -29.20
C GLN B 932 -49.32 -30.43 -30.53
N ASN B 933 -50.63 -30.61 -30.54
CA ASN B 933 -51.41 -30.47 -31.80
C ASN B 933 -51.30 -29.03 -32.29
N VAL B 934 -51.10 -28.07 -31.38
CA VAL B 934 -51.08 -26.64 -31.80
C VAL B 934 -49.91 -26.42 -32.77
N LEU B 935 -48.73 -26.96 -32.45
CA LEU B 935 -47.60 -26.83 -33.40
C LEU B 935 -47.90 -27.59 -34.69
N TYR B 936 -48.40 -28.82 -34.58
CA TYR B 936 -48.57 -29.65 -35.81
C TYR B 936 -49.56 -28.98 -36.78
N GLU B 937 -50.64 -28.41 -36.25
CA GLU B 937 -51.62 -27.72 -37.12
C GLU B 937 -51.02 -26.41 -37.64
N ASN B 938 -49.97 -25.90 -36.97
CA ASN B 938 -49.37 -24.60 -37.38
C ASN B 938 -47.89 -24.79 -37.68
N GLN B 939 -47.48 -26.00 -38.10
CA GLN B 939 -46.02 -26.27 -38.27
C GLN B 939 -45.41 -25.34 -39.32
N LYS B 940 -46.11 -25.15 -40.44
CA LYS B 940 -45.55 -24.26 -41.49
C LYS B 940 -45.47 -22.82 -40.98
N LEU B 941 -46.54 -22.34 -40.32
CA LEU B 941 -46.53 -20.96 -39.79
C LEU B 941 -45.45 -20.84 -38.73
N ILE B 942 -45.31 -21.85 -37.88
CA ILE B 942 -44.30 -21.80 -36.79
C ILE B 942 -42.90 -21.78 -37.40
N ALA B 943 -42.66 -22.61 -38.41
CA ALA B 943 -41.34 -22.63 -39.08
C ALA B 943 -41.09 -21.27 -39.74
N ASN B 944 -42.12 -20.71 -40.37
CA ASN B 944 -41.97 -19.39 -41.04
C ASN B 944 -41.61 -18.32 -40.01
N GLN B 945 -42.30 -18.33 -38.87
CA GLN B 945 -42.01 -17.34 -37.80
C GLN B 945 -40.58 -17.56 -37.30
N PHE B 946 -40.19 -18.82 -37.11
CA PHE B 946 -38.86 -19.11 -36.56
C PHE B 946 -37.78 -18.62 -37.53
N ASN B 947 -37.97 -18.90 -38.82
CA ASN B 947 -36.97 -18.49 -39.84
C ASN B 947 -36.92 -16.96 -39.89
N SER B 948 -38.08 -16.32 -39.83
CA SER B 948 -38.12 -14.83 -39.88
C SER B 948 -37.37 -14.27 -38.67
N ALA B 949 -37.61 -14.85 -37.50
CA ALA B 949 -36.94 -14.37 -36.26
C ALA B 949 -35.43 -14.58 -36.39
N ILE B 950 -35.01 -15.73 -36.89
CA ILE B 950 -33.54 -16.02 -36.96
C ILE B 950 -32.88 -15.04 -37.92
N GLY B 951 -33.51 -14.81 -39.08
CA GLY B 951 -32.96 -13.84 -40.05
C GLY B 951 -32.93 -12.45 -39.47
N LYS B 952 -33.99 -12.08 -38.75
CA LYS B 952 -34.07 -10.73 -38.14
C LYS B 952 -32.96 -10.59 -37.10
N ILE B 953 -32.61 -11.69 -36.43
CA ILE B 953 -31.58 -11.61 -35.35
C ILE B 953 -30.25 -11.18 -35.96
N GLN B 954 -29.90 -11.75 -37.11
CA GLN B 954 -28.62 -11.38 -37.75
C GLN B 954 -28.64 -9.90 -38.11
N ASP B 955 -29.76 -9.43 -38.66
CA ASP B 955 -29.89 -8.00 -39.03
C ASP B 955 -29.82 -7.13 -37.77
N SER B 956 -30.51 -7.54 -36.71
CA SER B 956 -30.54 -6.73 -35.46
C SER B 956 -29.13 -6.69 -34.85
N LEU B 957 -28.41 -7.81 -34.90
CA LEU B 957 -27.06 -7.89 -34.30
C LEU B 957 -26.04 -7.16 -35.18
N SER B 958 -26.35 -6.98 -36.47
CA SER B 958 -25.41 -6.31 -37.40
C SER B 958 -25.68 -4.80 -37.45
N SER B 959 -26.95 -4.39 -37.41
CA SER B 959 -27.27 -2.95 -37.59
C SER B 959 -27.26 -2.19 -36.26
N THR B 960 -27.15 -2.89 -35.14
CA THR B 960 -27.23 -2.17 -33.84
C THR B 960 -25.84 -2.06 -33.22
N PRO B 961 -25.24 -0.85 -33.15
CA PRO B 961 -23.96 -0.70 -32.46
C PRO B 961 -24.09 -0.97 -30.95
N SER B 962 -23.02 -1.48 -30.33
CA SER B 962 -22.99 -1.74 -28.86
C SER B 962 -23.90 -2.90 -28.48
N ALA B 963 -24.42 -3.65 -29.47
CA ALA B 963 -25.21 -4.86 -29.14
C ALA B 963 -24.27 -5.85 -28.46
N LEU B 964 -23.00 -5.89 -28.87
CA LEU B 964 -22.00 -6.76 -28.21
C LEU B 964 -21.20 -5.90 -27.22
N GLY B 965 -21.80 -4.80 -26.75
CA GLY B 965 -21.08 -3.88 -25.86
C GLY B 965 -20.59 -4.55 -24.59
N LYS B 966 -21.29 -5.59 -24.15
CA LYS B 966 -20.91 -6.28 -22.88
C LYS B 966 -19.51 -6.87 -23.04
N LEU B 967 -19.24 -7.54 -24.15
CA LEU B 967 -17.89 -8.10 -24.41
C LEU B 967 -16.89 -6.96 -24.65
N GLN B 968 -17.31 -5.94 -25.40
CA GLN B 968 -16.39 -4.82 -25.71
C GLN B 968 -16.01 -4.10 -24.42
N ASP B 969 -16.96 -4.00 -23.49
CA ASP B 969 -16.68 -3.30 -22.21
C ASP B 969 -15.58 -4.05 -21.47
N VAL B 970 -15.67 -5.38 -21.43
CA VAL B 970 -14.64 -6.18 -20.73
C VAL B 970 -13.30 -6.00 -21.43
N VAL B 971 -13.30 -6.07 -22.75
CA VAL B 971 -12.02 -5.96 -23.52
C VAL B 971 -11.43 -4.56 -23.27
N ASN B 972 -12.28 -3.53 -23.33
CA ASN B 972 -11.79 -2.15 -23.14
C ASN B 972 -11.26 -1.98 -21.71
N GLN B 973 -11.97 -2.54 -20.74
CA GLN B 973 -11.57 -2.35 -19.32
C GLN B 973 -10.21 -3.01 -19.11
N ASN B 974 -10.01 -4.20 -19.67
CA ASN B 974 -8.71 -4.90 -19.53
C ASN B 974 -7.61 -4.07 -20.20
N ALA B 975 -7.87 -3.59 -21.41
CA ALA B 975 -6.86 -2.80 -22.13
C ALA B 975 -6.57 -1.52 -21.35
N GLN B 976 -7.63 -0.88 -20.82
CA GLN B 976 -7.47 0.39 -20.09
C GLN B 976 -6.65 0.15 -18.82
N ALA B 977 -6.92 -0.95 -18.12
CA ALA B 977 -6.16 -1.26 -16.90
C ALA B 977 -4.69 -1.49 -17.25
N LEU B 978 -4.45 -2.22 -18.34
CA LEU B 978 -3.04 -2.46 -18.76
C LEU B 978 -2.41 -1.13 -19.17
N ASN B 979 -3.16 -0.28 -19.86
CA ASN B 979 -2.62 1.03 -20.32
C ASN B 979 -2.25 1.88 -19.10
N THR B 980 -3.12 1.89 -18.08
CA THR B 980 -2.80 2.65 -16.85
C THR B 980 -1.56 2.05 -16.18
N LEU B 981 -1.46 0.72 -16.16
CA LEU B 981 -0.32 0.07 -15.46
C LEU B 981 1.01 0.46 -16.13
N VAL B 982 1.05 0.43 -17.46
CA VAL B 982 2.30 0.84 -18.17
C VAL B 982 2.51 2.36 -18.00
N LYS B 983 1.44 3.14 -18.05
CA LYS B 983 1.59 4.62 -17.94
C LYS B 983 2.09 4.97 -16.53
N GLN B 984 1.83 4.10 -15.55
CA GLN B 984 2.28 4.39 -14.17
C GLN B 984 3.80 4.35 -14.09
N LEU B 985 4.47 3.64 -15.01
CA LEU B 985 5.96 3.66 -15.01
C LEU B 985 6.46 5.09 -15.26
N SER B 986 5.77 5.85 -16.12
CA SER B 986 6.25 7.20 -16.47
C SER B 986 6.13 8.15 -15.29
N SER B 987 5.37 7.77 -14.25
CA SER B 987 5.26 8.64 -13.05
C SER B 987 6.55 8.57 -12.21
N ASN B 988 6.89 9.68 -11.54
CA ASN B 988 8.12 9.73 -10.73
C ASN B 988 7.92 9.10 -9.35
N PHE B 989 6.72 9.22 -8.76
CA PHE B 989 6.50 8.76 -7.36
C PHE B 989 7.43 9.55 -6.43
N GLY B 990 7.71 10.80 -6.76
CA GLY B 990 8.58 11.64 -5.90
C GLY B 990 10.06 11.48 -6.22
N ALA B 991 10.42 10.57 -7.12
CA ALA B 991 11.84 10.41 -7.51
C ALA B 991 12.27 11.58 -8.41
N ILE B 992 13.58 11.78 -8.55
CA ILE B 992 14.09 12.88 -9.42
C ILE B 992 13.71 12.58 -10.88
N SER B 993 13.54 11.30 -11.24
CA SER B 993 13.10 10.96 -12.61
C SER B 993 12.39 9.60 -12.59
N SER B 994 11.49 9.39 -13.55
CA SER B 994 10.75 8.11 -13.63
C SER B 994 11.69 6.97 -14.06
N VAL B 995 12.72 7.27 -14.85
CA VAL B 995 13.60 6.18 -15.36
C VAL B 995 14.47 5.66 -14.22
N LEU B 996 14.45 4.36 -13.98
CA LEU B 996 15.21 3.78 -12.84
C LEU B 996 16.71 3.95 -13.10
N ASN B 997 17.17 3.59 -14.29
CA ASN B 997 18.63 3.65 -14.58
C ASN B 997 19.09 5.10 -14.61
N ASP B 998 18.27 6.02 -15.11
CA ASP B 998 18.71 7.42 -15.25
C ASP B 998 19.01 8.01 -13.86
N ILE B 999 18.12 7.78 -12.90
CA ILE B 999 18.42 8.25 -11.51
C ILE B 999 19.56 7.41 -10.93
N LEU B 1000 19.64 6.15 -11.33
CA LEU B 1000 20.70 5.25 -10.81
C LEU B 1000 22.06 5.65 -11.39
N SER B 1001 22.10 6.10 -12.64
CA SER B 1001 23.39 6.41 -13.30
C SER B 1001 24.06 7.65 -12.70
N ARG B 1002 23.29 8.60 -12.17
CA ARG B 1002 23.94 9.87 -11.71
C ARG B 1002 23.92 10.02 -10.19
N LEU B 1003 23.33 9.07 -9.45
CA LEU B 1003 23.25 9.24 -7.98
C LEU B 1003 24.07 8.15 -7.28
N ASP B 1004 24.75 8.54 -6.20
CA ASP B 1004 25.55 7.56 -5.44
C ASP B 1004 24.61 6.58 -4.72
N PRO B 1005 25.06 5.35 -4.42
CA PRO B 1005 24.18 4.36 -3.79
C PRO B 1005 23.50 4.85 -2.50
N PRO B 1006 24.14 5.60 -1.58
CA PRO B 1006 23.43 6.05 -0.38
C PRO B 1006 22.13 6.82 -0.67
N GLU B 1007 22.13 7.70 -1.67
CA GLU B 1007 20.91 8.51 -1.99
C GLU B 1007 20.14 7.87 -3.14
N ALA B 1008 20.83 7.18 -4.06
CA ALA B 1008 20.11 6.48 -5.14
C ALA B 1008 19.23 5.39 -4.50
N GLU B 1009 19.70 4.79 -3.41
CA GLU B 1009 18.93 3.69 -2.77
C GLU B 1009 17.57 4.23 -2.30
N VAL B 1010 17.57 5.40 -1.66
CA VAL B 1010 16.28 5.95 -1.14
C VAL B 1010 15.40 6.37 -2.33
N GLN B 1011 16.01 6.92 -3.38
CA GLN B 1011 15.21 7.30 -4.57
C GLN B 1011 14.62 6.04 -5.22
N ILE B 1012 15.43 4.98 -5.33
CA ILE B 1012 14.92 3.71 -5.91
C ILE B 1012 13.85 3.14 -4.99
N ASP B 1013 14.03 3.29 -3.67
CA ASP B 1013 13.03 2.75 -2.72
C ASP B 1013 11.69 3.46 -2.94
N ARG B 1014 11.72 4.78 -3.12
CA ARG B 1014 10.48 5.54 -3.36
C ARG B 1014 9.84 5.07 -4.67
N LEU B 1015 10.65 4.90 -5.71
CA LEU B 1015 10.12 4.46 -7.02
C LEU B 1015 9.54 3.06 -6.88
N ILE B 1016 10.23 2.17 -6.18
CA ILE B 1016 9.74 0.77 -6.01
C ILE B 1016 8.44 0.80 -5.20
N THR B 1017 8.38 1.63 -4.17
CA THR B 1017 7.16 1.67 -3.33
C THR B 1017 5.98 2.09 -4.22
N GLY B 1018 6.17 3.15 -5.01
CA GLY B 1018 5.07 3.62 -5.85
C GLY B 1018 4.70 2.58 -6.89
N ARG B 1019 5.68 2.00 -7.56
CA ARG B 1019 5.38 1.04 -8.65
C ARG B 1019 4.73 -0.23 -8.08
N LEU B 1020 5.23 -0.69 -6.92
CA LEU B 1020 4.65 -1.90 -6.29
C LEU B 1020 3.21 -1.61 -5.84
N GLN B 1021 2.97 -0.42 -5.31
CA GLN B 1021 1.57 -0.07 -4.93
C GLN B 1021 0.70 -0.05 -6.19
N SER B 1022 1.22 0.50 -7.29
CA SER B 1022 0.44 0.53 -8.54
C SER B 1022 0.16 -0.90 -9.03
N LEU B 1023 1.17 -1.77 -8.96
CA LEU B 1023 0.98 -3.16 -9.41
C LEU B 1023 -0.04 -3.85 -8.50
N GLN B 1024 0.04 -3.60 -7.19
CA GLN B 1024 -0.92 -4.22 -6.25
C GLN B 1024 -2.33 -3.72 -6.57
N THR B 1025 -2.46 -2.44 -6.86
CA THR B 1025 -3.80 -1.87 -7.20
C THR B 1025 -4.31 -2.54 -8.47
N TYR B 1026 -3.45 -2.68 -9.48
CA TYR B 1026 -3.89 -3.30 -10.75
C TYR B 1026 -4.31 -4.75 -10.48
N VAL B 1027 -3.54 -5.44 -9.66
CA VAL B 1027 -3.87 -6.86 -9.35
C VAL B 1027 -5.21 -6.92 -8.60
N THR B 1028 -5.42 -5.99 -7.67
CA THR B 1028 -6.70 -5.97 -6.92
C THR B 1028 -7.85 -5.66 -7.88
N GLN B 1029 -7.67 -4.69 -8.77
CA GLN B 1029 -8.75 -4.35 -9.73
C GLN B 1029 -9.01 -5.56 -10.64
N GLN B 1030 -7.94 -6.23 -11.07
CA GLN B 1030 -8.10 -7.42 -11.94
C GLN B 1030 -8.83 -8.51 -11.15
N LEU B 1031 -8.52 -8.68 -9.86
CA LEU B 1031 -9.16 -9.76 -9.07
C LEU B 1031 -10.66 -9.48 -8.96
N ILE B 1032 -11.02 -8.23 -8.70
CA ILE B 1032 -12.47 -7.89 -8.58
C ILE B 1032 -13.15 -8.08 -9.93
N ARG B 1033 -12.48 -7.65 -11.00
CA ARG B 1033 -13.08 -7.79 -12.35
C ARG B 1033 -13.17 -9.28 -12.69
N ALA B 1034 -12.17 -10.07 -12.28
CA ALA B 1034 -12.18 -11.52 -12.55
C ALA B 1034 -13.32 -12.19 -11.77
N ALA B 1035 -13.58 -11.71 -10.55
CA ALA B 1035 -14.71 -12.26 -9.77
C ALA B 1035 -16.02 -11.93 -10.50
N GLU B 1036 -16.14 -10.71 -11.01
CA GLU B 1036 -17.36 -10.32 -11.75
C GLU B 1036 -17.48 -11.18 -13.01
N ILE B 1037 -16.35 -11.40 -13.70
CA ILE B 1037 -16.37 -12.25 -14.93
C ILE B 1037 -16.73 -13.68 -14.54
N ARG B 1038 -16.23 -14.15 -13.39
CA ARG B 1038 -16.58 -15.51 -12.94
C ARG B 1038 -18.08 -15.59 -12.65
N ALA B 1039 -18.64 -14.56 -12.04
CA ALA B 1039 -20.08 -14.55 -11.76
C ALA B 1039 -20.84 -14.58 -13.09
N SER B 1040 -20.39 -13.79 -14.06
CA SER B 1040 -21.04 -13.79 -15.39
C SER B 1040 -20.89 -15.16 -16.04
N ALA B 1041 -19.72 -15.77 -15.90
CA ALA B 1041 -19.48 -17.10 -16.51
C ALA B 1041 -20.32 -18.17 -15.81
N ASN B 1042 -20.48 -18.05 -14.49
CA ASN B 1042 -21.33 -19.03 -13.76
C ASN B 1042 -22.76 -18.87 -14.25
N LEU B 1043 -23.21 -17.64 -14.43
CA LEU B 1043 -24.58 -17.41 -14.94
C LEU B 1043 -24.68 -18.00 -16.36
N ALA B 1044 -23.64 -17.78 -17.16
CA ALA B 1044 -23.65 -18.30 -18.55
C ALA B 1044 -23.70 -19.83 -18.54
N ALA B 1045 -22.93 -20.45 -17.65
CA ALA B 1045 -22.94 -21.94 -17.57
C ALA B 1045 -24.32 -22.42 -17.13
N THR B 1046 -24.92 -21.74 -16.16
CA THR B 1046 -26.27 -22.15 -15.71
C THR B 1046 -27.26 -21.96 -16.86
N LYS B 1047 -27.13 -20.86 -17.60
CA LYS B 1047 -28.02 -20.63 -18.77
C LYS B 1047 -27.78 -21.71 -19.84
N MET B 1048 -26.52 -22.06 -20.06
CA MET B 1048 -26.21 -23.10 -21.07
C MET B 1048 -26.86 -24.42 -20.63
N SER B 1049 -26.76 -24.74 -19.34
CA SER B 1049 -27.36 -26.01 -18.86
C SER B 1049 -28.88 -25.95 -18.90
N GLU B 1050 -29.48 -24.90 -18.33
CA GLU B 1050 -30.95 -24.91 -18.17
C GLU B 1050 -31.70 -24.31 -19.37
N CYS B 1051 -31.00 -23.65 -20.29
CA CYS B 1051 -31.71 -23.12 -21.48
C CYS B 1051 -31.31 -23.92 -22.73
N VAL B 1052 -30.02 -24.24 -22.88
CA VAL B 1052 -29.60 -24.93 -24.13
C VAL B 1052 -29.71 -26.44 -23.93
N LEU B 1053 -29.11 -26.97 -22.85
CA LEU B 1053 -29.11 -28.44 -22.64
C LEU B 1053 -30.52 -28.93 -22.30
N GLY B 1054 -31.39 -28.03 -21.82
CA GLY B 1054 -32.75 -28.44 -21.42
C GLY B 1054 -33.76 -27.32 -21.64
N GLN B 1055 -34.96 -27.48 -21.09
CA GLN B 1055 -35.97 -26.39 -21.20
C GLN B 1055 -36.24 -25.85 -19.80
N SER B 1056 -36.16 -24.52 -19.65
CA SER B 1056 -36.31 -23.91 -18.30
C SER B 1056 -37.73 -23.41 -18.09
N LYS B 1057 -38.33 -23.76 -16.95
CA LYS B 1057 -39.69 -23.25 -16.64
C LYS B 1057 -39.58 -21.93 -15.86
N ARG B 1058 -38.36 -21.51 -15.52
CA ARG B 1058 -38.20 -20.27 -14.71
C ARG B 1058 -38.35 -19.07 -15.65
N VAL B 1059 -39.23 -18.14 -15.30
CA VAL B 1059 -39.54 -17.02 -16.24
C VAL B 1059 -38.36 -16.06 -16.40
N ASP B 1060 -38.09 -15.63 -17.64
CA ASP B 1060 -37.07 -14.58 -17.92
C ASP B 1060 -35.65 -15.08 -17.69
N PHE B 1061 -35.47 -16.34 -17.29
CA PHE B 1061 -34.08 -16.84 -17.17
C PHE B 1061 -33.50 -17.03 -18.57
N CYS B 1062 -34.33 -17.46 -19.51
CA CYS B 1062 -33.84 -17.69 -20.90
C CYS B 1062 -34.64 -16.80 -21.85
N GLY B 1063 -34.85 -15.53 -21.49
CA GLY B 1063 -35.51 -14.61 -22.43
C GLY B 1063 -36.98 -14.34 -22.14
N LYS B 1064 -37.50 -13.24 -22.65
CA LYS B 1064 -38.92 -12.89 -22.42
C LYS B 1064 -39.84 -13.92 -23.08
N GLY B 1065 -40.97 -14.21 -22.45
CA GLY B 1065 -41.92 -15.17 -23.02
C GLY B 1065 -41.65 -16.59 -22.56
N TYR B 1066 -42.57 -17.49 -22.86
CA TYR B 1066 -42.39 -18.92 -22.46
C TYR B 1066 -41.18 -19.47 -23.22
N HIS B 1067 -40.24 -20.07 -22.50
CA HIS B 1067 -38.99 -20.52 -23.17
C HIS B 1067 -39.23 -21.83 -23.93
N LEU B 1068 -38.96 -21.82 -25.23
CA LEU B 1068 -39.07 -23.06 -26.02
C LEU B 1068 -37.69 -23.73 -26.09
N MET B 1069 -36.67 -22.99 -26.53
CA MET B 1069 -35.31 -23.56 -26.63
C MET B 1069 -34.31 -22.41 -26.74
N SER B 1070 -33.02 -22.73 -26.82
CA SER B 1070 -32.03 -21.65 -27.05
C SER B 1070 -30.83 -22.20 -27.81
N PHE B 1071 -30.08 -21.31 -28.46
CA PHE B 1071 -28.93 -21.76 -29.28
C PHE B 1071 -27.68 -20.99 -28.83
N PRO B 1072 -26.60 -21.69 -28.44
CA PRO B 1072 -25.37 -21.00 -28.07
C PRO B 1072 -24.52 -20.59 -29.28
N GLN B 1073 -23.88 -19.44 -29.19
CA GLN B 1073 -22.96 -19.00 -30.27
C GLN B 1073 -21.67 -18.50 -29.60
N SER B 1074 -20.52 -18.93 -30.11
CA SER B 1074 -19.24 -18.46 -29.52
C SER B 1074 -19.03 -16.99 -29.88
N ALA B 1075 -18.29 -16.28 -29.04
CA ALA B 1075 -17.96 -14.87 -29.33
C ALA B 1075 -16.63 -14.56 -28.62
N PRO B 1076 -15.85 -13.55 -29.06
CA PRO B 1076 -14.56 -13.31 -28.42
C PRO B 1076 -14.74 -13.10 -26.91
N HIS B 1077 -14.15 -13.99 -26.10
CA HIS B 1077 -14.27 -13.89 -24.62
C HIS B 1077 -15.75 -13.84 -24.20
N GLY B 1078 -16.63 -14.60 -24.86
CA GLY B 1078 -18.03 -14.61 -24.40
C GLY B 1078 -18.91 -15.58 -25.16
N VAL B 1079 -20.17 -15.68 -24.75
CA VAL B 1079 -21.14 -16.56 -25.48
C VAL B 1079 -22.41 -15.75 -25.72
N VAL B 1080 -23.03 -15.93 -26.89
CA VAL B 1080 -24.32 -15.25 -27.16
C VAL B 1080 -25.41 -16.33 -27.23
N PHE B 1081 -26.42 -16.20 -26.39
CA PHE B 1081 -27.53 -17.18 -26.39
C PHE B 1081 -28.69 -16.64 -27.21
N LEU B 1082 -29.09 -17.38 -28.23
CA LEU B 1082 -30.30 -16.98 -28.99
C LEU B 1082 -31.47 -17.75 -28.39
N HIS B 1083 -32.24 -17.08 -27.54
CA HIS B 1083 -33.35 -17.79 -26.85
C HIS B 1083 -34.58 -17.78 -27.76
N VAL B 1084 -35.03 -18.97 -28.16
CA VAL B 1084 -36.26 -19.06 -28.99
C VAL B 1084 -37.43 -19.22 -28.01
N THR B 1085 -38.31 -18.22 -27.97
CA THR B 1085 -39.38 -18.24 -26.94
C THR B 1085 -40.76 -18.10 -27.58
N TYR B 1086 -41.79 -18.55 -26.87
CA TYR B 1086 -43.18 -18.49 -27.37
C TYR B 1086 -43.89 -17.34 -26.67
N VAL B 1087 -44.53 -16.47 -27.44
CA VAL B 1087 -45.21 -15.29 -26.84
C VAL B 1087 -46.68 -15.32 -27.26
N PRO B 1088 -47.64 -15.27 -26.33
CA PRO B 1088 -49.05 -15.22 -26.71
C PRO B 1088 -49.37 -13.95 -27.52
N ALA B 1089 -50.32 -14.06 -28.44
CA ALA B 1089 -50.68 -12.89 -29.29
C ALA B 1089 -52.12 -13.01 -29.78
N GLN B 1090 -52.70 -11.89 -30.21
CA GLN B 1090 -54.11 -11.89 -30.71
C GLN B 1090 -55.04 -12.48 -29.64
N GLU B 1091 -54.92 -12.01 -28.40
CA GLU B 1091 -55.79 -12.51 -27.31
C GLU B 1091 -57.22 -12.03 -27.49
N LYS B 1092 -58.18 -12.78 -26.91
CA LYS B 1092 -59.60 -12.37 -27.01
C LYS B 1092 -60.27 -12.45 -25.64
N ASN B 1093 -61.27 -11.61 -25.41
CA ASN B 1093 -62.03 -11.66 -24.14
C ASN B 1093 -62.94 -12.88 -24.11
N PHE B 1094 -63.16 -13.45 -22.93
CA PHE B 1094 -64.14 -14.56 -22.82
C PHE B 1094 -64.80 -14.47 -21.44
N THR B 1095 -66.04 -14.93 -21.34
CA THR B 1095 -66.71 -14.96 -20.01
C THR B 1095 -66.30 -16.28 -19.33
N THR B 1096 -65.62 -16.18 -18.19
CA THR B 1096 -65.09 -17.42 -17.58
C THR B 1096 -65.92 -17.84 -16.37
N ALA B 1097 -65.79 -19.11 -15.99
CA ALA B 1097 -66.48 -19.61 -14.77
C ALA B 1097 -65.55 -20.61 -14.09
N PRO B 1098 -65.38 -20.56 -12.75
CA PRO B 1098 -64.55 -21.53 -12.05
C PRO B 1098 -65.05 -22.98 -12.23
N ALA B 1099 -66.37 -23.18 -12.23
CA ALA B 1099 -66.91 -24.55 -12.35
C ALA B 1099 -68.27 -24.51 -13.07
N ILE B 1100 -68.71 -25.68 -13.53
CA ILE B 1100 -70.02 -25.76 -14.22
C ILE B 1100 -70.91 -26.72 -13.45
N CYS B 1101 -72.14 -26.29 -13.16
CA CYS B 1101 -73.09 -27.16 -12.42
C CYS B 1101 -73.88 -27.99 -13.42
N HIS B 1102 -73.85 -29.31 -13.24
CA HIS B 1102 -74.64 -30.20 -14.12
C HIS B 1102 -75.22 -31.33 -13.29
N ASP B 1103 -76.54 -31.48 -13.29
CA ASP B 1103 -77.20 -32.61 -12.56
C ASP B 1103 -76.81 -32.55 -11.07
N GLY B 1104 -76.65 -31.34 -10.51
CA GLY B 1104 -76.35 -31.22 -9.08
C GLY B 1104 -74.89 -31.49 -8.77
N LYS B 1105 -74.05 -31.61 -9.79
CA LYS B 1105 -72.62 -31.96 -9.57
C LYS B 1105 -71.75 -30.82 -10.11
N ALA B 1106 -70.64 -30.52 -9.42
CA ALA B 1106 -69.75 -29.44 -9.85
C ALA B 1106 -68.64 -30.02 -10.74
N HIS B 1107 -68.44 -29.42 -11.91
CA HIS B 1107 -67.41 -29.91 -12.86
C HIS B 1107 -66.32 -28.85 -12.98
N PHE B 1108 -65.06 -29.27 -12.82
CA PHE B 1108 -63.91 -28.33 -12.96
C PHE B 1108 -63.06 -28.80 -14.14
N PRO B 1109 -62.39 -27.92 -14.88
CA PRO B 1109 -61.65 -28.36 -16.05
C PRO B 1109 -60.47 -29.25 -15.64
N ARG B 1110 -60.39 -30.44 -16.22
CA ARG B 1110 -59.23 -31.34 -15.93
C ARG B 1110 -57.96 -30.64 -16.42
N GLU B 1111 -58.02 -30.06 -17.61
CA GLU B 1111 -56.86 -29.29 -18.12
C GLU B 1111 -57.39 -28.10 -18.93
N GLY B 1112 -57.05 -26.88 -18.53
CA GLY B 1112 -57.57 -25.69 -19.24
C GLY B 1112 -58.64 -24.96 -18.44
N VAL B 1113 -59.47 -24.18 -19.12
CA VAL B 1113 -60.48 -23.35 -18.41
C VAL B 1113 -61.80 -23.36 -19.17
N PHE B 1114 -62.89 -23.00 -18.46
CA PHE B 1114 -64.21 -22.86 -19.12
C PHE B 1114 -64.30 -21.43 -19.66
N VAL B 1115 -64.66 -21.30 -20.93
CA VAL B 1115 -64.79 -19.94 -21.53
C VAL B 1115 -66.09 -19.88 -22.34
N SER B 1116 -66.73 -18.72 -22.30
CA SER B 1116 -67.97 -18.54 -23.11
C SER B 1116 -67.75 -17.42 -24.11
N ASN B 1117 -68.12 -17.65 -25.37
CA ASN B 1117 -68.02 -16.57 -26.39
C ASN B 1117 -69.32 -15.77 -26.36
N GLY B 1118 -70.25 -16.17 -25.49
CA GLY B 1118 -71.54 -15.44 -25.36
C GLY B 1118 -72.74 -16.30 -25.70
N THR B 1119 -72.54 -17.42 -26.41
CA THR B 1119 -73.67 -18.33 -26.69
C THR B 1119 -73.41 -19.72 -26.10
N HIS B 1120 -72.16 -20.18 -26.15
CA HIS B 1120 -71.87 -21.56 -25.69
C HIS B 1120 -70.66 -21.56 -24.74
N TRP B 1121 -70.50 -22.63 -23.98
CA TRP B 1121 -69.32 -22.77 -23.09
C TRP B 1121 -68.35 -23.78 -23.69
N PHE B 1122 -67.05 -23.55 -23.51
CA PHE B 1122 -66.04 -24.46 -24.08
C PHE B 1122 -64.88 -24.65 -23.11
N VAL B 1123 -64.14 -25.75 -23.26
CA VAL B 1123 -62.93 -25.96 -22.43
C VAL B 1123 -61.72 -25.72 -23.34
N THR B 1124 -60.79 -24.88 -22.90
CA THR B 1124 -59.63 -24.57 -23.77
C THR B 1124 -58.37 -24.46 -22.92
N GLN B 1125 -57.22 -24.80 -23.51
CA GLN B 1125 -55.93 -24.64 -22.78
C GLN B 1125 -55.74 -23.13 -22.52
N ARG B 1126 -55.16 -22.79 -21.37
CA ARG B 1126 -55.03 -21.36 -21.01
C ARG B 1126 -54.14 -20.60 -22.00
N ASN B 1127 -53.10 -21.25 -22.53
CA ASN B 1127 -52.13 -20.51 -23.39
C ASN B 1127 -52.51 -20.51 -24.87
N PHE B 1128 -53.60 -21.14 -25.26
CA PHE B 1128 -54.03 -21.04 -26.68
C PHE B 1128 -55.54 -21.25 -26.78
N TYR B 1129 -56.22 -20.42 -27.56
CA TYR B 1129 -57.70 -20.54 -27.60
C TYR B 1129 -58.09 -21.64 -28.58
N GLU B 1130 -58.57 -22.77 -28.06
CA GLU B 1130 -59.10 -23.85 -28.94
C GLU B 1130 -60.38 -24.36 -28.27
N PRO B 1131 -61.57 -23.90 -28.69
CA PRO B 1131 -62.80 -24.27 -27.99
C PRO B 1131 -63.10 -25.77 -28.10
N GLN B 1132 -63.40 -26.40 -26.97
CA GLN B 1132 -63.78 -27.85 -26.97
C GLN B 1132 -65.06 -28.00 -26.15
N ILE B 1133 -66.00 -28.82 -26.62
CA ILE B 1133 -67.30 -28.98 -25.91
C ILE B 1133 -67.04 -29.58 -24.53
N ILE B 1134 -67.75 -29.08 -23.52
CA ILE B 1134 -67.59 -29.64 -22.15
C ILE B 1134 -68.01 -31.11 -22.17
N THR B 1135 -67.14 -31.98 -21.69
CA THR B 1135 -67.46 -33.43 -21.64
C THR B 1135 -67.00 -33.98 -20.28
N THR B 1136 -67.17 -35.28 -20.07
CA THR B 1136 -66.78 -35.89 -18.78
C THR B 1136 -65.30 -36.29 -18.80
N ASP B 1137 -64.64 -36.20 -19.96
CA ASP B 1137 -63.23 -36.66 -20.04
C ASP B 1137 -62.27 -35.47 -19.94
N ASN B 1138 -62.74 -34.26 -20.24
CA ASN B 1138 -61.89 -33.05 -20.11
C ASN B 1138 -62.26 -32.30 -18.83
N THR B 1139 -63.22 -32.80 -18.07
CA THR B 1139 -63.59 -32.16 -16.78
C THR B 1139 -63.66 -33.23 -15.70
N PHE B 1140 -63.51 -32.82 -14.45
CA PHE B 1140 -63.61 -33.79 -13.33
C PHE B 1140 -64.67 -33.29 -12.34
N VAL B 1141 -65.32 -34.23 -11.65
CA VAL B 1141 -66.44 -33.83 -10.75
C VAL B 1141 -65.95 -33.88 -9.29
N SER B 1142 -66.18 -32.80 -8.56
CA SER B 1142 -65.82 -32.82 -7.12
C SER B 1142 -66.88 -32.03 -6.33
N GLY B 1143 -67.45 -32.64 -5.29
CA GLY B 1143 -68.41 -31.91 -4.43
C GLY B 1143 -69.72 -31.62 -5.14
N ASN B 1144 -70.44 -30.60 -4.67
CA ASN B 1144 -71.75 -30.24 -5.26
C ASN B 1144 -71.73 -28.77 -5.68
N CYS B 1145 -72.79 -28.32 -6.32
CA CYS B 1145 -72.84 -26.91 -6.83
C CYS B 1145 -73.10 -25.93 -5.69
N ASP B 1146 -73.42 -26.42 -4.50
CA ASP B 1146 -73.78 -25.50 -3.37
C ASP B 1146 -72.54 -24.98 -2.65
N VAL B 1147 -71.35 -25.49 -2.97
CA VAL B 1147 -70.13 -25.07 -2.22
C VAL B 1147 -69.24 -24.18 -3.10
N VAL B 1148 -69.36 -24.31 -4.42
CA VAL B 1148 -68.44 -23.54 -5.31
C VAL B 1148 -68.97 -22.12 -5.49
N ILE B 1149 -68.10 -21.12 -5.26
CA ILE B 1149 -68.51 -19.71 -5.46
C ILE B 1149 -68.36 -19.37 -6.94
N GLY B 1150 -69.39 -18.76 -7.54
CA GLY B 1150 -69.31 -18.33 -8.95
C GLY B 1150 -69.57 -19.46 -9.93
N ILE B 1151 -70.09 -20.59 -9.45
CA ILE B 1151 -70.42 -21.72 -10.38
C ILE B 1151 -71.54 -21.30 -11.33
N VAL B 1152 -71.57 -21.90 -12.52
CA VAL B 1152 -72.62 -21.55 -13.51
C VAL B 1152 -73.30 -22.84 -13.95
N ASN B 1153 -74.45 -22.71 -14.61
CA ASN B 1153 -75.22 -23.92 -15.03
C ASN B 1153 -74.98 -24.18 -16.52
N ASN B 1154 -74.61 -25.41 -16.85
CA ASN B 1154 -74.40 -25.77 -18.28
C ASN B 1154 -74.52 -27.29 -18.40
N THR B 1155 -74.53 -27.79 -19.63
CA THR B 1155 -74.69 -29.25 -19.84
C THR B 1155 -73.34 -29.89 -20.14
N VAL B 1156 -73.00 -30.93 -19.40
CA VAL B 1156 -71.73 -31.67 -19.66
C VAL B 1156 -72.06 -32.81 -20.61
N TYR B 1157 -71.57 -32.73 -21.85
CA TYR B 1157 -71.94 -33.77 -22.83
C TYR B 1157 -71.23 -35.07 -22.44
N ASP B 1158 -71.99 -36.06 -21.98
CA ASP B 1158 -71.38 -37.37 -21.65
C ASP B 1158 -71.14 -38.11 -22.96
N PRO B 1159 -69.90 -38.57 -23.27
CA PRO B 1159 -69.68 -39.36 -24.48
C PRO B 1159 -70.47 -40.68 -24.47
N LEU B 1160 -70.75 -41.22 -23.29
CA LEU B 1160 -71.52 -42.48 -23.17
C LEU B 1160 -73.00 -42.23 -23.49
N GLN B 1161 -73.48 -40.99 -23.41
CA GLN B 1161 -74.93 -40.75 -23.60
C GLN B 1161 -75.42 -41.21 -24.98
N PRO B 1162 -74.79 -40.88 -26.12
CA PRO B 1162 -75.25 -41.39 -27.40
C PRO B 1162 -75.17 -42.93 -27.47
N GLU B 1163 -74.13 -43.52 -26.87
CA GLU B 1163 -73.98 -44.99 -26.89
C GLU B 1163 -75.13 -45.64 -26.12
N LEU B 1164 -75.53 -45.05 -24.99
CA LEU B 1164 -76.60 -45.65 -24.16
C LEU B 1164 -77.91 -45.68 -24.96
N ASP B 1165 -78.19 -44.61 -25.72
CA ASP B 1165 -79.45 -44.55 -26.50
C ASP B 1165 -79.40 -45.57 -27.64
N ALA C 46 43.21 -33.82 -13.55
CA ALA C 46 42.16 -33.32 -14.48
C ALA C 46 40.96 -32.79 -13.67
N TYR C 47 39.76 -33.28 -13.98
CA TYR C 47 38.56 -32.79 -13.28
C TYR C 47 37.60 -33.95 -13.02
N THR C 48 36.74 -33.79 -12.01
CA THR C 48 35.77 -34.86 -11.68
C THR C 48 34.40 -34.23 -11.43
N ASN C 49 33.36 -35.05 -11.36
CA ASN C 49 31.99 -34.51 -11.17
C ASN C 49 31.69 -34.40 -9.67
N SER C 50 31.16 -33.25 -9.26
CA SER C 50 30.85 -33.01 -7.82
C SER C 50 29.67 -33.88 -7.36
N PHE C 51 28.73 -34.20 -8.25
CA PHE C 51 27.50 -34.92 -7.84
C PHE C 51 26.78 -34.06 -6.79
N THR C 52 26.39 -34.64 -5.65
CA THR C 52 25.61 -33.87 -4.65
C THR C 52 26.51 -33.44 -3.49
N ARG C 53 27.82 -33.59 -3.65
CA ARG C 53 28.76 -33.23 -2.54
C ARG C 53 28.95 -31.71 -2.49
N GLY C 54 29.49 -31.21 -1.37
CA GLY C 54 29.69 -29.76 -1.21
C GLY C 54 28.57 -29.08 -0.46
N VAL C 55 27.67 -29.86 0.13
CA VAL C 55 26.53 -29.27 0.91
C VAL C 55 26.92 -29.18 2.39
N TYR C 56 26.82 -27.99 2.97
CA TYR C 56 27.12 -27.80 4.41
C TYR C 56 25.96 -27.09 5.07
N TYR C 57 25.89 -27.15 6.40
CA TYR C 57 24.83 -26.40 7.11
C TYR C 57 25.12 -24.91 6.98
N PRO C 58 24.18 -24.10 6.43
CA PRO C 58 24.44 -22.68 6.23
C PRO C 58 24.64 -21.93 7.54
N ASP C 59 24.09 -22.46 8.65
CA ASP C 59 24.15 -21.70 9.92
C ASP C 59 24.01 -22.67 11.10
N LYS C 60 23.96 -22.11 12.32
CA LYS C 60 23.82 -22.92 13.55
C LYS C 60 22.33 -23.05 13.89
N VAL C 61 21.47 -22.91 12.89
CA VAL C 61 19.99 -22.99 13.12
C VAL C 61 19.54 -24.44 13.00
N PHE C 62 18.68 -24.89 13.91
CA PHE C 62 18.15 -26.27 13.82
C PHE C 62 16.79 -26.27 13.13
N ARG C 63 16.65 -27.05 12.06
CA ARG C 63 15.34 -27.18 11.39
C ARG C 63 15.02 -28.67 11.28
N SER C 64 13.78 -29.06 11.59
CA SER C 64 13.46 -30.51 11.61
C SER C 64 12.37 -30.86 10.61
N SER C 65 12.60 -31.89 9.78
CA SER C 65 11.56 -32.38 8.85
C SER C 65 11.02 -31.24 7.98
N VAL C 66 11.90 -30.38 7.48
CA VAL C 66 11.41 -29.21 6.70
C VAL C 66 12.34 -28.96 5.51
N LEU C 67 11.82 -28.31 4.46
CA LEU C 67 12.68 -27.96 3.31
C LEU C 67 13.01 -26.48 3.42
N HIS C 68 14.30 -26.16 3.50
CA HIS C 68 14.71 -24.74 3.67
C HIS C 68 15.48 -24.28 2.43
N SER C 69 15.09 -23.13 1.88
CA SER C 69 15.82 -22.58 0.70
C SER C 69 16.81 -21.54 1.20
N THR C 70 18.10 -21.76 0.92
CA THR C 70 19.15 -20.84 1.43
C THR C 70 20.04 -20.40 0.27
N GLN C 71 20.31 -19.10 0.17
CA GLN C 71 21.26 -18.61 -0.86
C GLN C 71 22.60 -18.35 -0.16
N ASP C 72 23.65 -19.05 -0.60
CA ASP C 72 24.96 -18.92 0.09
C ASP C 72 26.06 -19.44 -0.84
N LEU C 73 27.30 -19.41 -0.38
CA LEU C 73 28.42 -19.89 -1.22
C LEU C 73 28.40 -21.42 -1.15
N PHE C 74 27.86 -22.05 -2.19
CA PHE C 74 27.77 -23.53 -2.22
C PHE C 74 28.53 -24.06 -3.43
N LEU C 75 28.94 -25.33 -3.36
CA LEU C 75 29.58 -25.95 -4.54
C LEU C 75 28.47 -26.41 -5.48
N PRO C 76 28.42 -25.91 -6.74
CA PRO C 76 27.34 -26.27 -7.64
C PRO C 76 27.29 -27.79 -7.89
N PHE C 77 26.07 -28.32 -8.00
CA PHE C 77 25.91 -29.78 -8.19
C PHE C 77 26.45 -30.20 -9.56
N PHE C 78 27.15 -31.34 -9.60
CA PHE C 78 27.68 -31.89 -10.87
C PHE C 78 28.67 -30.90 -11.52
N SER C 79 29.28 -30.03 -10.73
CA SER C 79 30.29 -29.10 -11.28
C SER C 79 31.65 -29.78 -11.38
N ASN C 80 32.57 -29.17 -12.13
CA ASN C 80 33.92 -29.77 -12.30
C ASN C 80 34.77 -29.44 -11.08
N VAL C 81 35.22 -30.48 -10.37
CA VAL C 81 36.11 -30.28 -9.19
C VAL C 81 37.51 -30.71 -9.59
N THR C 82 38.50 -29.85 -9.36
CA THR C 82 39.88 -30.17 -9.84
C THR C 82 40.47 -31.25 -8.94
N TRP C 83 40.92 -32.36 -9.53
CA TRP C 83 41.42 -33.49 -8.71
C TRP C 83 42.95 -33.62 -8.85
N PHE C 84 43.61 -33.97 -7.76
CA PHE C 84 45.09 -34.15 -7.81
C PHE C 84 45.48 -35.47 -7.14
N HIS C 85 46.41 -36.21 -7.76
CA HIS C 85 46.89 -37.48 -7.14
C HIS C 85 48.40 -37.40 -6.92
N ASP C 99 50.83 -32.89 -6.83
CA ASP C 99 50.76 -31.45 -7.20
C ASP C 99 50.19 -30.66 -6.02
N ASN C 100 50.86 -29.59 -5.60
CA ASN C 100 50.31 -28.71 -4.55
C ASN C 100 50.40 -27.26 -5.03
N PRO C 101 49.68 -26.86 -6.09
CA PRO C 101 49.81 -25.49 -6.60
C PRO C 101 49.29 -24.40 -5.66
N VAL C 102 49.51 -23.14 -6.04
CA VAL C 102 48.92 -22.01 -5.27
C VAL C 102 47.52 -21.81 -5.86
N LEU C 103 46.53 -22.51 -5.30
CA LEU C 103 45.18 -22.46 -5.92
C LEU C 103 44.41 -21.24 -5.40
N PRO C 104 43.67 -20.52 -6.28
CA PRO C 104 42.89 -19.39 -5.82
C PRO C 104 41.82 -19.84 -4.81
N PHE C 105 41.66 -19.07 -3.73
CA PHE C 105 40.64 -19.37 -2.71
C PHE C 105 39.24 -18.94 -3.18
N ASN C 106 39.17 -17.82 -3.91
CA ASN C 106 37.88 -17.32 -4.43
C ASN C 106 36.93 -17.05 -3.26
N ASP C 107 35.62 -17.23 -3.47
CA ASP C 107 34.64 -17.02 -2.38
C ASP C 107 34.87 -18.05 -1.27
N GLY C 108 35.07 -19.31 -1.65
CA GLY C 108 35.25 -20.38 -0.65
C GLY C 108 35.83 -21.61 -1.30
N VAL C 109 36.32 -22.55 -0.49
CA VAL C 109 36.98 -23.74 -1.08
C VAL C 109 36.38 -25.02 -0.50
N TYR C 110 35.93 -25.92 -1.38
CA TYR C 110 35.48 -27.25 -0.90
C TYR C 110 36.64 -28.20 -1.14
N PHE C 111 37.10 -28.87 -0.07
CA PHE C 111 38.28 -29.75 -0.21
C PHE C 111 37.90 -31.16 0.18
N ALA C 112 38.08 -32.11 -0.74
CA ALA C 112 37.79 -33.53 -0.41
C ALA C 112 39.11 -34.30 -0.38
N SER C 113 39.37 -34.99 0.72
CA SER C 113 40.62 -35.79 0.81
C SER C 113 40.28 -37.28 0.81
N THR C 114 40.70 -38.00 -0.23
CA THR C 114 40.54 -39.48 -0.22
C THR C 114 41.93 -40.04 0.03
N GLU C 115 42.21 -40.45 1.26
CA GLU C 115 43.58 -40.90 1.59
C GLU C 115 43.53 -41.88 2.77
N LYS C 116 44.52 -42.76 2.86
CA LYS C 116 44.59 -43.70 4.02
C LYS C 116 45.89 -43.46 4.79
N SER C 117 46.86 -42.79 4.17
CA SER C 117 48.18 -42.57 4.83
C SER C 117 48.24 -41.16 5.42
N ASN C 118 47.12 -40.43 5.41
CA ASN C 118 47.12 -39.03 5.92
C ASN C 118 48.15 -38.20 5.14
N ILE C 119 48.15 -38.34 3.81
CA ILE C 119 49.08 -37.55 2.97
C ILE C 119 48.79 -36.06 3.16
N ILE C 120 47.50 -35.70 3.15
CA ILE C 120 47.14 -34.28 3.40
C ILE C 120 47.47 -33.95 4.85
N ARG C 121 48.42 -33.05 5.06
CA ARG C 121 48.85 -32.73 6.44
C ARG C 121 48.43 -31.30 6.81
N GLY C 122 47.85 -30.53 5.89
CA GLY C 122 47.36 -29.21 6.31
C GLY C 122 47.01 -28.29 5.17
N TRP C 123 46.69 -27.03 5.47
CA TRP C 123 46.40 -26.03 4.42
C TRP C 123 46.94 -24.66 4.81
N ILE C 124 47.46 -23.91 3.84
CA ILE C 124 47.90 -22.50 4.13
C ILE C 124 46.94 -21.59 3.36
N PHE C 125 46.54 -20.47 3.97
CA PHE C 125 45.67 -19.51 3.25
C PHE C 125 46.29 -18.12 3.38
N GLY C 126 46.59 -17.48 2.26
CA GLY C 126 47.21 -16.15 2.29
C GLY C 126 46.81 -15.28 1.11
N THR C 127 46.76 -13.97 1.30
CA THR C 127 46.50 -13.03 0.18
C THR C 127 47.75 -12.93 -0.70
N THR C 128 48.93 -12.89 -0.10
CA THR C 128 50.19 -12.73 -0.88
C THR C 128 51.07 -13.97 -0.72
N LEU C 129 50.72 -14.87 0.20
CA LEU C 129 51.54 -16.09 0.47
C LEU C 129 52.99 -15.69 0.81
N ASP C 130 53.17 -14.65 1.62
CA ASP C 130 54.54 -14.27 2.07
C ASP C 130 54.49 -13.72 3.49
N SER C 131 55.66 -13.52 4.10
CA SER C 131 55.73 -13.00 5.49
C SER C 131 55.32 -11.52 5.54
N LYS C 132 55.18 -10.87 4.38
CA LYS C 132 54.82 -9.43 4.34
C LYS C 132 53.44 -9.24 4.97
N THR C 133 52.50 -10.16 4.70
CA THR C 133 51.16 -10.09 5.31
C THR C 133 50.87 -11.39 6.08
N GLN C 134 50.20 -11.28 7.23
CA GLN C 134 49.93 -12.48 8.06
C GLN C 134 48.99 -13.44 7.32
N SER C 135 49.22 -14.74 7.50
CA SER C 135 48.38 -15.76 6.81
C SER C 135 47.90 -16.80 7.82
N LEU C 136 46.89 -17.60 7.43
CA LEU C 136 46.32 -18.62 8.34
C LEU C 136 46.74 -20.02 7.88
N LEU C 137 47.47 -20.74 8.74
CA LEU C 137 47.97 -22.09 8.36
C LEU C 137 47.44 -23.13 9.35
N ILE C 138 46.93 -24.24 8.83
CA ILE C 138 46.50 -25.36 9.72
C ILE C 138 47.43 -26.52 9.41
N VAL C 139 48.04 -27.10 10.45
CA VAL C 139 48.90 -28.30 10.25
C VAL C 139 48.45 -29.38 11.22
N ASN C 140 48.60 -30.65 10.84
CA ASN C 140 48.10 -31.76 11.69
C ASN C 140 49.27 -32.62 12.18
N ASN C 141 49.49 -32.66 13.49
CA ASN C 141 50.54 -33.54 14.06
C ASN C 141 49.84 -34.68 14.81
N ALA C 142 48.57 -34.96 14.46
CA ALA C 142 47.77 -36.00 15.14
C ALA C 142 47.42 -35.56 16.57
N THR C 143 48.43 -35.32 17.40
CA THR C 143 48.19 -34.93 18.82
C THR C 143 47.39 -33.63 18.87
N ASN C 144 47.79 -32.61 18.10
CA ASN C 144 47.12 -31.30 18.17
C ASN C 144 47.22 -30.56 16.84
N VAL C 145 46.10 -30.42 16.12
CA VAL C 145 46.14 -29.60 14.87
C VAL C 145 46.50 -28.17 15.28
N VAL C 146 47.48 -27.58 14.59
CA VAL C 146 47.93 -26.21 14.95
C VAL C 146 47.36 -25.25 13.91
N ILE C 147 46.54 -24.31 14.37
CA ILE C 147 45.95 -23.29 13.46
C ILE C 147 46.56 -21.95 13.85
N LYS C 148 47.29 -21.33 12.93
CA LYS C 148 48.00 -20.07 13.30
C LYS C 148 47.68 -18.94 12.32
N VAL C 149 47.15 -17.82 12.84
CA VAL C 149 46.97 -16.62 11.99
C VAL C 149 48.17 -15.74 12.36
N CYS C 150 49.27 -15.90 11.63
CA CYS C 150 50.51 -15.19 12.01
C CYS C 150 51.32 -14.93 10.73
N GLU C 151 52.39 -14.14 10.84
CA GLU C 151 53.22 -13.85 9.65
C GLU C 151 54.18 -15.01 9.41
N PHE C 152 54.07 -15.65 8.24
CA PHE C 152 55.00 -16.75 7.90
C PHE C 152 55.60 -16.55 6.51
N GLN C 153 56.88 -16.91 6.35
CA GLN C 153 57.52 -16.85 5.01
C GLN C 153 57.55 -18.29 4.50
N PHE C 154 56.59 -18.64 3.65
CA PHE C 154 56.47 -20.06 3.23
C PHE C 154 57.65 -20.53 2.37
N CYS C 155 57.95 -21.82 2.46
CA CYS C 155 59.03 -22.40 1.63
C CYS C 155 58.52 -22.51 0.18
N ASN C 156 59.44 -22.69 -0.76
CA ASN C 156 59.04 -22.85 -2.19
C ASN C 156 58.18 -24.09 -2.34
N ASP C 157 58.52 -25.18 -1.64
CA ASP C 157 57.72 -26.42 -1.69
C ASP C 157 57.44 -26.85 -0.25
N PRO C 158 56.53 -26.18 0.47
CA PRO C 158 56.31 -26.50 1.88
C PRO C 158 55.68 -27.88 2.06
N PHE C 159 56.09 -28.59 3.12
CA PHE C 159 55.57 -29.96 3.37
C PHE C 159 56.09 -30.48 4.70
N LEU C 160 55.62 -31.67 5.10
CA LEU C 160 56.17 -32.33 6.31
C LEU C 160 56.82 -33.62 5.82
N GLY C 161 58.11 -33.82 6.13
CA GLY C 161 58.84 -35.00 5.62
C GLY C 161 58.83 -36.15 6.59
N VAL C 162 58.31 -37.30 6.15
CA VAL C 162 58.18 -38.47 7.08
C VAL C 162 59.26 -39.49 6.73
N TYR C 163 59.94 -40.02 7.75
CA TYR C 163 61.02 -40.99 7.51
C TYR C 163 60.66 -42.33 8.18
N TYR C 164 60.97 -43.44 7.50
CA TYR C 164 60.71 -44.78 8.08
C TYR C 164 61.91 -45.17 8.95
N TRP C 171 56.76 -45.13 10.72
CA TRP C 171 56.97 -43.85 9.99
C TRP C 171 56.81 -42.67 10.96
N MET C 172 57.76 -41.75 10.94
CA MET C 172 57.71 -40.60 11.89
C MET C 172 58.00 -39.30 11.13
N GLU C 173 57.23 -38.25 11.40
CA GLU C 173 57.45 -36.96 10.71
C GLU C 173 58.75 -36.35 11.23
N SER C 174 59.76 -36.23 10.38
CA SER C 174 61.09 -35.76 10.84
C SER C 174 61.42 -34.36 10.29
N GLU C 175 60.77 -33.93 9.20
CA GLU C 175 61.14 -32.63 8.60
C GLU C 175 59.93 -31.70 8.55
N PHE C 176 60.15 -30.41 8.80
CA PHE C 176 59.06 -29.41 8.75
C PHE C 176 59.51 -28.29 7.82
N ARG C 177 59.39 -28.53 6.50
CA ARG C 177 59.80 -27.49 5.52
C ARG C 177 58.57 -26.66 5.12
N VAL C 178 58.07 -25.84 6.04
CA VAL C 178 56.83 -25.06 5.75
C VAL C 178 57.16 -23.57 5.68
N TYR C 179 57.67 -23.01 6.78
CA TYR C 179 57.92 -21.54 6.78
C TYR C 179 59.24 -21.24 7.49
N SER C 180 59.77 -20.05 7.25
CA SER C 180 61.02 -19.62 7.93
C SER C 180 60.70 -18.50 8.92
N SER C 181 59.47 -17.98 8.90
CA SER C 181 59.13 -16.83 9.78
C SER C 181 57.88 -17.13 10.60
N ALA C 182 57.94 -16.89 11.91
CA ALA C 182 56.73 -17.02 12.77
C ALA C 182 56.69 -15.72 13.57
N ASN C 183 56.27 -14.61 12.95
CA ASN C 183 56.36 -13.30 13.62
C ASN C 183 55.00 -12.59 13.57
N ASN C 184 54.76 -11.62 14.47
CA ASN C 184 53.45 -10.93 14.53
C ASN C 184 52.38 -12.02 14.67
N CYS C 185 52.61 -12.98 15.56
CA CYS C 185 51.68 -14.15 15.62
C CYS C 185 50.38 -13.77 16.32
N THR C 186 49.37 -13.41 15.52
CA THR C 186 48.09 -12.92 16.10
C THR C 186 47.33 -14.05 16.80
N PHE C 187 47.19 -15.20 16.15
CA PHE C 187 46.32 -16.25 16.74
C PHE C 187 46.99 -17.63 16.70
N GLU C 188 46.97 -18.35 17.82
CA GLU C 188 47.49 -19.74 17.84
C GLU C 188 46.43 -20.65 18.45
N TYR C 189 46.17 -21.79 17.83
CA TYR C 189 45.12 -22.70 18.35
C TYR C 189 45.60 -24.14 18.26
N VAL C 190 45.65 -24.84 19.38
CA VAL C 190 45.98 -26.30 19.35
C VAL C 190 44.67 -27.05 19.60
N SER C 191 44.28 -27.90 18.64
CA SER C 191 42.96 -28.56 18.77
C SER C 191 43.09 -30.08 18.57
N GLN C 192 42.06 -30.82 18.94
CA GLN C 192 42.07 -32.27 18.66
C GLN C 192 42.14 -32.47 17.15
N PHE C 205 40.56 -46.13 -0.76
CA PHE C 205 40.58 -45.32 0.49
C PHE C 205 39.34 -45.65 1.32
N LYS C 206 39.53 -45.95 2.60
CA LYS C 206 38.38 -46.22 3.50
C LYS C 206 37.94 -44.93 4.19
N ASN C 207 38.66 -43.83 3.97
CA ASN C 207 38.34 -42.58 4.71
C ASN C 207 38.19 -41.41 3.73
N LEU C 208 37.05 -40.71 3.78
CA LEU C 208 36.88 -39.48 2.95
C LEU C 208 36.68 -38.32 3.92
N ARG C 209 37.54 -37.32 3.82
CA ARG C 209 37.43 -36.15 4.73
C ARG C 209 37.04 -34.93 3.91
N GLU C 210 35.88 -34.34 4.20
CA GLU C 210 35.40 -33.18 3.42
C GLU C 210 35.52 -31.92 4.26
N PHE C 211 36.14 -30.88 3.71
CA PHE C 211 36.30 -29.61 4.47
C PHE C 211 35.88 -28.41 3.62
N VAL C 212 34.95 -27.61 4.15
CA VAL C 212 34.60 -26.35 3.43
C VAL C 212 35.31 -25.23 4.17
N PHE C 213 36.13 -24.47 3.45
CA PHE C 213 36.80 -23.31 4.08
C PHE C 213 36.13 -22.05 3.54
N LYS C 214 35.54 -21.26 4.43
CA LYS C 214 34.91 -19.99 3.98
C LYS C 214 35.42 -18.83 4.85
N ASN C 215 35.95 -17.80 4.22
CA ASN C 215 36.39 -16.61 4.98
C ASN C 215 35.39 -15.48 4.70
N ILE C 216 34.51 -15.22 5.67
CA ILE C 216 33.46 -14.18 5.46
C ILE C 216 33.34 -13.30 6.71
N ASP C 217 33.16 -11.99 6.52
CA ASP C 217 33.02 -11.03 7.65
C ASP C 217 34.17 -11.19 8.65
N GLY C 218 35.36 -11.56 8.15
CA GLY C 218 36.54 -11.66 9.04
C GLY C 218 36.60 -12.98 9.80
N TYR C 219 35.55 -13.79 9.70
CA TYR C 219 35.57 -15.12 10.37
C TYR C 219 35.86 -16.19 9.32
N PHE C 220 36.79 -17.09 9.64
CA PHE C 220 37.12 -18.19 8.71
C PHE C 220 36.54 -19.48 9.28
N LYS C 221 35.75 -20.20 8.48
CA LYS C 221 35.04 -21.38 9.03
C LYS C 221 35.43 -22.66 8.30
N ILE C 222 35.68 -23.71 9.07
CA ILE C 222 35.98 -25.04 8.46
C ILE C 222 34.80 -25.96 8.75
N TYR C 223 34.15 -26.46 7.70
CA TYR C 223 33.05 -27.45 7.89
C TYR C 223 33.66 -28.82 7.56
N SER C 224 33.59 -29.76 8.50
CA SER C 224 34.28 -31.06 8.25
C SER C 224 33.32 -32.25 8.35
N LYS C 225 33.51 -33.25 7.48
CA LYS C 225 32.68 -34.47 7.55
C LYS C 225 33.55 -35.70 7.27
N HIS C 226 33.27 -36.81 7.94
CA HIS C 226 34.00 -38.07 7.68
C HIS C 226 33.05 -39.05 6.98
N THR C 227 33.54 -39.69 5.92
CA THR C 227 32.69 -40.66 5.20
C THR C 227 33.44 -41.98 5.00
N PRO C 228 32.86 -43.13 5.36
CA PRO C 228 33.50 -44.41 5.06
C PRO C 228 33.27 -44.73 3.57
N ILE C 229 34.36 -44.91 2.81
CA ILE C 229 34.21 -45.10 1.33
C ILE C 229 34.99 -46.35 0.89
N ASN C 230 34.65 -46.87 -0.29
CA ASN C 230 35.40 -48.04 -0.83
C ASN C 230 35.69 -47.81 -2.31
N LEU C 231 35.43 -46.61 -2.85
CA LEU C 231 35.77 -46.36 -4.28
C LEU C 231 37.29 -46.24 -4.45
N VAL C 232 37.80 -46.79 -5.54
CA VAL C 232 39.27 -46.73 -5.80
C VAL C 232 39.68 -45.27 -6.08
N ARG C 233 38.90 -44.54 -6.88
CA ARG C 233 39.36 -43.18 -7.25
C ARG C 233 38.17 -42.24 -7.49
N ASP C 234 38.40 -40.93 -7.38
CA ASP C 234 37.35 -39.93 -7.71
C ASP C 234 36.29 -39.82 -6.62
N LEU C 235 35.33 -38.91 -6.81
CA LEU C 235 34.33 -38.68 -5.74
C LEU C 235 33.27 -39.77 -5.78
N PRO C 236 33.04 -40.52 -4.68
CA PRO C 236 31.93 -41.46 -4.65
C PRO C 236 30.59 -40.71 -4.78
N GLN C 237 29.61 -41.32 -5.44
CA GLN C 237 28.28 -40.66 -5.54
C GLN C 237 27.53 -40.89 -4.23
N GLY C 238 27.20 -39.81 -3.53
CA GLY C 238 26.50 -39.94 -2.25
C GLY C 238 26.11 -38.58 -1.70
N PHE C 239 25.30 -38.56 -0.64
CA PHE C 239 24.96 -37.27 0.01
C PHE C 239 25.47 -37.28 1.45
N SER C 240 26.22 -36.25 1.83
CA SER C 240 26.66 -36.16 3.24
C SER C 240 26.64 -34.70 3.69
N ALA C 241 25.88 -34.40 4.73
CA ALA C 241 25.85 -33.03 5.26
C ALA C 241 27.23 -32.68 5.81
N LEU C 242 27.67 -31.44 5.60
CA LEU C 242 29.01 -31.04 6.09
C LEU C 242 28.85 -30.20 7.35
N GLU C 243 29.03 -30.84 8.52
CA GLU C 243 28.84 -30.13 9.81
C GLU C 243 29.93 -29.09 10.00
N PRO C 244 29.63 -27.91 10.57
CA PRO C 244 30.67 -26.92 10.86
C PRO C 244 31.58 -27.44 11.98
N LEU C 245 32.87 -27.63 11.67
CA LEU C 245 33.80 -28.16 12.69
C LEU C 245 34.35 -27.00 13.52
N VAL C 246 34.91 -25.98 12.86
CA VAL C 246 35.56 -24.88 13.62
C VAL C 246 35.25 -23.53 12.98
N ASP C 247 35.07 -22.49 13.80
CA ASP C 247 34.92 -21.12 13.24
C ASP C 247 35.87 -20.22 14.03
N LEU C 248 36.67 -19.41 13.34
CA LEU C 248 37.67 -18.61 14.10
C LEU C 248 37.62 -17.15 13.64
N PRO C 249 37.81 -16.18 14.56
CA PRO C 249 37.82 -14.75 14.22
C PRO C 249 39.17 -14.35 13.61
N ILE C 250 39.30 -14.51 12.29
CA ILE C 250 40.63 -14.32 11.65
C ILE C 250 40.82 -12.86 11.22
N GLY C 251 39.96 -12.36 10.35
CA GLY C 251 40.02 -10.93 9.97
C GLY C 251 41.18 -10.56 9.06
N ILE C 252 41.67 -11.47 8.22
CA ILE C 252 42.72 -11.07 7.22
C ILE C 252 42.27 -11.55 5.85
N ASN C 253 42.62 -10.80 4.80
CA ASN C 253 42.23 -11.18 3.43
C ASN C 253 42.78 -12.56 3.09
N ILE C 254 41.96 -13.40 2.46
CA ILE C 254 42.45 -14.74 2.00
C ILE C 254 42.10 -14.85 0.52
N THR C 255 43.11 -14.82 -0.34
CA THR C 255 42.84 -14.84 -1.81
C THR C 255 43.36 -16.14 -2.43
N ARG C 256 44.42 -16.70 -1.85
CA ARG C 256 44.99 -17.97 -2.39
C ARG C 256 45.22 -18.96 -1.25
N PHE C 257 45.29 -20.24 -1.59
CA PHE C 257 45.58 -21.27 -0.56
C PHE C 257 46.47 -22.36 -1.16
N GLN C 258 47.07 -23.16 -0.29
CA GLN C 258 47.88 -24.31 -0.78
C GLN C 258 47.79 -25.44 0.25
N THR C 259 47.39 -26.63 -0.19
CA THR C 259 47.39 -27.79 0.74
C THR C 259 48.82 -28.24 1.00
N LEU C 260 49.09 -28.73 2.20
CA LEU C 260 50.45 -29.29 2.49
C LEU C 260 50.34 -30.81 2.56
N LEU C 261 51.12 -31.50 1.72
CA LEU C 261 51.09 -32.98 1.67
C LEU C 261 52.23 -33.55 2.50
N ALA C 262 52.08 -34.79 2.95
CA ALA C 262 53.18 -35.46 3.69
C ALA C 262 54.06 -36.16 2.66
N LEU C 263 55.05 -35.44 2.11
CA LEU C 263 55.89 -36.03 1.04
C LEU C 263 56.98 -36.85 1.74
N HIS C 264 56.85 -38.18 1.67
CA HIS C 264 57.80 -39.07 2.39
C HIS C 264 59.19 -38.97 1.75
N ARG C 265 60.23 -39.15 2.56
CA ARG C 265 61.61 -39.15 2.01
C ARG C 265 61.93 -40.55 1.46
N SER C 266 62.48 -40.61 0.26
CA SER C 266 62.78 -41.93 -0.36
C SER C 266 63.95 -42.59 0.38
N GLY C 276 65.12 -35.98 -2.92
CA GLY C 276 64.35 -37.11 -3.48
C GLY C 276 63.10 -37.37 -2.67
N TRP C 277 61.95 -36.95 -3.17
CA TRP C 277 60.70 -37.07 -2.36
C TRP C 277 59.63 -37.81 -3.15
N THR C 278 59.17 -38.96 -2.63
CA THR C 278 58.08 -39.71 -3.30
C THR C 278 56.91 -39.85 -2.31
N ALA C 279 55.71 -39.39 -2.70
CA ALA C 279 54.57 -39.42 -1.76
C ALA C 279 53.76 -40.71 -1.91
N GLY C 280 53.06 -41.10 -0.85
CA GLY C 280 52.20 -42.30 -0.91
C GLY C 280 50.93 -42.04 -1.70
N ALA C 281 50.22 -43.09 -2.11
CA ALA C 281 49.02 -42.92 -2.95
C ALA C 281 47.92 -42.20 -2.17
N ALA C 282 47.37 -41.12 -2.74
CA ALA C 282 46.27 -40.37 -2.10
C ALA C 282 45.65 -39.46 -3.16
N ALA C 283 44.45 -38.92 -2.89
CA ALA C 283 43.86 -37.96 -3.85
C ALA C 283 43.22 -36.78 -3.10
N TYR C 284 43.38 -35.58 -3.65
CA TYR C 284 42.69 -34.41 -3.04
C TYR C 284 41.97 -33.61 -4.12
N TYR C 285 40.75 -33.17 -3.82
CA TYR C 285 39.92 -32.49 -4.84
C TYR C 285 39.56 -31.10 -4.33
N VAL C 286 39.72 -30.10 -5.20
CA VAL C 286 39.41 -28.69 -4.79
C VAL C 286 38.27 -28.16 -5.66
N GLY C 287 37.24 -27.61 -5.01
CA GLY C 287 36.13 -27.00 -5.76
C GLY C 287 35.92 -25.58 -5.27
N TYR C 288 35.57 -24.67 -6.18
CA TYR C 288 35.43 -23.25 -5.78
C TYR C 288 33.94 -22.96 -5.57
N LEU C 289 33.59 -22.55 -4.34
CA LEU C 289 32.15 -22.32 -4.04
C LEU C 289 31.65 -21.11 -4.83
N GLN C 290 30.38 -21.15 -5.22
CA GLN C 290 29.78 -20.02 -5.98
C GLN C 290 28.50 -19.61 -5.26
N PRO C 291 28.01 -18.36 -5.41
CA PRO C 291 26.74 -17.99 -4.81
C PRO C 291 25.62 -18.79 -5.46
N ARG C 292 25.04 -19.73 -4.70
CA ARG C 292 23.99 -20.60 -5.27
C ARG C 292 22.81 -20.67 -4.30
N THR C 293 21.62 -20.95 -4.83
CA THR C 293 20.45 -21.16 -3.94
C THR C 293 20.23 -22.66 -3.81
N PHE C 294 20.18 -23.16 -2.58
CA PHE C 294 20.03 -24.61 -2.36
C PHE C 294 18.78 -24.89 -1.52
N LEU C 295 18.00 -25.88 -1.92
CA LEU C 295 16.83 -26.30 -1.11
C LEU C 295 17.28 -27.52 -0.32
N LEU C 296 17.41 -27.38 1.01
CA LEU C 296 17.93 -28.50 1.84
C LEU C 296 16.79 -29.20 2.56
N LYS C 297 16.80 -30.53 2.55
CA LYS C 297 15.76 -31.30 3.24
C LYS C 297 16.27 -31.73 4.62
N TYR C 298 15.87 -31.00 5.66
CA TYR C 298 16.27 -31.36 7.03
C TYR C 298 15.32 -32.46 7.53
N ASN C 299 15.89 -33.56 8.03
CA ASN C 299 15.03 -34.69 8.49
C ASN C 299 14.59 -34.42 9.94
N GLU C 300 14.06 -35.44 10.61
CA GLU C 300 13.61 -35.30 12.02
C GLU C 300 14.82 -34.95 12.90
N ASN C 301 16.02 -35.39 12.52
CA ASN C 301 17.23 -35.15 13.35
C ASN C 301 17.80 -33.76 13.08
N GLY C 302 17.32 -33.07 12.04
CA GLY C 302 17.92 -31.77 11.67
C GLY C 302 19.09 -31.95 10.73
N THR C 303 19.43 -33.19 10.39
CA THR C 303 20.54 -33.43 9.43
C THR C 303 20.03 -33.21 8.00
N ILE C 304 20.83 -32.53 7.18
CA ILE C 304 20.45 -32.32 5.76
C ILE C 304 20.60 -33.67 5.06
N THR C 305 19.49 -34.28 4.66
CA THR C 305 19.54 -35.63 4.05
C THR C 305 19.57 -35.52 2.52
N ASP C 306 19.12 -34.39 1.98
CA ASP C 306 19.15 -34.21 0.51
C ASP C 306 19.13 -32.72 0.19
N ALA C 307 19.59 -32.36 -1.01
CA ALA C 307 19.62 -30.94 -1.39
C ALA C 307 19.25 -30.80 -2.87
N VAL C 308 18.72 -29.64 -3.23
CA VAL C 308 18.41 -29.38 -4.67
C VAL C 308 19.14 -28.10 -5.07
N ASP C 309 19.91 -28.16 -6.15
CA ASP C 309 20.58 -26.94 -6.66
C ASP C 309 19.56 -26.22 -7.54
N CYS C 310 19.11 -25.05 -7.09
CA CYS C 310 17.99 -24.37 -7.82
C CYS C 310 18.36 -23.97 -9.25
N ALA C 311 19.66 -23.89 -9.56
CA ALA C 311 20.08 -23.49 -10.92
C ALA C 311 20.63 -24.68 -11.71
N LEU C 312 20.65 -25.89 -11.13
CA LEU C 312 21.29 -27.04 -11.83
C LEU C 312 20.55 -27.39 -13.13
N ASP C 313 19.23 -27.52 -13.09
CA ASP C 313 18.48 -27.97 -14.29
C ASP C 313 17.03 -27.54 -14.16
N PRO C 314 16.22 -27.51 -15.24
CA PRO C 314 14.84 -27.05 -15.13
C PRO C 314 14.02 -27.85 -14.11
N LEU C 315 14.23 -29.16 -14.00
CA LEU C 315 13.52 -29.95 -12.96
C LEU C 315 13.91 -29.43 -11.58
N SER C 316 15.19 -29.15 -11.35
CA SER C 316 15.63 -28.59 -10.05
C SER C 316 15.03 -27.19 -9.85
N GLU C 317 14.95 -26.40 -10.92
CA GLU C 317 14.33 -25.05 -10.80
C GLU C 317 12.86 -25.23 -10.39
N THR C 318 12.17 -26.21 -10.98
CA THR C 318 10.76 -26.46 -10.60
C THR C 318 10.69 -26.87 -9.13
N LYS C 319 11.61 -27.74 -8.71
CA LYS C 319 11.58 -28.23 -7.30
C LYS C 319 11.82 -27.04 -6.37
N CYS C 320 12.76 -26.17 -6.72
CA CYS C 320 13.04 -24.97 -5.88
C CYS C 320 11.82 -24.05 -5.86
N THR C 321 11.21 -23.82 -7.02
CA THR C 321 10.05 -22.89 -7.11
C THR C 321 8.90 -23.44 -6.27
N LEU C 322 8.65 -24.74 -6.38
CA LEU C 322 7.52 -25.36 -5.62
C LEU C 322 7.90 -25.47 -4.13
N LYS C 323 9.18 -25.29 -3.79
CA LYS C 323 9.65 -25.45 -2.39
C LYS C 323 9.35 -26.88 -1.94
N SER C 324 9.33 -27.82 -2.88
CA SER C 324 9.06 -29.24 -2.53
C SER C 324 10.04 -30.14 -3.29
N PHE C 325 10.44 -31.25 -2.68
CA PHE C 325 11.37 -32.19 -3.36
C PHE C 325 10.61 -33.04 -4.39
N THR C 326 9.28 -33.06 -4.29
CA THR C 326 8.49 -33.81 -5.29
C THR C 326 7.46 -32.86 -5.90
N VAL C 327 7.44 -32.76 -7.22
CA VAL C 327 6.50 -31.84 -7.91
C VAL C 327 5.37 -32.67 -8.50
N GLU C 328 4.14 -32.18 -8.35
CA GLU C 328 2.97 -32.94 -8.87
C GLU C 328 2.90 -32.78 -10.38
N LYS C 329 2.11 -33.63 -11.03
CA LYS C 329 1.96 -33.52 -12.50
C LYS C 329 1.34 -32.16 -12.85
N GLY C 330 1.92 -31.48 -13.84
CA GLY C 330 1.34 -30.19 -14.27
C GLY C 330 2.37 -29.26 -14.86
N ILE C 331 1.98 -28.00 -15.08
CA ILE C 331 2.90 -27.00 -15.65
C ILE C 331 3.26 -25.98 -14.56
N TYR C 332 4.54 -25.66 -14.44
CA TYR C 332 4.95 -24.71 -13.38
C TYR C 332 5.83 -23.60 -13.97
N GLN C 333 5.58 -22.36 -13.55
CA GLN C 333 6.42 -21.23 -14.03
C GLN C 333 7.56 -21.06 -13.03
N THR C 334 8.81 -21.20 -13.50
CA THR C 334 9.96 -21.17 -12.57
C THR C 334 10.69 -19.83 -12.63
N SER C 335 11.00 -19.34 -13.83
CA SER C 335 11.79 -18.10 -13.96
C SER C 335 11.38 -17.37 -15.23
N ASN C 336 12.14 -16.35 -15.62
CA ASN C 336 11.84 -15.65 -16.89
C ASN C 336 13.08 -15.66 -17.78
N PHE C 337 12.91 -16.08 -19.03
CA PHE C 337 14.04 -16.10 -19.99
C PHE C 337 14.11 -14.74 -20.68
N ARG C 338 15.29 -14.13 -20.67
CA ARG C 338 15.49 -12.81 -21.32
C ARG C 338 16.76 -12.88 -22.16
N VAL C 339 16.78 -12.18 -23.29
CA VAL C 339 18.03 -12.15 -24.09
C VAL C 339 18.81 -10.89 -23.69
N GLN C 340 20.02 -11.07 -23.18
CA GLN C 340 20.86 -9.90 -22.82
C GLN C 340 21.41 -9.27 -24.10
N PRO C 341 21.70 -7.95 -24.11
CA PRO C 341 22.27 -7.33 -25.30
C PRO C 341 23.62 -7.96 -25.66
N THR C 342 23.75 -8.39 -26.92
CA THR C 342 25.00 -9.03 -27.40
C THR C 342 26.14 -8.00 -27.42
N GLU C 343 25.84 -6.77 -27.79
CA GLU C 343 26.91 -5.74 -27.88
C GLU C 343 26.30 -4.35 -27.69
N SER C 344 27.15 -3.37 -27.43
CA SER C 344 26.67 -1.98 -27.24
C SER C 344 27.04 -1.15 -28.48
N ILE C 345 26.04 -0.48 -29.06
CA ILE C 345 26.29 0.35 -30.27
C ILE C 345 25.92 1.79 -29.96
N VAL C 346 26.75 2.74 -30.38
CA VAL C 346 26.45 4.17 -30.12
C VAL C 346 26.43 4.91 -31.46
N ARG C 347 25.30 5.53 -31.77
CA ARG C 347 25.20 6.29 -33.04
C ARG C 347 25.04 7.77 -32.70
N PHE C 348 25.90 8.61 -33.27
CA PHE C 348 25.79 10.07 -33.04
C PHE C 348 25.84 10.76 -34.40
N PRO C 349 25.28 11.97 -34.61
CA PRO C 349 25.37 12.57 -35.93
C PRO C 349 26.85 12.63 -36.32
N ASN C 350 27.22 12.17 -37.52
CA ASN C 350 28.66 12.13 -37.85
C ASN C 350 29.23 13.54 -37.76
N LEU C 354 33.90 21.04 -37.83
CA LEU C 354 35.02 20.97 -36.89
C LEU C 354 35.54 22.37 -36.56
N CYS C 355 35.91 22.55 -35.28
CA CYS C 355 36.48 23.78 -34.77
C CYS C 355 37.77 24.07 -35.50
N PRO C 356 38.01 25.33 -35.97
CA PRO C 356 39.20 25.66 -36.76
C PRO C 356 40.48 25.81 -35.94
N PHE C 357 40.88 24.72 -35.26
CA PHE C 357 42.12 24.67 -34.49
C PHE C 357 43.34 24.53 -35.38
N ASP C 358 43.13 24.06 -36.62
CA ASP C 358 44.21 24.00 -37.60
C ASP C 358 44.61 25.45 -37.95
N GLU C 359 43.61 26.30 -38.16
CA GLU C 359 43.81 27.70 -38.49
C GLU C 359 44.60 28.42 -37.38
N VAL C 360 44.56 27.91 -36.15
CA VAL C 360 45.18 28.56 -35.01
C VAL C 360 46.60 28.04 -34.83
N PHE C 361 46.75 26.74 -34.65
CA PHE C 361 48.06 26.18 -34.35
C PHE C 361 49.00 26.13 -35.54
N ASN C 362 48.49 25.99 -36.74
CA ASN C 362 49.37 25.85 -37.89
C ASN C 362 49.34 27.10 -38.75
N ALA C 363 48.99 28.24 -38.16
CA ALA C 363 49.03 29.52 -38.87
C ALA C 363 50.43 29.86 -39.33
N THR C 364 50.58 30.57 -40.43
CA THR C 364 51.89 30.90 -40.92
C THR C 364 52.51 31.97 -40.04
N ARG C 365 51.80 33.05 -39.82
CA ARG C 365 52.28 34.13 -38.95
C ARG C 365 51.71 33.97 -37.54
N PHE C 366 52.53 34.32 -36.53
CA PHE C 366 52.07 34.49 -35.16
C PHE C 366 52.34 35.93 -34.74
N ALA C 367 51.53 36.43 -33.80
CA ALA C 367 51.66 37.77 -33.29
C ALA C 367 52.85 37.91 -32.33
N SER C 368 53.33 39.15 -32.19
CA SER C 368 54.22 39.48 -31.09
C SER C 368 53.44 39.38 -29.78
N VAL C 369 54.15 39.02 -28.71
CA VAL C 369 53.48 38.85 -27.43
C VAL C 369 52.82 40.16 -26.97
N TYR C 370 53.42 41.33 -27.22
CA TYR C 370 52.85 42.55 -26.65
C TYR C 370 51.52 42.83 -27.33
N ALA C 371 51.38 42.33 -28.58
CA ALA C 371 50.17 42.49 -29.37
C ALA C 371 49.51 41.13 -29.57
N TRP C 372 49.51 40.32 -28.52
CA TRP C 372 49.01 38.96 -28.59
C TRP C 372 47.64 38.90 -29.27
N ASN C 373 47.47 37.81 -30.03
CA ASN C 373 46.31 37.64 -30.87
C ASN C 373 45.27 36.81 -30.14
N ARG C 374 43.99 37.20 -30.26
CA ARG C 374 42.88 36.43 -29.70
C ARG C 374 41.89 35.97 -30.78
N LYS C 375 41.71 34.65 -30.92
CA LYS C 375 40.73 34.07 -31.82
C LYS C 375 39.55 33.50 -31.04
N ARG C 376 38.34 34.06 -31.25
CA ARG C 376 37.11 33.53 -30.68
C ARG C 376 36.65 32.30 -31.45
N ILE C 377 36.45 31.21 -30.74
CA ILE C 377 35.97 30.00 -31.36
C ILE C 377 34.58 29.69 -30.85
N SER C 378 33.66 29.44 -31.77
CA SER C 378 32.28 29.19 -31.39
C SER C 378 31.53 28.38 -32.43
N ASN C 379 30.35 27.90 -32.08
CA ASN C 379 29.52 27.17 -33.03
C ASN C 379 30.29 26.12 -33.80
N CYS C 380 30.85 25.18 -33.05
CA CYS C 380 31.65 24.13 -33.64
C CYS C 380 31.90 22.99 -32.68
N VAL C 381 32.34 21.86 -33.20
CA VAL C 381 32.67 20.72 -32.38
C VAL C 381 34.19 20.48 -32.50
N ALA C 382 34.85 20.16 -31.39
CA ALA C 382 36.29 20.00 -31.43
C ALA C 382 36.67 18.69 -30.77
N ASP C 383 37.71 18.06 -31.32
CA ASP C 383 38.26 16.85 -30.74
C ASP C 383 39.47 17.19 -29.88
N TYR C 384 39.17 17.46 -28.59
CA TYR C 384 40.18 17.84 -27.62
C TYR C 384 41.00 16.64 -27.14
N SER C 385 40.65 15.42 -27.58
CA SER C 385 41.43 14.25 -27.19
C SER C 385 42.80 14.34 -27.84
N VAL C 386 42.82 14.84 -29.06
CA VAL C 386 44.06 14.88 -29.81
C VAL C 386 44.89 16.14 -29.58
N LEU C 387 44.58 16.87 -28.51
CA LEU C 387 45.41 18.02 -28.20
C LEU C 387 46.85 17.59 -28.16
N TYR C 388 47.09 16.38 -27.65
CA TYR C 388 48.45 15.90 -27.56
C TYR C 388 49.17 15.97 -28.91
N ASN C 389 48.41 16.13 -30.00
CA ASN C 389 48.94 16.15 -31.36
C ASN C 389 48.19 17.19 -32.21
N PHE C 390 47.96 18.34 -31.64
CA PHE C 390 47.32 19.44 -32.35
C PHE C 390 48.39 20.18 -33.10
N ALA C 391 49.62 20.02 -32.67
CA ALA C 391 50.75 20.69 -33.29
C ALA C 391 51.94 19.76 -33.12
N PRO C 392 53.12 20.18 -33.55
CA PRO C 392 54.20 19.22 -33.40
C PRO C 392 55.09 19.48 -32.20
N PHE C 393 55.82 18.48 -31.75
CA PHE C 393 56.77 18.67 -30.66
C PHE C 393 56.20 19.56 -29.60
N SER C 394 54.91 19.45 -29.36
CA SER C 394 54.27 20.32 -28.42
C SER C 394 54.63 20.06 -26.99
N ALA C 395 54.18 20.94 -26.11
CA ALA C 395 54.38 20.75 -24.69
C ALA C 395 53.13 21.41 -24.21
N PHE C 396 52.35 20.69 -23.42
CA PHE C 396 51.08 21.23 -23.04
C PHE C 396 50.78 20.99 -21.61
N LYS C 397 49.98 21.86 -21.05
CA LYS C 397 49.53 21.63 -19.68
C LYS C 397 48.17 22.26 -19.49
N CYS C 398 47.23 21.49 -18.95
CA CYS C 398 45.92 22.02 -18.68
C CYS C 398 45.83 22.29 -17.18
N TYR C 399 45.18 23.37 -16.79
CA TYR C 399 45.15 23.79 -15.41
C TYR C 399 43.78 23.49 -14.79
N GLY C 400 42.72 23.45 -15.61
CA GLY C 400 41.49 22.76 -15.24
C GLY C 400 41.58 21.24 -15.41
N VAL C 401 40.51 20.63 -15.95
CA VAL C 401 40.43 19.18 -16.05
C VAL C 401 41.15 18.72 -17.31
N SER C 402 41.42 17.40 -17.35
CA SER C 402 42.13 16.71 -18.41
C SER C 402 41.55 17.06 -19.78
N PRO C 403 42.37 17.02 -20.86
CA PRO C 403 41.87 17.21 -22.23
C PRO C 403 40.73 16.30 -22.67
N THR C 404 40.68 15.07 -22.11
CA THR C 404 39.62 14.11 -22.41
C THR C 404 38.28 14.66 -21.93
N LYS C 405 38.25 15.10 -20.65
CA LYS C 405 37.06 15.64 -20.02
C LYS C 405 36.55 16.89 -20.76
N LEU C 406 37.45 17.59 -21.45
CA LEU C 406 37.09 18.70 -22.32
C LEU C 406 36.15 18.22 -23.43
N ASN C 407 36.32 16.96 -23.85
CA ASN C 407 35.53 16.35 -24.92
C ASN C 407 34.07 16.14 -24.50
N ASP C 408 33.84 15.79 -23.23
CA ASP C 408 32.49 15.72 -22.69
C ASP C 408 31.89 17.13 -22.64
N LEU C 409 32.70 18.09 -22.18
CA LEU C 409 32.21 19.41 -21.81
C LEU C 409 31.80 20.20 -23.05
N CYS C 410 31.01 21.23 -22.75
CA CYS C 410 30.58 22.15 -23.77
C CYS C 410 30.73 23.53 -23.14
N PHE C 411 30.84 24.57 -23.94
CA PHE C 411 31.09 25.94 -23.51
C PHE C 411 30.51 26.89 -24.53
N THR C 412 30.13 28.07 -24.08
CA THR C 412 29.58 29.04 -24.99
C THR C 412 30.64 29.54 -25.93
N ASN C 413 31.81 29.84 -25.39
CA ASN C 413 32.93 30.27 -26.24
C ASN C 413 34.25 29.68 -25.76
N VAL C 414 35.13 29.43 -26.73
CA VAL C 414 36.52 29.13 -26.48
C VAL C 414 37.39 30.27 -27.03
N TYR C 415 38.41 30.67 -26.27
CA TYR C 415 39.37 31.67 -26.72
C TYR C 415 40.76 31.04 -26.94
N ALA C 416 41.33 31.36 -28.09
CA ALA C 416 42.69 30.97 -28.42
C ALA C 416 43.54 32.23 -28.56
N ASP C 417 44.46 32.38 -27.60
CA ASP C 417 45.44 33.45 -27.59
C ASP C 417 46.76 32.89 -28.11
N SER C 418 47.42 33.61 -29.02
CA SER C 418 48.70 33.12 -29.51
C SER C 418 49.71 34.25 -29.78
N PHE C 419 50.99 33.88 -29.66
CA PHE C 419 52.10 34.82 -29.69
C PHE C 419 53.42 34.06 -29.67
N VAL C 420 54.52 34.81 -29.85
CA VAL C 420 55.86 34.24 -29.73
C VAL C 420 56.60 34.89 -28.56
N ILE C 421 57.41 34.08 -27.85
CA ILE C 421 58.26 34.54 -26.77
C ILE C 421 59.54 33.69 -26.81
N ARG C 422 60.48 33.99 -25.92
CA ARG C 422 61.62 33.13 -25.70
C ARG C 422 61.20 31.85 -24.98
N GLY C 423 61.92 30.77 -25.29
CA GLY C 423 61.87 29.52 -24.54
C GLY C 423 61.86 29.69 -23.02
N ASN C 424 62.80 30.47 -22.48
CA ASN C 424 62.89 30.56 -21.03
C ASN C 424 61.74 31.39 -20.46
N GLU C 425 60.87 31.96 -21.30
CA GLU C 425 59.77 32.78 -20.80
C GLU C 425 58.45 32.00 -20.80
N VAL C 426 58.42 30.81 -21.42
CA VAL C 426 57.21 30.02 -21.52
C VAL C 426 56.67 29.70 -20.12
N SER C 427 57.56 29.50 -19.14
CA SER C 427 57.14 29.24 -17.76
C SER C 427 56.31 30.38 -17.16
N GLN C 428 56.27 31.54 -17.82
CA GLN C 428 55.55 32.69 -17.28
C GLN C 428 54.09 32.65 -17.72
N ILE C 429 53.79 31.85 -18.75
CA ILE C 429 52.42 31.70 -19.23
C ILE C 429 51.75 30.60 -18.40
N ALA C 430 51.55 30.91 -17.13
CA ALA C 430 50.98 30.00 -16.17
C ALA C 430 50.33 30.86 -15.11
N PRO C 431 49.31 30.37 -14.38
CA PRO C 431 48.69 31.16 -13.32
C PRO C 431 49.71 31.47 -12.23
N GLY C 432 49.62 32.65 -11.62
CA GLY C 432 50.46 32.98 -10.50
C GLY C 432 51.90 33.37 -10.84
N GLN C 433 52.27 33.57 -12.11
CA GLN C 433 53.66 33.89 -12.43
C GLN C 433 53.90 35.39 -12.44
N THR C 434 55.14 35.81 -12.17
CA THR C 434 55.56 37.18 -12.46
C THR C 434 56.84 37.13 -13.29
N GLY C 435 57.14 38.24 -13.96
CA GLY C 435 58.25 38.34 -14.89
C GLY C 435 57.97 39.33 -16.01
N ASN C 436 58.94 39.54 -16.90
CA ASN C 436 58.79 40.57 -17.90
C ASN C 436 57.54 40.28 -18.72
N ILE C 437 57.29 39.03 -19.06
CA ILE C 437 56.14 38.73 -19.91
C ILE C 437 54.82 38.77 -19.11
N ALA C 438 54.73 38.00 -18.03
CA ALA C 438 53.55 38.01 -17.18
C ALA C 438 53.17 39.43 -16.85
N ASP C 439 54.15 40.24 -16.43
CA ASP C 439 53.85 41.56 -15.90
C ASP C 439 53.44 42.54 -17.00
N TYR C 440 54.14 42.57 -18.16
CA TYR C 440 53.94 43.67 -19.12
C TYR C 440 53.41 43.27 -20.49
N ASN C 441 53.15 41.98 -20.74
CA ASN C 441 52.81 41.52 -22.08
C ASN C 441 51.53 40.67 -22.09
N TYR C 442 51.53 39.53 -21.39
CA TYR C 442 50.38 38.62 -21.40
C TYR C 442 50.26 37.98 -20.02
N LYS C 443 49.10 38.12 -19.40
CA LYS C 443 48.92 37.78 -18.00
C LYS C 443 47.68 36.89 -17.85
N LEU C 444 47.90 35.67 -17.33
CA LEU C 444 46.85 34.73 -16.96
C LEU C 444 46.40 35.01 -15.52
N PRO C 445 45.11 34.80 -15.20
CA PRO C 445 44.63 34.94 -13.81
C PRO C 445 45.09 33.84 -12.87
N ASP C 446 45.13 34.16 -11.58
CA ASP C 446 45.52 33.17 -10.60
C ASP C 446 44.62 31.93 -10.69
N ASP C 447 43.35 32.10 -11.08
CA ASP C 447 42.41 30.98 -11.06
C ASP C 447 42.26 30.40 -12.47
N PHE C 448 43.23 30.62 -13.34
CA PHE C 448 43.13 30.09 -14.69
C PHE C 448 42.87 28.57 -14.67
N THR C 449 41.90 28.16 -15.48
CA THR C 449 41.65 26.75 -15.81
C THR C 449 41.48 26.66 -17.32
N GLY C 450 42.60 26.54 -18.01
CA GLY C 450 42.60 26.36 -19.43
C GLY C 450 43.79 25.49 -19.79
N CYS C 451 44.22 25.58 -21.06
CA CYS C 451 45.43 24.88 -21.45
C CYS C 451 46.42 25.86 -22.06
N VAL C 452 47.70 25.59 -21.78
CA VAL C 452 48.84 26.29 -22.38
C VAL C 452 49.62 25.26 -23.20
N ILE C 453 49.87 25.59 -24.47
CA ILE C 453 50.65 24.77 -25.39
C ILE C 453 51.79 25.60 -25.98
N ALA C 454 53.02 25.10 -25.94
CA ALA C 454 54.11 25.83 -26.53
C ALA C 454 55.05 24.87 -27.27
N TRP C 455 55.57 25.33 -28.41
CA TRP C 455 56.55 24.57 -29.15
C TRP C 455 57.64 25.49 -29.71
N ASN C 456 58.86 24.97 -29.76
CA ASN C 456 60.02 25.61 -30.37
C ASN C 456 59.77 25.93 -31.84
N SER C 457 59.93 27.21 -32.21
CA SER C 457 59.69 27.64 -33.58
C SER C 457 60.95 28.22 -34.23
N ASN C 458 62.11 27.77 -33.75
CA ASN C 458 63.40 28.24 -34.26
C ASN C 458 63.45 28.22 -35.80
N LYS C 459 63.00 27.14 -36.43
CA LYS C 459 63.16 27.00 -37.87
C LYS C 459 62.32 28.04 -38.58
N LEU C 460 61.23 28.49 -37.98
CA LEU C 460 60.30 29.38 -38.67
C LEU C 460 60.56 30.84 -38.31
N ASP C 461 60.95 31.12 -37.07
CA ASP C 461 60.87 32.47 -36.57
C ASP C 461 62.25 33.09 -36.35
N SER C 462 63.29 32.28 -36.43
CA SER C 462 64.64 32.81 -36.34
C SER C 462 65.17 33.10 -37.72
N LYS C 463 66.01 34.11 -37.84
CA LYS C 463 66.61 34.47 -39.11
C LYS C 463 68.05 34.86 -38.98
N VAL C 464 68.86 34.44 -39.92
CA VAL C 464 70.25 34.87 -39.94
C VAL C 464 70.25 36.39 -40.07
N GLY C 465 71.01 37.04 -39.20
CA GLY C 465 70.97 38.49 -39.17
C GLY C 465 69.98 39.03 -38.13
N GLY C 466 69.08 38.15 -37.66
CA GLY C 466 68.08 38.55 -36.70
C GLY C 466 66.70 38.81 -37.32
N ASN C 467 65.69 38.17 -36.73
CA ASN C 467 64.31 38.46 -37.02
C ASN C 467 63.83 39.57 -36.10
N TYR C 468 63.67 40.78 -36.63
CA TYR C 468 63.30 41.90 -35.79
C TYR C 468 61.79 42.11 -35.73
N ASN C 469 60.98 41.24 -36.32
CA ASN C 469 59.53 41.36 -36.28
C ASN C 469 58.99 41.25 -34.84
N TYR C 470 59.54 40.32 -34.05
CA TYR C 470 58.93 39.96 -32.78
C TYR C 470 59.44 40.89 -31.70
N ARG C 471 58.50 41.56 -31.02
CA ARG C 471 58.83 42.45 -29.92
C ARG C 471 58.08 42.07 -28.63
N TYR C 472 58.60 42.58 -27.50
CA TYR C 472 57.97 42.50 -26.19
C TYR C 472 58.14 43.86 -25.52
N ARG C 473 57.23 44.16 -24.58
CA ARG C 473 57.27 45.38 -23.79
C ARG C 473 58.24 45.22 -22.61
N LEU C 474 59.13 46.19 -22.41
CA LEU C 474 60.14 46.11 -21.37
C LEU C 474 59.84 47.09 -20.24
N PHE C 475 59.08 48.14 -20.55
CA PHE C 475 58.77 49.15 -19.54
C PHE C 475 57.26 49.34 -19.48
N ARG C 476 56.72 49.52 -18.27
CA ARG C 476 55.30 49.83 -18.06
C ARG C 476 55.11 50.34 -16.66
N LYS C 477 54.18 51.28 -16.48
CA LYS C 477 53.96 51.97 -15.21
C LYS C 477 53.19 51.10 -14.21
N SER C 478 52.58 50.03 -14.67
CA SER C 478 51.87 49.12 -13.78
C SER C 478 51.80 47.75 -14.46
N ASN C 479 51.58 46.72 -13.68
CA ASN C 479 51.41 45.38 -14.18
C ASN C 479 50.08 45.29 -14.91
N LEU C 480 50.01 44.37 -15.84
CA LEU C 480 48.81 44.15 -16.59
C LEU C 480 47.82 43.33 -15.80
N LYS C 481 46.56 43.63 -15.99
CA LYS C 481 45.54 42.84 -15.36
C LYS C 481 45.37 41.63 -16.25
N PRO C 482 44.79 40.57 -15.70
CA PRO C 482 44.60 39.37 -16.49
C PRO C 482 43.91 39.60 -17.84
N PHE C 483 44.44 39.01 -18.89
CA PHE C 483 43.92 39.15 -20.25
C PHE C 483 43.89 40.59 -20.73
N GLU C 484 44.60 41.49 -20.09
CA GLU C 484 44.83 42.82 -20.65
C GLU C 484 45.84 42.76 -21.80
N ARG C 485 45.67 43.65 -22.78
CA ARG C 485 46.58 43.79 -23.89
C ARG C 485 46.94 45.27 -24.00
N ASP C 486 48.23 45.59 -24.18
CA ASP C 486 48.68 46.96 -24.31
C ASP C 486 49.53 47.05 -25.57
N ILE C 487 49.04 47.81 -26.56
CA ILE C 487 49.76 47.98 -27.80
C ILE C 487 50.20 49.43 -27.97
N SER C 488 50.23 50.24 -26.91
CA SER C 488 50.73 51.60 -26.98
C SER C 488 52.24 51.65 -27.22
N THR C 489 52.72 52.76 -27.81
CA THR C 489 54.15 52.92 -28.06
C THR C 489 54.61 54.29 -27.65
N GLU C 490 54.12 54.73 -26.50
CA GLU C 490 54.51 55.99 -25.94
C GLU C 490 55.90 55.82 -25.33
N ILE C 491 56.70 56.85 -25.46
CA ILE C 491 58.03 56.80 -24.93
C ILE C 491 57.92 56.79 -23.41
N TYR C 492 58.64 55.82 -22.80
CA TYR C 492 58.62 55.61 -21.38
C TYR C 492 59.60 56.58 -20.73
N GLN C 493 59.06 57.41 -19.82
CA GLN C 493 59.80 58.45 -19.17
C GLN C 493 60.31 57.93 -17.83
N ALA C 494 61.59 57.55 -17.78
CA ALA C 494 62.14 56.87 -16.62
C ALA C 494 62.56 57.87 -15.57
N GLY C 495 62.95 59.08 -16.01
CA GLY C 495 63.30 60.12 -15.07
C GLY C 495 62.22 61.21 -14.98
N ASN C 496 62.67 62.37 -14.48
CA ASN C 496 61.81 63.53 -14.28
C ASN C 496 61.76 64.51 -15.45
N LYS C 497 62.62 64.38 -16.46
CA LYS C 497 62.55 65.28 -17.60
C LYS C 497 61.59 64.72 -18.63
N PRO C 498 60.82 65.57 -19.34
CA PRO C 498 59.91 65.11 -20.38
C PRO C 498 60.64 64.56 -21.61
N CYS C 499 59.99 63.72 -22.37
CA CYS C 499 60.64 63.09 -23.49
C CYS C 499 60.18 63.69 -24.80
N ASN C 500 59.18 64.54 -24.76
CA ASN C 500 58.64 65.22 -25.93
C ASN C 500 58.49 64.25 -27.08
N GLY C 501 58.06 63.02 -26.80
CA GLY C 501 57.79 62.06 -27.85
C GLY C 501 59.03 61.50 -28.55
N VAL C 502 60.24 61.67 -28.00
CA VAL C 502 61.42 61.09 -28.65
C VAL C 502 62.27 60.31 -27.64
N ALA C 503 62.78 59.15 -28.10
CA ALA C 503 63.71 58.37 -27.30
C ALA C 503 64.99 59.18 -27.10
N GLY C 504 65.51 59.14 -25.88
CA GLY C 504 66.79 59.70 -25.51
C GLY C 504 67.18 59.17 -24.13
N VAL C 505 68.03 59.93 -23.46
CA VAL C 505 68.49 59.58 -22.14
C VAL C 505 67.29 59.44 -21.22
N ASN C 506 67.15 58.26 -20.59
CA ASN C 506 66.11 58.04 -19.60
C ASN C 506 64.72 58.21 -20.21
N CYS C 507 64.63 58.05 -21.54
CA CYS C 507 63.40 58.18 -22.29
C CYS C 507 63.43 57.05 -23.31
N TYR C 508 62.74 55.95 -23.02
CA TYR C 508 62.99 54.69 -23.70
C TYR C 508 61.78 54.31 -24.53
N PHE C 509 61.99 53.95 -25.80
CA PHE C 509 60.97 53.25 -26.56
C PHE C 509 60.59 51.98 -25.80
N PRO C 510 59.28 51.69 -25.62
CA PRO C 510 58.87 50.74 -24.59
C PRO C 510 58.93 49.28 -25.01
N LEU C 511 58.99 49.06 -26.34
CA LEU C 511 59.13 47.73 -26.92
C LEU C 511 60.60 47.46 -27.24
N GLN C 512 60.99 46.19 -27.11
CA GLN C 512 62.29 45.69 -27.52
C GLN C 512 62.05 44.49 -28.42
N SER C 513 62.90 44.34 -29.44
CA SER C 513 62.86 43.16 -30.30
C SER C 513 63.67 42.03 -29.68
N TYR C 514 63.21 40.81 -29.90
CA TYR C 514 63.98 39.63 -29.52
C TYR C 514 65.14 39.38 -30.50
N GLY C 515 64.99 39.80 -31.76
CA GLY C 515 66.02 39.66 -32.78
C GLY C 515 66.48 38.22 -32.99
N PHE C 516 65.53 37.28 -33.09
CA PHE C 516 65.85 35.85 -33.00
C PHE C 516 66.80 35.43 -34.12
N ARG C 517 67.84 34.68 -33.75
CA ARG C 517 68.78 34.12 -34.70
C ARG C 517 68.92 32.61 -34.48
N PRO C 518 69.12 31.82 -35.55
CA PRO C 518 69.14 30.36 -35.46
C PRO C 518 70.16 29.82 -34.48
N THR C 519 71.18 30.60 -34.19
CA THR C 519 72.27 30.15 -33.35
C THR C 519 72.11 30.42 -31.87
N TYR C 520 70.99 30.98 -31.49
CA TYR C 520 70.71 31.21 -30.08
C TYR C 520 70.55 29.91 -29.35
N GLY C 521 70.82 29.89 -28.06
CA GLY C 521 70.56 28.72 -27.27
C GLY C 521 69.07 28.47 -27.19
N VAL C 522 68.67 27.28 -26.78
CA VAL C 522 67.26 26.92 -26.82
C VAL C 522 66.45 27.82 -25.88
N GLY C 523 67.04 28.20 -24.75
CA GLY C 523 66.41 29.10 -23.82
C GLY C 523 66.03 30.43 -24.45
N HIS C 524 66.85 30.87 -25.44
CA HIS C 524 66.61 32.12 -26.13
C HIS C 524 65.95 31.96 -27.50
N GLN C 525 65.69 30.73 -27.95
CA GLN C 525 65.02 30.57 -29.24
C GLN C 525 63.56 30.92 -29.10
N PRO C 526 62.88 31.21 -30.23
CA PRO C 526 61.45 31.49 -30.21
C PRO C 526 60.59 30.25 -29.97
N TYR C 527 59.56 30.44 -29.15
CA TYR C 527 58.49 29.46 -28.96
C TYR C 527 57.15 30.08 -29.36
N ARG C 528 56.41 29.37 -30.19
CA ARG C 528 55.03 29.73 -30.44
C ARG C 528 54.19 29.17 -29.29
N VAL C 529 53.20 29.97 -28.85
CA VAL C 529 52.40 29.64 -27.69
C VAL C 529 50.93 29.86 -28.02
N VAL C 530 50.10 28.87 -27.62
CA VAL C 530 48.66 28.96 -27.72
C VAL C 530 48.06 28.71 -26.35
N VAL C 531 47.16 29.62 -25.97
CA VAL C 531 46.46 29.52 -24.71
C VAL C 531 44.99 29.36 -25.03
N LEU C 532 44.38 28.27 -24.53
CA LEU C 532 42.96 28.02 -24.65
C LEU C 532 42.29 28.28 -23.31
N SER C 533 41.34 29.21 -23.33
CA SER C 533 40.47 29.50 -22.21
C SER C 533 39.01 29.15 -22.56
N PHE C 534 38.27 28.57 -21.60
CA PHE C 534 36.93 28.03 -21.86
C PHE C 534 35.88 28.79 -21.08
N GLU C 535 35.05 29.54 -21.79
CA GLU C 535 34.08 30.41 -21.15
C GLU C 535 32.73 29.67 -21.06
N LEU C 536 32.05 29.85 -19.93
CA LEU C 536 30.74 29.28 -19.75
C LEU C 536 29.84 30.34 -19.19
N ALA C 541 25.67 26.65 -24.98
CA ALA C 541 27.04 26.21 -25.09
C ALA C 541 27.26 25.72 -26.50
N THR C 542 27.67 26.62 -27.38
CA THR C 542 27.85 26.27 -28.77
C THR C 542 29.21 25.66 -29.14
N VAL C 543 30.05 25.39 -28.16
CA VAL C 543 31.32 24.72 -28.47
C VAL C 543 31.41 23.45 -27.64
N CYS C 544 31.45 22.31 -28.31
CA CYS C 544 31.44 21.05 -27.60
C CYS C 544 32.54 20.13 -28.02
N GLY C 545 32.78 19.11 -27.22
CA GLY C 545 33.84 18.14 -27.52
C GLY C 545 33.34 16.99 -28.38
N SER C 549 30.88 7.19 -32.99
CA SER C 549 30.24 6.77 -34.27
C SER C 549 30.27 5.24 -34.38
N THR C 550 30.05 4.54 -33.26
CA THR C 550 30.09 3.06 -33.24
C THR C 550 29.14 2.50 -34.32
N ASN C 551 29.61 1.51 -35.09
CA ASN C 551 28.77 0.91 -36.15
C ASN C 551 27.55 0.25 -35.52
N LEU C 552 26.38 0.40 -36.15
CA LEU C 552 25.12 -0.20 -35.62
C LEU C 552 24.97 -1.64 -36.12
N VAL C 553 24.15 -2.45 -35.44
CA VAL C 553 23.91 -3.87 -35.85
C VAL C 553 22.40 -4.09 -35.92
N LYS C 554 21.94 -4.87 -36.89
CA LYS C 554 20.46 -5.04 -37.05
C LYS C 554 20.06 -6.49 -36.76
N ASN C 555 18.80 -6.68 -36.35
CA ASN C 555 18.26 -8.04 -36.11
C ASN C 555 19.01 -8.73 -34.96
N LYS C 556 19.60 -7.94 -34.07
CA LYS C 556 20.28 -8.54 -32.88
C LYS C 556 19.91 -7.73 -31.63
N CYS C 557 19.74 -8.41 -30.51
CA CYS C 557 19.44 -7.69 -29.24
C CYS C 557 20.70 -6.95 -28.83
N VAL C 558 20.67 -5.62 -28.93
CA VAL C 558 21.91 -4.82 -28.66
C VAL C 558 21.56 -3.65 -27.73
N ASN C 559 22.56 -3.11 -27.04
CA ASN C 559 22.34 -1.92 -26.19
C ASN C 559 22.60 -0.70 -27.07
N PHE C 560 21.54 0.04 -27.42
CA PHE C 560 21.71 1.15 -28.39
C PHE C 560 21.78 2.51 -27.70
N ASN C 561 22.59 3.41 -28.25
CA ASN C 561 22.64 4.81 -27.76
C ASN C 561 22.51 5.69 -29.00
N PHE C 562 21.28 5.99 -29.40
CA PHE C 562 21.08 6.75 -30.66
C PHE C 562 20.91 8.24 -30.36
N ASN C 563 21.96 9.02 -30.60
CA ASN C 563 21.88 10.49 -30.41
C ASN C 563 21.37 10.82 -28.99
N GLY C 564 21.83 10.06 -27.99
CA GLY C 564 21.43 10.32 -26.60
C GLY C 564 20.19 9.53 -26.19
N LEU C 565 19.57 8.79 -27.11
CA LEU C 565 18.43 7.92 -26.70
C LEU C 565 19.02 6.56 -26.32
N THR C 566 18.97 6.20 -25.05
CA THR C 566 19.61 4.94 -24.59
C THR C 566 18.56 3.84 -24.43
N GLY C 567 18.95 2.59 -24.65
CA GLY C 567 18.00 1.50 -24.41
C GLY C 567 18.56 0.17 -24.86
N THR C 568 17.77 -0.90 -24.72
CA THR C 568 18.21 -2.23 -25.21
C THR C 568 17.11 -2.77 -26.13
N GLY C 569 17.49 -3.22 -27.32
CA GLY C 569 16.43 -3.64 -28.26
C GLY C 569 16.99 -4.29 -29.52
N VAL C 570 16.10 -4.76 -30.38
CA VAL C 570 16.52 -5.37 -31.67
C VAL C 570 16.22 -4.35 -32.78
N LEU C 571 17.22 -4.01 -33.58
CA LEU C 571 17.01 -3.00 -34.65
C LEU C 571 16.58 -3.71 -35.94
N THR C 572 15.56 -3.17 -36.60
CA THR C 572 15.14 -3.76 -37.89
C THR C 572 14.77 -2.61 -38.85
N GLU C 573 14.79 -2.88 -40.15
CA GLU C 573 14.48 -1.81 -41.13
C GLU C 573 13.03 -1.37 -40.97
N SER C 574 12.76 -0.09 -41.24
CA SER C 574 11.39 0.44 -41.01
C SER C 574 10.75 0.95 -42.30
N ASN C 575 9.42 0.83 -42.38
CA ASN C 575 8.69 1.40 -43.54
C ASN C 575 7.97 2.67 -43.06
N LYS C 576 8.24 3.08 -41.82
CA LYS C 576 7.58 4.29 -41.26
C LYS C 576 8.28 5.53 -41.81
N LYS C 577 7.50 6.46 -42.35
CA LYS C 577 8.09 7.67 -42.97
C LYS C 577 8.26 8.76 -41.91
N PHE C 578 9.47 8.92 -41.40
CA PHE C 578 9.73 9.99 -40.41
C PHE C 578 9.72 11.35 -41.10
N LEU C 579 9.36 12.39 -40.36
CA LEU C 579 9.46 13.75 -40.92
C LEU C 579 10.95 14.14 -40.94
N PRO C 580 11.38 15.11 -41.76
CA PRO C 580 12.79 15.48 -41.80
C PRO C 580 13.31 15.95 -40.43
N PHE C 581 12.46 16.58 -39.63
CA PHE C 581 12.90 17.13 -38.32
C PHE C 581 12.75 16.09 -37.21
N GLN C 582 12.20 14.91 -37.50
CA GLN C 582 11.95 13.92 -36.42
C GLN C 582 13.14 12.96 -36.29
N GLN C 583 13.62 12.76 -35.06
CA GLN C 583 14.80 11.89 -34.85
C GLN C 583 14.38 10.49 -34.41
N PHE C 584 13.46 10.41 -33.44
CA PHE C 584 13.00 9.08 -32.95
C PHE C 584 11.48 9.10 -32.84
N GLY C 585 10.85 7.97 -33.14
CA GLY C 585 9.38 7.87 -33.06
C GLY C 585 8.94 6.95 -31.95
N ARG C 586 7.83 7.26 -31.28
CA ARG C 586 7.42 6.41 -30.14
C ARG C 586 5.94 6.02 -30.27
N ASP C 587 5.59 4.88 -29.69
CA ASP C 587 4.18 4.40 -29.73
C ASP C 587 3.46 4.88 -28.47
N ILE C 588 2.28 4.30 -28.21
CA ILE C 588 1.51 4.69 -27.00
C ILE C 588 2.27 4.26 -25.74
N ALA C 589 1.95 4.88 -24.61
CA ALA C 589 2.60 4.54 -23.32
C ALA C 589 4.08 4.96 -23.31
N ASP C 590 4.46 5.93 -24.16
CA ASP C 590 5.84 6.47 -24.13
C ASP C 590 6.89 5.36 -24.33
N THR C 591 6.71 4.52 -25.35
CA THR C 591 7.76 3.52 -25.65
C THR C 591 8.33 3.83 -27.03
N THR C 592 9.64 4.01 -27.13
CA THR C 592 10.22 4.42 -28.44
C THR C 592 10.10 3.24 -29.41
N ASP C 593 9.29 3.42 -30.46
CA ASP C 593 9.06 2.33 -31.44
C ASP C 593 10.14 2.36 -32.52
N ALA C 594 10.57 3.54 -32.94
CA ALA C 594 11.56 3.61 -34.05
C ALA C 594 12.49 4.81 -33.83
N VAL C 595 13.67 4.74 -34.43
CA VAL C 595 14.62 5.88 -34.33
C VAL C 595 15.27 6.09 -35.69
N ARG C 596 15.47 7.36 -36.08
CA ARG C 596 16.20 7.63 -37.34
C ARG C 596 17.69 7.57 -37.04
N ASP C 597 18.42 6.71 -37.75
CA ASP C 597 19.85 6.50 -37.43
C ASP C 597 20.68 7.67 -37.92
N PRO C 598 21.47 8.33 -37.06
CA PRO C 598 22.37 9.38 -37.54
C PRO C 598 23.47 8.82 -38.45
N GLN C 599 24.00 9.68 -39.34
CA GLN C 599 25.04 9.26 -40.31
C GLN C 599 24.39 8.65 -41.55
N THR C 600 23.20 8.04 -41.40
CA THR C 600 22.57 7.33 -42.55
C THR C 600 21.17 7.90 -42.81
N LEU C 601 20.60 8.59 -41.82
CA LEU C 601 19.23 9.12 -41.95
C LEU C 601 18.29 7.96 -42.28
N GLU C 602 18.55 6.79 -41.69
CA GLU C 602 17.69 5.61 -41.93
C GLU C 602 16.81 5.39 -40.71
N ILE C 603 15.56 4.97 -40.92
CA ILE C 603 14.62 4.75 -39.79
C ILE C 603 14.65 3.26 -39.41
N LEU C 604 14.85 2.98 -38.12
CA LEU C 604 14.93 1.58 -37.67
C LEU C 604 13.91 1.33 -36.56
N ASP C 605 13.13 0.25 -36.69
CA ASP C 605 12.21 -0.11 -35.58
C ASP C 605 13.03 -0.74 -34.46
N ILE C 606 12.62 -0.48 -33.22
CA ILE C 606 13.33 -1.05 -32.05
C ILE C 606 12.38 -2.02 -31.37
N THR C 607 12.54 -3.31 -31.65
CA THR C 607 11.69 -4.32 -31.00
C THR C 607 12.22 -4.60 -29.60
N PRO C 608 11.38 -4.66 -28.55
CA PRO C 608 11.88 -5.02 -27.23
C PRO C 608 12.56 -6.39 -27.29
N CYS C 609 13.69 -6.53 -26.58
CA CYS C 609 14.43 -7.81 -26.65
C CYS C 609 13.54 -8.95 -26.19
N SER C 610 13.57 -10.07 -26.91
CA SER C 610 12.62 -11.18 -26.60
C SER C 610 12.75 -11.62 -25.14
N PHE C 611 11.61 -11.67 -24.45
CA PHE C 611 11.61 -12.16 -23.05
C PHE C 611 10.28 -12.87 -22.81
N GLY C 612 10.30 -13.87 -21.93
CA GLY C 612 9.07 -14.62 -21.64
C GLY C 612 9.23 -15.51 -20.44
N GLY C 613 8.14 -15.90 -19.79
CA GLY C 613 8.22 -16.81 -18.64
C GLY C 613 8.72 -18.17 -19.05
N VAL C 614 9.28 -18.92 -18.10
CA VAL C 614 9.77 -20.29 -18.40
C VAL C 614 8.90 -21.30 -17.67
N SER C 615 8.16 -22.10 -18.43
CA SER C 615 7.25 -23.09 -17.81
C SER C 615 7.86 -24.48 -17.95
N VAL C 616 7.64 -25.32 -16.93
CA VAL C 616 8.23 -26.69 -16.97
C VAL C 616 7.10 -27.71 -16.97
N ILE C 617 6.96 -28.44 -18.07
CA ILE C 617 5.93 -29.52 -18.13
C ILE C 617 6.55 -30.75 -17.46
N THR C 618 5.92 -31.24 -16.39
CA THR C 618 6.44 -32.44 -15.72
C THR C 618 5.32 -33.43 -15.45
N PRO C 619 5.51 -34.74 -15.71
CA PRO C 619 4.50 -35.73 -15.32
C PRO C 619 4.48 -35.90 -13.79
N GLY C 620 5.44 -35.28 -13.09
CA GLY C 620 5.54 -35.44 -11.63
C GLY C 620 6.75 -36.28 -11.30
N THR C 621 7.41 -36.04 -10.17
CA THR C 621 8.66 -36.78 -9.86
C THR C 621 8.37 -38.27 -9.68
N ASN C 622 7.14 -38.63 -9.34
CA ASN C 622 6.76 -40.06 -9.23
C ASN C 622 6.69 -40.70 -10.62
N THR C 623 5.95 -40.08 -11.55
CA THR C 623 5.77 -40.70 -12.89
C THR C 623 7.09 -40.74 -13.67
N SER C 624 7.77 -39.60 -13.78
CA SER C 624 9.10 -39.57 -14.45
C SER C 624 9.84 -38.28 -14.12
N ASN C 625 11.16 -38.28 -14.21
CA ASN C 625 11.92 -37.03 -13.99
C ASN C 625 12.10 -36.28 -15.33
N GLN C 626 11.60 -36.87 -16.43
CA GLN C 626 11.67 -36.15 -17.74
C GLN C 626 10.84 -34.87 -17.65
N VAL C 627 11.40 -33.76 -18.14
CA VAL C 627 10.66 -32.47 -18.11
C VAL C 627 10.79 -31.78 -19.47
N ALA C 628 9.83 -30.90 -19.79
CA ALA C 628 9.90 -30.12 -21.04
C ALA C 628 9.90 -28.64 -20.68
N VAL C 629 10.61 -27.84 -21.47
CA VAL C 629 10.71 -26.38 -21.13
C VAL C 629 9.92 -25.58 -22.16
N LEU C 630 8.98 -24.78 -21.67
CA LEU C 630 8.20 -23.92 -22.59
C LEU C 630 8.58 -22.46 -22.37
N TYR C 631 9.19 -21.83 -23.38
CA TYR C 631 9.47 -20.38 -23.28
C TYR C 631 8.21 -19.71 -23.81
N GLN C 632 7.48 -19.00 -22.95
CA GLN C 632 6.14 -18.49 -23.34
C GLN C 632 6.12 -17.53 -24.52
N ASP C 633 7.04 -16.55 -24.58
CA ASP C 633 6.89 -15.51 -25.64
C ASP C 633 8.16 -15.32 -26.47
N VAL C 634 8.78 -16.40 -26.94
CA VAL C 634 9.94 -16.21 -27.87
C VAL C 634 9.82 -17.22 -29.01
N ASN C 635 10.30 -16.85 -30.20
CA ASN C 635 10.32 -17.84 -31.30
C ASN C 635 11.41 -18.84 -31.00
N CYS C 636 11.34 -20.01 -31.63
CA CYS C 636 12.36 -21.06 -31.46
C CYS C 636 13.60 -20.69 -32.27
N THR C 637 14.15 -19.51 -32.01
CA THR C 637 15.42 -19.09 -32.67
C THR C 637 16.47 -18.85 -31.60
N GLU C 638 16.03 -18.59 -30.36
CA GLU C 638 16.96 -18.35 -29.23
C GLU C 638 16.90 -19.54 -28.28
N VAL C 639 18.06 -20.06 -27.87
CA VAL C 639 18.11 -21.22 -26.94
C VAL C 639 17.63 -20.77 -25.55
N SER C 659 15.80 -31.94 -26.62
CA SER C 659 16.29 -32.40 -27.95
C SER C 659 15.37 -31.84 -29.04
N ASN C 660 14.07 -32.16 -28.94
CA ASN C 660 13.13 -31.75 -30.02
C ASN C 660 12.55 -30.37 -29.71
N VAL C 661 12.51 -29.50 -30.71
CA VAL C 661 12.00 -28.12 -30.49
C VAL C 661 10.71 -27.92 -31.27
N PHE C 662 9.65 -27.46 -30.59
CA PHE C 662 8.34 -27.29 -31.25
C PHE C 662 7.87 -25.85 -31.05
N GLN C 663 7.48 -25.18 -32.13
CA GLN C 663 7.02 -23.77 -32.03
C GLN C 663 5.50 -23.73 -32.06
N THR C 664 4.89 -23.16 -31.01
CA THR C 664 3.41 -23.07 -30.94
C THR C 664 3.02 -21.62 -30.66
N ARG C 665 1.73 -21.30 -30.79
CA ARG C 665 1.27 -19.94 -30.42
C ARG C 665 1.59 -19.68 -28.94
N ALA C 666 1.59 -20.75 -28.13
CA ALA C 666 1.88 -20.63 -26.68
C ALA C 666 3.38 -20.40 -26.44
N GLY C 667 4.23 -20.63 -27.44
CA GLY C 667 5.67 -20.34 -27.27
C GLY C 667 6.56 -21.46 -27.78
N CYS C 668 7.82 -21.49 -27.33
CA CYS C 668 8.78 -22.50 -27.83
C CYS C 668 8.87 -23.65 -26.82
N LEU C 669 8.57 -24.87 -27.26
CA LEU C 669 8.56 -26.02 -26.31
C LEU C 669 9.70 -26.98 -26.66
N ILE C 670 10.58 -27.23 -25.69
CA ILE C 670 11.76 -28.11 -25.94
C ILE C 670 11.66 -29.34 -25.05
N GLY C 671 11.98 -30.52 -25.60
CA GLY C 671 11.91 -31.76 -24.82
C GLY C 671 10.56 -32.46 -24.93
N ALA C 672 9.64 -31.87 -25.71
CA ALA C 672 8.33 -32.51 -25.93
C ALA C 672 8.17 -32.87 -27.41
N GLU C 673 7.78 -34.12 -27.68
CA GLU C 673 7.60 -34.54 -29.09
C GLU C 673 6.21 -34.10 -29.58
N HIS C 674 6.17 -33.47 -30.75
CA HIS C 674 4.85 -33.07 -31.31
C HIS C 674 4.24 -34.26 -32.05
N VAL C 675 3.00 -34.58 -31.71
CA VAL C 675 2.33 -35.76 -32.35
C VAL C 675 1.07 -35.28 -33.08
N ASN C 676 0.87 -35.76 -34.31
CA ASN C 676 -0.31 -35.31 -35.10
C ASN C 676 -1.60 -35.76 -34.42
N ASN C 677 -1.66 -37.00 -33.93
CA ASN C 677 -2.95 -37.50 -33.37
C ASN C 677 -3.27 -36.80 -32.06
N SER C 678 -4.56 -36.68 -31.72
CA SER C 678 -4.95 -35.91 -30.52
C SER C 678 -5.22 -36.80 -29.31
N TYR C 679 -5.27 -36.19 -28.12
CA TYR C 679 -5.60 -36.95 -26.89
C TYR C 679 -6.39 -36.05 -25.95
N GLU C 680 -6.99 -36.63 -24.92
CA GLU C 680 -7.67 -35.79 -23.91
C GLU C 680 -6.61 -34.97 -23.18
N CYS C 681 -6.88 -33.70 -22.91
CA CYS C 681 -5.84 -32.83 -22.30
C CYS C 681 -5.40 -33.38 -20.94
N ASP C 682 -4.09 -33.47 -20.72
CA ASP C 682 -3.57 -33.97 -19.43
C ASP C 682 -2.84 -32.82 -18.73
N ILE C 683 -1.85 -32.23 -19.38
CA ILE C 683 -1.16 -31.05 -18.81
C ILE C 683 -1.39 -29.88 -19.74
N PRO C 684 -2.24 -28.90 -19.37
CA PRO C 684 -2.54 -27.80 -20.28
C PRO C 684 -1.31 -26.90 -20.50
N ILE C 685 -0.90 -26.76 -21.75
CA ILE C 685 0.24 -25.88 -22.08
C ILE C 685 -0.30 -24.52 -22.55
N GLY C 686 -1.35 -24.55 -23.39
CA GLY C 686 -1.93 -23.30 -23.89
C GLY C 686 -2.05 -23.30 -25.41
N ALA C 687 -2.86 -22.39 -25.95
CA ALA C 687 -3.08 -22.32 -27.42
C ALA C 687 -3.59 -23.66 -27.95
N GLY C 688 -4.42 -24.35 -27.17
CA GLY C 688 -5.04 -25.62 -27.67
C GLY C 688 -4.10 -26.81 -27.62
N ILE C 689 -2.94 -26.67 -26.98
CA ILE C 689 -1.95 -27.79 -26.98
C ILE C 689 -1.73 -28.26 -25.54
N CYS C 690 -1.78 -29.57 -25.31
CA CYS C 690 -1.56 -30.12 -23.95
C CYS C 690 -0.40 -31.13 -23.99
N ALA C 691 -0.11 -31.74 -22.84
CA ALA C 691 1.02 -32.68 -22.78
C ALA C 691 0.76 -33.75 -21.71
N SER C 710 7.83 -40.98 -22.61
CA SER C 710 8.34 -39.71 -23.20
C SER C 710 7.27 -38.63 -23.08
N ILE C 711 7.67 -37.37 -23.20
CA ILE C 711 6.70 -36.24 -23.10
C ILE C 711 6.19 -35.91 -24.51
N ILE C 712 4.88 -35.91 -24.69
CA ILE C 712 4.31 -35.66 -26.05
C ILE C 712 3.44 -34.41 -26.02
N ALA C 713 3.63 -33.52 -27.00
CA ALA C 713 2.79 -32.30 -27.10
C ALA C 713 1.78 -32.52 -28.22
N TYR C 714 0.49 -32.34 -27.92
CA TYR C 714 -0.54 -32.63 -28.94
C TYR C 714 -1.64 -31.59 -28.87
N THR C 715 -2.41 -31.44 -29.95
CA THR C 715 -3.58 -30.54 -29.88
C THR C 715 -4.66 -31.27 -29.08
N MET C 716 -5.20 -30.63 -28.05
CA MET C 716 -6.16 -31.35 -27.18
C MET C 716 -7.41 -31.77 -27.95
N SER C 717 -7.93 -32.95 -27.65
CA SER C 717 -9.14 -33.45 -28.34
C SER C 717 -10.37 -33.06 -27.51
N LEU C 718 -11.32 -32.36 -28.13
CA LEU C 718 -12.49 -31.86 -27.37
C LEU C 718 -13.37 -33.02 -26.92
N GLY C 719 -13.28 -34.17 -27.59
CA GLY C 719 -14.08 -35.35 -27.18
C GLY C 719 -14.45 -36.20 -28.38
N ALA C 720 -15.28 -37.21 -28.16
CA ALA C 720 -15.66 -38.11 -29.26
C ALA C 720 -16.56 -37.35 -30.23
N GLU C 721 -16.21 -37.33 -31.52
CA GLU C 721 -17.07 -36.66 -32.52
C GLU C 721 -18.12 -37.67 -32.99
N ASN C 722 -19.36 -37.52 -32.51
CA ASN C 722 -20.42 -38.50 -32.87
C ASN C 722 -21.58 -37.73 -33.51
N SER C 723 -22.13 -38.24 -34.61
CA SER C 723 -23.32 -37.59 -35.22
C SER C 723 -24.56 -38.43 -34.91
N VAL C 724 -25.58 -37.80 -34.34
CA VAL C 724 -26.84 -38.54 -34.01
C VAL C 724 -27.61 -38.81 -35.32
N ALA C 725 -28.13 -40.03 -35.47
CA ALA C 725 -28.80 -40.38 -36.75
C ALA C 725 -30.20 -39.76 -36.75
N TYR C 726 -30.30 -38.54 -37.28
CA TYR C 726 -31.60 -37.83 -37.24
C TYR C 726 -32.48 -38.28 -38.41
N SER C 727 -33.68 -38.79 -38.12
CA SER C 727 -34.64 -39.12 -39.20
C SER C 727 -35.97 -38.44 -38.87
N ASN C 728 -36.67 -37.95 -39.89
CA ASN C 728 -37.93 -37.18 -39.63
C ASN C 728 -39.03 -38.11 -39.11
N ASN C 729 -38.84 -39.42 -39.22
CA ASN C 729 -39.90 -40.37 -38.79
C ASN C 729 -39.29 -41.48 -37.91
N SER C 730 -38.13 -41.24 -37.31
CA SER C 730 -37.51 -42.27 -36.43
C SER C 730 -37.20 -41.67 -35.07
N ILE C 731 -37.59 -42.37 -34.00
CA ILE C 731 -37.26 -41.90 -32.62
C ILE C 731 -36.42 -42.99 -31.94
N ALA C 732 -35.67 -42.60 -30.92
CA ALA C 732 -34.91 -43.62 -30.14
C ALA C 732 -35.44 -43.58 -28.71
N ILE C 733 -35.89 -44.73 -28.21
CA ILE C 733 -36.44 -44.79 -26.82
C ILE C 733 -35.68 -45.84 -26.04
N PRO C 734 -35.21 -45.55 -24.82
CA PRO C 734 -34.48 -46.53 -24.02
C PRO C 734 -35.40 -47.64 -23.51
N THR C 735 -34.95 -48.89 -23.65
CA THR C 735 -35.74 -50.06 -23.18
C THR C 735 -35.34 -50.39 -21.74
N ASN C 736 -34.41 -49.62 -21.18
CA ASN C 736 -33.90 -49.94 -19.82
C ASN C 736 -33.43 -48.66 -19.14
N PHE C 737 -32.93 -48.78 -17.92
CA PHE C 737 -32.40 -47.58 -17.22
C PHE C 737 -31.33 -47.97 -16.21
N THR C 738 -30.55 -46.98 -15.78
CA THR C 738 -29.52 -47.23 -14.74
C THR C 738 -29.72 -46.20 -13.61
N ILE C 739 -29.55 -46.64 -12.37
CA ILE C 739 -29.65 -45.69 -11.23
C ILE C 739 -28.21 -45.31 -10.85
N SER C 740 -27.78 -44.12 -11.27
CA SER C 740 -26.39 -43.71 -11.00
C SER C 740 -26.32 -42.82 -9.77
N VAL C 741 -25.17 -42.81 -9.10
CA VAL C 741 -25.00 -41.88 -7.95
C VAL C 741 -23.73 -41.08 -8.20
N THR C 742 -23.82 -39.75 -8.16
CA THR C 742 -22.63 -38.91 -8.47
C THR C 742 -22.23 -38.13 -7.21
N THR C 743 -20.92 -37.97 -7.00
CA THR C 743 -20.44 -37.22 -5.81
C THR C 743 -20.19 -35.77 -6.22
N GLU C 744 -20.78 -34.83 -5.49
CA GLU C 744 -20.56 -33.40 -5.78
C GLU C 744 -20.01 -32.74 -4.51
N ILE C 745 -18.74 -32.34 -4.53
CA ILE C 745 -18.12 -31.78 -3.29
C ILE C 745 -18.13 -30.25 -3.39
N LEU C 746 -18.72 -29.59 -2.41
CA LEU C 746 -18.75 -28.11 -2.40
C LEU C 746 -18.22 -27.59 -1.08
N PRO C 747 -17.17 -26.73 -1.06
CA PRO C 747 -16.72 -26.12 0.18
C PRO C 747 -17.79 -25.14 0.68
N VAL C 748 -18.06 -25.18 1.99
CA VAL C 748 -19.12 -24.28 2.55
C VAL C 748 -18.50 -23.25 3.49
N SER C 749 -17.27 -23.47 3.95
CA SER C 749 -16.67 -22.53 4.91
C SER C 749 -15.15 -22.66 4.91
N MET C 750 -14.48 -21.77 5.63
CA MET C 750 -13.00 -21.88 5.75
C MET C 750 -12.64 -21.68 7.23
N THR C 751 -11.37 -21.83 7.56
CA THR C 751 -10.94 -21.60 8.95
C THR C 751 -11.25 -20.15 9.36
N LYS C 752 -11.86 -19.98 10.54
CA LYS C 752 -12.24 -18.62 10.98
C LYS C 752 -11.01 -17.96 11.59
N THR C 753 -10.08 -17.53 10.74
CA THR C 753 -8.82 -16.94 11.24
C THR C 753 -9.00 -15.47 11.63
N SER C 754 -8.14 -14.98 12.52
CA SER C 754 -8.19 -13.56 12.91
C SER C 754 -6.80 -13.11 13.35
N VAL C 755 -6.49 -11.83 13.15
CA VAL C 755 -5.16 -11.28 13.55
C VAL C 755 -5.39 -10.11 14.51
N ASP C 756 -4.30 -9.48 14.96
CA ASP C 756 -4.43 -8.33 15.88
C ASP C 756 -3.60 -7.15 15.38
N CYS C 757 -3.98 -5.95 15.79
CA CYS C 757 -3.25 -4.73 15.37
C CYS C 757 -1.80 -4.79 15.84
N THR C 758 -1.59 -4.90 17.15
CA THR C 758 -0.21 -4.83 17.69
C THR C 758 0.50 -6.18 17.64
N MET C 759 -0.19 -7.26 17.99
CA MET C 759 0.52 -8.57 18.09
C MET C 759 1.08 -8.98 16.72
N TYR C 760 0.49 -8.51 15.63
CA TYR C 760 1.10 -8.83 14.31
C TYR C 760 1.94 -7.64 13.83
N ILE C 761 1.30 -6.48 13.65
CA ILE C 761 2.04 -5.33 13.03
C ILE C 761 3.15 -4.86 13.96
N CYS C 762 2.90 -4.81 15.27
CA CYS C 762 3.90 -4.19 16.18
C CYS C 762 4.63 -5.20 17.07
N GLY C 763 3.92 -6.15 17.66
CA GLY C 763 4.54 -7.05 18.66
C GLY C 763 4.30 -6.49 20.05
N ASP C 764 5.19 -6.78 21.01
CA ASP C 764 5.05 -6.17 22.36
C ASP C 764 5.88 -4.88 22.41
N SER C 765 5.44 -3.84 21.71
CA SER C 765 6.17 -2.55 21.71
C SER C 765 5.20 -1.38 21.87
N THR C 766 5.34 -0.60 22.94
CA THR C 766 4.47 0.57 23.16
C THR C 766 4.77 1.68 22.14
N GLU C 767 6.05 1.92 21.86
CA GLU C 767 6.42 3.01 20.91
C GLU C 767 5.88 2.64 19.53
N CYS C 768 6.01 1.38 19.16
CA CYS C 768 5.49 0.93 17.84
C CYS C 768 3.97 1.14 17.80
N SER C 769 3.27 0.80 18.89
CA SER C 769 1.80 0.98 18.91
C SER C 769 1.45 2.46 18.80
N ASN C 770 2.22 3.32 19.46
CA ASN C 770 1.96 4.77 19.36
C ASN C 770 2.17 5.23 17.91
N LEU C 771 3.21 4.74 17.25
CA LEU C 771 3.41 5.10 15.82
C LEU C 771 2.24 4.56 15.01
N LEU C 772 1.78 3.34 15.31
CA LEU C 772 0.64 2.75 14.57
C LEU C 772 -0.60 3.63 14.76
N LEU C 773 -0.74 4.22 15.95
CA LEU C 773 -1.95 5.04 16.24
C LEU C 773 -1.97 6.25 15.29
N GLN C 774 -0.82 6.71 14.80
CA GLN C 774 -0.80 7.83 13.81
C GLN C 774 -1.47 7.39 12.49
N TYR C 775 -1.48 6.08 12.21
CA TYR C 775 -2.12 5.57 10.97
C TYR C 775 -3.64 5.44 11.17
N GLY C 776 -4.13 5.68 12.38
CA GLY C 776 -5.58 5.67 12.60
C GLY C 776 -6.19 4.30 12.80
N SER C 777 -7.41 4.09 12.32
CA SER C 777 -8.13 2.82 12.57
C SER C 777 -7.96 1.86 11.39
N PHE C 778 -6.80 1.89 10.75
CA PHE C 778 -6.54 0.95 9.64
C PHE C 778 -6.64 -0.49 10.14
N CYS C 779 -5.95 -0.78 11.26
CA CYS C 779 -5.96 -2.18 11.75
C CYS C 779 -7.33 -2.49 12.35
N THR C 780 -8.04 -1.49 12.85
CA THR C 780 -9.41 -1.72 13.34
C THR C 780 -10.28 -2.16 12.16
N GLN C 781 -10.10 -1.49 11.01
CA GLN C 781 -10.86 -1.89 9.79
C GLN C 781 -10.46 -3.32 9.43
N LEU C 782 -9.17 -3.64 9.50
CA LEU C 782 -8.73 -5.01 9.10
C LEU C 782 -9.36 -6.03 10.06
N ASN C 783 -9.34 -5.73 11.35
CA ASN C 783 -9.89 -6.68 12.35
C ASN C 783 -11.40 -6.81 12.14
N ARG C 784 -12.06 -5.70 11.85
CA ARG C 784 -13.53 -5.73 11.63
C ARG C 784 -13.82 -6.59 10.40
N ALA C 785 -13.01 -6.45 9.35
CA ALA C 785 -13.25 -7.25 8.13
C ALA C 785 -13.04 -8.74 8.44
N LEU C 786 -11.99 -9.06 9.19
CA LEU C 786 -11.72 -10.49 9.51
C LEU C 786 -12.85 -11.03 10.39
N THR C 787 -13.33 -10.22 11.33
CA THR C 787 -14.48 -10.67 12.17
C THR C 787 -15.69 -10.89 11.27
N GLY C 788 -15.89 -10.01 10.30
CA GLY C 788 -17.03 -10.17 9.38
C GLY C 788 -16.92 -11.47 8.61
N ILE C 789 -15.73 -11.80 8.13
CA ILE C 789 -15.57 -13.05 7.33
C ILE C 789 -15.79 -14.26 8.24
N ALA C 790 -15.33 -14.18 9.49
CA ALA C 790 -15.54 -15.32 10.42
C ALA C 790 -17.04 -15.51 10.67
N VAL C 791 -17.75 -14.41 10.91
CA VAL C 791 -19.22 -14.50 11.13
C VAL C 791 -19.87 -15.01 9.84
N GLU C 792 -19.34 -14.59 8.69
CA GLU C 792 -19.89 -15.04 7.40
C GLU C 792 -19.69 -16.55 7.24
N GLN C 793 -18.54 -17.07 7.67
CA GLN C 793 -18.33 -18.54 7.60
C GLN C 793 -19.36 -19.24 8.50
N ASP C 794 -19.58 -18.69 9.69
CA ASP C 794 -20.59 -19.27 10.60
C ASP C 794 -21.95 -19.26 9.92
N LYS C 795 -22.31 -18.12 9.31
CA LYS C 795 -23.62 -17.98 8.64
C LYS C 795 -23.71 -18.97 7.48
N ASN C 796 -22.60 -19.15 6.76
CA ASN C 796 -22.61 -20.07 5.59
C ASN C 796 -22.93 -21.49 6.06
N THR C 797 -22.26 -21.93 7.12
CA THR C 797 -22.50 -23.31 7.61
C THR C 797 -23.94 -23.41 8.09
N GLN C 798 -24.41 -22.40 8.82
CA GLN C 798 -25.78 -22.45 9.37
C GLN C 798 -26.78 -22.50 8.21
N GLU C 799 -26.57 -21.68 7.18
CA GLU C 799 -27.53 -21.65 6.05
C GLU C 799 -27.49 -22.98 5.30
N VAL C 800 -26.29 -23.53 5.08
CA VAL C 800 -26.18 -24.77 4.28
C VAL C 800 -26.77 -25.96 5.02
N PHE C 801 -26.45 -26.10 6.31
CA PHE C 801 -26.86 -27.35 7.01
C PHE C 801 -28.15 -27.20 7.82
N ALA C 802 -28.40 -26.04 8.43
CA ALA C 802 -29.59 -25.92 9.30
C ALA C 802 -30.80 -25.58 8.43
N GLN C 803 -31.20 -26.52 7.58
CA GLN C 803 -32.40 -26.29 6.72
C GLN C 803 -33.58 -27.11 7.25
N VAL C 804 -33.40 -27.75 8.41
CA VAL C 804 -34.51 -28.56 9.00
C VAL C 804 -34.89 -27.93 10.34
N LYS C 805 -36.18 -27.66 10.53
CA LYS C 805 -36.66 -27.07 11.80
C LYS C 805 -36.47 -28.09 12.94
N GLN C 806 -36.71 -29.37 12.67
CA GLN C 806 -36.65 -30.39 13.75
C GLN C 806 -35.76 -31.56 13.31
N ILE C 807 -35.02 -32.14 14.25
CA ILE C 807 -34.10 -33.27 13.90
C ILE C 807 -34.94 -34.52 13.64
N TYR C 808 -34.84 -35.06 12.42
CA TYR C 808 -35.58 -36.31 12.11
C TYR C 808 -34.72 -37.53 12.39
N LYS C 809 -35.32 -38.56 12.98
CA LYS C 809 -34.53 -39.78 13.31
C LYS C 809 -34.99 -40.94 12.43
N THR C 810 -34.03 -41.70 11.90
CA THR C 810 -34.37 -42.85 11.03
C THR C 810 -35.15 -43.89 11.83
N PRO C 811 -36.10 -44.61 11.22
CA PRO C 811 -36.82 -45.66 11.93
C PRO C 811 -35.86 -46.76 12.39
N PRO C 812 -36.14 -47.44 13.53
CA PRO C 812 -35.24 -48.47 14.05
C PRO C 812 -35.04 -49.62 13.04
N ILE C 813 -36.10 -49.97 12.31
CA ILE C 813 -35.99 -51.08 11.31
C ILE C 813 -35.76 -50.48 9.93
N LYS C 814 -34.81 -51.05 9.18
CA LYS C 814 -34.50 -50.54 7.83
C LYS C 814 -35.30 -51.32 6.79
N ASP C 815 -36.63 -51.23 6.85
CA ASP C 815 -37.50 -51.89 5.83
C ASP C 815 -37.76 -50.88 4.71
N PHE C 816 -36.78 -50.67 3.83
CA PHE C 816 -36.92 -49.63 2.78
C PHE C 816 -37.16 -50.28 1.42
N GLY C 817 -37.74 -51.48 1.40
CA GLY C 817 -38.08 -52.12 0.10
C GLY C 817 -36.84 -52.60 -0.63
N GLY C 818 -35.76 -52.89 0.10
CA GLY C 818 -34.54 -53.43 -0.53
C GLY C 818 -33.44 -52.39 -0.65
N PHE C 819 -33.80 -51.12 -0.53
CA PHE C 819 -32.78 -50.05 -0.69
C PHE C 819 -31.88 -50.05 0.55
N ASN C 820 -30.57 -49.95 0.34
CA ASN C 820 -29.61 -49.98 1.47
C ASN C 820 -29.07 -48.57 1.72
N PHE C 821 -29.13 -48.11 2.97
CA PHE C 821 -28.60 -46.76 3.30
C PHE C 821 -27.55 -46.87 4.40
N SER C 822 -27.09 -48.09 4.67
CA SER C 822 -26.11 -48.26 5.78
C SER C 822 -24.87 -47.41 5.50
N GLN C 823 -24.52 -47.25 4.22
CA GLN C 823 -23.27 -46.52 3.87
C GLN C 823 -23.48 -45.03 4.13
N ILE C 824 -24.74 -44.59 4.13
CA ILE C 824 -24.99 -43.13 4.29
C ILE C 824 -25.66 -42.83 5.62
N LEU C 825 -26.25 -43.82 6.28
CA LEU C 825 -26.85 -43.55 7.61
C LEU C 825 -25.76 -43.59 8.69
N PRO C 826 -25.88 -42.79 9.77
CA PRO C 826 -24.91 -42.87 10.86
C PRO C 826 -24.97 -44.25 11.52
N ASP C 827 -23.81 -44.74 11.95
CA ASP C 827 -23.75 -46.09 12.57
C ASP C 827 -23.53 -45.95 14.08
N PRO C 828 -24.25 -46.72 14.92
CA PRO C 828 -24.03 -46.66 16.37
C PRO C 828 -22.62 -47.06 16.79
N SER C 829 -21.95 -47.93 16.02
CA SER C 829 -20.60 -48.41 16.41
C SER C 829 -19.63 -47.23 16.45
N LYS C 830 -19.69 -46.35 15.45
CA LYS C 830 -18.82 -45.14 15.42
C LYS C 830 -19.26 -44.18 16.51
N PRO C 831 -18.37 -43.80 17.45
CA PRO C 831 -18.72 -42.84 18.51
C PRO C 831 -19.14 -41.49 17.92
N SER C 832 -18.40 -41.01 16.91
CA SER C 832 -18.72 -39.70 16.28
C SER C 832 -20.03 -39.80 15.49
N LYS C 833 -20.69 -40.96 15.53
CA LYS C 833 -22.00 -41.14 14.86
C LYS C 833 -21.89 -40.70 13.39
N ARG C 834 -20.97 -41.30 12.64
CA ARG C 834 -20.77 -40.88 11.23
C ARG C 834 -20.95 -42.05 10.26
N SER C 835 -21.59 -41.80 9.13
CA SER C 835 -21.78 -42.86 8.11
C SER C 835 -20.42 -43.28 7.56
N PRO C 836 -20.28 -44.52 7.06
CA PRO C 836 -19.01 -44.96 6.50
C PRO C 836 -18.50 -44.01 5.40
N ILE C 837 -19.39 -43.50 4.56
CA ILE C 837 -18.96 -42.51 3.53
C ILE C 837 -18.46 -41.24 4.21
N GLU C 838 -19.18 -40.76 5.23
CA GLU C 838 -18.76 -39.51 5.92
C GLU C 838 -17.42 -39.75 6.62
N ASP C 839 -17.27 -40.90 7.27
CA ASP C 839 -16.01 -41.20 7.99
C ASP C 839 -14.86 -41.30 6.98
N LEU C 840 -15.13 -41.92 5.83
CA LEU C 840 -14.10 -42.02 4.77
C LEU C 840 -13.73 -40.62 4.30
N LEU C 841 -14.72 -39.73 4.17
CA LEU C 841 -14.44 -38.35 3.69
C LEU C 841 -13.50 -37.65 4.69
N PHE C 842 -13.77 -37.80 5.98
CA PHE C 842 -12.92 -37.10 6.99
C PHE C 842 -11.51 -37.67 6.95
N ASN C 843 -11.40 -39.00 6.78
CA ASN C 843 -10.06 -39.66 6.78
C ASN C 843 -9.32 -39.42 5.47
N LYS C 844 -10.04 -39.06 4.39
CA LYS C 844 -9.39 -38.77 3.09
C LYS C 844 -8.55 -37.49 3.15
N VAL C 845 -9.07 -36.44 3.80
CA VAL C 845 -8.33 -35.16 3.90
C VAL C 845 -7.39 -35.21 5.10
N THR C 846 -6.28 -34.45 5.03
CA THR C 846 -5.31 -34.44 6.15
C THR C 846 -5.05 -33.00 6.61
N LEU C 847 -4.91 -32.80 7.92
CA LEU C 847 -4.68 -31.44 8.47
C LEU C 847 -3.20 -31.29 8.84
N GLN C 872 1.04 -21.55 13.53
CA GLN C 872 -0.35 -21.42 13.03
C GLN C 872 -1.11 -20.44 13.94
N LYS C 873 -0.87 -20.53 15.26
CA LYS C 873 -1.55 -19.63 16.22
C LYS C 873 -0.52 -19.13 17.24
N PHE C 874 0.71 -18.85 16.79
CA PHE C 874 1.77 -18.49 17.76
C PHE C 874 2.32 -17.07 17.51
N ASN C 875 1.78 -16.37 16.51
CA ASN C 875 2.35 -15.04 16.18
C ASN C 875 1.28 -13.95 16.22
N GLY C 876 0.41 -13.98 17.22
CA GLY C 876 -0.69 -13.00 17.29
C GLY C 876 -1.91 -13.46 16.51
N LEU C 877 -1.83 -14.65 15.89
CA LEU C 877 -2.97 -15.16 15.09
C LEU C 877 -3.95 -15.92 15.99
N THR C 878 -5.16 -16.15 15.51
CA THR C 878 -6.11 -16.98 16.28
C THR C 878 -7.04 -17.68 15.29
N VAL C 879 -7.42 -18.92 15.57
CA VAL C 879 -8.37 -19.63 14.69
C VAL C 879 -9.61 -19.96 15.53
N LEU C 880 -10.66 -19.15 15.38
CA LEU C 880 -11.87 -19.37 16.21
C LEU C 880 -12.51 -20.71 15.84
N PRO C 881 -12.99 -21.49 16.82
CA PRO C 881 -13.64 -22.75 16.51
C PRO C 881 -14.98 -22.50 15.78
N PRO C 882 -15.40 -23.39 14.86
CA PRO C 882 -16.69 -23.23 14.20
C PRO C 882 -17.84 -23.35 15.19
N LEU C 883 -18.90 -22.58 14.96
CA LEU C 883 -20.06 -22.61 15.89
C LEU C 883 -20.67 -24.01 15.88
N LEU C 884 -20.83 -24.60 14.70
CA LEU C 884 -21.39 -25.97 14.61
C LEU C 884 -20.23 -26.98 14.61
N THR C 885 -20.23 -27.89 15.58
CA THR C 885 -19.08 -28.83 15.67
C THR C 885 -19.21 -29.94 14.63
N ASP C 886 -18.19 -30.78 14.57
CA ASP C 886 -18.18 -31.91 13.61
C ASP C 886 -19.39 -32.79 13.90
N GLU C 887 -19.59 -33.14 15.17
CA GLU C 887 -20.71 -34.04 15.54
C GLU C 887 -22.05 -33.37 15.21
N MET C 888 -22.17 -32.07 15.51
CA MET C 888 -23.47 -31.38 15.30
C MET C 888 -23.75 -31.22 13.79
N ILE C 889 -22.72 -30.95 13.01
CA ILE C 889 -22.94 -30.89 11.52
C ILE C 889 -23.34 -32.29 11.05
N ALA C 890 -22.69 -33.32 11.60
CA ALA C 890 -23.04 -34.70 11.22
C ALA C 890 -24.49 -34.99 11.63
N GLN C 891 -24.90 -34.49 12.79
CA GLN C 891 -26.30 -34.71 13.27
C GLN C 891 -27.28 -34.00 12.33
N TYR C 892 -26.94 -32.78 11.88
CA TYR C 892 -27.82 -32.09 10.90
C TYR C 892 -27.91 -32.92 9.63
N THR C 893 -26.76 -33.44 9.17
CA THR C 893 -26.75 -34.24 7.92
C THR C 893 -27.58 -35.52 8.13
N SER C 894 -27.46 -36.14 9.30
CA SER C 894 -28.24 -37.36 9.59
C SER C 894 -29.73 -37.03 9.60
N ALA C 895 -30.08 -35.89 10.18
CA ALA C 895 -31.51 -35.49 10.22
C ALA C 895 -32.04 -35.31 8.80
N LEU C 896 -31.25 -34.66 7.96
CA LEU C 896 -31.69 -34.44 6.55
C LEU C 896 -31.82 -35.80 5.85
N LEU C 897 -30.87 -36.71 6.08
CA LEU C 897 -30.91 -38.03 5.42
C LEU C 897 -32.16 -38.78 5.87
N ALA C 898 -32.46 -38.73 7.17
CA ALA C 898 -33.66 -39.42 7.69
C ALA C 898 -34.91 -38.79 7.08
N GLY C 899 -34.93 -37.46 6.98
CA GLY C 899 -36.13 -36.79 6.43
C GLY C 899 -36.35 -37.20 4.98
N THR C 900 -35.28 -37.25 4.20
CA THR C 900 -35.42 -37.63 2.77
C THR C 900 -35.86 -39.08 2.65
N ILE C 901 -35.30 -39.98 3.47
CA ILE C 901 -35.63 -41.42 3.29
C ILE C 901 -36.99 -41.74 3.92
N THR C 902 -37.52 -40.86 4.76
CA THR C 902 -38.80 -41.18 5.46
C THR C 902 -39.95 -40.34 4.92
N SER C 903 -39.67 -39.16 4.38
CA SER C 903 -40.80 -38.27 3.96
C SER C 903 -40.62 -37.72 2.55
N GLY C 904 -39.56 -38.13 1.84
CA GLY C 904 -39.33 -37.53 0.51
C GLY C 904 -39.05 -36.04 0.66
N TRP C 905 -39.85 -35.21 -0.01
CA TRP C 905 -39.64 -33.74 0.08
C TRP C 905 -40.69 -33.10 1.00
N THR C 906 -41.60 -33.89 1.56
CA THR C 906 -42.70 -33.28 2.36
C THR C 906 -42.14 -32.63 3.64
N PHE C 907 -41.05 -33.19 4.18
CA PHE C 907 -40.43 -32.58 5.38
C PHE C 907 -39.81 -31.23 5.03
N GLY C 908 -39.27 -31.09 3.81
CA GLY C 908 -38.74 -29.77 3.39
C GLY C 908 -39.85 -28.76 3.23
N ALA C 909 -41.00 -29.19 2.69
CA ALA C 909 -42.15 -28.28 2.48
C ALA C 909 -42.76 -27.88 3.82
N GLY C 910 -42.76 -28.78 4.80
CA GLY C 910 -43.41 -28.46 6.09
C GLY C 910 -43.38 -29.65 7.02
N PRO C 911 -44.52 -30.07 7.59
CA PRO C 911 -44.54 -31.24 8.45
C PRO C 911 -44.11 -32.49 7.66
N ALA C 912 -43.35 -33.36 8.31
CA ALA C 912 -42.87 -34.58 7.63
C ALA C 912 -44.03 -35.56 7.50
N LEU C 913 -44.32 -35.96 6.26
CA LEU C 913 -45.41 -36.95 6.03
C LEU C 913 -44.75 -38.32 5.79
N GLN C 914 -45.13 -39.31 6.58
CA GLN C 914 -44.52 -40.65 6.43
C GLN C 914 -44.81 -41.17 5.02
N ILE C 915 -43.78 -41.67 4.34
CA ILE C 915 -43.96 -42.16 2.95
C ILE C 915 -43.23 -43.48 2.81
N PRO C 916 -43.79 -44.50 2.13
CA PRO C 916 -43.03 -45.72 1.86
C PRO C 916 -41.90 -45.35 0.88
N PHE C 917 -40.66 -45.71 1.21
CA PHE C 917 -39.52 -45.28 0.35
C PHE C 917 -39.67 -45.81 -1.08
N PRO C 918 -40.07 -47.07 -1.34
CA PRO C 918 -40.29 -47.49 -2.72
C PRO C 918 -41.35 -46.59 -3.39
N MET C 919 -42.42 -46.27 -2.67
CA MET C 919 -43.48 -45.38 -3.23
C MET C 919 -42.95 -43.96 -3.43
N GLN C 920 -42.11 -43.49 -2.52
CA GLN C 920 -41.51 -42.14 -2.70
C GLN C 920 -40.64 -42.16 -3.95
N MET C 921 -39.83 -43.21 -4.11
CA MET C 921 -38.98 -43.32 -5.32
C MET C 921 -39.86 -43.50 -6.55
N ALA C 922 -41.01 -44.18 -6.41
CA ALA C 922 -41.93 -44.32 -7.55
C ALA C 922 -42.45 -42.95 -7.98
N TYR C 923 -42.84 -42.11 -7.01
CA TYR C 923 -43.31 -40.76 -7.40
C TYR C 923 -42.14 -39.92 -7.93
N ARG C 924 -40.93 -40.12 -7.40
CA ARG C 924 -39.77 -39.39 -7.97
C ARG C 924 -39.57 -39.84 -9.41
N PHE C 925 -39.80 -41.13 -9.70
CA PHE C 925 -39.75 -41.60 -11.11
C PHE C 925 -40.85 -40.89 -11.90
N ASN C 926 -42.03 -40.77 -11.31
CA ASN C 926 -43.16 -40.08 -12.00
C ASN C 926 -42.77 -38.62 -12.25
N GLY C 927 -41.98 -38.04 -11.34
CA GLY C 927 -41.57 -36.62 -11.46
C GLY C 927 -40.70 -36.36 -12.67
N ILE C 928 -39.96 -37.38 -13.12
CA ILE C 928 -39.06 -37.18 -14.30
C ILE C 928 -39.73 -37.74 -15.56
N GLY C 929 -41.05 -37.91 -15.54
CA GLY C 929 -41.76 -38.33 -16.78
C GLY C 929 -41.72 -39.82 -17.01
N VAL C 930 -41.41 -40.60 -15.97
CA VAL C 930 -41.43 -42.09 -16.11
C VAL C 930 -42.57 -42.62 -15.23
N THR C 931 -43.44 -43.44 -15.81
CA THR C 931 -44.64 -43.89 -15.05
C THR C 931 -44.25 -44.64 -13.78
N GLN C 932 -45.11 -44.59 -12.78
CA GLN C 932 -44.81 -45.25 -11.48
C GLN C 932 -44.68 -46.75 -11.67
N ASN C 933 -45.42 -47.34 -12.60
CA ASN C 933 -45.42 -48.82 -12.73
C ASN C 933 -44.01 -49.34 -13.05
N VAL C 934 -43.21 -48.58 -13.80
CA VAL C 934 -41.89 -49.12 -14.23
C VAL C 934 -41.02 -49.41 -13.00
N LEU C 935 -41.10 -48.56 -11.98
CA LEU C 935 -40.33 -48.83 -10.73
C LEU C 935 -40.88 -50.08 -10.03
N TYR C 936 -42.20 -50.18 -9.91
CA TYR C 936 -42.77 -51.31 -9.15
C TYR C 936 -42.48 -52.64 -9.85
N GLU C 937 -42.57 -52.65 -11.18
CA GLU C 937 -42.25 -53.89 -11.92
C GLU C 937 -40.76 -54.18 -11.79
N ASN C 938 -39.94 -53.16 -11.58
CA ASN C 938 -38.46 -53.35 -11.54
C ASN C 938 -37.89 -52.93 -10.18
N GLN C 939 -38.66 -53.06 -9.10
CA GLN C 939 -38.20 -52.54 -7.79
C GLN C 939 -36.90 -53.26 -7.37
N LYS C 940 -36.84 -54.57 -7.55
CA LYS C 940 -35.63 -55.32 -7.13
C LYS C 940 -34.43 -54.84 -7.94
N LEU C 941 -34.61 -54.66 -9.25
CA LEU C 941 -33.49 -54.24 -10.11
C LEU C 941 -33.02 -52.84 -9.70
N ILE C 942 -33.98 -51.95 -9.42
CA ILE C 942 -33.62 -50.56 -9.02
C ILE C 942 -32.86 -50.61 -7.69
N ALA C 943 -33.35 -51.42 -6.75
CA ALA C 943 -32.71 -51.48 -5.42
C ALA C 943 -31.29 -52.04 -5.58
N ASN C 944 -31.14 -53.07 -6.41
CA ASN C 944 -29.80 -53.67 -6.62
C ASN C 944 -28.87 -52.62 -7.25
N GLN C 945 -29.37 -51.90 -8.25
CA GLN C 945 -28.53 -50.86 -8.92
C GLN C 945 -28.19 -49.78 -7.90
N PHE C 946 -29.18 -49.41 -7.09
CA PHE C 946 -28.96 -48.31 -6.12
C PHE C 946 -27.88 -48.73 -5.12
N ASN C 947 -27.99 -49.96 -4.61
CA ASN C 947 -27.02 -50.42 -3.58
C ASN C 947 -25.63 -50.49 -4.22
N SER C 948 -25.56 -51.01 -5.45
CA SER C 948 -24.25 -51.15 -6.13
C SER C 948 -23.61 -49.78 -6.33
N ALA C 949 -24.41 -48.80 -6.76
CA ALA C 949 -23.88 -47.44 -6.99
C ALA C 949 -23.40 -46.85 -5.66
N ILE C 950 -24.16 -47.07 -4.60
CA ILE C 950 -23.76 -46.53 -3.27
C ILE C 950 -22.45 -47.21 -2.84
N GLY C 951 -22.32 -48.51 -3.06
CA GLY C 951 -21.07 -49.20 -2.74
C GLY C 951 -19.92 -48.67 -3.58
N LYS C 952 -20.18 -48.40 -4.85
CA LYS C 952 -19.13 -47.86 -5.75
C LYS C 952 -18.71 -46.47 -5.28
N ILE C 953 -19.61 -45.75 -4.60
CA ILE C 953 -19.28 -44.37 -4.16
C ILE C 953 -18.10 -44.42 -3.18
N GLN C 954 -18.12 -45.37 -2.25
CA GLN C 954 -16.99 -45.50 -1.30
C GLN C 954 -15.71 -45.82 -2.07
N ASP C 955 -15.79 -46.73 -3.03
CA ASP C 955 -14.58 -47.12 -3.80
C ASP C 955 -14.07 -45.90 -4.57
N SER C 956 -14.98 -45.14 -5.17
CA SER C 956 -14.55 -43.96 -5.96
C SER C 956 -13.88 -42.94 -5.04
N LEU C 957 -14.46 -42.70 -3.87
CA LEU C 957 -13.89 -41.68 -2.95
C LEU C 957 -12.55 -42.16 -2.40
N SER C 958 -12.44 -43.44 -2.05
CA SER C 958 -11.19 -43.93 -1.40
C SER C 958 -10.12 -44.29 -2.42
N SER C 959 -10.48 -44.52 -3.68
CA SER C 959 -9.47 -44.98 -4.68
C SER C 959 -9.09 -43.86 -5.65
N THR C 960 -9.68 -42.68 -5.50
CA THR C 960 -9.28 -41.56 -6.38
C THR C 960 -8.58 -40.47 -5.57
N PRO C 961 -7.26 -40.29 -5.70
CA PRO C 961 -6.60 -39.17 -5.04
C PRO C 961 -7.10 -37.84 -5.63
N SER C 962 -7.18 -36.78 -4.81
CA SER C 962 -7.63 -35.44 -5.25
C SER C 962 -9.15 -35.40 -5.42
N ALA C 963 -9.85 -36.48 -5.06
CA ALA C 963 -11.33 -36.46 -5.10
C ALA C 963 -11.82 -35.42 -4.09
N LEU C 964 -11.14 -35.32 -2.95
CA LEU C 964 -11.52 -34.31 -1.92
C LEU C 964 -10.68 -33.05 -2.13
N GLY C 965 -10.06 -32.91 -3.31
CA GLY C 965 -9.17 -31.75 -3.59
C GLY C 965 -9.90 -30.42 -3.51
N LYS C 966 -11.20 -30.39 -3.82
CA LYS C 966 -11.95 -29.11 -3.84
C LYS C 966 -11.96 -28.52 -2.42
N LEU C 967 -11.96 -29.37 -1.39
CA LEU C 967 -11.91 -28.89 0.01
C LEU C 967 -10.45 -28.70 0.47
N GLN C 968 -9.60 -29.64 0.09
CA GLN C 968 -8.17 -29.57 0.50
C GLN C 968 -7.58 -28.30 -0.11
N ASP C 969 -8.05 -27.93 -1.29
CA ASP C 969 -7.50 -26.74 -1.98
C ASP C 969 -7.74 -25.49 -1.13
N VAL C 970 -8.96 -25.31 -0.65
CA VAL C 970 -9.26 -24.09 0.17
C VAL C 970 -8.50 -24.19 1.50
N VAL C 971 -8.42 -25.39 2.07
CA VAL C 971 -7.71 -25.55 3.36
C VAL C 971 -6.24 -25.17 3.15
N ASN C 972 -5.65 -25.67 2.06
CA ASN C 972 -4.23 -25.38 1.76
C ASN C 972 -4.07 -23.88 1.46
N GLN C 973 -5.02 -23.29 0.74
CA GLN C 973 -4.89 -21.85 0.38
C GLN C 973 -4.90 -21.02 1.66
N ASN C 974 -5.80 -21.34 2.58
CA ASN C 974 -5.85 -20.60 3.87
C ASN C 974 -4.53 -20.82 4.63
N ALA C 975 -4.05 -22.06 4.64
CA ALA C 975 -2.80 -22.35 5.37
C ALA C 975 -1.64 -21.58 4.73
N GLN C 976 -1.60 -21.56 3.39
CA GLN C 976 -0.51 -20.86 2.67
C GLN C 976 -0.60 -19.36 2.94
N ALA C 977 -1.83 -18.82 2.99
CA ALA C 977 -1.99 -17.38 3.24
C ALA C 977 -1.46 -17.06 4.64
N LEU C 978 -1.79 -17.88 5.63
CA LEU C 978 -1.28 -17.64 7.00
C LEU C 978 0.25 -17.78 6.99
N ASN C 979 0.76 -18.78 6.29
CA ASN C 979 2.22 -19.03 6.29
C ASN C 979 2.95 -17.85 5.65
N THR C 980 2.43 -17.34 4.53
CA THR C 980 3.07 -16.19 3.86
C THR C 980 2.94 -14.95 4.78
N LEU C 981 1.81 -14.80 5.45
CA LEU C 981 1.61 -13.59 6.29
C LEU C 981 2.64 -13.57 7.42
N VAL C 982 2.87 -14.74 8.04
CA VAL C 982 3.85 -14.80 9.16
C VAL C 982 5.27 -14.81 8.60
N LYS C 983 5.45 -15.22 7.35
CA LYS C 983 6.80 -15.15 6.73
C LYS C 983 7.10 -13.68 6.35
N GLN C 984 6.06 -12.89 6.15
CA GLN C 984 6.28 -11.46 5.82
C GLN C 984 6.84 -10.71 7.03
N LEU C 985 6.67 -11.25 8.25
CA LEU C 985 7.32 -10.58 9.42
C LEU C 985 8.85 -10.68 9.28
N SER C 986 9.34 -11.77 8.69
CA SER C 986 10.79 -11.94 8.48
C SER C 986 11.31 -10.94 7.44
N SER C 987 10.39 -10.33 6.67
CA SER C 987 10.81 -9.34 5.64
C SER C 987 11.29 -8.05 6.30
N ASN C 988 12.24 -7.37 5.68
CA ASN C 988 12.76 -6.08 6.22
C ASN C 988 11.97 -4.90 5.65
N PHE C 989 11.45 -5.02 4.43
CA PHE C 989 10.74 -3.90 3.76
C PHE C 989 11.68 -2.69 3.63
N GLY C 990 12.98 -2.96 3.51
CA GLY C 990 13.98 -1.88 3.38
C GLY C 990 14.52 -1.40 4.72
N ALA C 991 13.97 -1.89 5.83
CA ALA C 991 14.51 -1.52 7.15
C ALA C 991 15.86 -2.22 7.38
N ILE C 992 16.62 -1.73 8.36
CA ILE C 992 17.97 -2.33 8.63
C ILE C 992 17.81 -3.78 9.08
N SER C 993 16.77 -4.08 9.87
CA SER C 993 16.53 -5.49 10.25
C SER C 993 15.03 -5.75 10.36
N SER C 994 14.61 -7.01 10.16
CA SER C 994 13.19 -7.38 10.31
C SER C 994 12.77 -7.31 11.78
N VAL C 995 13.65 -7.71 12.69
CA VAL C 995 13.23 -7.75 14.13
C VAL C 995 13.00 -6.32 14.62
N LEU C 996 11.86 -6.08 15.26
CA LEU C 996 11.56 -4.72 15.78
C LEU C 996 12.39 -4.41 17.03
N ASN C 997 12.57 -5.39 17.92
CA ASN C 997 13.24 -5.11 19.21
C ASN C 997 14.68 -4.64 19.02
N ASP C 998 15.47 -5.32 18.18
CA ASP C 998 16.90 -4.96 18.06
C ASP C 998 17.05 -3.56 17.45
N ILE C 999 16.25 -3.25 16.42
CA ILE C 999 16.39 -1.94 15.75
C ILE C 999 15.89 -0.85 16.71
N LEU C 1000 14.88 -1.15 17.52
CA LEU C 1000 14.43 -0.15 18.52
C LEU C 1000 15.55 0.05 19.56
N SER C 1001 16.20 -1.03 19.98
CA SER C 1001 17.26 -0.95 21.00
C SER C 1001 18.52 -0.27 20.45
N ARG C 1002 18.92 -0.59 19.23
CA ARG C 1002 20.24 -0.08 18.73
C ARG C 1002 20.13 1.23 17.94
N LEU C 1003 18.95 1.85 17.87
CA LEU C 1003 18.82 3.10 17.09
C LEU C 1003 18.25 4.22 17.96
N ASP C 1004 18.73 5.44 17.75
CA ASP C 1004 18.23 6.59 18.55
C ASP C 1004 16.80 6.92 18.12
N PRO C 1005 16.01 7.61 18.94
CA PRO C 1005 14.61 7.85 18.61
C PRO C 1005 14.31 8.45 17.22
N PRO C 1006 15.02 9.49 16.71
CA PRO C 1006 14.60 10.15 15.48
C PRO C 1006 14.99 9.41 14.20
N GLU C 1007 15.65 8.26 14.31
CA GLU C 1007 15.92 7.45 13.09
C GLU C 1007 15.29 6.07 13.33
N ALA C 1008 15.20 5.67 14.60
CA ALA C 1008 14.51 4.40 14.92
C ALA C 1008 13.04 4.55 14.53
N GLU C 1009 12.44 5.72 14.77
CA GLU C 1009 11.02 5.92 14.41
C GLU C 1009 10.86 5.81 12.89
N VAL C 1010 11.80 6.33 12.12
CA VAL C 1010 11.72 6.20 10.64
C VAL C 1010 11.78 4.73 10.24
N GLN C 1011 12.72 3.98 10.83
CA GLN C 1011 12.84 2.55 10.50
C GLN C 1011 11.56 1.81 10.95
N ILE C 1012 11.06 2.14 12.15
CA ILE C 1012 9.84 1.48 12.66
C ILE C 1012 8.67 1.82 11.73
N ASP C 1013 8.60 3.05 11.27
CA ASP C 1013 7.50 3.46 10.36
C ASP C 1013 7.61 2.66 9.06
N ARG C 1014 8.82 2.49 8.55
CA ARG C 1014 9.01 1.74 7.28
C ARG C 1014 8.54 0.29 7.49
N LEU C 1015 8.93 -0.31 8.60
CA LEU C 1015 8.49 -1.71 8.90
C LEU C 1015 6.97 -1.72 9.05
N ILE C 1016 6.41 -0.73 9.73
CA ILE C 1016 4.93 -0.71 9.96
C ILE C 1016 4.22 -0.55 8.62
N THR C 1017 4.75 0.31 7.75
CA THR C 1017 4.12 0.46 6.41
C THR C 1017 4.16 -0.89 5.68
N GLY C 1018 5.32 -1.55 5.69
CA GLY C 1018 5.42 -2.84 4.99
C GLY C 1018 4.51 -3.88 5.62
N ARG C 1019 4.52 -3.98 6.95
CA ARG C 1019 3.72 -5.03 7.63
C ARG C 1019 2.22 -4.74 7.44
N LEU C 1020 1.83 -3.48 7.53
CA LEU C 1020 0.39 -3.12 7.34
C LEU C 1020 -0.01 -3.42 5.90
N GLN C 1021 0.88 -3.13 4.93
CA GLN C 1021 0.55 -3.44 3.52
C GLN C 1021 0.40 -4.95 3.36
N SER C 1022 1.29 -5.72 3.99
CA SER C 1022 1.18 -7.19 3.93
C SER C 1022 -0.14 -7.63 4.56
N LEU C 1023 -0.48 -7.07 5.72
CA LEU C 1023 -1.71 -7.51 6.43
C LEU C 1023 -2.92 -7.12 5.58
N GLN C 1024 -2.90 -5.93 4.99
CA GLN C 1024 -4.04 -5.47 4.15
C GLN C 1024 -4.17 -6.37 2.92
N THR C 1025 -3.05 -6.72 2.30
CA THR C 1025 -3.11 -7.62 1.13
C THR C 1025 -3.69 -8.96 1.57
N TYR C 1026 -3.23 -9.47 2.71
CA TYR C 1026 -3.74 -10.78 3.19
C TYR C 1026 -5.24 -10.65 3.48
N VAL C 1027 -5.64 -9.55 4.12
CA VAL C 1027 -7.08 -9.37 4.49
C VAL C 1027 -7.90 -9.27 3.21
N THR C 1028 -7.41 -8.52 2.22
CA THR C 1028 -8.19 -8.36 0.96
C THR C 1028 -8.28 -9.71 0.24
N GLN C 1029 -7.18 -10.44 0.19
CA GLN C 1029 -7.19 -11.77 -0.49
C GLN C 1029 -8.12 -12.71 0.28
N GLN C 1030 -8.10 -12.63 1.60
CA GLN C 1030 -9.03 -13.47 2.41
C GLN C 1030 -10.47 -13.05 2.13
N LEU C 1031 -10.71 -11.75 1.98
CA LEU C 1031 -12.09 -11.28 1.67
C LEU C 1031 -12.51 -11.82 0.30
N ILE C 1032 -11.62 -11.78 -0.68
CA ILE C 1032 -11.97 -12.32 -2.03
C ILE C 1032 -12.22 -13.82 -1.92
N ARG C 1033 -11.37 -14.53 -1.19
CA ARG C 1033 -11.57 -15.99 -1.03
C ARG C 1033 -12.86 -16.24 -0.26
N ALA C 1034 -13.17 -15.39 0.72
CA ALA C 1034 -14.43 -15.54 1.49
C ALA C 1034 -15.63 -15.29 0.56
N ALA C 1035 -15.50 -14.34 -0.37
CA ALA C 1035 -16.59 -14.13 -1.34
C ALA C 1035 -16.77 -15.37 -2.20
N GLU C 1036 -15.66 -15.97 -2.64
CA GLU C 1036 -15.75 -17.21 -3.46
C GLU C 1036 -16.41 -18.31 -2.62
N ILE C 1037 -16.00 -18.45 -1.37
CA ILE C 1037 -16.59 -19.51 -0.50
C ILE C 1037 -18.06 -19.17 -0.21
N ARG C 1038 -18.38 -17.87 -0.09
CA ARG C 1038 -19.79 -17.47 0.14
C ARG C 1038 -20.63 -17.87 -1.07
N ALA C 1039 -20.10 -17.65 -2.28
CA ALA C 1039 -20.84 -18.08 -3.49
C ALA C 1039 -20.97 -19.61 -3.49
N SER C 1040 -19.90 -20.31 -3.14
CA SER C 1040 -19.93 -21.79 -3.13
C SER C 1040 -20.94 -22.27 -2.09
N ALA C 1041 -20.98 -21.61 -0.93
CA ALA C 1041 -21.93 -22.00 0.14
C ALA C 1041 -23.36 -21.68 -0.29
N ASN C 1042 -23.55 -20.56 -1.00
CA ASN C 1042 -24.90 -20.24 -1.52
C ASN C 1042 -25.31 -21.34 -2.50
N LEU C 1043 -24.38 -21.76 -3.36
CA LEU C 1043 -24.70 -22.83 -4.33
C LEU C 1043 -25.00 -24.12 -3.56
N ALA C 1044 -24.23 -24.40 -2.51
CA ALA C 1044 -24.46 -25.64 -1.72
C ALA C 1044 -25.83 -25.57 -1.03
N ALA C 1045 -26.18 -24.41 -0.49
CA ALA C 1045 -27.50 -24.26 0.16
C ALA C 1045 -28.60 -24.42 -0.88
N THR C 1046 -28.40 -23.84 -2.06
CA THR C 1046 -29.41 -23.98 -3.13
C THR C 1046 -29.51 -25.45 -3.55
N LYS C 1047 -28.37 -26.13 -3.65
CA LYS C 1047 -28.39 -27.57 -4.01
C LYS C 1047 -29.06 -28.39 -2.90
N MET C 1048 -28.81 -28.03 -1.64
CA MET C 1048 -29.47 -28.76 -0.53
C MET C 1048 -30.98 -28.54 -0.59
N SER C 1049 -31.41 -27.31 -0.89
CA SER C 1049 -32.86 -27.01 -0.97
C SER C 1049 -33.49 -27.68 -2.19
N GLU C 1050 -32.83 -27.61 -3.35
CA GLU C 1050 -33.46 -28.12 -4.59
C GLU C 1050 -33.26 -29.62 -4.77
N CYS C 1051 -32.07 -30.15 -4.47
CA CYS C 1051 -31.82 -31.59 -4.75
C CYS C 1051 -32.13 -32.44 -3.51
N VAL C 1052 -31.71 -32.00 -2.33
CA VAL C 1052 -31.91 -32.86 -1.12
C VAL C 1052 -33.32 -32.63 -0.55
N LEU C 1053 -33.71 -31.37 -0.37
CA LEU C 1053 -35.01 -31.09 0.28
C LEU C 1053 -36.16 -31.38 -0.70
N GLY C 1054 -35.85 -31.60 -1.97
CA GLY C 1054 -36.92 -31.81 -2.96
C GLY C 1054 -36.44 -32.55 -4.17
N GLN C 1055 -37.13 -32.39 -5.30
CA GLN C 1055 -36.65 -32.99 -6.57
C GLN C 1055 -36.44 -31.86 -7.57
N SER C 1056 -35.29 -31.83 -8.23
CA SER C 1056 -34.98 -30.69 -9.13
C SER C 1056 -35.19 -31.08 -10.59
N LYS C 1057 -35.97 -30.27 -11.31
CA LYS C 1057 -36.23 -30.56 -12.74
C LYS C 1057 -35.25 -29.80 -13.64
N ARG C 1058 -34.38 -28.98 -13.06
CA ARG C 1058 -33.34 -28.29 -13.89
C ARG C 1058 -32.19 -29.29 -14.10
N VAL C 1059 -31.93 -29.64 -15.36
CA VAL C 1059 -30.93 -30.72 -15.62
C VAL C 1059 -29.51 -30.29 -15.24
N ASP C 1060 -28.70 -31.24 -14.76
CA ASP C 1060 -27.26 -31.00 -14.46
C ASP C 1060 -27.07 -30.15 -13.22
N PHE C 1061 -28.16 -29.68 -12.61
CA PHE C 1061 -28.00 -28.93 -11.33
C PHE C 1061 -27.64 -29.93 -10.21
N CYS C 1062 -28.21 -31.13 -10.28
CA CYS C 1062 -27.94 -32.14 -9.24
C CYS C 1062 -27.32 -33.38 -9.89
N GLY C 1063 -26.35 -33.19 -10.78
CA GLY C 1063 -25.65 -34.34 -11.37
C GLY C 1063 -26.15 -34.72 -12.75
N LYS C 1064 -25.31 -35.40 -13.52
CA LYS C 1064 -25.68 -35.77 -14.91
C LYS C 1064 -26.84 -36.77 -14.90
N GLY C 1065 -27.79 -36.60 -15.81
CA GLY C 1065 -28.94 -37.52 -15.88
C GLY C 1065 -30.19 -36.92 -15.27
N TYR C 1066 -31.30 -37.66 -15.34
CA TYR C 1066 -32.56 -37.18 -14.72
C TYR C 1066 -32.42 -37.30 -13.22
N HIS C 1067 -32.49 -36.17 -12.50
CA HIS C 1067 -32.24 -36.23 -11.05
C HIS C 1067 -33.46 -36.85 -10.34
N LEU C 1068 -33.25 -37.95 -9.62
CA LEU C 1068 -34.35 -38.54 -8.83
C LEU C 1068 -34.35 -37.91 -7.44
N MET C 1069 -33.20 -37.93 -6.76
CA MET C 1069 -33.12 -37.40 -5.39
C MET C 1069 -31.65 -37.36 -4.98
N SER C 1070 -31.35 -37.02 -3.73
CA SER C 1070 -29.92 -36.90 -3.35
C SER C 1070 -29.70 -37.08 -1.85
N PHE C 1071 -28.45 -37.29 -1.45
CA PHE C 1071 -28.11 -37.46 -0.02
C PHE C 1071 -27.06 -36.45 0.37
N PRO C 1072 -27.20 -35.74 1.51
CA PRO C 1072 -26.14 -34.86 1.98
C PRO C 1072 -25.14 -35.61 2.87
N GLN C 1073 -23.87 -35.20 2.81
CA GLN C 1073 -22.86 -35.79 3.71
C GLN C 1073 -21.97 -34.64 4.20
N SER C 1074 -21.61 -34.66 5.48
CA SER C 1074 -20.73 -33.60 6.02
C SER C 1074 -19.30 -33.81 5.51
N ALA C 1075 -18.54 -32.73 5.47
CA ALA C 1075 -17.12 -32.82 5.07
C ALA C 1075 -16.38 -31.67 5.75
N PRO C 1076 -15.05 -31.72 5.97
CA PRO C 1076 -14.40 -30.66 6.71
C PRO C 1076 -14.58 -29.33 5.96
N HIS C 1077 -15.29 -28.38 6.56
CA HIS C 1077 -15.58 -27.08 5.90
C HIS C 1077 -16.27 -27.31 4.55
N GLY C 1078 -17.15 -28.31 4.45
CA GLY C 1078 -17.76 -28.59 3.13
C GLY C 1078 -18.90 -29.57 3.20
N VAL C 1079 -19.59 -29.77 2.07
CA VAL C 1079 -20.68 -30.77 2.01
C VAL C 1079 -20.47 -31.64 0.76
N VAL C 1080 -20.73 -32.94 0.88
CA VAL C 1080 -20.66 -33.84 -0.31
C VAL C 1080 -22.07 -34.30 -0.64
N PHE C 1081 -22.51 -34.06 -1.86
CA PHE C 1081 -23.88 -34.46 -2.26
C PHE C 1081 -23.81 -35.77 -3.06
N LEU C 1082 -24.53 -36.79 -2.59
CA LEU C 1082 -24.61 -38.04 -3.39
C LEU C 1082 -25.89 -37.93 -4.21
N HIS C 1083 -25.74 -37.61 -5.49
CA HIS C 1083 -26.94 -37.38 -6.34
C HIS C 1083 -27.39 -38.70 -6.93
N VAL C 1084 -28.58 -39.17 -6.53
CA VAL C 1084 -29.15 -40.41 -7.12
C VAL C 1084 -29.93 -39.98 -8.35
N THR C 1085 -29.43 -40.34 -9.54
CA THR C 1085 -30.09 -39.87 -10.77
C THR C 1085 -30.49 -41.05 -11.65
N TYR C 1086 -31.48 -40.83 -12.50
CA TYR C 1086 -31.95 -41.89 -13.42
C TYR C 1086 -31.34 -41.62 -14.79
N VAL C 1087 -30.57 -42.57 -15.29
CA VAL C 1087 -29.91 -42.39 -16.62
C VAL C 1087 -30.55 -43.39 -17.58
N PRO C 1088 -31.01 -42.97 -18.76
CA PRO C 1088 -31.55 -43.93 -19.72
C PRO C 1088 -30.48 -44.97 -20.12
N ALA C 1089 -30.92 -46.20 -20.42
CA ALA C 1089 -29.97 -47.29 -20.75
C ALA C 1089 -30.20 -47.78 -22.18
N GLN C 1090 -29.94 -49.06 -22.46
CA GLN C 1090 -30.01 -49.57 -23.85
C GLN C 1090 -31.28 -49.05 -24.54
N GLU C 1091 -31.12 -48.39 -25.68
CA GLU C 1091 -32.29 -47.79 -26.38
C GLU C 1091 -32.47 -48.43 -27.75
N LYS C 1092 -33.69 -48.36 -28.29
CA LYS C 1092 -33.97 -48.90 -29.65
C LYS C 1092 -34.63 -47.81 -30.48
N ASN C 1093 -34.30 -47.71 -31.76
CA ASN C 1093 -35.02 -46.73 -32.61
C ASN C 1093 -36.38 -47.31 -33.00
N PHE C 1094 -37.36 -46.44 -33.26
CA PHE C 1094 -38.73 -46.90 -33.61
C PHE C 1094 -39.27 -45.97 -34.69
N THR C 1095 -40.00 -46.51 -35.68
CA THR C 1095 -40.58 -45.56 -36.65
C THR C 1095 -41.68 -44.77 -35.95
N THR C 1096 -41.56 -43.44 -35.93
CA THR C 1096 -42.54 -42.64 -35.16
C THR C 1096 -43.33 -41.73 -36.08
N ALA C 1097 -44.58 -41.44 -35.71
CA ALA C 1097 -45.41 -40.49 -36.48
C ALA C 1097 -45.99 -39.49 -35.50
N PRO C 1098 -46.02 -38.19 -35.84
CA PRO C 1098 -46.62 -37.20 -34.95
C PRO C 1098 -48.10 -37.49 -34.60
N ALA C 1099 -48.87 -37.96 -35.58
CA ALA C 1099 -50.29 -38.31 -35.29
C ALA C 1099 -50.72 -39.52 -36.11
N ILE C 1100 -51.82 -40.15 -35.69
CA ILE C 1100 -52.34 -41.34 -36.41
C ILE C 1100 -53.74 -41.03 -36.93
N CYS C 1101 -53.98 -41.32 -38.21
CA CYS C 1101 -55.28 -40.99 -38.82
C CYS C 1101 -56.23 -42.17 -38.67
N HIS C 1102 -57.31 -41.99 -37.91
CA HIS C 1102 -58.34 -43.05 -37.78
C HIS C 1102 -59.71 -42.44 -38.06
N ASP C 1103 -60.45 -42.99 -39.01
CA ASP C 1103 -61.80 -42.47 -39.35
C ASP C 1103 -61.71 -40.99 -39.73
N GLY C 1104 -60.63 -40.59 -40.40
CA GLY C 1104 -60.49 -39.19 -40.86
C GLY C 1104 -60.15 -38.24 -39.72
N LYS C 1105 -59.85 -38.78 -38.55
CA LYS C 1105 -59.56 -37.92 -37.37
C LYS C 1105 -58.10 -38.14 -36.94
N ALA C 1106 -57.42 -37.05 -36.57
CA ALA C 1106 -56.01 -37.16 -36.17
C ALA C 1106 -55.92 -37.42 -34.66
N HIS C 1107 -55.27 -38.52 -34.28
CA HIS C 1107 -55.11 -38.85 -32.85
C HIS C 1107 -53.66 -38.58 -32.43
N PHE C 1108 -53.48 -37.86 -31.32
CA PHE C 1108 -52.12 -37.55 -30.81
C PHE C 1108 -51.99 -38.20 -29.42
N PRO C 1109 -50.79 -38.59 -28.97
CA PRO C 1109 -50.67 -39.27 -27.69
C PRO C 1109 -50.88 -38.29 -26.54
N ARG C 1110 -51.72 -38.65 -25.57
CA ARG C 1110 -51.90 -37.79 -24.36
C ARG C 1110 -50.56 -37.75 -23.62
N GLU C 1111 -49.89 -38.90 -23.50
CA GLU C 1111 -48.54 -38.91 -22.87
C GLU C 1111 -47.66 -39.84 -23.70
N GLY C 1112 -46.35 -39.60 -23.68
CA GLY C 1112 -45.44 -40.44 -24.48
C GLY C 1112 -45.59 -40.18 -25.97
N VAL C 1113 -45.16 -41.14 -26.79
CA VAL C 1113 -45.19 -40.93 -28.27
C VAL C 1113 -45.66 -42.21 -28.97
N PHE C 1114 -46.07 -42.08 -30.22
CA PHE C 1114 -46.41 -43.29 -31.02
C PHE C 1114 -45.11 -43.91 -31.53
N VAL C 1115 -45.01 -45.23 -31.45
CA VAL C 1115 -43.80 -45.90 -32.00
C VAL C 1115 -44.23 -47.10 -32.86
N SER C 1116 -43.37 -47.49 -33.79
CA SER C 1116 -43.65 -48.71 -34.59
C SER C 1116 -42.41 -49.59 -34.57
N ASN C 1117 -42.60 -50.87 -34.23
CA ASN C 1117 -41.45 -51.81 -34.19
C ASN C 1117 -41.31 -52.48 -35.55
N GLY C 1118 -42.15 -52.10 -36.52
CA GLY C 1118 -42.03 -52.64 -37.89
C GLY C 1118 -43.39 -53.00 -38.45
N THR C 1119 -44.25 -53.60 -37.63
CA THR C 1119 -45.56 -54.05 -38.14
C THR C 1119 -46.69 -53.45 -37.31
N HIS C 1120 -46.43 -53.14 -36.04
CA HIS C 1120 -47.52 -52.66 -35.15
C HIS C 1120 -47.15 -51.29 -34.57
N TRP C 1121 -48.17 -50.50 -34.25
CA TRP C 1121 -47.93 -49.17 -33.64
C TRP C 1121 -48.40 -49.19 -32.18
N PHE C 1122 -47.66 -48.51 -31.30
CA PHE C 1122 -48.01 -48.50 -29.86
C PHE C 1122 -47.77 -47.11 -29.29
N VAL C 1123 -48.30 -46.86 -28.09
CA VAL C 1123 -48.03 -45.57 -27.41
C VAL C 1123 -47.14 -45.89 -26.21
N THR C 1124 -46.03 -45.19 -26.08
CA THR C 1124 -45.09 -45.53 -24.98
C THR C 1124 -44.51 -44.26 -24.37
N GLN C 1125 -44.17 -44.33 -23.08
CA GLN C 1125 -43.55 -43.16 -22.42
C GLN C 1125 -42.18 -42.89 -23.07
N ARG C 1126 -41.79 -41.63 -23.14
CA ARG C 1126 -40.53 -41.27 -23.82
C ARG C 1126 -39.33 -41.89 -23.09
N ASN C 1127 -39.32 -41.86 -21.76
CA ASN C 1127 -38.10 -42.30 -21.03
C ASN C 1127 -38.04 -43.82 -20.81
N PHE C 1128 -39.10 -44.56 -21.13
CA PHE C 1128 -38.97 -46.04 -21.01
C PHE C 1128 -39.82 -46.70 -22.08
N TYR C 1129 -39.29 -47.75 -22.71
CA TYR C 1129 -40.05 -48.42 -23.79
C TYR C 1129 -41.06 -49.35 -23.14
N GLU C 1130 -42.30 -48.86 -22.98
CA GLU C 1130 -43.39 -49.69 -22.40
C GLU C 1130 -44.53 -49.61 -23.42
N PRO C 1131 -44.44 -50.34 -24.55
CA PRO C 1131 -45.45 -50.19 -25.60
C PRO C 1131 -46.84 -50.60 -25.10
N GLN C 1132 -47.86 -49.82 -25.49
CA GLN C 1132 -49.25 -50.16 -25.12
C GLN C 1132 -50.11 -50.02 -26.38
N ILE C 1133 -51.17 -50.82 -26.47
CA ILE C 1133 -52.03 -50.77 -27.68
C ILE C 1133 -52.64 -49.36 -27.76
N ILE C 1134 -52.80 -48.86 -28.97
CA ILE C 1134 -53.32 -47.47 -29.13
C ILE C 1134 -54.79 -47.44 -28.75
N THR C 1135 -55.14 -46.57 -27.81
CA THR C 1135 -56.54 -46.54 -27.31
C THR C 1135 -57.03 -45.09 -27.25
N THR C 1136 -58.34 -44.92 -27.07
CA THR C 1136 -58.89 -43.55 -26.90
C THR C 1136 -58.49 -43.00 -25.53
N ASP C 1137 -58.15 -43.90 -24.59
CA ASP C 1137 -57.78 -43.47 -23.22
C ASP C 1137 -56.44 -42.72 -23.20
N ASN C 1138 -55.47 -43.17 -24.00
CA ASN C 1138 -54.12 -42.55 -23.95
C ASN C 1138 -53.87 -41.63 -25.15
N THR C 1139 -54.88 -41.45 -25.99
CA THR C 1139 -54.74 -40.55 -27.16
C THR C 1139 -55.89 -39.54 -27.18
N PHE C 1140 -55.63 -38.36 -27.74
CA PHE C 1140 -56.72 -37.36 -27.85
C PHE C 1140 -56.88 -36.98 -29.33
N VAL C 1141 -58.11 -36.67 -29.73
CA VAL C 1141 -58.38 -36.40 -31.17
C VAL C 1141 -58.59 -34.90 -31.38
N SER C 1142 -57.91 -34.34 -32.38
CA SER C 1142 -58.14 -32.92 -32.71
C SER C 1142 -57.90 -32.71 -34.20
N GLY C 1143 -58.87 -32.14 -34.92
CA GLY C 1143 -58.68 -31.84 -36.34
C GLY C 1143 -58.76 -33.06 -37.23
N ASN C 1144 -58.22 -32.95 -38.45
CA ASN C 1144 -58.28 -34.08 -39.41
C ASN C 1144 -56.87 -34.53 -39.76
N CYS C 1145 -56.74 -35.45 -40.71
CA CYS C 1145 -55.41 -36.02 -41.06
C CYS C 1145 -54.73 -35.19 -42.16
N ASP C 1146 -55.38 -34.12 -42.63
CA ASP C 1146 -54.80 -33.35 -43.77
C ASP C 1146 -53.93 -32.19 -43.27
N VAL C 1147 -53.83 -31.99 -41.96
CA VAL C 1147 -53.07 -30.81 -41.44
C VAL C 1147 -51.69 -31.26 -40.94
N VAL C 1148 -51.61 -32.45 -40.35
CA VAL C 1148 -50.31 -32.88 -39.76
C VAL C 1148 -49.39 -33.35 -40.89
N ILE C 1149 -48.15 -32.86 -40.90
CA ILE C 1149 -47.20 -33.22 -41.99
C ILE C 1149 -46.94 -34.73 -41.98
N GLY C 1150 -46.71 -35.30 -40.80
CA GLY C 1150 -46.51 -36.75 -40.71
C GLY C 1150 -47.77 -37.45 -40.23
N ILE C 1151 -48.40 -38.23 -41.10
CA ILE C 1151 -49.62 -38.98 -40.69
C ILE C 1151 -49.50 -40.43 -41.13
N VAL C 1152 -49.79 -41.37 -40.22
CA VAL C 1152 -49.80 -42.82 -40.62
C VAL C 1152 -51.18 -43.36 -40.25
N ASN C 1153 -51.60 -44.45 -40.91
CA ASN C 1153 -52.97 -44.97 -40.66
C ASN C 1153 -52.89 -46.15 -39.68
N ASN C 1154 -53.67 -46.08 -38.61
CA ASN C 1154 -53.72 -47.21 -37.65
C ASN C 1154 -55.08 -47.18 -36.96
N THR C 1155 -55.48 -48.29 -36.37
CA THR C 1155 -56.81 -48.37 -35.71
C THR C 1155 -56.69 -48.03 -34.23
N VAL C 1156 -57.53 -47.10 -33.76
CA VAL C 1156 -57.56 -46.73 -32.31
C VAL C 1156 -58.64 -47.56 -31.63
N TYR C 1157 -58.30 -48.22 -30.52
CA TYR C 1157 -59.27 -49.13 -29.87
C TYR C 1157 -59.95 -48.44 -28.70
N ASP C 1158 -61.25 -48.17 -28.81
CA ASP C 1158 -61.98 -47.61 -27.66
C ASP C 1158 -62.64 -48.77 -26.92
N PRO C 1159 -62.42 -48.94 -25.60
CA PRO C 1159 -62.99 -50.08 -24.88
C PRO C 1159 -64.52 -50.12 -24.92
N LEU C 1160 -65.16 -48.96 -25.11
CA LEU C 1160 -66.65 -48.92 -25.10
C LEU C 1160 -67.20 -49.79 -26.24
N GLN C 1161 -66.56 -49.78 -27.42
CA GLN C 1161 -67.13 -50.54 -28.56
C GLN C 1161 -67.15 -52.05 -28.28
N PRO C 1162 -66.05 -52.71 -27.86
CA PRO C 1162 -66.14 -54.14 -27.52
C PRO C 1162 -67.04 -54.36 -26.30
N GLU C 1163 -67.00 -53.44 -25.33
CA GLU C 1163 -67.81 -53.63 -24.10
C GLU C 1163 -69.30 -53.59 -24.43
N LEU C 1164 -69.72 -52.66 -25.29
CA LEU C 1164 -71.15 -52.58 -25.72
C LEU C 1164 -71.54 -53.81 -26.53
N ASP C 1165 -70.60 -54.37 -27.30
CA ASP C 1165 -70.95 -55.51 -28.19
C ASP C 1165 -70.81 -56.84 -27.44
N ASP D 1 74.23 32.11 40.83
CA ASP D 1 73.34 31.57 39.78
C ASP D 1 72.69 30.27 40.28
N LYS D 2 71.78 29.76 39.45
CA LYS D 2 70.99 28.58 39.79
C LYS D 2 71.89 27.34 39.85
N LEU D 3 73.06 27.34 39.17
CA LEU D 3 73.83 26.13 38.97
C LEU D 3 74.61 25.74 40.22
N TRP D 4 75.09 26.74 40.96
CA TRP D 4 75.81 26.47 42.20
C TRP D 4 74.86 25.80 43.22
N ILE D 5 73.69 26.38 43.42
CA ILE D 5 72.81 25.85 44.45
C ILE D 5 72.25 24.49 44.03
N LEU D 6 72.03 24.30 42.73
CA LEU D 6 71.61 23.01 42.23
C LEU D 6 72.68 21.98 42.62
N GLN D 7 73.95 22.33 42.39
CA GLN D 7 75.03 21.38 42.60
C GLN D 7 75.12 21.05 44.10
N LYS D 8 74.93 22.05 44.95
CA LYS D 8 75.02 21.85 46.39
C LYS D 8 73.90 20.94 46.88
N ILE D 9 72.67 21.19 46.40
CA ILE D 9 71.53 20.34 46.74
C ILE D 9 71.78 18.91 46.26
N TYR D 10 72.25 18.76 45.02
CA TYR D 10 72.57 17.44 44.47
C TYR D 10 73.57 16.74 45.40
N GLU D 11 74.55 17.49 45.92
CA GLU D 11 75.63 16.89 46.69
C GLU D 11 75.10 16.37 48.02
N ILE D 12 74.19 17.15 48.63
CA ILE D 12 73.53 16.70 49.85
C ILE D 12 72.79 15.39 49.62
N MET D 13 72.09 15.28 48.48
CA MET D 13 71.33 14.09 48.18
C MET D 13 72.25 12.88 48.18
N VAL D 14 73.37 13.01 47.45
CA VAL D 14 74.38 11.96 47.32
C VAL D 14 74.96 11.62 48.69
N ARG D 15 75.37 12.65 49.44
CA ARG D 15 76.02 12.44 50.73
C ARG D 15 75.09 11.67 51.67
N LEU D 16 73.80 12.08 51.70
CA LEU D 16 72.80 11.38 52.54
C LEU D 16 72.71 9.91 52.18
N ASP D 17 72.74 9.56 50.90
CA ASP D 17 72.65 8.16 50.52
C ASP D 17 73.91 7.38 50.98
N GLU D 18 75.07 7.99 50.83
CA GLU D 18 76.33 7.32 51.19
C GLU D 18 76.41 7.09 52.70
N GLU D 19 75.86 8.03 53.45
CA GLU D 19 75.82 7.93 54.90
C GLU D 19 74.61 7.12 55.38
N GLY D 20 73.87 6.44 54.49
CA GLY D 20 72.81 5.56 54.93
C GLY D 20 71.46 6.24 55.18
N HIS D 21 71.38 7.59 55.05
CA HIS D 21 70.12 8.31 55.19
C HIS D 21 69.31 8.29 53.89
N GLY D 22 68.89 7.11 53.45
CA GLY D 22 68.18 6.98 52.18
C GLY D 22 66.87 7.78 52.10
N GLU D 23 66.07 7.69 53.17
CA GLU D 23 64.78 8.35 53.19
C GLU D 23 64.95 9.86 53.03
N ALA D 24 65.89 10.46 53.75
CA ALA D 24 66.11 11.90 53.59
C ALA D 24 66.69 12.25 52.20
N SER D 25 67.42 11.33 51.59
CA SER D 25 67.91 11.56 50.23
C SER D 25 66.73 11.65 49.26
N LEU D 26 65.71 10.81 49.44
CA LEU D 26 64.52 10.87 48.58
C LEU D 26 63.83 12.21 48.71
N MET D 27 63.84 12.77 49.93
CA MET D 27 63.20 14.04 50.16
C MET D 27 63.97 15.14 49.45
N VAL D 28 65.31 15.04 49.41
CA VAL D 28 66.10 16.07 48.72
C VAL D 28 65.94 15.91 47.20
N SER D 29 65.82 14.67 46.72
CA SER D 29 65.47 14.37 45.33
C SER D 29 64.24 15.14 44.88
N ASP D 30 63.15 15.10 45.69
CA ASP D 30 61.92 15.82 45.39
C ASP D 30 62.20 17.31 45.24
N LEU D 31 63.11 17.87 46.04
CA LEU D 31 63.37 19.30 45.93
C LEU D 31 64.07 19.62 44.62
N ILE D 32 65.01 18.77 44.20
CA ILE D 32 65.67 18.94 42.93
C ILE D 32 64.61 18.98 41.82
N TYR D 33 63.71 18.00 41.81
CA TYR D 33 62.64 17.97 40.81
C TYR D 33 61.90 19.30 40.79
N GLU D 34 61.47 19.77 41.97
CA GLU D 34 60.65 20.98 42.06
C GLU D 34 61.47 22.17 41.59
N PHE D 35 62.75 22.20 41.94
CA PHE D 35 63.57 23.37 41.66
C PHE D 35 63.72 23.55 40.15
N MET D 36 64.02 22.44 39.48
CA MET D 36 64.25 22.49 38.04
C MET D 36 62.97 22.64 37.21
N LYS D 37 61.80 22.29 37.75
CA LYS D 37 60.54 22.54 37.10
C LYS D 37 60.28 24.05 37.03
N ARG D 38 60.95 24.86 37.86
CA ARG D 38 60.87 26.30 37.72
C ARG D 38 61.55 26.71 36.42
N ASP D 39 61.42 27.99 36.06
CA ASP D 39 62.02 28.50 34.85
C ASP D 39 63.55 28.41 34.96
N ASP E 1 59.43 46.07 32.26
CA ASP E 1 58.43 45.12 31.72
C ASP E 1 57.03 45.73 31.88
N LYS E 2 56.05 45.01 31.32
CA LYS E 2 54.68 45.47 31.28
C LYS E 2 54.09 45.50 32.69
N LEU E 3 54.64 44.71 33.64
CA LEU E 3 53.99 44.48 34.93
C LEU E 3 54.15 45.68 35.86
N TRP E 4 55.31 46.33 35.79
CA TRP E 4 55.55 47.51 36.62
C TRP E 4 54.60 48.64 36.22
N ILE E 5 54.50 48.92 34.93
CA ILE E 5 53.67 50.06 34.52
C ILE E 5 52.18 49.75 34.72
N LEU E 6 51.81 48.48 34.55
CA LEU E 6 50.44 48.07 34.85
C LEU E 6 50.15 48.39 36.31
N GLN E 7 51.09 48.05 37.20
CA GLN E 7 50.84 48.19 38.62
C GLN E 7 50.73 49.68 38.96
N LYS E 8 51.57 50.50 38.33
CA LYS E 8 51.56 51.94 38.59
C LYS E 8 50.23 52.57 38.14
N ILE E 9 49.78 52.18 36.94
CA ILE E 9 48.50 52.67 36.42
C ILE E 9 47.37 52.23 37.36
N TYR E 10 47.37 50.96 37.76
CA TYR E 10 46.37 50.44 38.68
C TYR E 10 46.37 51.29 39.95
N GLU E 11 47.55 51.69 40.42
CA GLU E 11 47.66 52.38 41.70
C GLU E 11 47.06 53.77 41.60
N ILE E 12 47.30 54.44 40.45
CA ILE E 12 46.68 55.73 40.20
C ILE E 12 45.16 55.63 40.23
N MET E 13 44.62 54.56 39.62
CA MET E 13 43.18 54.38 39.58
C MET E 13 42.63 54.34 40.99
N VAL E 14 43.26 53.50 41.83
CA VAL E 14 42.86 53.33 43.24
C VAL E 14 42.98 54.65 43.99
N ARG E 15 44.13 55.32 43.85
CA ARG E 15 44.40 56.56 44.59
C ARG E 15 43.33 57.60 44.23
N LEU E 16 43.02 57.74 42.94
CA LEU E 16 41.99 58.69 42.49
C LEU E 16 40.65 58.40 43.16
N ASP E 17 40.26 57.13 43.29
CA ASP E 17 38.99 56.84 43.92
C ASP E 17 39.00 57.20 45.42
N GLU E 18 40.12 56.92 46.09
CA GLU E 18 40.23 57.19 47.53
C GLU E 18 40.19 58.69 47.81
N GLU E 19 40.78 59.45 46.90
CA GLU E 19 40.79 60.90 47.00
C GLU E 19 39.51 61.52 46.42
N GLY E 20 38.49 60.74 46.08
CA GLY E 20 37.22 61.32 45.66
C GLY E 20 37.14 61.64 44.17
N HIS E 21 38.22 61.48 43.39
CA HIS E 21 38.20 61.70 41.95
C HIS E 21 37.66 60.48 41.19
N GLY E 22 36.40 60.13 41.42
CA GLY E 22 35.82 58.93 40.82
C GLY E 22 35.82 58.95 39.28
N GLU E 23 35.42 60.08 38.70
CA GLU E 23 35.33 60.21 37.26
C GLU E 23 36.68 59.95 36.61
N ALA E 24 37.75 60.57 37.15
CA ALA E 24 39.08 60.32 36.58
C ALA E 24 39.55 58.88 36.81
N SER E 25 39.09 58.24 37.88
CA SER E 25 39.43 56.83 38.09
C SER E 25 38.83 55.97 36.98
N LEU E 26 37.59 56.28 36.56
CA LEU E 26 36.96 55.53 35.46
C LEU E 26 37.77 55.67 34.19
N MET E 27 38.34 56.86 33.99
CA MET E 27 39.12 57.10 32.79
C MET E 27 40.40 56.26 32.83
N VAL E 28 41.00 56.11 34.03
CA VAL E 28 42.22 55.31 34.13
C VAL E 28 41.88 53.82 33.97
N SER E 29 40.73 53.41 34.50
CA SER E 29 40.17 52.07 34.28
C SER E 29 40.14 51.71 32.80
N ASP E 30 39.63 52.62 31.94
CA ASP E 30 39.58 52.39 30.50
C ASP E 30 40.98 52.16 29.96
N LEU E 31 42.00 52.85 30.48
CA LEU E 31 43.35 52.66 29.96
C LEU E 31 43.87 51.27 30.30
N ILE E 32 43.59 50.81 31.53
CA ILE E 32 43.97 49.48 31.93
C ILE E 32 43.38 48.48 30.94
N TYR E 33 42.06 48.58 30.69
CA TYR E 33 41.42 47.69 29.73
C TYR E 33 42.17 47.68 28.41
N GLU E 34 42.44 48.88 27.86
CA GLU E 34 43.06 48.99 26.55
C GLU E 34 44.45 48.39 26.59
N PHE E 35 45.16 48.63 27.69
CA PHE E 35 46.57 48.22 27.76
C PHE E 35 46.67 46.70 27.72
N MET E 36 45.82 46.05 28.50
CA MET E 36 45.86 44.60 28.59
C MET E 36 45.26 43.88 27.38
N LYS E 37 44.41 44.54 26.60
CA LYS E 37 43.92 43.99 25.34
C LYS E 37 45.06 43.89 24.35
N ARG E 38 46.17 44.63 24.54
CA ARG E 38 47.36 44.43 23.72
C ARG E 38 47.95 43.06 24.01
N ASP E 39 48.93 42.66 23.21
CA ASP E 39 49.59 41.38 23.40
C ASP E 39 50.31 41.36 24.75
N ASP F 1 72.91 58.27 -8.73
CA ASP F 1 71.47 57.90 -8.64
C ASP F 1 71.21 56.71 -9.57
N LYS F 2 69.96 56.22 -9.49
CA LYS F 2 69.54 55.04 -10.22
C LYS F 2 69.51 55.34 -11.73
N LEU F 3 69.38 56.62 -12.14
CA LEU F 3 69.08 56.96 -13.52
C LEU F 3 70.32 56.83 -14.41
N TRP F 4 71.49 57.17 -13.85
CA TRP F 4 72.74 57.06 -14.61
C TRP F 4 73.02 55.58 -14.93
N ILE F 5 72.93 54.72 -13.93
CA ILE F 5 73.29 53.33 -14.16
C ILE F 5 72.25 52.64 -15.05
N LEU F 6 70.98 53.04 -14.91
CA LEU F 6 69.95 52.53 -15.79
C LEU F 6 70.33 52.88 -17.23
N GLN F 7 70.76 54.13 -17.46
CA GLN F 7 71.02 54.58 -18.81
C GLN F 7 72.21 53.81 -19.37
N LYS F 8 73.22 53.57 -18.54
CA LYS F 8 74.42 52.86 -18.98
C LYS F 8 74.09 51.42 -19.36
N ILE F 9 73.29 50.75 -18.52
CA ILE F 9 72.84 49.38 -18.80
C ILE F 9 72.04 49.36 -20.10
N TYR F 10 71.10 50.30 -20.25
CA TYR F 10 70.31 50.41 -21.47
C TYR F 10 71.24 50.54 -22.68
N GLU F 11 72.33 51.31 -22.53
CA GLU F 11 73.19 51.61 -23.66
C GLU F 11 73.95 50.36 -24.09
N ILE F 12 74.38 49.56 -23.10
CA ILE F 12 75.02 48.29 -23.39
C ILE F 12 74.09 47.37 -24.17
N MET F 13 72.81 47.35 -23.78
CA MET F 13 71.84 46.50 -24.44
C MET F 13 71.78 46.85 -25.92
N VAL F 14 71.63 48.17 -26.19
CA VAL F 14 71.55 48.70 -27.54
C VAL F 14 72.83 48.38 -28.32
N ARG F 15 73.98 48.67 -27.72
CA ARG F 15 75.27 48.49 -28.39
C ARG F 15 75.44 47.02 -28.79
N LEU F 16 75.11 46.10 -27.87
CA LEU F 16 75.20 44.66 -28.15
C LEU F 16 74.36 44.29 -29.37
N ASP F 17 73.15 44.83 -29.48
CA ASP F 17 72.32 44.49 -30.63
C ASP F 17 72.90 45.03 -31.94
N GLU F 18 73.44 46.25 -31.91
CA GLU F 18 74.00 46.86 -33.10
C GLU F 18 75.24 46.11 -33.58
N GLU F 19 76.01 45.60 -32.63
CA GLU F 19 77.19 44.82 -32.91
C GLU F 19 76.86 43.35 -33.18
N GLY F 20 75.58 42.96 -33.30
CA GLY F 20 75.25 41.60 -33.67
C GLY F 20 75.17 40.62 -32.50
N HIS F 21 75.49 41.05 -31.26
CA HIS F 21 75.38 40.19 -30.08
C HIS F 21 73.94 40.18 -29.53
N GLY F 22 72.99 39.66 -30.32
CA GLY F 22 71.60 39.68 -29.92
C GLY F 22 71.30 38.92 -28.62
N GLU F 23 71.88 37.72 -28.50
CA GLU F 23 71.63 36.87 -27.34
C GLU F 23 72.07 37.58 -26.06
N ALA F 24 73.26 38.19 -26.08
CA ALA F 24 73.71 38.91 -24.88
C ALA F 24 72.86 40.17 -24.62
N SER F 25 72.30 40.77 -25.66
CA SER F 25 71.41 41.90 -25.46
C SER F 25 70.15 41.46 -24.69
N LEU F 26 69.62 40.28 -25.02
CA LEU F 26 68.45 39.76 -24.30
C LEU F 26 68.77 39.58 -22.83
N MET F 27 70.00 39.16 -22.54
CA MET F 27 70.38 38.94 -21.16
C MET F 27 70.46 40.27 -20.41
N VAL F 28 70.91 41.34 -21.11
CA VAL F 28 70.98 42.64 -20.45
C VAL F 28 69.55 43.21 -20.28
N SER F 29 68.68 42.96 -21.24
CA SER F 29 67.25 43.26 -21.15
C SER F 29 66.65 42.73 -19.84
N ASP F 30 66.92 41.45 -19.52
CA ASP F 30 66.43 40.83 -18.28
C ASP F 30 66.93 41.61 -17.07
N LEU F 31 68.16 42.13 -17.10
CA LEU F 31 68.67 42.86 -15.94
C LEU F 31 67.91 44.17 -15.77
N ILE F 32 67.62 44.86 -16.89
CA ILE F 32 66.84 46.07 -16.83
C ILE F 32 65.51 45.78 -16.15
N TYR F 33 64.80 44.74 -16.61
CA TYR F 33 63.54 44.36 -15.99
C TYR F 33 63.70 44.21 -14.49
N GLU F 34 64.70 43.42 -14.08
CA GLU F 34 64.88 43.12 -12.66
C GLU F 34 65.20 44.39 -11.89
N PHE F 35 66.01 45.26 -12.49
CA PHE F 35 66.49 46.44 -11.80
C PHE F 35 65.31 47.36 -11.47
N MET F 36 64.47 47.57 -12.46
CA MET F 36 63.35 48.49 -12.30
C MET F 36 62.19 47.92 -11.48
N LYS F 37 62.08 46.59 -11.35
CA LYS F 37 61.13 45.97 -10.46
C LYS F 37 61.49 46.29 -9.01
N ARG F 38 62.74 46.67 -8.72
CA ARG F 38 63.09 47.15 -7.39
C ARG F 38 62.38 48.48 -7.13
N ASP F 39 62.46 48.96 -5.89
CA ASP F 39 61.84 50.21 -5.53
C ASP F 39 62.49 51.36 -6.30
C1 NAG G . -30.23 26.72 -2.67
C2 NAG G . -30.46 26.49 -1.17
C3 NAG G . -31.94 26.69 -0.83
C4 NAG G . -32.42 28.04 -1.34
C5 NAG G . -32.13 28.17 -2.83
C6 NAG G . -32.53 29.52 -3.39
C7 NAG G . -28.82 24.92 -0.27
C8 NAG G . -28.53 23.49 0.06
N2 NAG G . -30.03 25.17 -0.79
O3 NAG G . -32.11 26.59 0.58
O4 NAG G . -33.84 28.13 -1.13
O5 NAG G . -30.71 27.99 -3.05
O6 NAG G . -31.86 30.57 -2.70
O7 NAG G . -27.99 25.81 -0.08
C1 NAG H . -51.34 -15.88 -36.38
C2 NAG H . -52.33 -16.00 -37.54
C3 NAG H . -51.58 -16.28 -38.84
C4 NAG H . -50.48 -15.23 -39.06
C5 NAG H . -49.58 -15.17 -37.84
C6 NAG H . -48.53 -14.09 -37.94
C7 NAG H . -54.51 -16.83 -36.82
C8 NAG H . -55.34 -18.05 -36.52
N2 NAG H . -53.29 -17.05 -37.29
O3 NAG H . -52.48 -16.31 -39.93
O4 NAG H . -49.73 -15.58 -40.21
O5 NAG H . -50.36 -14.89 -36.67
O6 NAG H . -47.72 -14.09 -36.77
O7 NAG H . -54.92 -15.69 -36.61
C1 NAG I . -32.25 -21.31 -45.36
C2 NAG I . -32.52 -22.29 -46.50
C3 NAG I . -31.42 -22.20 -47.54
C4 NAG I . -31.18 -20.76 -47.98
C5 NAG I . -30.95 -19.88 -46.75
C6 NAG I . -30.80 -18.40 -47.11
C7 NAG I . -33.31 -24.61 -46.61
C8 NAG I . -33.31 -25.94 -45.93
N2 NAG I . -32.65 -23.64 -45.99
O3 NAG I . -31.74 -23.02 -48.66
O4 NAG I . -30.03 -20.71 -48.82
O5 NAG I . -32.07 -19.99 -45.86
O6 NAG I . -32.02 -17.70 -46.84
O7 NAG I . -33.91 -24.41 -47.66
C1 NAG J . 9.15 -16.48 -35.36
C2 NAG J . 7.90 -15.91 -34.68
C3 NAG J . 7.26 -14.86 -35.58
C4 NAG J . 8.29 -13.84 -36.03
C5 NAG J . 9.51 -14.53 -36.64
C6 NAG J . 10.61 -13.57 -37.00
C7 NAG J . 6.36 -17.00 -33.12
C8 NAG J . 6.72 -15.93 -32.15
N2 NAG J . 6.95 -16.94 -34.32
O3 NAG J . 6.19 -14.22 -34.88
O4 NAG J . 7.71 -12.98 -37.01
O5 NAG J . 10.07 -15.45 -35.70
O6 NAG J . 11.78 -14.29 -37.40
O7 NAG J . 5.57 -17.89 -32.84
#